data_2LNJ
#
_entry.id   2LNJ
#
_entity_poly.entity_id   1
_entity_poly.type   'polypeptide(L)'
_entity_poly.pdbx_seq_one_letter_code
;GPLGSCGGVGIASLQRYSDTKDGYEFLYPNGWIGVDVKGASPGVDVVFRDLIERDENLSVIISEIPSDKTLTDLGTATDV
GYRFMKTVNDASQGDRQAELINAEARDEDGQVYYTLEYRVLVGDNVERHDLASVTTNRGKLITFDLSTAEDRWDTVKSLF
DTVASSFHVY
;
_entity_poly.pdbx_strand_id   A
#
# COMPACT_ATOMS: atom_id res chain seq x y z
N GLY A 1 -5.32 24.69 18.10
CA GLY A 1 -6.73 24.20 18.02
C GLY A 1 -6.77 22.68 18.13
N PRO A 2 -6.21 21.99 17.16
CA PRO A 2 -6.18 20.50 17.15
C PRO A 2 -5.16 19.92 18.13
N LEU A 3 -4.95 20.62 19.24
CA LEU A 3 -4.00 20.16 20.25
C LEU A 3 -4.44 18.81 20.80
N GLY A 4 -5.75 18.62 20.91
CA GLY A 4 -6.30 17.37 21.43
C GLY A 4 -6.30 17.35 22.95
N SER A 5 -6.65 16.21 23.53
CA SER A 5 -6.69 16.06 24.99
C SER A 5 -6.38 14.62 25.39
N CYS A 6 -5.77 14.47 26.56
CA CYS A 6 -5.42 13.14 27.06
C CYS A 6 -6.59 12.53 27.83
N GLY A 7 -7.13 11.44 27.30
CA GLY A 7 -8.26 10.77 27.94
C GLY A 7 -8.66 9.51 27.20
N GLY A 8 -9.77 8.90 27.61
CA GLY A 8 -10.25 7.68 26.98
C GLY A 8 -10.76 7.95 25.57
N VAL A 9 -10.06 8.83 24.86
CA VAL A 9 -10.48 9.18 23.49
C VAL A 9 -10.61 7.93 22.63
N GLY A 10 -9.74 6.94 22.88
CA GLY A 10 -9.78 5.70 22.13
C GLY A 10 -11.02 4.88 22.46
N ILE A 11 -11.79 4.53 21.42
CA ILE A 11 -13.02 3.75 21.60
C ILE A 11 -12.99 2.50 20.71
N ALA A 12 -13.85 1.54 21.04
CA ALA A 12 -13.91 0.31 20.27
C ALA A 12 -14.42 0.59 18.86
N SER A 13 -13.55 1.17 18.03
CA SER A 13 -13.91 1.48 16.66
C SER A 13 -12.66 1.75 15.83
N LEU A 14 -12.69 2.83 15.05
CA LEU A 14 -11.55 3.19 14.21
C LEU A 14 -10.55 4.00 15.01
N GLN A 15 -9.26 3.77 14.75
CA GLN A 15 -8.19 4.49 15.45
C GLN A 15 -7.39 5.36 14.49
N ARG A 16 -6.76 6.40 15.02
CA ARG A 16 -5.97 7.34 14.22
C ARG A 16 -4.50 7.24 14.60
N TYR A 17 -3.64 7.11 13.59
CA TYR A 17 -2.19 7.02 13.82
C TYR A 17 -1.48 8.10 13.02
N SER A 18 -0.57 8.83 13.67
CA SER A 18 0.18 9.89 13.00
C SER A 18 1.64 9.88 13.44
N ASP A 19 2.52 10.37 12.57
CA ASP A 19 3.95 10.42 12.87
C ASP A 19 4.59 11.68 12.30
N THR A 20 4.97 12.60 13.18
CA THR A 20 5.61 13.84 12.75
C THR A 20 6.92 13.54 12.02
N LYS A 21 7.64 12.53 12.50
CA LYS A 21 8.91 12.15 11.90
C LYS A 21 8.74 11.81 10.42
N ASP A 22 7.80 10.92 10.12
CA ASP A 22 7.55 10.52 8.74
C ASP A 22 6.60 11.48 8.05
N GLY A 23 5.83 12.22 8.84
CA GLY A 23 4.89 13.20 8.30
C GLY A 23 3.74 12.51 7.58
N TYR A 24 3.22 11.42 8.16
CA TYR A 24 2.09 10.71 7.54
C TYR A 24 1.14 10.21 8.62
N GLU A 25 -0.14 10.11 8.27
CA GLU A 25 -1.15 9.65 9.21
C GLU A 25 -2.30 8.96 8.47
N PHE A 26 -2.84 7.90 9.08
CA PHE A 26 -3.94 7.16 8.47
C PHE A 26 -4.83 6.51 9.52
N LEU A 27 -6.05 6.17 9.11
CA LEU A 27 -7.00 5.52 10.03
C LEU A 27 -7.00 4.01 9.79
N TYR A 28 -7.30 3.26 10.85
CA TYR A 28 -7.34 1.81 10.74
C TYR A 28 -8.28 1.22 11.80
N PRO A 29 -8.98 0.15 11.50
CA PRO A 29 -9.93 -0.49 12.47
C PRO A 29 -9.21 -1.10 13.68
N ASN A 30 -9.92 -1.17 14.80
CA ASN A 30 -9.34 -1.73 16.01
C ASN A 30 -9.23 -3.25 15.90
N GLY A 31 -8.37 -3.83 16.74
CA GLY A 31 -8.16 -5.28 16.73
C GLY A 31 -6.90 -5.64 15.94
N TRP A 32 -6.25 -4.62 15.39
CA TRP A 32 -5.02 -4.83 14.61
C TRP A 32 -3.80 -4.70 15.51
N ILE A 33 -2.77 -5.50 15.23
CA ILE A 33 -1.53 -5.47 16.01
C ILE A 33 -0.35 -5.07 15.13
N GLY A 34 0.59 -4.33 15.71
CA GLY A 34 1.77 -3.89 14.98
C GLY A 34 2.98 -4.77 15.33
N VAL A 35 3.66 -5.29 14.31
CA VAL A 35 4.82 -6.14 14.52
C VAL A 35 6.09 -5.44 14.05
N ASP A 36 7.14 -5.52 14.86
CA ASP A 36 8.41 -4.88 14.51
C ASP A 36 9.13 -5.70 13.46
N VAL A 37 9.56 -5.02 12.38
CA VAL A 37 10.28 -5.69 11.29
C VAL A 37 11.58 -4.95 10.98
N LYS A 38 12.23 -4.43 12.01
CA LYS A 38 13.48 -3.72 11.83
C LYS A 38 14.53 -4.60 11.17
N GLY A 39 15.24 -4.05 10.19
CA GLY A 39 16.28 -4.79 9.48
C GLY A 39 15.67 -5.57 8.31
N ALA A 40 14.41 -5.29 8.01
CA ALA A 40 13.72 -5.95 6.91
C ALA A 40 14.16 -5.37 5.56
N SER A 41 13.39 -5.66 4.51
CA SER A 41 13.72 -5.16 3.19
C SER A 41 13.90 -3.62 3.22
N PRO A 42 14.86 -3.07 2.51
CA PRO A 42 15.08 -1.59 2.51
C PRO A 42 13.78 -0.81 2.38
N GLY A 43 13.61 0.20 3.23
CA GLY A 43 12.41 1.03 3.21
C GLY A 43 11.35 0.54 4.20
N VAL A 44 11.32 -0.78 4.42
CA VAL A 44 10.36 -1.36 5.34
C VAL A 44 10.57 -0.79 6.74
N ASP A 45 9.49 -0.31 7.36
CA ASP A 45 9.57 0.27 8.70
C ASP A 45 8.69 -0.50 9.69
N VAL A 46 7.40 -0.59 9.38
CA VAL A 46 6.46 -1.30 10.27
C VAL A 46 5.41 -2.03 9.45
N VAL A 47 4.93 -3.16 9.99
CA VAL A 47 3.90 -3.96 9.31
C VAL A 47 2.71 -4.14 10.24
N PHE A 48 1.51 -4.05 9.68
CA PHE A 48 0.27 -4.21 10.45
C PHE A 48 -0.43 -5.50 10.06
N ARG A 49 -0.87 -6.27 11.06
CA ARG A 49 -1.55 -7.54 10.83
C ARG A 49 -2.89 -7.57 11.57
N ASP A 50 -3.95 -7.95 10.85
CA ASP A 50 -5.28 -8.03 11.44
C ASP A 50 -5.51 -9.39 12.08
N LEU A 51 -5.73 -9.40 13.39
CA LEU A 51 -5.97 -10.65 14.10
C LEU A 51 -7.28 -11.28 13.65
N ILE A 52 -8.29 -10.44 13.42
CA ILE A 52 -9.60 -10.93 12.99
C ILE A 52 -9.49 -11.66 11.66
N GLU A 53 -8.67 -11.14 10.75
CA GLU A 53 -8.49 -11.76 9.43
C GLU A 53 -7.01 -12.01 9.15
N ARG A 54 -6.57 -13.24 9.41
CA ARG A 54 -5.17 -13.61 9.19
C ARG A 54 -4.84 -13.46 7.71
N ASP A 55 -5.81 -13.80 6.87
CA ASP A 55 -5.64 -13.73 5.43
C ASP A 55 -5.29 -12.31 5.00
N GLU A 56 -5.88 -11.32 5.66
CA GLU A 56 -5.62 -9.92 5.33
C GLU A 56 -4.34 -9.45 6.00
N ASN A 57 -3.47 -8.82 5.22
CA ASN A 57 -2.20 -8.30 5.75
C ASN A 57 -1.88 -6.94 5.12
N LEU A 58 -1.38 -6.02 5.94
CA LEU A 58 -1.01 -4.68 5.48
C LEU A 58 0.43 -4.39 5.86
N SER A 59 1.19 -3.81 4.92
CA SER A 59 2.59 -3.48 5.16
C SER A 59 2.86 -2.01 4.86
N VAL A 60 3.68 -1.38 5.71
CA VAL A 60 4.02 0.03 5.53
C VAL A 60 5.52 0.18 5.29
N ILE A 61 5.87 0.85 4.19
CA ILE A 61 7.27 1.05 3.84
C ILE A 61 7.56 2.55 3.73
N ILE A 62 8.55 3.01 4.50
CA ILE A 62 8.94 4.42 4.49
C ILE A 62 10.39 4.59 4.07
N SER A 63 10.63 5.54 3.16
CA SER A 63 11.98 5.80 2.67
C SER A 63 12.12 7.26 2.26
N GLU A 64 13.36 7.74 2.14
CA GLU A 64 13.62 9.13 1.74
C GLU A 64 14.10 9.17 0.29
N ILE A 65 13.49 10.04 -0.50
CA ILE A 65 13.85 10.18 -1.91
C ILE A 65 15.02 11.17 -2.06
N PRO A 66 15.87 10.98 -3.06
CA PRO A 66 17.00 11.92 -3.29
C PRO A 66 16.49 13.30 -3.67
N SER A 67 17.10 14.33 -3.09
CA SER A 67 16.71 15.70 -3.35
C SER A 67 16.87 16.05 -4.83
N ASP A 68 17.83 15.40 -5.47
CA ASP A 68 18.11 15.65 -6.88
C ASP A 68 16.96 15.20 -7.78
N LYS A 69 16.27 14.14 -7.39
CA LYS A 69 15.15 13.62 -8.18
C LYS A 69 13.90 13.40 -7.33
N THR A 70 12.74 13.73 -7.90
CA THR A 70 11.47 13.57 -7.20
C THR A 70 10.71 12.38 -7.78
N LEU A 71 9.51 12.14 -7.25
CA LEU A 71 8.69 11.01 -7.72
C LEU A 71 8.55 11.05 -9.24
N THR A 72 8.30 12.24 -9.77
CA THR A 72 8.13 12.39 -11.22
C THR A 72 9.43 12.13 -11.96
N ASP A 73 10.53 12.66 -11.43
CA ASP A 73 11.84 12.49 -12.06
C ASP A 73 12.28 11.03 -11.97
N LEU A 74 11.95 10.37 -10.87
CA LEU A 74 12.34 8.98 -10.66
C LEU A 74 11.86 8.13 -11.82
N GLY A 75 10.59 8.27 -12.18
CA GLY A 75 10.04 7.50 -13.29
C GLY A 75 8.55 7.80 -13.48
N THR A 76 7.96 7.21 -14.51
CA THR A 76 6.54 7.39 -14.79
C THR A 76 5.74 6.31 -14.08
N ALA A 77 4.42 6.45 -14.09
CA ALA A 77 3.58 5.47 -13.42
C ALA A 77 3.87 4.07 -13.96
N THR A 78 4.02 3.97 -15.28
CA THR A 78 4.31 2.69 -15.91
C THR A 78 5.75 2.25 -15.62
N ASP A 79 6.67 3.20 -15.72
CA ASP A 79 8.08 2.90 -15.47
C ASP A 79 8.27 2.44 -14.04
N VAL A 80 7.76 3.23 -13.10
CA VAL A 80 7.86 2.89 -11.68
C VAL A 80 7.14 1.57 -11.42
N GLY A 81 6.02 1.38 -12.09
CA GLY A 81 5.25 0.17 -11.94
C GLY A 81 6.09 -1.07 -12.28
N TYR A 82 6.82 -0.97 -13.38
CA TYR A 82 7.68 -2.08 -13.80
C TYR A 82 8.84 -2.28 -12.82
N ARG A 83 9.40 -1.17 -12.35
CA ARG A 83 10.51 -1.25 -11.40
C ARG A 83 10.09 -1.96 -10.12
N PHE A 84 8.90 -1.64 -9.66
CA PHE A 84 8.38 -2.23 -8.43
C PHE A 84 8.26 -3.75 -8.57
N MET A 85 7.79 -4.20 -9.74
CA MET A 85 7.64 -5.64 -9.98
C MET A 85 8.99 -6.34 -9.82
N LYS A 86 10.03 -5.74 -10.38
CA LYS A 86 11.37 -6.31 -10.29
C LYS A 86 11.83 -6.35 -8.84
N THR A 87 11.53 -5.28 -8.12
CA THR A 87 11.93 -5.17 -6.72
C THR A 87 11.31 -6.31 -5.89
N VAL A 88 10.02 -6.54 -6.08
CA VAL A 88 9.34 -7.60 -5.35
C VAL A 88 9.77 -8.97 -5.86
N ASN A 89 9.80 -9.11 -7.19
CA ASN A 89 10.19 -10.36 -7.82
C ASN A 89 11.61 -10.75 -7.43
N ASP A 90 12.46 -9.75 -7.22
CA ASP A 90 13.85 -10.02 -6.86
C ASP A 90 13.94 -11.10 -5.80
N ALA A 91 13.01 -11.11 -4.85
CA ALA A 91 13.01 -12.11 -3.78
C ALA A 91 11.93 -13.17 -3.98
N SER A 92 11.02 -12.93 -4.93
CA SER A 92 9.93 -13.87 -5.21
C SER A 92 9.95 -14.36 -6.65
N GLN A 93 11.07 -14.18 -7.34
CA GLN A 93 11.19 -14.61 -8.74
C GLN A 93 11.48 -16.10 -8.83
N GLY A 94 11.43 -16.79 -7.69
CA GLY A 94 11.71 -18.22 -7.66
C GLY A 94 10.52 -19.04 -8.14
N ASP A 95 9.39 -18.96 -7.42
CA ASP A 95 8.19 -19.71 -7.78
C ASP A 95 7.03 -18.78 -8.12
N ARG A 96 6.87 -17.72 -7.34
CA ARG A 96 5.78 -16.76 -7.56
C ARG A 96 6.18 -15.72 -8.59
N GLN A 97 5.18 -15.14 -9.25
CA GLN A 97 5.42 -14.09 -10.25
C GLN A 97 4.47 -12.92 -10.04
N ALA A 98 5.02 -11.71 -10.11
CA ALA A 98 4.20 -10.50 -9.92
C ALA A 98 3.79 -9.93 -11.27
N GLU A 99 2.49 -9.66 -11.43
CA GLU A 99 1.97 -9.12 -12.68
C GLU A 99 1.38 -7.74 -12.45
N LEU A 100 1.80 -6.78 -13.26
CA LEU A 100 1.30 -5.41 -13.13
C LEU A 100 -0.03 -5.27 -13.87
N ILE A 101 -1.10 -5.10 -13.11
CA ILE A 101 -2.42 -4.94 -13.70
C ILE A 101 -2.52 -3.59 -14.38
N ASN A 102 -2.24 -2.53 -13.62
CA ASN A 102 -2.30 -1.17 -14.17
C ASN A 102 -1.53 -0.20 -13.29
N ALA A 103 -1.32 1.01 -13.80
CA ALA A 103 -0.59 2.03 -13.06
C ALA A 103 -0.96 3.42 -13.57
N GLU A 104 -1.46 4.27 -12.67
CA GLU A 104 -1.87 5.63 -13.04
C GLU A 104 -1.48 6.62 -11.94
N ALA A 105 -1.47 7.90 -12.29
CA ALA A 105 -1.11 8.95 -11.33
C ALA A 105 -2.10 10.11 -11.42
N ARG A 106 -2.34 10.77 -10.28
CA ARG A 106 -3.26 11.91 -10.23
C ARG A 106 -2.62 13.10 -9.52
N ASP A 107 -3.03 14.29 -9.92
CA ASP A 107 -2.49 15.53 -9.33
C ASP A 107 -3.61 16.36 -8.71
N GLU A 108 -3.54 16.53 -7.39
CA GLU A 108 -4.55 17.31 -6.66
C GLU A 108 -3.87 18.20 -5.61
N ASP A 109 -4.40 19.41 -5.45
CA ASP A 109 -3.86 20.35 -4.47
C ASP A 109 -2.35 20.52 -4.66
N GLY A 110 -1.88 20.35 -5.88
CA GLY A 110 -0.47 20.50 -6.18
C GLY A 110 0.32 19.27 -5.75
N GLN A 111 -0.38 18.26 -5.24
CA GLN A 111 0.25 17.01 -4.79
C GLN A 111 0.02 15.91 -5.81
N VAL A 112 1.06 15.15 -6.11
CA VAL A 112 0.96 14.06 -7.08
C VAL A 112 0.89 12.72 -6.36
N TYR A 113 -0.09 11.90 -6.75
CA TYR A 113 -0.28 10.58 -6.15
C TYR A 113 -0.15 9.51 -7.22
N TYR A 114 0.66 8.49 -6.96
CA TYR A 114 0.87 7.40 -7.91
C TYR A 114 0.14 6.15 -7.42
N THR A 115 -0.65 5.54 -8.29
CA THR A 115 -1.39 4.33 -7.94
C THR A 115 -0.86 3.14 -8.72
N LEU A 116 -0.49 2.08 -7.98
CA LEU A 116 0.05 0.87 -8.60
C LEU A 116 -0.86 -0.32 -8.27
N GLU A 117 -1.32 -1.01 -9.31
CA GLU A 117 -2.18 -2.18 -9.12
C GLU A 117 -1.50 -3.40 -9.73
N TYR A 118 -1.32 -4.45 -8.91
CA TYR A 118 -0.68 -5.67 -9.37
C TYR A 118 -1.21 -6.87 -8.59
N ARG A 119 -0.87 -8.08 -9.05
CA ARG A 119 -1.32 -9.30 -8.37
C ARG A 119 -0.19 -10.32 -8.32
N VAL A 120 -0.32 -11.29 -7.40
CA VAL A 120 0.70 -12.32 -7.22
C VAL A 120 0.24 -13.64 -7.82
N LEU A 121 1.07 -14.20 -8.70
CA LEU A 121 0.77 -15.49 -9.35
C LEU A 121 1.63 -16.59 -8.76
N VAL A 122 1.02 -17.75 -8.56
CA VAL A 122 1.73 -18.92 -8.03
C VAL A 122 1.46 -20.10 -8.94
N GLY A 123 2.49 -20.86 -9.26
CA GLY A 123 2.31 -22.01 -10.14
C GLY A 123 1.54 -21.56 -11.38
N ASP A 124 0.32 -22.07 -11.52
CA ASP A 124 -0.53 -21.73 -12.66
C ASP A 124 -1.82 -21.02 -12.22
N ASN A 125 -1.81 -20.39 -11.04
CA ASN A 125 -3.02 -19.72 -10.55
C ASN A 125 -2.69 -18.43 -9.82
N VAL A 126 -3.69 -17.53 -9.76
CA VAL A 126 -3.52 -16.25 -9.07
C VAL A 126 -3.58 -16.46 -7.57
N GLU A 127 -2.55 -16.02 -6.87
CA GLU A 127 -2.51 -16.17 -5.41
C GLU A 127 -3.44 -15.15 -4.76
N ARG A 128 -3.25 -13.88 -5.11
CA ARG A 128 -4.09 -12.82 -4.56
C ARG A 128 -3.81 -11.48 -5.25
N HIS A 129 -4.68 -10.50 -5.01
CA HIS A 129 -4.51 -9.17 -5.60
C HIS A 129 -4.10 -8.17 -4.52
N ASP A 130 -3.12 -7.33 -4.85
CA ASP A 130 -2.63 -6.33 -3.90
C ASP A 130 -2.56 -4.96 -4.55
N LEU A 131 -2.92 -3.92 -3.79
CA LEU A 131 -2.90 -2.55 -4.29
C LEU A 131 -1.81 -1.77 -3.57
N ALA A 132 -1.00 -1.05 -4.35
CA ALA A 132 0.09 -0.26 -3.78
C ALA A 132 0.04 1.17 -4.31
N SER A 133 0.15 2.15 -3.41
CA SER A 133 0.12 3.57 -3.80
C SER A 133 1.41 4.25 -3.34
N VAL A 134 1.95 5.12 -4.19
CA VAL A 134 3.19 5.83 -3.86
C VAL A 134 2.99 7.35 -3.93
N THR A 135 3.44 8.04 -2.89
CA THR A 135 3.31 9.50 -2.84
C THR A 135 4.48 10.10 -2.04
N THR A 136 4.98 11.25 -2.50
CA THR A 136 6.09 11.92 -1.83
C THR A 136 5.59 13.15 -1.07
N ASN A 137 6.27 13.48 0.03
CA ASN A 137 5.88 14.64 0.83
C ASN A 137 7.10 15.25 1.53
N ARG A 138 7.54 16.39 1.05
CA ARG A 138 8.69 17.07 1.65
C ARG A 138 9.94 16.21 1.52
N GLY A 139 9.98 15.37 0.49
CA GLY A 139 11.13 14.51 0.25
C GLY A 139 10.99 13.16 0.95
N LYS A 140 9.86 12.94 1.61
CA LYS A 140 9.62 11.67 2.30
C LYS A 140 8.85 10.71 1.40
N LEU A 141 9.39 9.51 1.21
CA LEU A 141 8.74 8.52 0.36
C LEU A 141 7.77 7.69 1.19
N ILE A 142 6.49 7.74 0.84
CA ILE A 142 5.46 6.99 1.56
C ILE A 142 4.75 6.01 0.64
N THR A 143 4.69 4.74 1.05
CA THR A 143 4.04 3.70 0.25
C THR A 143 3.04 2.92 1.10
N PHE A 144 1.86 2.66 0.52
CA PHE A 144 0.81 1.91 1.22
C PHE A 144 0.60 0.56 0.52
N ASP A 145 1.12 -0.51 1.10
CA ASP A 145 0.96 -1.84 0.51
C ASP A 145 -0.12 -2.63 1.24
N LEU A 146 -1.26 -2.82 0.58
CA LEU A 146 -2.38 -3.55 1.17
C LEU A 146 -2.63 -4.85 0.41
N SER A 147 -2.93 -5.92 1.15
CA SER A 147 -3.20 -7.23 0.53
C SER A 147 -4.45 -7.85 1.14
N THR A 148 -5.28 -8.46 0.29
CA THR A 148 -6.50 -9.10 0.74
C THR A 148 -6.89 -10.24 -0.20
N ALA A 149 -7.67 -11.19 0.30
CA ALA A 149 -8.09 -12.34 -0.49
C ALA A 149 -8.84 -11.91 -1.75
N GLU A 150 -8.66 -12.68 -2.82
CA GLU A 150 -9.30 -12.41 -4.09
C GLU A 150 -10.81 -12.69 -4.02
N ASP A 151 -11.19 -13.51 -3.05
CA ASP A 151 -12.60 -13.88 -2.89
C ASP A 151 -13.49 -12.66 -2.67
N ARG A 152 -12.98 -11.64 -1.98
CA ARG A 152 -13.77 -10.43 -1.70
C ARG A 152 -13.10 -9.18 -2.21
N TRP A 153 -11.91 -9.33 -2.81
CA TRP A 153 -11.18 -8.18 -3.32
C TRP A 153 -12.10 -7.27 -4.14
N ASP A 154 -12.97 -7.88 -4.92
CA ASP A 154 -13.91 -7.11 -5.74
C ASP A 154 -14.88 -6.31 -4.87
N THR A 155 -15.37 -6.94 -3.82
CA THR A 155 -16.31 -6.28 -2.91
C THR A 155 -15.66 -5.12 -2.16
N VAL A 156 -14.41 -5.31 -1.74
CA VAL A 156 -13.69 -4.27 -0.99
C VAL A 156 -12.62 -3.61 -1.85
N LYS A 157 -12.78 -3.71 -3.17
CA LYS A 157 -11.81 -3.11 -4.09
C LYS A 157 -11.54 -1.65 -3.73
N SER A 158 -12.60 -0.87 -3.58
CA SER A 158 -12.46 0.55 -3.25
C SER A 158 -11.85 0.73 -1.87
N LEU A 159 -12.11 -0.23 -0.99
CA LEU A 159 -11.60 -0.17 0.39
C LEU A 159 -10.09 0.06 0.39
N PHE A 160 -9.37 -0.70 -0.44
CA PHE A 160 -7.91 -0.56 -0.50
C PHE A 160 -7.53 0.83 -0.94
N ASP A 161 -8.13 1.28 -2.04
CA ASP A 161 -7.84 2.62 -2.57
C ASP A 161 -8.25 3.69 -1.56
N THR A 162 -9.36 3.45 -0.87
CA THR A 162 -9.86 4.41 0.11
C THR A 162 -8.86 4.62 1.24
N VAL A 163 -8.33 3.52 1.78
CA VAL A 163 -7.36 3.62 2.87
C VAL A 163 -6.09 4.32 2.40
N ALA A 164 -5.62 3.95 1.22
CA ALA A 164 -4.42 4.56 0.67
C ALA A 164 -4.65 6.03 0.37
N SER A 165 -5.81 6.34 -0.21
CA SER A 165 -6.14 7.72 -0.55
C SER A 165 -6.52 8.52 0.70
N SER A 166 -7.10 7.82 1.68
CA SER A 166 -7.51 8.47 2.92
C SER A 166 -6.32 9.04 3.67
N PHE A 167 -5.16 8.42 3.50
CA PHE A 167 -3.96 8.87 4.18
C PHE A 167 -3.71 10.35 3.93
N HIS A 168 -2.98 10.98 4.84
CA HIS A 168 -2.65 12.40 4.73
C HIS A 168 -1.20 12.61 5.13
N VAL A 169 -0.58 13.68 4.63
CA VAL A 169 0.82 13.97 4.94
C VAL A 169 0.99 15.40 5.46
N TYR A 170 2.01 15.59 6.29
CA TYR A 170 2.28 16.91 6.86
C TYR A 170 3.61 16.91 7.62
N GLY A 1 -12.53 10.49 -2.63
CA GLY A 1 -13.43 10.54 -1.46
C GLY A 1 -14.79 9.96 -1.83
N PRO A 2 -14.79 8.77 -2.39
CA PRO A 2 -16.05 8.09 -2.81
C PRO A 2 -16.97 7.79 -1.61
N LEU A 3 -18.27 7.85 -1.83
CA LEU A 3 -19.25 7.60 -0.78
C LEU A 3 -19.60 6.11 -0.74
N GLY A 4 -19.79 5.58 0.46
CA GLY A 4 -20.13 4.17 0.61
C GLY A 4 -21.62 3.95 0.45
N SER A 5 -22.05 2.69 0.49
CA SER A 5 -23.46 2.35 0.33
C SER A 5 -23.66 0.84 0.42
N CYS A 6 -22.59 0.11 0.72
CA CYS A 6 -22.67 -1.34 0.81
C CYS A 6 -23.22 -1.77 2.16
N GLY A 7 -24.45 -2.26 2.16
CA GLY A 7 -25.10 -2.72 3.39
C GLY A 7 -25.70 -1.56 4.15
N GLY A 8 -24.97 -0.44 4.22
CA GLY A 8 -25.45 0.73 4.94
C GLY A 8 -25.23 0.58 6.44
N VAL A 9 -24.29 -0.29 6.80
CA VAL A 9 -23.98 -0.53 8.21
C VAL A 9 -23.50 0.75 8.87
N GLY A 10 -23.84 0.92 10.15
CA GLY A 10 -23.43 2.11 10.89
C GLY A 10 -21.95 2.03 11.26
N ILE A 11 -21.49 3.03 12.03
CA ILE A 11 -20.09 3.07 12.44
C ILE A 11 -19.85 2.21 13.66
N ALA A 12 -18.62 2.22 14.15
CA ALA A 12 -18.22 1.45 15.31
C ALA A 12 -17.07 2.14 16.04
N SER A 13 -15.92 1.48 16.10
CA SER A 13 -14.74 2.05 16.75
C SER A 13 -13.54 1.99 15.80
N LEU A 14 -13.07 3.16 15.38
CA LEU A 14 -11.91 3.25 14.48
C LEU A 14 -10.75 3.94 15.19
N GLN A 15 -9.54 3.47 14.91
CA GLN A 15 -8.34 4.04 15.53
C GLN A 15 -7.61 4.95 14.55
N ARG A 16 -6.61 5.67 15.04
CA ARG A 16 -5.84 6.58 14.20
C ARG A 16 -4.36 6.52 14.55
N TYR A 17 -3.52 6.68 13.53
CA TYR A 17 -2.06 6.66 13.73
C TYR A 17 -1.40 7.80 12.96
N SER A 18 -0.39 8.40 13.56
CA SER A 18 0.33 9.51 12.91
C SER A 18 1.78 9.54 13.34
N ASP A 19 2.64 10.12 12.50
CA ASP A 19 4.07 10.21 12.81
C ASP A 19 4.66 11.49 12.22
N THR A 20 5.19 12.34 13.08
CA THR A 20 5.80 13.58 12.62
C THR A 20 7.13 13.29 11.92
N LYS A 21 7.78 12.21 12.34
CA LYS A 21 9.06 11.82 11.76
C LYS A 21 8.91 11.51 10.27
N ASP A 22 7.91 10.69 9.94
CA ASP A 22 7.67 10.32 8.54
C ASP A 22 6.66 11.27 7.90
N GLY A 23 5.88 11.95 8.73
CA GLY A 23 4.90 12.90 8.23
C GLY A 23 3.75 12.20 7.52
N TYR A 24 3.23 11.12 8.12
CA TYR A 24 2.10 10.38 7.52
C TYR A 24 1.15 9.90 8.60
N GLU A 25 -0.13 9.81 8.26
CA GLU A 25 -1.15 9.36 9.20
C GLU A 25 -2.33 8.72 8.49
N PHE A 26 -2.89 7.66 9.08
CA PHE A 26 -4.02 6.97 8.47
C PHE A 26 -4.90 6.31 9.54
N LEU A 27 -6.16 6.03 9.18
CA LEU A 27 -7.10 5.39 10.10
C LEU A 27 -7.13 3.89 9.82
N TYR A 28 -7.43 3.11 10.86
CA TYR A 28 -7.49 1.66 10.71
C TYR A 28 -8.35 1.03 11.82
N PRO A 29 -9.22 0.08 11.51
CA PRO A 29 -10.08 -0.58 12.54
C PRO A 29 -9.31 -0.91 13.82
N ASN A 30 -10.05 -1.05 14.92
CA ASN A 30 -9.44 -1.39 16.21
C ASN A 30 -9.17 -2.89 16.30
N GLY A 31 -8.26 -3.28 17.18
CA GLY A 31 -7.93 -4.70 17.37
C GLY A 31 -6.77 -5.11 16.48
N TRP A 32 -6.13 -4.14 15.83
CA TRP A 32 -5.00 -4.43 14.95
C TRP A 32 -3.70 -4.43 15.76
N ILE A 33 -2.76 -5.28 15.36
CA ILE A 33 -1.46 -5.38 16.03
C ILE A 33 -0.35 -4.91 15.11
N GLY A 34 0.53 -4.06 15.62
CA GLY A 34 1.65 -3.56 14.83
C GLY A 34 2.88 -4.43 15.05
N VAL A 35 3.54 -4.81 13.96
CA VAL A 35 4.74 -5.65 14.04
C VAL A 35 5.99 -4.86 13.69
N ASP A 36 7.02 -5.03 14.51
CA ASP A 36 8.29 -4.33 14.29
C ASP A 36 9.23 -5.18 13.44
N VAL A 37 9.64 -4.64 12.29
CA VAL A 37 10.53 -5.34 11.37
C VAL A 37 11.66 -4.43 10.92
N LYS A 38 12.46 -3.96 11.88
CA LYS A 38 13.58 -3.09 11.58
C LYS A 38 14.75 -3.90 11.04
N GLY A 39 15.34 -3.43 9.95
CA GLY A 39 16.47 -4.13 9.33
C GLY A 39 15.97 -5.14 8.30
N ALA A 40 14.66 -5.16 8.09
CA ALA A 40 14.05 -6.08 7.14
C ALA A 40 14.26 -5.56 5.71
N SER A 41 13.49 -6.11 4.77
CA SER A 41 13.60 -5.70 3.37
C SER A 41 13.79 -4.17 3.27
N PRO A 42 14.83 -3.69 2.60
CA PRO A 42 15.07 -2.22 2.48
C PRO A 42 13.79 -1.42 2.23
N GLY A 43 13.58 -0.40 3.06
CA GLY A 43 12.41 0.47 2.93
C GLY A 43 11.33 0.10 3.94
N VAL A 44 11.18 -1.19 4.19
CA VAL A 44 10.16 -1.65 5.14
C VAL A 44 10.47 -1.12 6.54
N ASP A 45 9.48 -0.46 7.15
CA ASP A 45 9.65 0.10 8.50
C ASP A 45 8.65 -0.50 9.49
N VAL A 46 7.36 -0.41 9.18
CA VAL A 46 6.32 -0.94 10.06
C VAL A 46 5.30 -1.76 9.29
N VAL A 47 4.88 -2.88 9.87
CA VAL A 47 3.89 -3.76 9.24
C VAL A 47 2.68 -3.93 10.17
N PHE A 48 1.49 -3.79 9.60
CA PHE A 48 0.25 -3.94 10.36
C PHE A 48 -0.52 -5.18 9.89
N ARG A 49 -1.00 -5.97 10.86
CA ARG A 49 -1.75 -7.20 10.54
C ARG A 49 -3.12 -7.18 11.22
N ASP A 50 -4.13 -7.70 10.53
CA ASP A 50 -5.48 -7.74 11.08
C ASP A 50 -5.71 -9.04 11.86
N LEU A 51 -5.99 -8.91 13.16
CA LEU A 51 -6.23 -10.08 13.99
C LEU A 51 -7.49 -10.81 13.54
N ILE A 52 -8.53 -10.04 13.21
CA ILE A 52 -9.80 -10.63 12.78
C ILE A 52 -9.61 -11.45 11.50
N GLU A 53 -8.89 -10.87 10.54
CA GLU A 53 -8.63 -11.55 9.26
C GLU A 53 -7.15 -11.77 9.04
N ARG A 54 -6.76 -13.03 8.89
CA ARG A 54 -5.35 -13.36 8.67
C ARG A 54 -4.96 -13.09 7.22
N ASP A 55 -5.86 -13.43 6.30
CA ASP A 55 -5.60 -13.22 4.88
C ASP A 55 -5.33 -11.75 4.59
N GLU A 56 -6.04 -10.87 5.29
CA GLU A 56 -5.85 -9.43 5.11
C GLU A 56 -4.66 -8.94 5.91
N ASN A 57 -3.81 -8.14 5.26
CA ASN A 57 -2.63 -7.59 5.92
C ASN A 57 -2.18 -6.31 5.23
N LEU A 58 -1.77 -5.33 6.04
CA LEU A 58 -1.31 -4.05 5.51
C LEU A 58 0.17 -3.85 5.87
N SER A 59 0.96 -3.42 4.90
CA SER A 59 2.39 -3.18 5.11
C SER A 59 2.74 -1.73 4.79
N VAL A 60 3.59 -1.13 5.61
CA VAL A 60 4.01 0.25 5.41
C VAL A 60 5.50 0.34 5.16
N ILE A 61 5.87 0.96 4.05
CA ILE A 61 7.28 1.12 3.67
C ILE A 61 7.64 2.60 3.62
N ILE A 62 8.65 2.99 4.39
CA ILE A 62 9.09 4.40 4.44
C ILE A 62 10.54 4.54 4.00
N SER A 63 10.78 5.44 3.05
CA SER A 63 12.13 5.68 2.53
C SER A 63 12.28 7.14 2.10
N GLU A 64 13.53 7.57 1.88
CA GLU A 64 13.79 8.94 1.45
C GLU A 64 14.17 8.96 -0.03
N ILE A 65 13.66 9.94 -0.76
CA ILE A 65 13.95 10.05 -2.19
C ILE A 65 15.15 10.97 -2.43
N PRO A 66 15.93 10.75 -3.47
CA PRO A 66 17.09 11.60 -3.77
C PRO A 66 16.73 13.08 -3.64
N SER A 67 17.65 13.85 -3.09
CA SER A 67 17.44 15.27 -2.93
C SER A 67 17.40 15.97 -4.28
N ASP A 68 18.05 15.36 -5.27
CA ASP A 68 18.13 15.94 -6.62
C ASP A 68 17.02 15.43 -7.54
N LYS A 69 16.34 14.34 -7.18
CA LYS A 69 15.27 13.79 -8.03
C LYS A 69 14.00 13.51 -7.21
N THR A 70 12.86 13.60 -7.88
CA THR A 70 11.54 13.37 -7.25
C THR A 70 10.89 12.13 -7.81
N LEU A 71 9.69 11.86 -7.30
CA LEU A 71 8.92 10.71 -7.75
C LEU A 71 8.72 10.80 -9.25
N THR A 72 8.43 12.01 -9.73
CA THR A 72 8.21 12.23 -11.16
C THR A 72 9.53 12.14 -11.93
N ASP A 73 10.58 12.77 -11.40
CA ASP A 73 11.87 12.75 -12.07
C ASP A 73 12.44 11.33 -12.11
N LEU A 74 12.20 10.58 -11.03
CA LEU A 74 12.70 9.22 -10.93
C LEU A 74 12.21 8.38 -12.11
N GLY A 75 10.93 8.54 -12.47
CA GLY A 75 10.37 7.79 -13.57
C GLY A 75 8.89 8.08 -13.75
N THR A 76 8.29 7.45 -14.76
CA THR A 76 6.87 7.62 -15.03
C THR A 76 6.08 6.52 -14.33
N ALA A 77 4.76 6.64 -14.32
CA ALA A 77 3.92 5.63 -13.67
C ALA A 77 4.23 4.25 -14.25
N THR A 78 4.40 4.20 -15.57
CA THR A 78 4.70 2.93 -16.23
C THR A 78 6.13 2.50 -15.94
N ASP A 79 7.07 3.43 -16.05
CA ASP A 79 8.47 3.14 -15.80
C ASP A 79 8.67 2.67 -14.37
N VAL A 80 8.16 3.45 -13.43
CA VAL A 80 8.28 3.11 -12.01
C VAL A 80 7.51 1.81 -11.75
N GLY A 81 6.37 1.67 -12.40
CA GLY A 81 5.55 0.49 -12.22
C GLY A 81 6.33 -0.78 -12.57
N TYR A 82 7.04 -0.73 -13.69
CA TYR A 82 7.83 -1.89 -14.12
C TYR A 82 8.97 -2.16 -13.13
N ARG A 83 9.61 -1.10 -12.65
CA ARG A 83 10.70 -1.26 -11.70
C ARG A 83 10.20 -1.88 -10.39
N PHE A 84 9.01 -1.49 -9.96
CA PHE A 84 8.44 -2.01 -8.72
C PHE A 84 8.19 -3.51 -8.83
N MET A 85 7.68 -3.94 -9.99
CA MET A 85 7.41 -5.37 -10.18
C MET A 85 8.69 -6.18 -10.01
N LYS A 86 9.77 -5.69 -10.60
CA LYS A 86 11.06 -6.38 -10.49
C LYS A 86 11.55 -6.36 -9.05
N THR A 87 11.41 -5.21 -8.40
CA THR A 87 11.85 -5.08 -7.02
C THR A 87 11.15 -6.07 -6.12
N VAL A 88 9.82 -6.19 -6.28
CA VAL A 88 9.05 -7.12 -5.47
C VAL A 88 9.39 -8.57 -5.84
N ASN A 89 9.40 -8.84 -7.14
CA ASN A 89 9.70 -10.17 -7.63
C ASN A 89 11.11 -10.60 -7.25
N ASP A 90 12.04 -9.66 -7.23
CA ASP A 90 13.42 -9.97 -6.90
C ASP A 90 13.50 -10.86 -5.67
N ALA A 91 12.62 -10.61 -4.71
CA ALA A 91 12.60 -11.38 -3.48
C ALA A 91 12.21 -12.84 -3.70
N SER A 92 11.13 -13.07 -4.46
CA SER A 92 10.64 -14.44 -4.69
C SER A 92 10.55 -14.78 -6.19
N GLN A 93 11.30 -14.08 -7.02
CA GLN A 93 11.27 -14.31 -8.46
C GLN A 93 11.42 -15.80 -8.78
N GLY A 94 11.83 -16.58 -7.78
CA GLY A 94 12.03 -18.01 -8.00
C GLY A 94 10.75 -18.70 -8.49
N ASP A 95 9.69 -18.65 -7.68
CA ASP A 95 8.41 -19.28 -8.04
C ASP A 95 7.29 -18.25 -8.17
N ARG A 96 7.32 -17.24 -7.31
CA ARG A 96 6.29 -16.21 -7.31
C ARG A 96 6.59 -15.12 -8.33
N GLN A 97 5.57 -14.71 -9.09
CA GLN A 97 5.71 -13.67 -10.09
C GLN A 97 4.65 -12.59 -9.90
N ALA A 98 5.02 -11.34 -10.16
CA ALA A 98 4.08 -10.22 -10.01
C ALA A 98 3.65 -9.71 -11.38
N GLU A 99 2.35 -9.41 -11.52
CA GLU A 99 1.81 -8.89 -12.78
C GLU A 99 1.20 -7.52 -12.56
N LEU A 100 1.59 -6.57 -13.39
CA LEU A 100 1.07 -5.21 -13.27
C LEU A 100 -0.29 -5.10 -13.93
N ILE A 101 -1.33 -4.95 -13.13
CA ILE A 101 -2.68 -4.82 -13.65
C ILE A 101 -2.91 -3.42 -14.21
N ASN A 102 -2.68 -2.40 -13.37
CA ASN A 102 -2.86 -1.01 -13.79
C ASN A 102 -1.83 -0.11 -13.10
N ALA A 103 -1.60 1.06 -13.70
CA ALA A 103 -0.65 2.02 -13.15
C ALA A 103 -0.97 3.43 -13.64
N GLU A 104 -1.40 4.30 -12.73
CA GLU A 104 -1.74 5.69 -13.07
C GLU A 104 -1.31 6.64 -11.96
N ALA A 105 -1.36 7.94 -12.25
CA ALA A 105 -0.98 8.95 -11.25
C ALA A 105 -1.95 10.13 -11.29
N ARG A 106 -2.18 10.75 -10.13
CA ARG A 106 -3.08 11.90 -10.02
C ARG A 106 -2.41 13.05 -9.27
N ASP A 107 -2.71 14.28 -9.70
CA ASP A 107 -2.16 15.48 -9.07
C ASP A 107 -3.24 16.25 -8.32
N GLU A 108 -3.16 16.25 -6.99
CA GLU A 108 -4.14 16.97 -6.16
C GLU A 108 -3.45 17.71 -5.03
N ASP A 109 -3.98 18.90 -4.72
CA ASP A 109 -3.42 19.72 -3.64
C ASP A 109 -1.92 19.92 -3.82
N GLY A 110 -1.47 20.07 -5.06
CA GLY A 110 -0.06 20.27 -5.34
C GLY A 110 0.74 19.00 -5.06
N GLN A 111 0.04 17.93 -4.69
CA GLN A 111 0.67 16.65 -4.42
C GLN A 111 0.37 15.65 -5.52
N VAL A 112 1.31 14.74 -5.75
CA VAL A 112 1.16 13.72 -6.79
C VAL A 112 1.14 12.34 -6.16
N TYR A 113 0.13 11.54 -6.51
CA TYR A 113 -0.02 10.19 -5.98
C TYR A 113 0.03 9.17 -7.11
N TYR A 114 0.90 8.17 -6.98
CA TYR A 114 1.02 7.13 -8.01
C TYR A 114 0.25 5.89 -7.55
N THR A 115 -0.74 5.49 -8.35
CA THR A 115 -1.53 4.31 -8.05
C THR A 115 -0.96 3.11 -8.79
N LEU A 116 -0.68 2.03 -8.05
CA LEU A 116 -0.11 0.83 -8.66
C LEU A 116 -0.90 -0.41 -8.24
N GLU A 117 -1.60 -1.00 -9.20
CA GLU A 117 -2.40 -2.21 -8.95
C GLU A 117 -1.72 -3.41 -9.58
N TYR A 118 -1.48 -4.44 -8.78
CA TYR A 118 -0.83 -5.66 -9.28
C TYR A 118 -1.29 -6.87 -8.48
N ARG A 119 -0.93 -8.07 -8.95
CA ARG A 119 -1.33 -9.31 -8.26
C ARG A 119 -0.15 -10.28 -8.20
N VAL A 120 -0.21 -11.18 -7.23
CA VAL A 120 0.85 -12.18 -7.04
C VAL A 120 0.31 -13.57 -7.38
N LEU A 121 1.08 -14.33 -8.15
CA LEU A 121 0.68 -15.69 -8.53
C LEU A 121 1.82 -16.67 -8.39
N VAL A 122 1.51 -17.84 -7.83
CA VAL A 122 2.50 -18.90 -7.63
C VAL A 122 2.16 -20.08 -8.55
N GLY A 123 3.16 -20.61 -9.23
CA GLY A 123 2.92 -21.73 -10.13
C GLY A 123 2.05 -21.28 -11.30
N ASP A 124 0.90 -21.93 -11.46
CA ASP A 124 -0.04 -21.60 -12.55
C ASP A 124 -1.34 -21.02 -12.00
N ASN A 125 -1.34 -20.64 -10.72
CA ASN A 125 -2.56 -20.08 -10.09
C ASN A 125 -2.27 -18.75 -9.43
N VAL A 126 -3.30 -17.91 -9.32
CA VAL A 126 -3.16 -16.60 -8.70
C VAL A 126 -3.32 -16.70 -7.18
N GLU A 127 -2.34 -16.19 -6.45
CA GLU A 127 -2.39 -16.24 -5.00
C GLU A 127 -3.38 -15.23 -4.45
N ARG A 128 -3.25 -13.97 -4.87
CA ARG A 128 -4.14 -12.91 -4.41
C ARG A 128 -3.84 -11.59 -5.12
N HIS A 129 -4.68 -10.59 -4.86
CA HIS A 129 -4.51 -9.26 -5.47
C HIS A 129 -4.09 -8.25 -4.40
N ASP A 130 -3.12 -7.40 -4.75
CA ASP A 130 -2.62 -6.39 -3.82
C ASP A 130 -2.53 -5.02 -4.49
N LEU A 131 -2.88 -3.97 -3.75
CA LEU A 131 -2.83 -2.60 -4.26
C LEU A 131 -1.72 -1.82 -3.55
N ALA A 132 -0.89 -1.14 -4.34
CA ALA A 132 0.20 -0.34 -3.78
C ALA A 132 0.18 1.08 -4.35
N SER A 133 0.27 2.06 -3.46
CA SER A 133 0.27 3.46 -3.86
C SER A 133 1.55 4.12 -3.39
N VAL A 134 2.14 4.95 -4.25
CA VAL A 134 3.39 5.65 -3.90
C VAL A 134 3.20 7.15 -3.95
N THR A 135 3.61 7.83 -2.88
CA THR A 135 3.48 9.28 -2.78
C THR A 135 4.66 9.87 -2.01
N THR A 136 5.05 11.09 -2.38
CA THR A 136 6.17 11.78 -1.71
C THR A 136 5.66 13.01 -0.97
N ASN A 137 6.34 13.35 0.13
CA ASN A 137 5.97 14.52 0.92
C ASN A 137 7.17 15.14 1.60
N ARG A 138 7.60 16.29 1.11
CA ARG A 138 8.76 16.98 1.69
C ARG A 138 10.03 16.17 1.52
N GLY A 139 10.06 15.33 0.48
CA GLY A 139 11.24 14.51 0.21
C GLY A 139 11.15 13.15 0.90
N LYS A 140 10.05 12.90 1.59
CA LYS A 140 9.87 11.63 2.29
C LYS A 140 9.09 10.67 1.39
N LEU A 141 9.63 9.48 1.17
CA LEU A 141 8.98 8.49 0.34
C LEU A 141 8.02 7.63 1.17
N ILE A 142 6.73 7.74 0.87
CA ILE A 142 5.71 6.97 1.59
C ILE A 142 4.93 6.10 0.62
N THR A 143 4.92 4.80 0.88
CA THR A 143 4.20 3.84 0.03
C THR A 143 3.18 3.09 0.87
N PHE A 144 1.95 3.01 0.36
CA PHE A 144 0.87 2.32 1.06
C PHE A 144 0.55 1.00 0.35
N ASP A 145 0.82 -0.13 1.00
CA ASP A 145 0.56 -1.44 0.40
C ASP A 145 -0.51 -2.21 1.18
N LEU A 146 -1.56 -2.64 0.46
CA LEU A 146 -2.66 -3.40 1.06
C LEU A 146 -2.80 -4.76 0.39
N SER A 147 -3.12 -5.78 1.17
CA SER A 147 -3.31 -7.13 0.63
C SER A 147 -4.58 -7.76 1.18
N THR A 148 -5.38 -8.37 0.30
CA THR A 148 -6.62 -9.00 0.70
C THR A 148 -6.99 -10.14 -0.25
N ALA A 149 -7.84 -11.05 0.22
CA ALA A 149 -8.25 -12.20 -0.59
C ALA A 149 -8.88 -11.75 -1.91
N GLU A 150 -8.59 -12.50 -2.97
CA GLU A 150 -9.13 -12.18 -4.29
C GLU A 150 -10.64 -12.35 -4.32
N ASP A 151 -11.13 -13.38 -3.65
CA ASP A 151 -12.55 -13.66 -3.62
C ASP A 151 -13.32 -12.52 -2.95
N ARG A 152 -12.69 -11.88 -1.98
CA ARG A 152 -13.32 -10.77 -1.25
C ARG A 152 -12.91 -9.42 -1.83
N TRP A 153 -11.83 -9.40 -2.60
CA TRP A 153 -11.34 -8.16 -3.18
C TRP A 153 -12.48 -7.40 -3.86
N ASP A 154 -13.32 -8.13 -4.57
CA ASP A 154 -14.45 -7.49 -5.25
C ASP A 154 -15.41 -6.85 -4.26
N THR A 155 -15.68 -7.55 -3.16
CA THR A 155 -16.60 -7.04 -2.14
C THR A 155 -16.05 -5.79 -1.46
N VAL A 156 -14.74 -5.79 -1.19
CA VAL A 156 -14.09 -4.66 -0.53
C VAL A 156 -13.21 -3.88 -1.51
N LYS A 157 -13.50 -4.02 -2.80
CA LYS A 157 -12.72 -3.32 -3.82
C LYS A 157 -12.56 -1.84 -3.47
N SER A 158 -13.66 -1.20 -3.10
CA SER A 158 -13.65 0.22 -2.74
C SER A 158 -12.82 0.47 -1.49
N LEU A 159 -12.79 -0.49 -0.57
CA LEU A 159 -12.04 -0.35 0.67
C LEU A 159 -10.58 0.02 0.40
N PHE A 160 -9.96 -0.68 -0.54
CA PHE A 160 -8.57 -0.41 -0.86
C PHE A 160 -8.40 1.00 -1.35
N ASP A 161 -9.23 1.39 -2.31
CA ASP A 161 -9.17 2.72 -2.87
C ASP A 161 -9.50 3.78 -1.81
N THR A 162 -10.50 3.50 -1.00
CA THR A 162 -10.90 4.43 0.05
C THR A 162 -9.81 4.53 1.11
N VAL A 163 -9.34 3.39 1.59
CA VAL A 163 -8.30 3.36 2.61
C VAL A 163 -6.97 3.85 2.02
N ALA A 164 -6.71 3.47 0.77
CA ALA A 164 -5.47 3.86 0.12
C ALA A 164 -5.41 5.38 -0.02
N SER A 165 -6.56 5.99 -0.29
CA SER A 165 -6.64 7.43 -0.43
C SER A 165 -6.79 8.09 0.94
N SER A 166 -7.20 7.30 1.91
CA SER A 166 -7.40 7.81 3.26
C SER A 166 -6.10 8.32 3.87
N PHE A 167 -4.98 7.67 3.57
CA PHE A 167 -3.71 8.09 4.12
C PHE A 167 -3.46 9.56 3.77
N HIS A 168 -2.78 10.27 4.67
CA HIS A 168 -2.46 11.68 4.45
C HIS A 168 -1.00 11.94 4.82
N VAL A 169 -0.42 13.02 4.27
CA VAL A 169 0.97 13.34 4.55
C VAL A 169 1.11 14.78 5.05
N TYR A 170 2.14 15.01 5.86
CA TYR A 170 2.38 16.35 6.40
C TYR A 170 3.71 16.41 7.14
N GLY A 1 -22.20 -3.10 -10.23
CA GLY A 1 -23.08 -4.30 -10.12
C GLY A 1 -24.26 -3.98 -9.21
N PRO A 2 -25.29 -4.78 -9.24
CA PRO A 2 -26.51 -4.57 -8.41
C PRO A 2 -26.20 -4.68 -6.91
N LEU A 3 -25.08 -5.32 -6.59
CA LEU A 3 -24.67 -5.49 -5.20
C LEU A 3 -23.83 -4.30 -4.75
N GLY A 4 -23.99 -3.91 -3.50
CA GLY A 4 -23.24 -2.78 -2.95
C GLY A 4 -23.75 -2.39 -1.58
N SER A 5 -24.39 -3.33 -0.89
CA SER A 5 -24.93 -3.08 0.44
C SER A 5 -24.20 -3.93 1.49
N CYS A 6 -23.89 -3.31 2.63
CA CYS A 6 -23.20 -4.01 3.69
C CYS A 6 -24.07 -5.12 4.27
N GLY A 7 -25.38 -4.94 4.18
CA GLY A 7 -26.30 -5.95 4.70
C GLY A 7 -26.45 -5.82 6.22
N GLY A 8 -25.82 -6.75 6.95
CA GLY A 8 -25.89 -6.72 8.41
C GLY A 8 -24.90 -5.72 8.98
N VAL A 9 -24.79 -5.69 10.31
CA VAL A 9 -23.88 -4.76 10.98
C VAL A 9 -23.02 -5.50 11.99
N GLY A 10 -21.76 -5.09 12.11
CA GLY A 10 -20.84 -5.72 13.05
C GLY A 10 -19.45 -5.12 12.92
N ILE A 11 -19.26 -3.92 13.48
CA ILE A 11 -17.97 -3.23 13.43
C ILE A 11 -17.50 -2.83 14.81
N ALA A 12 -16.23 -2.43 14.89
CA ALA A 12 -15.62 -2.02 16.16
C ALA A 12 -15.13 -0.58 16.05
N SER A 13 -14.71 -0.01 17.18
CA SER A 13 -14.22 1.35 17.21
C SER A 13 -12.97 1.47 16.32
N LEU A 14 -12.60 2.70 15.99
CA LEU A 14 -11.43 2.94 15.14
C LEU A 14 -10.51 4.00 15.73
N GLN A 15 -9.25 3.95 15.35
CA GLN A 15 -8.25 4.91 15.83
C GLN A 15 -7.38 5.39 14.67
N ARG A 16 -6.75 6.55 14.85
CA ARG A 16 -5.89 7.12 13.80
C ARG A 16 -4.45 7.21 14.28
N TYR A 17 -3.52 6.81 13.41
CA TYR A 17 -2.09 6.85 13.73
C TYR A 17 -1.40 7.94 12.93
N SER A 18 -0.46 8.64 13.56
CA SER A 18 0.27 9.71 12.89
C SER A 18 1.72 9.75 13.36
N ASP A 19 2.59 10.34 12.55
CA ASP A 19 4.02 10.42 12.89
C ASP A 19 4.62 11.71 12.34
N THR A 20 4.99 12.62 13.23
CA THR A 20 5.60 13.88 12.81
C THR A 20 6.91 13.63 12.08
N LYS A 21 7.66 12.62 12.54
CA LYS A 21 8.94 12.30 11.92
C LYS A 21 8.78 11.94 10.45
N ASP A 22 7.88 11.00 10.17
CA ASP A 22 7.64 10.58 8.78
C ASP A 22 6.65 11.51 8.09
N GLY A 23 5.88 12.23 8.89
CA GLY A 23 4.90 13.17 8.35
C GLY A 23 3.78 12.45 7.61
N TYR A 24 3.26 11.36 8.19
CA TYR A 24 2.17 10.62 7.56
C TYR A 24 1.20 10.11 8.62
N GLU A 25 -0.07 9.96 8.22
CA GLU A 25 -1.09 9.47 9.15
C GLU A 25 -2.22 8.78 8.40
N PHE A 26 -2.78 7.73 9.00
CA PHE A 26 -3.87 6.99 8.36
C PHE A 26 -4.82 6.41 9.41
N LEU A 27 -6.03 6.07 8.98
CA LEU A 27 -7.05 5.49 9.87
C LEU A 27 -7.16 3.98 9.60
N TYR A 28 -7.16 3.18 10.68
CA TYR A 28 -7.27 1.72 10.52
C TYR A 28 -8.15 1.11 11.62
N PRO A 29 -8.97 0.12 11.32
CA PRO A 29 -9.83 -0.54 12.35
C PRO A 29 -9.06 -0.86 13.62
N ASN A 30 -9.76 -0.86 14.75
CA ASN A 30 -9.15 -1.16 16.04
C ASN A 30 -9.02 -2.68 16.22
N GLY A 31 -8.13 -3.08 17.11
CA GLY A 31 -7.92 -4.51 17.38
C GLY A 31 -6.78 -5.07 16.53
N TRP A 32 -6.14 -4.19 15.75
CA TRP A 32 -5.04 -4.61 14.91
C TRP A 32 -3.75 -4.70 15.72
N ILE A 33 -2.88 -5.65 15.35
CA ILE A 33 -1.61 -5.83 16.06
C ILE A 33 -0.44 -5.43 15.15
N GLY A 34 0.49 -4.67 15.71
CA GLY A 34 1.66 -4.21 14.95
C GLY A 34 2.85 -5.12 15.20
N VAL A 35 3.59 -5.42 14.13
CA VAL A 35 4.77 -6.28 14.24
C VAL A 35 6.03 -5.51 13.89
N ASP A 36 7.07 -5.66 14.72
CA ASP A 36 8.33 -4.96 14.49
C ASP A 36 9.19 -5.74 13.50
N VAL A 37 9.95 -4.99 12.69
CA VAL A 37 10.83 -5.62 11.70
C VAL A 37 12.02 -4.71 11.41
N LYS A 38 12.70 -4.27 12.47
CA LYS A 38 13.85 -3.41 12.31
C LYS A 38 15.02 -4.19 11.72
N GLY A 39 15.66 -3.59 10.73
CA GLY A 39 16.80 -4.22 10.06
C GLY A 39 16.32 -5.13 8.94
N ALA A 40 15.02 -5.14 8.70
CA ALA A 40 14.44 -5.96 7.65
C ALA A 40 14.59 -5.30 6.28
N SER A 41 13.83 -5.78 5.31
CA SER A 41 13.89 -5.23 3.95
C SER A 41 14.00 -3.70 3.99
N PRO A 42 15.07 -3.11 3.49
CA PRO A 42 15.23 -1.63 3.49
C PRO A 42 13.95 -0.92 3.05
N GLY A 43 13.58 0.13 3.78
CA GLY A 43 12.38 0.89 3.48
C GLY A 43 11.23 0.48 4.38
N VAL A 44 11.20 -0.79 4.77
CA VAL A 44 10.14 -1.29 5.64
C VAL A 44 10.24 -0.60 7.01
N ASP A 45 9.11 -0.06 7.48
CA ASP A 45 9.09 0.63 8.78
C ASP A 45 8.30 -0.18 9.80
N VAL A 46 7.03 -0.45 9.50
CA VAL A 46 6.17 -1.20 10.40
C VAL A 46 5.17 -2.05 9.63
N VAL A 47 4.93 -3.27 10.10
CA VAL A 47 3.99 -4.19 9.45
C VAL A 47 2.75 -4.35 10.31
N PHE A 48 1.57 -4.26 9.70
CA PHE A 48 0.31 -4.41 10.41
C PHE A 48 -0.42 -5.67 9.97
N ARG A 49 -0.91 -6.44 10.94
CA ARG A 49 -1.63 -7.69 10.67
C ARG A 49 -2.96 -7.70 11.40
N ASP A 50 -4.03 -8.10 10.70
CA ASP A 50 -5.36 -8.15 11.31
C ASP A 50 -5.58 -9.48 12.01
N LEU A 51 -5.81 -9.43 13.31
CA LEU A 51 -6.04 -10.64 14.10
C LEU A 51 -7.33 -11.33 13.65
N ILE A 52 -8.36 -10.52 13.38
CA ILE A 52 -9.64 -11.05 12.95
C ILE A 52 -9.51 -11.82 11.65
N GLU A 53 -8.75 -11.27 10.70
CA GLU A 53 -8.54 -11.92 9.40
C GLU A 53 -7.07 -12.22 9.18
N ARG A 54 -6.75 -13.50 9.00
CA ARG A 54 -5.38 -13.93 8.77
C ARG A 54 -5.00 -13.75 7.30
N ASP A 55 -5.96 -14.01 6.42
CA ASP A 55 -5.72 -13.89 4.99
C ASP A 55 -5.37 -12.46 4.61
N GLU A 56 -5.92 -11.50 5.34
CA GLU A 56 -5.66 -10.08 5.06
C GLU A 56 -4.41 -9.62 5.80
N ASN A 57 -3.51 -8.96 5.07
CA ASN A 57 -2.27 -8.46 5.65
C ASN A 57 -1.95 -7.08 5.09
N LEU A 58 -1.47 -6.18 5.96
CA LEU A 58 -1.12 -4.82 5.55
C LEU A 58 0.31 -4.52 5.95
N SER A 59 1.08 -3.93 5.03
CA SER A 59 2.48 -3.58 5.31
C SER A 59 2.74 -2.13 4.94
N VAL A 60 3.51 -1.44 5.79
CA VAL A 60 3.84 -0.03 5.57
C VAL A 60 5.34 0.13 5.33
N ILE A 61 5.70 0.80 4.24
CA ILE A 61 7.09 1.02 3.89
C ILE A 61 7.37 2.52 3.74
N ILE A 62 8.35 3.03 4.50
CA ILE A 62 8.71 4.45 4.44
C ILE A 62 10.19 4.60 4.10
N SER A 63 10.48 5.46 3.11
CA SER A 63 11.86 5.70 2.69
C SER A 63 12.03 7.15 2.27
N GLU A 64 13.29 7.59 2.13
CA GLU A 64 13.59 8.96 1.73
C GLU A 64 14.06 8.98 0.29
N ILE A 65 13.56 9.94 -0.49
CA ILE A 65 13.94 10.06 -1.91
C ILE A 65 15.11 11.03 -2.05
N PRO A 66 15.97 10.82 -3.03
CA PRO A 66 17.13 11.74 -3.26
C PRO A 66 16.65 13.12 -3.69
N SER A 67 17.26 14.14 -3.13
CA SER A 67 16.88 15.52 -3.44
C SER A 67 17.07 15.83 -4.92
N ASP A 68 18.04 15.15 -5.54
CA ASP A 68 18.33 15.37 -6.96
C ASP A 68 17.19 14.90 -7.86
N LYS A 69 16.46 13.86 -7.44
CA LYS A 69 15.35 13.34 -8.24
C LYS A 69 14.10 13.15 -7.38
N THR A 70 12.94 13.43 -7.99
CA THR A 70 11.66 13.29 -7.30
C THR A 70 10.85 12.15 -7.91
N LEU A 71 9.66 11.91 -7.37
CA LEU A 71 8.82 10.82 -7.84
C LEU A 71 8.63 10.90 -9.36
N THR A 72 8.36 12.10 -9.86
CA THR A 72 8.16 12.28 -11.30
C THR A 72 9.46 12.06 -12.06
N ASP A 73 10.56 12.57 -11.52
CA ASP A 73 11.86 12.43 -12.15
C ASP A 73 12.31 10.97 -12.16
N LEU A 74 11.98 10.26 -11.09
CA LEU A 74 12.37 8.86 -10.97
C LEU A 74 11.86 8.07 -12.17
N GLY A 75 10.59 8.26 -12.51
CA GLY A 75 10.01 7.57 -13.65
C GLY A 75 8.53 7.92 -13.81
N THR A 76 7.91 7.36 -14.85
CA THR A 76 6.49 7.59 -15.10
C THR A 76 5.66 6.54 -14.39
N ALA A 77 4.35 6.69 -14.41
CA ALA A 77 3.47 5.73 -13.75
C ALA A 77 3.73 4.33 -14.30
N THR A 78 3.91 4.24 -15.62
CA THR A 78 4.16 2.96 -16.25
C THR A 78 5.58 2.46 -15.93
N ASP A 79 6.54 3.38 -16.04
CA ASP A 79 7.94 3.03 -15.76
C ASP A 79 8.09 2.59 -14.31
N VAL A 80 7.58 3.40 -13.40
CA VAL A 80 7.65 3.08 -11.98
C VAL A 80 6.92 1.77 -11.73
N GLY A 81 5.80 1.59 -12.42
CA GLY A 81 5.01 0.38 -12.27
C GLY A 81 5.84 -0.86 -12.60
N TYR A 82 6.58 -0.79 -13.69
CA TYR A 82 7.43 -1.90 -14.09
C TYR A 82 8.61 -2.06 -13.13
N ARG A 83 9.19 -0.95 -12.70
CA ARG A 83 10.31 -0.99 -11.78
C ARG A 83 9.92 -1.65 -10.47
N PHE A 84 8.72 -1.32 -10.00
CA PHE A 84 8.23 -1.87 -8.75
C PHE A 84 8.12 -3.39 -8.83
N MET A 85 7.66 -3.90 -9.97
CA MET A 85 7.53 -5.34 -10.15
C MET A 85 8.87 -6.03 -9.98
N LYS A 86 9.91 -5.44 -10.58
CA LYS A 86 11.25 -6.01 -10.50
C LYS A 86 11.75 -5.97 -9.05
N THR A 87 11.43 -4.87 -8.36
CA THR A 87 11.85 -4.71 -6.97
C THR A 87 11.29 -5.83 -6.10
N VAL A 88 10.00 -6.11 -6.26
CA VAL A 88 9.36 -7.16 -5.48
C VAL A 88 9.85 -8.53 -5.94
N ASN A 89 9.88 -8.72 -7.26
CA ASN A 89 10.32 -9.98 -7.84
C ASN A 89 11.77 -10.27 -7.48
N ASP A 90 12.56 -9.21 -7.33
CA ASP A 90 13.98 -9.37 -7.01
C ASP A 90 14.17 -10.43 -5.92
N ALA A 91 13.25 -10.46 -4.95
CA ALA A 91 13.33 -11.43 -3.85
C ALA A 91 12.22 -12.47 -3.98
N SER A 92 11.29 -12.25 -4.91
CA SER A 92 10.17 -13.17 -5.11
C SER A 92 10.16 -13.73 -6.54
N GLN A 93 11.30 -13.66 -7.23
CA GLN A 93 11.38 -14.17 -8.59
C GLN A 93 11.65 -15.67 -8.61
N GLY A 94 11.63 -16.30 -7.44
CA GLY A 94 11.91 -17.72 -7.35
C GLY A 94 10.70 -18.55 -7.77
N ASP A 95 9.60 -18.43 -7.01
CA ASP A 95 8.37 -19.17 -7.31
C ASP A 95 7.23 -18.22 -7.64
N ARG A 96 7.08 -17.19 -6.82
CA ARG A 96 6.01 -16.21 -7.02
C ARG A 96 6.31 -15.29 -8.19
N GLN A 97 5.27 -14.84 -8.87
CA GLN A 97 5.42 -13.93 -10.01
C GLN A 97 4.45 -12.76 -9.86
N ALA A 98 4.96 -11.55 -10.02
CA ALA A 98 4.13 -10.34 -9.90
C ALA A 98 3.70 -9.85 -11.27
N GLU A 99 2.40 -9.63 -11.44
CA GLU A 99 1.85 -9.16 -12.71
C GLU A 99 1.25 -7.78 -12.50
N LEU A 100 1.64 -6.84 -13.36
CA LEU A 100 1.13 -5.48 -13.25
C LEU A 100 -0.22 -5.37 -13.94
N ILE A 101 -1.26 -5.15 -13.14
CA ILE A 101 -2.61 -5.01 -13.68
C ILE A 101 -2.81 -3.62 -14.28
N ASN A 102 -2.60 -2.60 -13.45
CA ASN A 102 -2.76 -1.21 -13.90
C ASN A 102 -1.75 -0.30 -13.18
N ALA A 103 -1.53 0.88 -13.76
CA ALA A 103 -0.61 1.85 -13.18
C ALA A 103 -0.93 3.26 -13.68
N GLU A 104 -1.40 4.11 -12.77
CA GLU A 104 -1.75 5.49 -13.13
C GLU A 104 -1.36 6.47 -12.01
N ALA A 105 -1.40 7.76 -12.33
CA ALA A 105 -1.04 8.79 -11.34
C ALA A 105 -2.03 9.96 -11.42
N ARG A 106 -2.25 10.62 -10.28
CA ARG A 106 -3.17 11.76 -10.20
C ARG A 106 -2.54 12.92 -9.47
N ASP A 107 -2.82 14.15 -9.94
CA ASP A 107 -2.28 15.36 -9.31
C ASP A 107 -3.39 16.15 -8.63
N GLU A 108 -3.32 16.26 -7.31
CA GLU A 108 -4.34 17.00 -6.54
C GLU A 108 -3.69 17.82 -5.42
N ASP A 109 -4.25 18.99 -5.15
CA ASP A 109 -3.74 19.86 -4.09
C ASP A 109 -2.25 20.15 -4.28
N GLY A 110 -1.77 20.00 -5.51
CA GLY A 110 -0.36 20.26 -5.81
C GLY A 110 0.50 19.05 -5.52
N GLN A 111 -0.13 17.98 -5.04
CA GLN A 111 0.57 16.74 -4.73
C GLN A 111 0.30 15.70 -5.80
N VAL A 112 1.29 14.83 -6.03
CA VAL A 112 1.17 13.78 -7.04
C VAL A 112 1.08 12.42 -6.37
N TYR A 113 0.06 11.65 -6.74
CA TYR A 113 -0.16 10.33 -6.16
C TYR A 113 -0.05 9.27 -7.25
N TYR A 114 0.79 8.26 -7.03
CA TYR A 114 0.98 7.17 -8.00
C TYR A 114 0.24 5.93 -7.52
N THR A 115 -0.65 5.40 -8.36
CA THR A 115 -1.41 4.21 -8.01
C THR A 115 -0.88 3.01 -8.78
N LEU A 116 -0.48 1.97 -8.03
CA LEU A 116 0.04 0.74 -8.62
C LEU A 116 -0.85 -0.44 -8.27
N GLU A 117 -1.36 -1.12 -9.29
CA GLU A 117 -2.22 -2.29 -9.10
C GLU A 117 -1.56 -3.51 -9.69
N TYR A 118 -1.38 -4.54 -8.88
CA TYR A 118 -0.75 -5.77 -9.33
C TYR A 118 -1.27 -6.97 -8.52
N ARG A 119 -0.88 -8.18 -8.93
CA ARG A 119 -1.31 -9.39 -8.22
C ARG A 119 -0.18 -10.40 -8.14
N VAL A 120 -0.32 -11.35 -7.21
CA VAL A 120 0.68 -12.39 -7.01
C VAL A 120 0.10 -13.73 -7.42
N LEU A 121 0.85 -14.51 -8.21
CA LEU A 121 0.38 -15.81 -8.66
C LEU A 121 1.47 -16.87 -8.55
N VAL A 122 1.08 -18.04 -8.05
CA VAL A 122 2.01 -19.17 -7.89
C VAL A 122 1.74 -20.18 -8.99
N GLY A 123 2.79 -20.61 -9.67
CA GLY A 123 2.63 -21.58 -10.75
C GLY A 123 1.75 -21.00 -11.85
N ASP A 124 0.60 -21.63 -12.08
CA ASP A 124 -0.34 -21.17 -13.11
C ASP A 124 -1.66 -20.68 -12.48
N ASN A 125 -1.65 -20.50 -11.15
CA ASN A 125 -2.85 -20.04 -10.44
C ASN A 125 -2.59 -18.72 -9.72
N VAL A 126 -3.62 -17.87 -9.65
CA VAL A 126 -3.49 -16.58 -8.97
C VAL A 126 -3.73 -16.73 -7.47
N GLU A 127 -2.77 -16.27 -6.68
CA GLU A 127 -2.88 -16.36 -5.23
C GLU A 127 -3.86 -15.32 -4.70
N ARG A 128 -3.63 -14.07 -5.08
CA ARG A 128 -4.49 -12.98 -4.62
C ARG A 128 -4.13 -11.66 -5.32
N HIS A 129 -4.96 -10.63 -5.10
CA HIS A 129 -4.73 -9.31 -5.70
C HIS A 129 -4.20 -8.34 -4.64
N ASP A 130 -3.25 -7.49 -5.04
CA ASP A 130 -2.66 -6.52 -4.11
C ASP A 130 -2.57 -5.13 -4.75
N LEU A 131 -2.94 -4.11 -3.97
CA LEU A 131 -2.88 -2.72 -4.43
C LEU A 131 -1.79 -1.97 -3.68
N ALA A 132 -1.00 -1.18 -4.41
CA ALA A 132 0.08 -0.40 -3.80
C ALA A 132 0.06 1.02 -4.33
N SER A 133 0.20 1.99 -3.44
CA SER A 133 0.20 3.41 -3.84
C SER A 133 1.51 4.07 -3.40
N VAL A 134 2.05 4.95 -4.24
CA VAL A 134 3.30 5.65 -3.93
C VAL A 134 3.12 7.17 -4.01
N THR A 135 3.53 7.86 -2.96
CA THR A 135 3.42 9.32 -2.91
C THR A 135 4.59 9.92 -2.13
N THR A 136 5.01 11.13 -2.51
CA THR A 136 6.10 11.81 -1.84
C THR A 136 5.60 13.04 -1.09
N ASN A 137 6.29 13.39 -0.01
CA ASN A 137 5.90 14.56 0.80
C ASN A 137 7.12 15.19 1.46
N ARG A 138 7.56 16.32 0.92
CA ARG A 138 8.71 17.02 1.48
C ARG A 138 9.97 16.15 1.41
N GLY A 139 10.04 15.31 0.38
CA GLY A 139 11.20 14.44 0.19
C GLY A 139 11.04 13.10 0.92
N LYS A 140 9.89 12.90 1.56
CA LYS A 140 9.65 11.64 2.28
C LYS A 140 8.88 10.68 1.39
N LEU A 141 9.43 9.47 1.21
CA LEU A 141 8.80 8.47 0.37
C LEU A 141 7.83 7.64 1.20
N ILE A 142 6.53 7.68 0.84
CA ILE A 142 5.51 6.93 1.56
C ILE A 142 4.80 5.95 0.63
N THR A 143 4.73 4.69 1.03
CA THR A 143 4.07 3.66 0.21
C THR A 143 3.09 2.85 1.05
N PHE A 144 1.91 2.59 0.49
CA PHE A 144 0.87 1.83 1.19
C PHE A 144 0.66 0.47 0.50
N ASP A 145 1.07 -0.61 1.16
CA ASP A 145 0.91 -1.96 0.58
C ASP A 145 -0.23 -2.70 1.28
N LEU A 146 -1.32 -2.94 0.55
CA LEU A 146 -2.48 -3.64 1.10
C LEU A 146 -2.74 -4.93 0.32
N SER A 147 -3.01 -6.02 1.05
CA SER A 147 -3.29 -7.32 0.42
C SER A 147 -4.56 -7.92 1.00
N THR A 148 -5.39 -8.49 0.13
CA THR A 148 -6.65 -9.11 0.56
C THR A 148 -7.07 -10.21 -0.41
N ALA A 149 -7.88 -11.15 0.08
CA ALA A 149 -8.33 -12.26 -0.74
C ALA A 149 -9.06 -11.79 -1.99
N GLU A 150 -8.89 -12.53 -3.09
CA GLU A 150 -9.52 -12.19 -4.35
C GLU A 150 -11.03 -12.42 -4.30
N ASP A 151 -11.45 -13.37 -3.48
CA ASP A 151 -12.86 -13.70 -3.35
C ASP A 151 -13.70 -12.52 -2.90
N ARG A 152 -13.14 -11.64 -2.06
CA ARG A 152 -13.87 -10.48 -1.56
C ARG A 152 -13.28 -9.17 -2.06
N TRP A 153 -12.18 -9.25 -2.78
CA TRP A 153 -11.53 -8.05 -3.30
C TRP A 153 -12.54 -7.15 -4.01
N ASP A 154 -13.47 -7.75 -4.73
CA ASP A 154 -14.48 -6.98 -5.45
C ASP A 154 -15.35 -6.17 -4.47
N THR A 155 -15.75 -6.80 -3.37
CA THR A 155 -16.58 -6.14 -2.39
C THR A 155 -15.86 -4.98 -1.71
N VAL A 156 -14.57 -5.17 -1.41
CA VAL A 156 -13.77 -4.14 -0.74
C VAL A 156 -12.75 -3.51 -1.70
N LYS A 157 -13.00 -3.63 -3.00
CA LYS A 157 -12.09 -3.08 -3.99
C LYS A 157 -11.77 -1.61 -3.71
N SER A 158 -12.82 -0.81 -3.49
CA SER A 158 -12.65 0.61 -3.22
C SER A 158 -11.94 0.85 -1.90
N LEU A 159 -12.11 -0.06 -0.95
CA LEU A 159 -11.50 0.08 0.36
C LEU A 159 -9.99 0.25 0.26
N PHE A 160 -9.35 -0.55 -0.59
CA PHE A 160 -7.90 -0.46 -0.74
C PHE A 160 -7.51 0.92 -1.24
N ASP A 161 -8.17 1.37 -2.30
CA ASP A 161 -7.88 2.68 -2.86
C ASP A 161 -8.25 3.78 -1.87
N THR A 162 -9.37 3.59 -1.18
CA THR A 162 -9.82 4.57 -0.21
C THR A 162 -8.87 4.68 0.96
N VAL A 163 -8.45 3.55 1.51
CA VAL A 163 -7.53 3.55 2.65
C VAL A 163 -6.21 4.21 2.25
N ALA A 164 -5.69 3.84 1.09
CA ALA A 164 -4.43 4.42 0.63
C ALA A 164 -4.60 5.91 0.33
N SER A 165 -5.69 6.25 -0.35
CA SER A 165 -5.98 7.64 -0.69
C SER A 165 -6.35 8.44 0.55
N SER A 166 -7.00 7.78 1.51
CA SER A 166 -7.42 8.45 2.74
C SER A 166 -6.23 8.99 3.53
N PHE A 167 -5.09 8.32 3.40
CA PHE A 167 -3.90 8.75 4.12
C PHE A 167 -3.65 10.25 3.91
N HIS A 168 -2.92 10.86 4.84
CA HIS A 168 -2.62 12.28 4.76
C HIS A 168 -1.17 12.51 5.18
N VAL A 169 -0.56 13.59 4.68
CA VAL A 169 0.84 13.90 5.00
C VAL A 169 0.98 15.31 5.53
N TYR A 170 1.99 15.52 6.38
CA TYR A 170 2.23 16.85 6.96
C TYR A 170 3.54 16.86 7.74
N GLY A 1 -17.51 3.65 -11.73
CA GLY A 1 -16.35 4.59 -11.73
C GLY A 1 -15.62 4.48 -10.40
N PRO A 2 -14.41 4.96 -10.34
CA PRO A 2 -13.58 4.92 -9.10
C PRO A 2 -14.22 5.72 -7.96
N LEU A 3 -15.11 6.65 -8.31
CA LEU A 3 -15.79 7.46 -7.32
C LEU A 3 -17.10 6.81 -6.88
N GLY A 4 -17.37 6.85 -5.58
CA GLY A 4 -18.60 6.26 -5.05
C GLY A 4 -18.49 6.10 -3.53
N SER A 5 -19.56 5.57 -2.94
CA SER A 5 -19.59 5.36 -1.48
C SER A 5 -20.33 4.06 -1.16
N CYS A 6 -19.83 3.34 -0.15
CA CYS A 6 -20.45 2.09 0.25
C CYS A 6 -19.72 1.50 1.46
N GLY A 7 -20.31 1.65 2.65
CA GLY A 7 -19.70 1.13 3.86
C GLY A 7 -18.48 1.95 4.27
N GLY A 8 -18.63 3.27 4.22
CA GLY A 8 -17.52 4.16 4.58
C GLY A 8 -16.98 3.82 5.96
N VAL A 9 -17.87 3.46 6.88
CA VAL A 9 -17.46 3.11 8.24
C VAL A 9 -18.11 1.79 8.68
N GLY A 10 -17.44 1.06 9.56
CA GLY A 10 -17.96 -0.21 10.06
C GLY A 10 -18.78 -0.01 11.32
N ILE A 11 -19.31 -1.11 11.86
CA ILE A 11 -20.11 -1.05 13.08
C ILE A 11 -19.20 -1.07 14.31
N ALA A 12 -18.05 -0.42 14.18
CA ALA A 12 -17.08 -0.37 15.26
C ALA A 12 -16.30 0.94 15.22
N SER A 13 -15.71 1.32 16.35
CA SER A 13 -14.95 2.56 16.42
C SER A 13 -13.70 2.47 15.55
N LEU A 14 -13.22 3.62 15.08
CA LEU A 14 -12.02 3.67 14.23
C LEU A 14 -10.88 4.38 14.97
N GLN A 15 -9.65 3.91 14.72
CA GLN A 15 -8.47 4.50 15.35
C GLN A 15 -7.65 5.26 14.31
N ARG A 16 -6.92 6.28 14.77
CA ARG A 16 -6.08 7.09 13.89
C ARG A 16 -4.62 7.01 14.31
N TYR A 17 -3.72 7.00 13.33
CA TYR A 17 -2.28 6.95 13.60
C TYR A 17 -1.57 8.02 12.81
N SER A 18 -0.67 8.75 13.47
CA SER A 18 0.10 9.83 12.81
C SER A 18 1.54 9.84 13.31
N ASP A 19 2.46 10.28 12.45
CA ASP A 19 3.87 10.34 12.82
C ASP A 19 4.51 11.61 12.27
N THR A 20 5.05 12.43 13.16
CA THR A 20 5.68 13.68 12.75
C THR A 20 7.01 13.38 12.06
N LYS A 21 7.68 12.32 12.49
CA LYS A 21 8.97 11.95 11.90
C LYS A 21 8.81 11.60 10.43
N ASP A 22 7.85 10.73 10.12
CA ASP A 22 7.62 10.32 8.73
C ASP A 22 6.66 11.28 8.03
N GLY A 23 5.90 12.02 8.83
CA GLY A 23 4.95 12.99 8.28
C GLY A 23 3.82 12.31 7.52
N TYR A 24 3.30 11.21 8.06
CA TYR A 24 2.19 10.49 7.41
C TYR A 24 1.18 10.02 8.46
N GLU A 25 -0.07 9.88 8.04
CA GLU A 25 -1.13 9.42 8.95
C GLU A 25 -2.23 8.69 8.18
N PHE A 26 -2.86 7.72 8.83
CA PHE A 26 -3.93 6.95 8.19
C PHE A 26 -4.93 6.42 9.21
N LEU A 27 -6.16 6.16 8.74
CA LEU A 27 -7.22 5.64 9.60
C LEU A 27 -7.31 4.12 9.45
N TYR A 28 -7.56 3.43 10.57
CA TYR A 28 -7.66 1.97 10.54
C TYR A 28 -8.57 1.47 11.67
N PRO A 29 -9.29 0.38 11.48
CA PRO A 29 -10.22 -0.17 12.52
C PRO A 29 -9.48 -0.89 13.64
N ASN A 30 -10.19 -1.10 14.75
CA ASN A 30 -9.63 -1.78 15.91
C ASN A 30 -9.42 -3.26 15.63
N GLY A 31 -8.56 -3.90 16.42
CA GLY A 31 -8.28 -5.33 16.25
C GLY A 31 -6.95 -5.54 15.52
N TRP A 32 -6.36 -4.45 15.04
CA TRP A 32 -5.08 -4.52 14.34
C TRP A 32 -3.93 -4.21 15.29
N ILE A 33 -2.82 -4.93 15.12
CA ILE A 33 -1.63 -4.72 15.96
C ILE A 33 -0.41 -4.40 15.10
N GLY A 34 0.48 -3.56 15.63
CA GLY A 34 1.69 -3.18 14.91
C GLY A 34 2.88 -4.00 15.38
N VAL A 35 3.70 -4.46 14.44
CA VAL A 35 4.88 -5.27 14.77
C VAL A 35 6.14 -4.64 14.19
N ASP A 36 7.20 -4.62 14.99
CA ASP A 36 8.47 -4.05 14.55
C ASP A 36 9.20 -5.04 13.64
N VAL A 37 9.71 -4.54 12.53
CA VAL A 37 10.44 -5.39 11.57
C VAL A 37 11.74 -4.72 11.17
N LYS A 38 12.57 -4.41 12.16
CA LYS A 38 13.85 -3.76 11.90
C LYS A 38 14.84 -4.76 11.31
N GLY A 39 15.58 -4.31 10.30
CA GLY A 39 16.55 -5.18 9.63
C GLY A 39 15.91 -5.88 8.45
N ALA A 40 14.66 -5.55 8.19
CA ALA A 40 13.92 -6.15 7.08
C ALA A 40 14.32 -5.50 5.76
N SER A 41 13.51 -5.72 4.73
CA SER A 41 13.79 -5.15 3.42
C SER A 41 14.05 -3.65 3.54
N PRO A 42 14.75 -3.07 2.59
CA PRO A 42 15.06 -1.62 2.60
C PRO A 42 13.81 -0.76 2.48
N GLY A 43 13.68 0.23 3.36
CA GLY A 43 12.52 1.12 3.34
C GLY A 43 11.43 0.64 4.30
N VAL A 44 11.46 -0.66 4.62
CA VAL A 44 10.47 -1.22 5.53
C VAL A 44 10.57 -0.57 6.91
N ASP A 45 9.42 -0.15 7.45
CA ASP A 45 9.39 0.49 8.76
C ASP A 45 8.55 -0.31 9.75
N VAL A 46 7.28 -0.54 9.42
CA VAL A 46 6.39 -1.30 10.30
C VAL A 46 5.37 -2.10 9.49
N VAL A 47 4.72 -3.05 10.16
CA VAL A 47 3.70 -3.90 9.53
C VAL A 47 2.51 -4.05 10.46
N PHE A 48 1.30 -4.03 9.89
CA PHE A 48 0.07 -4.18 10.66
C PHE A 48 -0.59 -5.51 10.32
N ARG A 49 -0.96 -6.28 11.35
CA ARG A 49 -1.58 -7.59 11.14
C ARG A 49 -2.88 -7.71 11.93
N ASP A 50 -3.93 -8.19 11.27
CA ASP A 50 -5.23 -8.37 11.91
C ASP A 50 -5.37 -9.79 12.45
N LEU A 51 -5.54 -9.91 13.77
CA LEU A 51 -5.69 -11.22 14.39
C LEU A 51 -6.96 -11.90 13.87
N ILE A 52 -8.01 -11.11 13.71
CA ILE A 52 -9.29 -11.65 13.24
C ILE A 52 -9.15 -12.20 11.83
N GLU A 53 -8.40 -11.49 10.98
CA GLU A 53 -8.20 -11.92 9.59
C GLU A 53 -6.72 -12.18 9.33
N ARG A 54 -6.40 -13.42 8.98
CA ARG A 54 -5.02 -13.81 8.70
C ARG A 54 -4.67 -13.52 7.25
N ASP A 55 -5.60 -13.85 6.37
CA ASP A 55 -5.40 -13.64 4.93
C ASP A 55 -5.13 -12.17 4.62
N GLU A 56 -5.86 -11.28 5.31
CA GLU A 56 -5.68 -9.86 5.11
C GLU A 56 -4.49 -9.34 5.93
N ASN A 57 -3.68 -8.50 5.30
CA ASN A 57 -2.51 -7.95 5.97
C ASN A 57 -2.10 -6.63 5.34
N LEU A 58 -1.37 -5.82 6.11
CA LEU A 58 -0.90 -4.51 5.64
C LEU A 58 0.58 -4.34 5.95
N SER A 59 1.34 -3.87 4.97
CA SER A 59 2.78 -3.62 5.15
C SER A 59 3.07 -2.17 4.82
N VAL A 60 3.79 -1.50 5.70
CA VAL A 60 4.13 -0.09 5.52
C VAL A 60 5.63 0.09 5.30
N ILE A 61 5.98 0.76 4.21
CA ILE A 61 7.38 1.01 3.87
C ILE A 61 7.65 2.50 3.75
N ILE A 62 8.59 3.00 4.57
CA ILE A 62 8.95 4.42 4.55
C ILE A 62 10.41 4.58 4.13
N SER A 63 10.64 5.46 3.17
CA SER A 63 11.99 5.71 2.67
C SER A 63 12.13 7.16 2.21
N GLU A 64 13.37 7.62 2.05
CA GLU A 64 13.63 8.99 1.60
C GLU A 64 14.03 8.99 0.13
N ILE A 65 13.51 9.94 -0.64
CA ILE A 65 13.82 10.03 -2.06
C ILE A 65 15.01 10.96 -2.31
N PRO A 66 15.79 10.71 -3.34
CA PRO A 66 16.95 11.59 -3.65
C PRO A 66 16.59 13.06 -3.55
N SER A 67 17.51 13.84 -3.00
CA SER A 67 17.27 15.26 -2.85
C SER A 67 17.28 15.95 -4.21
N ASP A 68 17.94 15.32 -5.19
CA ASP A 68 18.04 15.89 -6.54
C ASP A 68 16.89 15.44 -7.45
N LYS A 69 16.21 14.35 -7.10
CA LYS A 69 15.11 13.83 -7.94
C LYS A 69 13.84 13.62 -7.12
N THR A 70 12.70 13.61 -7.83
CA THR A 70 11.39 13.41 -7.19
C THR A 70 10.68 12.22 -7.82
N LEU A 71 9.50 11.91 -7.28
CA LEU A 71 8.71 10.78 -7.77
C LEU A 71 8.54 10.86 -9.28
N THR A 72 8.21 12.05 -9.78
CA THR A 72 8.01 12.23 -11.22
C THR A 72 9.31 12.04 -11.98
N ASP A 73 10.39 12.63 -11.48
CA ASP A 73 11.68 12.52 -12.15
C ASP A 73 12.19 11.09 -12.09
N LEU A 74 11.93 10.41 -10.97
CA LEU A 74 12.38 9.03 -10.80
C LEU A 74 11.86 8.16 -11.92
N GLY A 75 10.61 8.35 -12.30
CA GLY A 75 10.01 7.56 -13.37
C GLY A 75 8.55 7.92 -13.59
N THR A 76 7.92 7.25 -14.54
CA THR A 76 6.51 7.48 -14.86
C THR A 76 5.65 6.46 -14.11
N ALA A 77 4.34 6.64 -14.16
CA ALA A 77 3.45 5.71 -13.48
C ALA A 77 3.69 4.29 -13.97
N THR A 78 3.92 4.15 -15.28
CA THR A 78 4.17 2.84 -15.86
C THR A 78 5.57 2.34 -15.48
N ASP A 79 6.56 3.22 -15.61
CA ASP A 79 7.93 2.86 -15.30
C ASP A 79 8.05 2.51 -13.82
N VAL A 80 7.55 3.39 -12.97
CA VAL A 80 7.59 3.17 -11.53
C VAL A 80 6.85 1.88 -11.22
N GLY A 81 5.75 1.66 -11.92
CA GLY A 81 4.94 0.46 -11.72
C GLY A 81 5.78 -0.80 -11.95
N TYR A 82 6.38 -0.89 -13.14
CA TYR A 82 7.20 -2.05 -13.47
C TYR A 82 8.37 -2.21 -12.50
N ARG A 83 8.94 -1.09 -12.06
CA ARG A 83 10.07 -1.16 -11.13
C ARG A 83 9.69 -1.94 -9.88
N PHE A 84 8.47 -1.72 -9.41
CA PHE A 84 7.98 -2.40 -8.22
C PHE A 84 7.90 -3.91 -8.44
N MET A 85 7.43 -4.31 -9.61
CA MET A 85 7.30 -5.74 -9.93
C MET A 85 8.63 -6.44 -9.73
N LYS A 86 9.64 -5.93 -10.41
CA LYS A 86 10.97 -6.51 -10.32
C LYS A 86 11.49 -6.44 -8.89
N THR A 87 11.22 -5.33 -8.21
CA THR A 87 11.68 -5.17 -6.83
C THR A 87 11.14 -6.29 -5.96
N VAL A 88 9.86 -6.59 -6.11
CA VAL A 88 9.23 -7.65 -5.33
C VAL A 88 9.71 -9.01 -5.80
N ASN A 89 9.71 -9.20 -7.12
CA ASN A 89 10.14 -10.47 -7.69
C ASN A 89 11.58 -10.77 -7.34
N ASP A 90 12.40 -9.72 -7.23
CA ASP A 90 13.80 -9.92 -6.90
C ASP A 90 13.95 -10.90 -5.75
N ALA A 91 13.00 -10.84 -4.81
CA ALA A 91 13.03 -11.72 -3.65
C ALA A 91 12.62 -13.16 -3.97
N SER A 92 11.50 -13.33 -4.68
CA SER A 92 10.98 -14.69 -4.99
C SER A 92 10.83 -14.94 -6.49
N GLN A 93 11.56 -14.19 -7.31
CA GLN A 93 11.48 -14.35 -8.76
C GLN A 93 11.56 -15.82 -9.17
N GLY A 94 12.06 -16.66 -8.28
CA GLY A 94 12.19 -18.08 -8.57
C GLY A 94 10.87 -18.71 -9.02
N ASP A 95 9.86 -18.69 -8.15
CA ASP A 95 8.55 -19.27 -8.47
C ASP A 95 7.45 -18.22 -8.47
N ARG A 96 7.60 -17.20 -7.64
CA ARG A 96 6.59 -16.15 -7.54
C ARG A 96 6.73 -15.14 -8.68
N GLN A 97 5.60 -14.75 -9.27
CA GLN A 97 5.58 -13.79 -10.36
C GLN A 97 4.53 -12.71 -10.12
N ALA A 98 4.90 -11.46 -10.36
CA ALA A 98 3.97 -10.33 -10.19
C ALA A 98 3.55 -9.78 -11.55
N GLU A 99 2.26 -9.49 -11.71
CA GLU A 99 1.74 -8.97 -12.97
C GLU A 99 1.14 -7.59 -12.74
N LEU A 100 1.56 -6.62 -13.52
CA LEU A 100 1.04 -5.26 -13.37
C LEU A 100 -0.28 -5.12 -14.11
N ILE A 101 -1.37 -5.02 -13.35
CA ILE A 101 -2.68 -4.87 -13.95
C ILE A 101 -2.82 -3.47 -14.54
N ASN A 102 -2.25 -2.48 -13.85
CA ASN A 102 -2.30 -1.11 -14.33
C ASN A 102 -1.55 -0.19 -13.35
N ALA A 103 -1.23 1.01 -13.82
CA ALA A 103 -0.51 1.99 -13.00
C ALA A 103 -0.79 3.40 -13.51
N GLU A 104 -1.35 4.24 -12.63
CA GLU A 104 -1.67 5.63 -13.00
C GLU A 104 -1.30 6.59 -11.87
N ALA A 105 -1.36 7.88 -12.17
CA ALA A 105 -1.04 8.92 -11.20
C ALA A 105 -1.98 10.11 -11.33
N ARG A 106 -2.23 10.81 -10.22
CA ARG A 106 -3.12 11.97 -10.24
C ARG A 106 -2.49 13.15 -9.51
N ASP A 107 -2.61 14.32 -10.10
CA ASP A 107 -2.06 15.55 -9.51
C ASP A 107 -3.15 16.39 -8.89
N GLU A 108 -3.11 16.53 -7.56
CA GLU A 108 -4.11 17.33 -6.84
C GLU A 108 -3.43 18.15 -5.75
N ASP A 109 -3.86 19.41 -5.63
CA ASP A 109 -3.29 20.31 -4.62
C ASP A 109 -1.77 20.32 -4.70
N GLY A 110 -1.25 20.35 -5.92
CA GLY A 110 0.20 20.36 -6.11
C GLY A 110 0.82 19.07 -5.60
N GLN A 111 -0.03 18.17 -5.11
CA GLN A 111 0.43 16.87 -4.59
C GLN A 111 0.17 15.78 -5.63
N VAL A 112 1.19 14.97 -5.90
CA VAL A 112 1.05 13.89 -6.88
C VAL A 112 1.01 12.53 -6.19
N TYR A 113 0.00 11.73 -6.55
CA TYR A 113 -0.16 10.40 -5.98
C TYR A 113 -0.06 9.34 -7.06
N TYR A 114 0.74 8.31 -6.83
CA TYR A 114 0.91 7.23 -7.82
C TYR A 114 0.14 6.00 -7.34
N THR A 115 -0.69 5.44 -8.21
CA THR A 115 -1.48 4.25 -7.87
C THR A 115 -0.98 3.05 -8.67
N LEU A 116 -0.60 2.00 -7.93
CA LEU A 116 -0.11 0.77 -8.56
C LEU A 116 -1.07 -0.39 -8.26
N GLU A 117 -1.49 -1.06 -9.33
CA GLU A 117 -2.39 -2.21 -9.20
C GLU A 117 -1.75 -3.44 -9.83
N TYR A 118 -1.56 -4.48 -9.03
CA TYR A 118 -0.94 -5.70 -9.53
C TYR A 118 -1.46 -6.91 -8.75
N ARG A 119 -1.14 -8.11 -9.23
CA ARG A 119 -1.58 -9.33 -8.56
C ARG A 119 -0.44 -10.33 -8.44
N VAL A 120 -0.51 -11.17 -7.42
CA VAL A 120 0.53 -12.18 -7.17
C VAL A 120 0.04 -13.55 -7.59
N LEU A 121 0.89 -14.29 -8.32
CA LEU A 121 0.53 -15.63 -8.78
C LEU A 121 1.71 -16.58 -8.68
N VAL A 122 1.44 -17.78 -8.16
CA VAL A 122 2.46 -18.81 -8.00
C VAL A 122 2.11 -19.99 -8.89
N GLY A 123 3.09 -20.50 -9.62
CA GLY A 123 2.85 -21.63 -10.51
C GLY A 123 1.91 -21.22 -11.64
N ASP A 124 0.78 -21.92 -11.76
CA ASP A 124 -0.20 -21.63 -12.81
C ASP A 124 -1.50 -21.04 -12.24
N ASN A 125 -1.46 -20.62 -10.97
CA ASN A 125 -2.66 -20.06 -10.32
C ASN A 125 -2.36 -18.72 -9.67
N VAL A 126 -3.41 -17.91 -9.49
CA VAL A 126 -3.28 -16.60 -8.87
C VAL A 126 -3.41 -16.70 -7.36
N GLU A 127 -2.42 -16.16 -6.64
CA GLU A 127 -2.44 -16.20 -5.18
C GLU A 127 -3.46 -15.20 -4.64
N ARG A 128 -3.32 -13.94 -5.04
CA ARG A 128 -4.24 -12.90 -4.58
C ARG A 128 -3.96 -11.57 -5.29
N HIS A 129 -4.83 -10.58 -5.03
CA HIS A 129 -4.68 -9.25 -5.64
C HIS A 129 -4.14 -8.26 -4.60
N ASP A 130 -3.22 -7.40 -5.02
CA ASP A 130 -2.62 -6.41 -4.11
C ASP A 130 -2.54 -5.03 -4.77
N LEU A 131 -2.88 -4.00 -3.99
CA LEU A 131 -2.83 -2.61 -4.47
C LEU A 131 -1.76 -1.83 -3.71
N ALA A 132 -0.91 -1.14 -4.46
CA ALA A 132 0.14 -0.33 -3.85
C ALA A 132 0.00 1.13 -4.29
N SER A 133 0.19 2.04 -3.35
CA SER A 133 0.09 3.48 -3.64
C SER A 133 1.36 4.18 -3.18
N VAL A 134 1.99 4.92 -4.09
CA VAL A 134 3.23 5.63 -3.75
C VAL A 134 3.03 7.14 -3.84
N THR A 135 3.45 7.84 -2.79
CA THR A 135 3.33 9.29 -2.73
C THR A 135 4.53 9.88 -2.01
N THR A 136 4.99 11.05 -2.47
CA THR A 136 6.13 11.74 -1.85
C THR A 136 5.66 13.00 -1.14
N ASN A 137 6.38 13.37 -0.09
CA ASN A 137 6.03 14.56 0.68
C ASN A 137 7.25 15.10 1.43
N ARG A 138 7.66 16.32 1.09
CA ARG A 138 8.79 16.94 1.74
C ARG A 138 10.05 16.09 1.56
N GLY A 139 10.07 15.28 0.51
CA GLY A 139 11.21 14.42 0.23
C GLY A 139 11.08 13.08 0.94
N LYS A 140 9.92 12.83 1.54
CA LYS A 140 9.68 11.57 2.25
C LYS A 140 8.92 10.61 1.36
N LEU A 141 9.46 9.41 1.18
CA LEU A 141 8.81 8.40 0.34
C LEU A 141 7.84 7.57 1.18
N ILE A 142 6.57 7.56 0.79
CA ILE A 142 5.54 6.80 1.52
C ILE A 142 4.85 5.82 0.59
N THR A 143 4.78 4.56 1.00
CA THR A 143 4.13 3.52 0.20
C THR A 143 3.11 2.75 1.04
N PHE A 144 1.93 2.50 0.46
CA PHE A 144 0.87 1.76 1.15
C PHE A 144 0.64 0.42 0.45
N ASP A 145 1.20 -0.66 1.00
CA ASP A 145 1.02 -1.99 0.41
C ASP A 145 -0.10 -2.74 1.11
N LEU A 146 -1.22 -2.89 0.41
CA LEU A 146 -2.39 -3.60 0.96
C LEU A 146 -2.63 -4.90 0.20
N SER A 147 -2.86 -5.97 0.95
CA SER A 147 -3.13 -7.29 0.36
C SER A 147 -4.39 -7.87 0.97
N THR A 148 -5.25 -8.43 0.13
CA THR A 148 -6.51 -9.02 0.58
C THR A 148 -6.96 -10.12 -0.37
N ALA A 149 -7.74 -11.07 0.15
CA ALA A 149 -8.22 -12.18 -0.66
C ALA A 149 -8.95 -11.69 -1.91
N GLU A 150 -8.73 -12.39 -3.02
CA GLU A 150 -9.36 -12.03 -4.29
C GLU A 150 -10.88 -12.25 -4.23
N ASP A 151 -11.27 -13.28 -3.50
CA ASP A 151 -12.68 -13.64 -3.38
C ASP A 151 -13.52 -12.47 -2.83
N ARG A 152 -12.92 -11.67 -1.95
CA ARG A 152 -13.65 -10.54 -1.34
C ARG A 152 -13.12 -9.21 -1.85
N TRP A 153 -12.04 -9.23 -2.60
CA TRP A 153 -11.46 -7.99 -3.12
C TRP A 153 -12.52 -7.13 -3.78
N ASP A 154 -13.45 -7.76 -4.48
CA ASP A 154 -14.52 -7.04 -5.15
C ASP A 154 -15.39 -6.29 -4.14
N THR A 155 -15.72 -6.95 -3.03
CA THR A 155 -16.56 -6.34 -2.01
C THR A 155 -15.86 -5.16 -1.34
N VAL A 156 -14.56 -5.29 -1.09
CA VAL A 156 -13.78 -4.23 -0.43
C VAL A 156 -12.84 -3.54 -1.42
N LYS A 157 -13.14 -3.66 -2.71
CA LYS A 157 -12.31 -3.04 -3.74
C LYS A 157 -12.05 -1.57 -3.45
N SER A 158 -13.10 -0.83 -3.12
CA SER A 158 -12.97 0.59 -2.84
C SER A 158 -12.22 0.85 -1.54
N LEU A 159 -12.27 -0.11 -0.63
CA LEU A 159 -11.60 0.04 0.67
C LEU A 159 -10.10 0.27 0.49
N PHE A 160 -9.49 -0.48 -0.42
CA PHE A 160 -8.05 -0.34 -0.65
C PHE A 160 -7.75 1.06 -1.15
N ASP A 161 -8.47 1.48 -2.18
CA ASP A 161 -8.28 2.80 -2.75
C ASP A 161 -8.60 3.88 -1.73
N THR A 162 -9.68 3.66 -0.97
CA THR A 162 -10.09 4.63 0.04
C THR A 162 -9.07 4.72 1.17
N VAL A 163 -8.67 3.58 1.70
CA VAL A 163 -7.70 3.57 2.80
C VAL A 163 -6.37 4.17 2.36
N ALA A 164 -5.90 3.77 1.19
CA ALA A 164 -4.64 4.30 0.68
C ALA A 164 -4.77 5.79 0.36
N SER A 165 -5.88 6.16 -0.27
CA SER A 165 -6.14 7.55 -0.62
C SER A 165 -6.48 8.38 0.62
N SER A 166 -7.11 7.74 1.60
CA SER A 166 -7.51 8.44 2.82
C SER A 166 -6.30 8.99 3.57
N PHE A 167 -5.16 8.32 3.44
CA PHE A 167 -3.96 8.76 4.12
C PHE A 167 -3.65 10.22 3.79
N HIS A 168 -2.89 10.87 4.67
CA HIS A 168 -2.50 12.26 4.48
C HIS A 168 -1.04 12.41 4.87
N VAL A 169 -0.38 13.45 4.36
CA VAL A 169 1.04 13.68 4.65
C VAL A 169 1.25 15.08 5.20
N TYR A 170 2.29 15.22 6.03
CA TYR A 170 2.59 16.52 6.63
C TYR A 170 3.96 16.49 7.31
N GLY A 1 -13.67 -6.58 41.88
CA GLY A 1 -15.10 -6.22 42.07
C GLY A 1 -15.95 -7.49 42.11
N PRO A 2 -17.24 -7.35 42.05
CA PRO A 2 -18.19 -8.50 42.08
C PRO A 2 -17.82 -9.57 41.05
N LEU A 3 -18.04 -10.84 41.40
CA LEU A 3 -17.73 -11.94 40.49
C LEU A 3 -18.94 -12.27 39.63
N GLY A 4 -18.68 -12.57 38.36
CA GLY A 4 -19.75 -12.91 37.42
C GLY A 4 -20.30 -11.65 36.73
N SER A 5 -19.67 -10.52 37.00
CA SER A 5 -20.10 -9.26 36.40
C SER A 5 -19.64 -9.17 34.95
N CYS A 6 -20.33 -8.36 34.16
CA CYS A 6 -19.98 -8.17 32.74
C CYS A 6 -20.10 -6.70 32.36
N GLY A 7 -19.03 -6.15 31.78
CA GLY A 7 -19.02 -4.76 31.36
C GLY A 7 -19.61 -4.60 29.97
N GLY A 8 -19.72 -3.35 29.51
CA GLY A 8 -20.26 -3.07 28.18
C GLY A 8 -19.17 -3.11 27.12
N VAL A 9 -19.47 -3.76 25.99
CA VAL A 9 -18.51 -3.88 24.89
C VAL A 9 -19.09 -3.27 23.61
N GLY A 10 -18.30 -2.48 22.92
CA GLY A 10 -18.74 -1.85 21.68
C GLY A 10 -18.67 -2.84 20.52
N ILE A 11 -19.64 -2.76 19.61
CA ILE A 11 -19.67 -3.66 18.46
C ILE A 11 -18.40 -3.50 17.63
N ALA A 12 -18.03 -2.25 17.41
CA ALA A 12 -16.82 -1.96 16.63
C ALA A 12 -16.36 -0.52 16.88
N SER A 13 -15.06 -0.29 16.77
CA SER A 13 -14.49 1.04 16.98
C SER A 13 -13.26 1.24 16.11
N LEU A 14 -12.94 2.49 15.80
CA LEU A 14 -11.77 2.79 14.97
C LEU A 14 -10.96 3.93 15.56
N GLN A 15 -9.71 4.04 15.14
CA GLN A 15 -8.81 5.09 15.64
C GLN A 15 -7.91 5.60 14.52
N ARG A 16 -7.26 6.73 14.75
CA ARG A 16 -6.37 7.34 13.77
C ARG A 16 -4.93 7.36 14.26
N TYR A 17 -3.98 7.17 13.34
CA TYR A 17 -2.56 7.17 13.68
C TYR A 17 -1.82 8.20 12.85
N SER A 18 -0.99 9.01 13.50
CA SER A 18 -0.21 10.04 12.81
C SER A 18 1.21 10.12 13.37
N ASP A 19 2.15 10.53 12.52
CA ASP A 19 3.55 10.65 12.93
C ASP A 19 4.19 11.88 12.32
N THR A 20 4.63 12.80 13.16
CA THR A 20 5.26 14.02 12.66
C THR A 20 6.65 13.73 12.10
N LYS A 21 7.32 12.71 12.65
CA LYS A 21 8.65 12.35 12.20
C LYS A 21 8.62 11.89 10.74
N ASP A 22 7.67 11.01 10.41
CA ASP A 22 7.54 10.51 9.05
C ASP A 22 6.61 11.39 8.23
N GLY A 23 5.77 12.15 8.91
CA GLY A 23 4.84 13.04 8.23
C GLY A 23 3.76 12.26 7.48
N TYR A 24 3.24 11.20 8.10
CA TYR A 24 2.18 10.40 7.47
C TYR A 24 1.13 9.98 8.50
N GLU A 25 -0.09 9.75 8.03
CA GLU A 25 -1.17 9.35 8.93
C GLU A 25 -2.23 8.54 8.18
N PHE A 26 -2.86 7.61 8.88
CA PHE A 26 -3.91 6.78 8.26
C PHE A 26 -4.85 6.20 9.30
N LEU A 27 -6.05 5.85 8.87
CA LEU A 27 -7.05 5.24 9.77
C LEU A 27 -7.00 3.73 9.65
N TYR A 28 -7.37 3.03 10.72
CA TYR A 28 -7.35 1.57 10.69
C TYR A 28 -8.23 0.98 11.81
N PRO A 29 -9.11 0.04 11.51
CA PRO A 29 -9.99 -0.59 12.54
C PRO A 29 -9.23 -0.89 13.83
N ASN A 30 -9.97 -1.00 14.93
CA ASN A 30 -9.37 -1.30 16.23
C ASN A 30 -9.10 -2.79 16.38
N GLY A 31 -8.21 -3.13 17.31
CA GLY A 31 -7.86 -4.53 17.56
C GLY A 31 -6.72 -4.99 16.67
N TRP A 32 -6.05 -4.04 16.02
CA TRP A 32 -4.93 -4.37 15.13
C TRP A 32 -3.62 -4.34 15.91
N ILE A 33 -2.64 -5.14 15.45
CA ILE A 33 -1.33 -5.22 16.09
C ILE A 33 -0.24 -4.75 15.13
N GLY A 34 0.84 -4.20 15.68
CA GLY A 34 1.95 -3.71 14.86
C GLY A 34 3.24 -4.41 15.25
N VAL A 35 4.00 -4.85 14.25
CA VAL A 35 5.27 -5.55 14.49
C VAL A 35 6.39 -4.92 13.67
N ASP A 36 7.57 -4.82 14.26
CA ASP A 36 8.73 -4.24 13.57
C ASP A 36 9.46 -5.33 12.78
N VAL A 37 10.00 -4.96 11.62
CA VAL A 37 10.73 -5.90 10.76
C VAL A 37 12.15 -5.40 10.52
N LYS A 38 12.83 -5.02 11.60
CA LYS A 38 14.19 -4.52 11.50
C LYS A 38 15.06 -5.52 10.74
N GLY A 39 15.77 -5.02 9.74
CA GLY A 39 16.65 -5.87 8.93
C GLY A 39 15.89 -6.42 7.73
N ALA A 40 14.66 -5.96 7.56
CA ALA A 40 13.82 -6.40 6.45
C ALA A 40 14.17 -5.64 5.17
N SER A 41 13.28 -5.72 4.19
CA SER A 41 13.50 -5.04 2.92
C SER A 41 13.78 -3.56 3.17
N PRO A 42 14.43 -2.90 2.23
CA PRO A 42 14.76 -1.45 2.36
C PRO A 42 13.51 -0.58 2.38
N GLY A 43 13.43 0.32 3.36
CA GLY A 43 12.28 1.21 3.49
C GLY A 43 11.24 0.65 4.46
N VAL A 44 11.26 -0.67 4.66
CA VAL A 44 10.30 -1.29 5.58
C VAL A 44 10.45 -0.69 6.96
N ASP A 45 9.34 -0.21 7.53
CA ASP A 45 9.35 0.41 8.85
C ASP A 45 8.46 -0.35 9.84
N VAL A 46 7.18 -0.47 9.52
CA VAL A 46 6.23 -1.17 10.39
C VAL A 46 5.17 -1.91 9.58
N VAL A 47 4.73 -3.05 10.09
CA VAL A 47 3.70 -3.85 9.42
C VAL A 47 2.49 -4.01 10.33
N PHE A 48 1.30 -3.85 9.76
CA PHE A 48 0.05 -3.98 10.51
C PHE A 48 -0.71 -5.22 10.06
N ARG A 49 -1.16 -6.02 11.04
CA ARG A 49 -1.90 -7.25 10.75
C ARG A 49 -3.27 -7.21 11.43
N ASP A 50 -4.29 -7.73 10.74
CA ASP A 50 -5.64 -7.75 11.30
C ASP A 50 -5.92 -9.08 12.00
N LEU A 51 -6.19 -9.02 13.30
CA LEU A 51 -6.47 -10.23 14.06
C LEU A 51 -7.80 -10.84 13.63
N ILE A 52 -8.78 -9.99 13.34
CA ILE A 52 -10.09 -10.46 12.92
C ILE A 52 -10.00 -11.24 11.62
N GLU A 53 -9.23 -10.70 10.67
CA GLU A 53 -9.06 -11.36 9.37
C GLU A 53 -7.59 -11.53 9.04
N ARG A 54 -7.07 -12.74 9.29
CA ARG A 54 -5.68 -13.03 9.01
C ARG A 54 -5.38 -12.87 7.52
N ASP A 55 -6.37 -13.17 6.69
CA ASP A 55 -6.20 -13.07 5.25
C ASP A 55 -5.83 -11.64 4.86
N GLU A 56 -6.39 -10.66 5.57
CA GLU A 56 -6.11 -9.26 5.29
C GLU A 56 -4.87 -8.81 6.04
N ASN A 57 -3.96 -8.15 5.33
CA ASN A 57 -2.73 -7.65 5.93
C ASN A 57 -2.29 -6.35 5.27
N LEU A 58 -1.84 -5.40 6.09
CA LEU A 58 -1.37 -4.11 5.60
C LEU A 58 0.10 -3.92 5.95
N SER A 59 0.88 -3.46 4.98
CA SER A 59 2.33 -3.24 5.21
C SER A 59 2.68 -1.79 4.90
N VAL A 60 3.53 -1.20 5.75
CA VAL A 60 3.95 0.19 5.58
C VAL A 60 5.46 0.26 5.37
N ILE A 61 5.86 0.87 4.26
CA ILE A 61 7.27 1.03 3.92
C ILE A 61 7.59 2.51 3.75
N ILE A 62 8.57 3.00 4.52
CA ILE A 62 8.96 4.42 4.46
C ILE A 62 10.45 4.56 4.14
N SER A 63 10.75 5.45 3.20
CA SER A 63 12.15 5.69 2.81
C SER A 63 12.32 7.14 2.39
N GLU A 64 13.57 7.58 2.23
CA GLU A 64 13.86 8.95 1.83
C GLU A 64 14.33 9.00 0.38
N ILE A 65 13.82 9.98 -0.38
CA ILE A 65 14.18 10.11 -1.79
C ILE A 65 15.33 11.10 -1.94
N PRO A 66 16.19 10.90 -2.93
CA PRO A 66 17.33 11.83 -3.15
C PRO A 66 16.84 13.21 -3.57
N SER A 67 17.45 14.24 -3.00
CA SER A 67 17.07 15.61 -3.31
C SER A 67 17.29 15.92 -4.79
N ASP A 68 18.23 15.22 -5.40
CA ASP A 68 18.55 15.44 -6.80
C ASP A 68 17.41 15.00 -7.73
N LYS A 69 16.65 14.00 -7.32
CA LYS A 69 15.53 13.50 -8.13
C LYS A 69 14.25 13.39 -7.32
N THR A 70 13.12 13.44 -8.02
CA THR A 70 11.80 13.34 -7.38
C THR A 70 11.01 12.16 -7.95
N LEU A 71 9.83 11.93 -7.39
CA LEU A 71 8.98 10.83 -7.83
C LEU A 71 8.76 10.89 -9.34
N THR A 72 8.46 12.09 -9.85
CA THR A 72 8.22 12.25 -11.28
C THR A 72 9.48 12.02 -12.09
N ASP A 73 10.58 12.64 -11.65
CA ASP A 73 11.85 12.49 -12.36
C ASP A 73 12.36 11.05 -12.29
N LEU A 74 12.13 10.40 -11.15
CA LEU A 74 12.57 9.02 -10.95
C LEU A 74 12.03 8.13 -12.06
N GLY A 75 10.76 8.31 -12.40
CA GLY A 75 10.14 7.51 -13.44
C GLY A 75 8.67 7.86 -13.60
N THR A 76 8.04 7.25 -14.60
CA THR A 76 6.61 7.48 -14.87
C THR A 76 5.79 6.43 -14.15
N ALA A 77 4.47 6.60 -14.13
CA ALA A 77 3.61 5.65 -13.46
C ALA A 77 3.83 4.24 -14.02
N THR A 78 3.95 4.16 -15.35
CA THR A 78 4.18 2.88 -16.01
C THR A 78 5.60 2.38 -15.76
N ASP A 79 6.57 3.28 -15.87
CA ASP A 79 7.97 2.93 -15.67
C ASP A 79 8.19 2.45 -14.24
N VAL A 80 7.73 3.25 -13.29
CA VAL A 80 7.86 2.90 -11.88
C VAL A 80 7.12 1.59 -11.62
N GLY A 81 5.97 1.44 -12.25
CA GLY A 81 5.16 0.25 -12.09
C GLY A 81 5.95 -0.99 -12.49
N TYR A 82 6.63 -0.93 -13.63
CA TYR A 82 7.42 -2.06 -14.10
C TYR A 82 8.63 -2.29 -13.19
N ARG A 83 9.26 -1.22 -12.74
CA ARG A 83 10.42 -1.34 -11.87
C ARG A 83 10.05 -2.03 -10.56
N PHE A 84 8.89 -1.66 -10.03
CA PHE A 84 8.43 -2.24 -8.77
C PHE A 84 8.24 -3.76 -8.91
N MET A 85 7.70 -4.19 -10.05
CA MET A 85 7.48 -5.62 -10.28
C MET A 85 8.79 -6.38 -10.17
N LYS A 86 9.83 -5.85 -10.78
CA LYS A 86 11.14 -6.50 -10.75
C LYS A 86 11.67 -6.52 -9.32
N THR A 87 11.57 -5.38 -8.65
CA THR A 87 12.04 -5.25 -7.28
C THR A 87 11.33 -6.25 -6.36
N VAL A 88 10.02 -6.34 -6.49
CA VAL A 88 9.25 -7.26 -5.66
C VAL A 88 9.57 -8.70 -6.04
N ASN A 89 9.57 -8.97 -7.34
CA ASN A 89 9.85 -10.31 -7.83
C ASN A 89 11.28 -10.74 -7.47
N ASP A 90 12.22 -9.80 -7.55
CA ASP A 90 13.62 -10.12 -7.25
C ASP A 90 13.72 -10.97 -6.00
N ALA A 91 12.86 -10.71 -5.03
CA ALA A 91 12.87 -11.46 -3.78
C ALA A 91 12.46 -12.92 -3.97
N SER A 92 11.35 -13.15 -4.69
CA SER A 92 10.83 -14.50 -4.91
C SER A 92 10.69 -14.86 -6.41
N GLN A 93 11.43 -14.18 -7.26
CA GLN A 93 11.35 -14.42 -8.70
C GLN A 93 11.46 -15.91 -9.03
N GLY A 94 12.17 -16.65 -8.18
CA GLY A 94 12.37 -18.08 -8.41
C GLY A 94 11.08 -18.77 -8.86
N ASP A 95 10.04 -18.75 -8.01
CA ASP A 95 8.76 -19.39 -8.34
C ASP A 95 7.61 -18.39 -8.41
N ARG A 96 7.66 -17.37 -7.55
CA ARG A 96 6.59 -16.37 -7.50
C ARG A 96 6.82 -15.27 -8.54
N GLN A 97 5.74 -14.87 -9.21
CA GLN A 97 5.81 -13.83 -10.23
C GLN A 97 4.75 -12.76 -9.96
N ALA A 98 5.10 -11.50 -10.20
CA ALA A 98 4.16 -10.39 -9.99
C ALA A 98 3.62 -9.88 -11.32
N GLU A 99 2.33 -9.55 -11.34
CA GLU A 99 1.68 -9.04 -12.54
C GLU A 99 1.08 -7.67 -12.29
N LEU A 100 1.49 -6.69 -13.09
CA LEU A 100 0.98 -5.33 -12.94
C LEU A 100 -0.37 -5.19 -13.64
N ILE A 101 -1.42 -5.05 -12.87
CA ILE A 101 -2.75 -4.91 -13.42
C ILE A 101 -2.92 -3.52 -14.05
N ASN A 102 -2.58 -2.49 -13.29
CA ASN A 102 -2.69 -1.11 -13.78
C ASN A 102 -1.75 -0.19 -13.01
N ALA A 103 -1.52 1.00 -13.56
CA ALA A 103 -0.65 1.99 -12.92
C ALA A 103 -0.98 3.39 -13.40
N GLU A 104 -1.46 4.23 -12.48
CA GLU A 104 -1.83 5.61 -12.82
C GLU A 104 -1.44 6.57 -11.71
N ALA A 105 -1.46 7.88 -12.02
CA ALA A 105 -1.11 8.90 -11.04
C ALA A 105 -2.09 10.06 -11.11
N ARG A 106 -2.34 10.71 -9.97
CA ARG A 106 -3.27 11.84 -9.90
C ARG A 106 -2.61 13.05 -9.25
N ASP A 107 -2.90 14.25 -9.78
CA ASP A 107 -2.35 15.49 -9.25
C ASP A 107 -3.42 16.29 -8.52
N GLU A 108 -3.29 16.41 -7.21
CA GLU A 108 -4.25 17.16 -6.41
C GLU A 108 -3.53 18.00 -5.36
N ASP A 109 -4.06 19.19 -5.08
CA ASP A 109 -3.48 20.09 -4.09
C ASP A 109 -1.97 20.20 -4.27
N GLY A 110 -1.53 20.25 -5.53
CA GLY A 110 -0.10 20.37 -5.83
C GLY A 110 0.66 19.10 -5.44
N GLN A 111 -0.07 18.12 -4.93
CA GLN A 111 0.52 16.85 -4.51
C GLN A 111 0.19 15.76 -5.52
N VAL A 112 1.21 14.99 -5.92
CA VAL A 112 1.01 13.91 -6.89
C VAL A 112 1.04 12.56 -6.19
N TYR A 113 0.04 11.74 -6.48
CA TYR A 113 -0.07 10.40 -5.88
C TYR A 113 0.02 9.35 -6.97
N TYR A 114 0.88 8.35 -6.78
CA TYR A 114 1.04 7.28 -7.75
C TYR A 114 0.33 6.02 -7.25
N THR A 115 -0.57 5.48 -8.08
CA THR A 115 -1.32 4.28 -7.71
C THR A 115 -0.81 3.08 -8.51
N LEU A 116 -0.39 2.06 -7.79
CA LEU A 116 0.12 0.83 -8.43
C LEU A 116 -0.78 -0.36 -8.05
N GLU A 117 -1.35 -0.99 -9.07
CA GLU A 117 -2.21 -2.15 -8.86
C GLU A 117 -1.57 -3.37 -9.50
N TYR A 118 -1.36 -4.42 -8.70
CA TYR A 118 -0.74 -5.63 -9.20
C TYR A 118 -1.20 -6.85 -8.41
N ARG A 119 -0.92 -8.05 -8.93
CA ARG A 119 -1.29 -9.28 -8.25
C ARG A 119 -0.13 -10.27 -8.25
N VAL A 120 -0.12 -11.16 -7.26
CA VAL A 120 0.93 -12.17 -7.14
C VAL A 120 0.38 -13.54 -7.51
N LEU A 121 1.16 -14.30 -8.28
CA LEU A 121 0.72 -15.63 -8.71
C LEU A 121 1.87 -16.62 -8.66
N VAL A 122 1.56 -17.83 -8.20
CA VAL A 122 2.55 -18.91 -8.10
C VAL A 122 2.22 -19.98 -9.13
N GLY A 123 3.23 -20.44 -9.86
CA GLY A 123 3.00 -21.45 -10.88
C GLY A 123 2.06 -20.92 -11.94
N ASP A 124 0.89 -21.55 -12.08
CA ASP A 124 -0.10 -21.13 -13.07
C ASP A 124 -1.39 -20.65 -12.39
N ASN A 125 -1.32 -20.42 -11.08
CA ASN A 125 -2.49 -19.98 -10.31
C ASN A 125 -2.21 -18.65 -9.61
N VAL A 126 -3.25 -17.83 -9.45
CA VAL A 126 -3.12 -16.54 -8.80
C VAL A 126 -3.26 -16.69 -7.28
N GLU A 127 -2.27 -16.19 -6.55
CA GLU A 127 -2.29 -16.28 -5.09
C GLU A 127 -3.27 -15.28 -4.50
N ARG A 128 -3.12 -14.01 -4.88
CA ARG A 128 -4.00 -12.95 -4.37
C ARG A 128 -3.71 -11.62 -5.06
N HIS A 129 -4.57 -10.64 -4.81
CA HIS A 129 -4.41 -9.30 -5.40
C HIS A 129 -3.86 -8.33 -4.35
N ASP A 130 -2.95 -7.45 -4.78
CA ASP A 130 -2.35 -6.47 -3.86
C ASP A 130 -2.31 -5.08 -4.49
N LEU A 131 -2.68 -4.07 -3.71
CA LEU A 131 -2.67 -2.67 -4.17
C LEU A 131 -1.58 -1.90 -3.45
N ALA A 132 -0.81 -1.11 -4.22
CA ALA A 132 0.27 -0.31 -3.63
C ALA A 132 0.24 1.10 -4.19
N SER A 133 0.42 2.08 -3.30
CA SER A 133 0.43 3.49 -3.69
C SER A 133 1.73 4.15 -3.26
N VAL A 134 2.27 5.02 -4.11
CA VAL A 134 3.53 5.72 -3.80
C VAL A 134 3.31 7.23 -3.83
N THR A 135 3.75 7.91 -2.77
CA THR A 135 3.61 9.35 -2.67
C THR A 135 4.79 9.96 -1.91
N THR A 136 5.25 11.14 -2.35
CA THR A 136 6.37 11.81 -1.69
C THR A 136 5.87 12.99 -0.87
N ASN A 137 6.61 13.33 0.19
CA ASN A 137 6.25 14.45 1.05
C ASN A 137 7.49 15.13 1.63
N ARG A 138 7.81 16.31 1.12
CA ARG A 138 8.97 17.05 1.60
C ARG A 138 10.24 16.22 1.52
N GLY A 139 10.30 15.34 0.52
CA GLY A 139 11.48 14.49 0.33
C GLY A 139 11.34 13.17 1.07
N LYS A 140 10.16 12.93 1.64
CA LYS A 140 9.91 11.69 2.37
C LYS A 140 9.18 10.69 1.48
N LEU A 141 9.74 9.49 1.33
CA LEU A 141 9.11 8.47 0.49
C LEU A 141 8.15 7.63 1.33
N ILE A 142 6.85 7.73 1.03
CA ILE A 142 5.83 6.97 1.76
C ILE A 142 5.08 6.06 0.81
N THR A 143 5.03 4.77 1.14
CA THR A 143 4.33 3.79 0.31
C THR A 143 3.27 3.08 1.13
N PHE A 144 2.06 2.99 0.57
CA PHE A 144 0.94 2.33 1.23
C PHE A 144 0.61 1.02 0.50
N ASP A 145 0.87 -0.11 1.15
CA ASP A 145 0.61 -1.41 0.54
C ASP A 145 -0.47 -2.17 1.31
N LEU A 146 -1.42 -2.74 0.56
CA LEU A 146 -2.53 -3.50 1.15
C LEU A 146 -2.66 -4.86 0.46
N SER A 147 -3.02 -5.88 1.24
CA SER A 147 -3.21 -7.23 0.70
C SER A 147 -4.49 -7.85 1.24
N THR A 148 -5.28 -8.45 0.35
CA THR A 148 -6.54 -9.08 0.74
C THR A 148 -6.90 -10.22 -0.22
N ALA A 149 -7.76 -11.13 0.24
CA ALA A 149 -8.17 -12.27 -0.58
C ALA A 149 -8.78 -11.81 -1.90
N GLU A 150 -8.48 -12.54 -2.96
CA GLU A 150 -9.00 -12.20 -4.29
C GLU A 150 -10.51 -12.38 -4.34
N ASP A 151 -10.99 -13.42 -3.68
CA ASP A 151 -12.43 -13.71 -3.66
C ASP A 151 -13.20 -12.57 -3.01
N ARG A 152 -12.59 -11.93 -2.01
CA ARG A 152 -13.26 -10.83 -1.29
C ARG A 152 -12.85 -9.48 -1.86
N TRP A 153 -11.75 -9.45 -2.61
CA TRP A 153 -11.26 -8.21 -3.19
C TRP A 153 -12.39 -7.46 -3.88
N ASP A 154 -13.24 -8.18 -4.60
CA ASP A 154 -14.36 -7.56 -5.29
C ASP A 154 -15.32 -6.91 -4.30
N THR A 155 -15.58 -7.59 -3.20
CA THR A 155 -16.49 -7.08 -2.18
C THR A 155 -15.94 -5.81 -1.51
N VAL A 156 -14.64 -5.82 -1.23
CA VAL A 156 -13.97 -4.68 -0.59
C VAL A 156 -13.09 -3.92 -1.56
N LYS A 157 -13.36 -4.07 -2.86
CA LYS A 157 -12.57 -3.40 -3.87
C LYS A 157 -12.41 -1.91 -3.57
N SER A 158 -13.52 -1.26 -3.19
CA SER A 158 -13.49 0.16 -2.87
C SER A 158 -12.71 0.43 -1.60
N LEU A 159 -12.65 -0.56 -0.70
CA LEU A 159 -11.93 -0.39 0.57
C LEU A 159 -10.48 -0.02 0.32
N PHE A 160 -9.83 -0.72 -0.60
CA PHE A 160 -8.43 -0.45 -0.90
C PHE A 160 -8.26 0.96 -1.43
N ASP A 161 -9.08 1.32 -2.42
CA ASP A 161 -9.01 2.65 -3.00
C ASP A 161 -9.35 3.71 -1.96
N THR A 162 -10.38 3.46 -1.15
CA THR A 162 -10.78 4.40 -0.13
C THR A 162 -9.71 4.52 0.95
N VAL A 163 -9.27 3.37 1.48
CA VAL A 163 -8.26 3.36 2.52
C VAL A 163 -6.92 3.84 1.96
N ALA A 164 -6.62 3.45 0.72
CA ALA A 164 -5.38 3.86 0.09
C ALA A 164 -5.33 5.37 -0.05
N SER A 165 -6.49 5.97 -0.34
CA SER A 165 -6.58 7.41 -0.49
C SER A 165 -6.77 8.08 0.87
N SER A 166 -7.18 7.28 1.86
CA SER A 166 -7.41 7.82 3.21
C SER A 166 -6.12 8.36 3.82
N PHE A 167 -4.99 7.71 3.53
CA PHE A 167 -3.74 8.18 4.09
C PHE A 167 -3.46 9.62 3.66
N HIS A 168 -2.77 10.37 4.53
CA HIS A 168 -2.43 11.76 4.24
C HIS A 168 -0.99 12.03 4.70
N VAL A 169 -0.38 13.08 4.17
CA VAL A 169 1.00 13.42 4.55
C VAL A 169 1.11 14.88 4.98
N TYR A 170 2.08 15.16 5.84
CA TYR A 170 2.29 16.51 6.34
C TYR A 170 3.58 16.59 7.15
N GLY A 1 -19.09 15.89 -4.16
CA GLY A 1 -19.54 14.52 -3.82
C GLY A 1 -18.37 13.70 -3.28
N PRO A 2 -17.30 13.65 -4.03
CA PRO A 2 -16.07 12.89 -3.63
C PRO A 2 -15.57 13.29 -2.24
N LEU A 3 -16.02 14.45 -1.76
CA LEU A 3 -15.62 14.94 -0.45
C LEU A 3 -16.46 14.28 0.64
N GLY A 4 -15.82 13.91 1.75
CA GLY A 4 -16.52 13.28 2.86
C GLY A 4 -16.67 11.78 2.61
N SER A 5 -17.47 11.13 3.46
CA SER A 5 -17.70 9.69 3.33
C SER A 5 -19.16 9.34 3.66
N CYS A 6 -19.70 8.37 2.94
CA CYS A 6 -21.08 7.94 3.17
C CYS A 6 -21.12 6.83 4.22
N GLY A 7 -21.75 7.11 5.36
CA GLY A 7 -21.86 6.12 6.42
C GLY A 7 -20.48 5.78 6.97
N GLY A 8 -20.13 4.51 6.94
CA GLY A 8 -18.83 4.06 7.45
C GLY A 8 -18.85 3.94 8.96
N VAL A 9 -20.01 3.68 9.53
CA VAL A 9 -20.15 3.54 10.98
C VAL A 9 -19.20 2.48 11.50
N GLY A 10 -19.01 1.41 10.71
CA GLY A 10 -18.13 0.32 11.10
C GLY A 10 -18.69 -0.43 12.30
N ILE A 11 -18.46 -1.75 12.31
CA ILE A 11 -18.95 -2.58 13.40
C ILE A 11 -18.22 -2.25 14.69
N ALA A 12 -17.19 -1.44 14.60
CA ALA A 12 -16.40 -1.04 15.76
C ALA A 12 -15.77 0.32 15.54
N SER A 13 -15.36 0.97 16.63
CA SER A 13 -14.75 2.28 16.53
C SER A 13 -13.47 2.22 15.70
N LEU A 14 -13.10 3.36 15.10
CA LEU A 14 -11.91 3.44 14.26
C LEU A 14 -10.82 4.24 14.97
N GLN A 15 -9.56 3.83 14.76
CA GLN A 15 -8.41 4.50 15.37
C GLN A 15 -7.65 5.32 14.34
N ARG A 16 -6.89 6.29 14.81
CA ARG A 16 -6.09 7.14 13.94
C ARG A 16 -4.65 7.19 14.40
N TYR A 17 -3.71 7.13 13.44
CA TYR A 17 -2.28 7.17 13.75
C TYR A 17 -1.60 8.23 12.89
N SER A 18 -0.71 9.00 13.51
CA SER A 18 0.01 10.06 12.79
C SER A 18 1.44 10.19 13.32
N ASP A 19 2.32 10.75 12.50
CA ASP A 19 3.71 10.94 12.88
C ASP A 19 4.29 12.19 12.24
N THR A 20 4.68 13.15 13.05
CA THR A 20 5.25 14.39 12.54
C THR A 20 6.62 14.13 11.93
N LYS A 21 7.34 13.17 12.50
CA LYS A 21 8.68 12.84 12.01
C LYS A 21 8.63 12.35 10.57
N ASP A 22 7.71 11.41 10.29
CA ASP A 22 7.58 10.86 8.95
C ASP A 22 6.61 11.69 8.11
N GLY A 23 5.75 12.46 8.79
CA GLY A 23 4.80 13.31 8.11
C GLY A 23 3.71 12.48 7.41
N TYR A 24 3.20 11.45 8.07
CA TYR A 24 2.15 10.62 7.48
C TYR A 24 1.15 10.15 8.53
N GLU A 25 -0.08 9.92 8.10
CA GLU A 25 -1.12 9.48 9.02
C GLU A 25 -2.22 8.70 8.28
N PHE A 26 -2.78 7.68 8.94
CA PHE A 26 -3.83 6.88 8.32
C PHE A 26 -4.78 6.34 9.39
N LEU A 27 -6.01 6.01 8.97
CA LEU A 27 -7.04 5.49 9.88
C LEU A 27 -7.15 3.97 9.73
N TYR A 28 -7.21 3.26 10.86
CA TYR A 28 -7.32 1.80 10.84
C TYR A 28 -8.30 1.32 11.93
N PRO A 29 -9.01 0.22 11.72
CA PRO A 29 -9.99 -0.32 12.70
C PRO A 29 -9.31 -1.07 13.86
N ASN A 30 -10.09 -1.32 14.92
CA ASN A 30 -9.56 -2.03 16.08
C ASN A 30 -9.40 -3.51 15.78
N GLY A 31 -8.56 -4.18 16.58
CA GLY A 31 -8.31 -5.61 16.40
C GLY A 31 -7.03 -5.85 15.60
N TRP A 32 -6.42 -4.77 15.12
CA TRP A 32 -5.18 -4.87 14.35
C TRP A 32 -3.98 -4.72 15.27
N ILE A 33 -2.90 -5.47 14.97
CA ILE A 33 -1.68 -5.40 15.77
C ILE A 33 -0.49 -5.02 14.90
N GLY A 34 0.47 -4.30 15.50
CA GLY A 34 1.67 -3.87 14.77
C GLY A 34 2.82 -4.83 15.06
N VAL A 35 3.52 -5.25 14.01
CA VAL A 35 4.65 -6.18 14.16
C VAL A 35 5.95 -5.48 13.79
N ASP A 36 6.96 -5.66 14.64
CA ASP A 36 8.26 -5.06 14.40
C ASP A 36 9.06 -5.88 13.38
N VAL A 37 9.77 -5.18 12.50
CA VAL A 37 10.57 -5.85 11.47
C VAL A 37 11.85 -5.06 11.20
N LYS A 38 12.58 -4.73 12.26
CA LYS A 38 13.82 -3.99 12.12
C LYS A 38 14.92 -4.90 11.58
N GLY A 39 15.65 -4.41 10.58
CA GLY A 39 16.72 -5.19 9.96
C GLY A 39 16.16 -6.02 8.81
N ALA A 40 14.85 -5.95 8.64
CA ALA A 40 14.19 -6.69 7.58
C ALA A 40 14.32 -5.96 6.25
N SER A 41 13.48 -6.31 5.28
CA SER A 41 13.52 -5.68 3.96
C SER A 41 13.77 -4.17 4.11
N PRO A 42 14.93 -3.67 3.74
CA PRO A 42 15.23 -2.21 3.85
C PRO A 42 14.07 -1.36 3.33
N GLY A 43 13.75 -0.31 4.06
CA GLY A 43 12.65 0.59 3.68
C GLY A 43 11.40 0.29 4.48
N VAL A 44 11.20 -0.98 4.84
CA VAL A 44 10.02 -1.36 5.63
C VAL A 44 10.07 -0.70 7.00
N ASP A 45 8.97 -0.04 7.38
CA ASP A 45 8.89 0.63 8.68
C ASP A 45 8.13 -0.21 9.70
N VAL A 46 6.88 -0.53 9.38
CA VAL A 46 6.04 -1.32 10.29
C VAL A 46 5.03 -2.15 9.52
N VAL A 47 4.66 -3.32 10.08
CA VAL A 47 3.68 -4.21 9.45
C VAL A 47 2.47 -4.39 10.35
N PHE A 48 1.28 -4.32 9.76
CA PHE A 48 0.03 -4.48 10.52
C PHE A 48 -0.67 -5.77 10.12
N ARG A 49 -1.21 -6.48 11.11
CA ARG A 49 -1.91 -7.75 10.86
C ARG A 49 -3.27 -7.74 11.57
N ASP A 50 -4.32 -8.08 10.83
CA ASP A 50 -5.66 -8.12 11.40
C ASP A 50 -5.94 -9.49 12.02
N LEU A 51 -6.19 -9.51 13.33
CA LEU A 51 -6.46 -10.76 14.02
C LEU A 51 -7.79 -11.36 13.52
N ILE A 52 -8.76 -10.50 13.26
CA ILE A 52 -10.07 -10.95 12.79
C ILE A 52 -9.94 -11.63 11.43
N GLU A 53 -9.15 -11.02 10.55
CA GLU A 53 -8.94 -11.57 9.19
C GLU A 53 -7.45 -11.74 8.92
N ARG A 54 -6.97 -12.97 9.10
CA ARG A 54 -5.57 -13.27 8.88
C ARG A 54 -5.21 -12.99 7.42
N ASP A 55 -6.16 -13.29 6.54
CA ASP A 55 -5.97 -13.08 5.11
C ASP A 55 -5.68 -11.61 4.82
N GLU A 56 -6.32 -10.72 5.57
CA GLU A 56 -6.11 -9.28 5.37
C GLU A 56 -4.83 -8.83 6.06
N ASN A 57 -3.98 -8.14 5.30
CA ASN A 57 -2.71 -7.66 5.85
C ASN A 57 -2.21 -6.46 5.04
N LEU A 58 -1.24 -5.74 5.59
CA LEU A 58 -0.67 -4.59 4.91
C LEU A 58 0.66 -4.21 5.54
N SER A 59 1.47 -3.45 4.79
CA SER A 59 2.78 -3.02 5.28
C SER A 59 3.08 -1.61 4.80
N VAL A 60 3.75 -0.82 5.64
CA VAL A 60 4.12 0.55 5.28
C VAL A 60 5.63 0.65 5.12
N ILE A 61 6.05 1.24 3.99
CA ILE A 61 7.47 1.39 3.68
C ILE A 61 7.84 2.87 3.62
N ILE A 62 8.87 3.25 4.37
CA ILE A 62 9.33 4.65 4.40
C ILE A 62 10.76 4.75 3.90
N SER A 63 10.98 5.63 2.93
CA SER A 63 12.31 5.83 2.36
C SER A 63 12.51 7.31 2.04
N GLU A 64 13.76 7.71 1.80
CA GLU A 64 14.07 9.11 1.48
C GLU A 64 14.40 9.25 0.00
N ILE A 65 13.78 10.22 -0.66
CA ILE A 65 14.03 10.46 -2.08
C ILE A 65 15.12 11.52 -2.26
N PRO A 66 15.88 11.45 -3.32
CA PRO A 66 16.94 12.46 -3.57
C PRO A 66 16.35 13.81 -3.95
N SER A 67 16.91 14.86 -3.40
CA SER A 67 16.42 16.21 -3.66
C SER A 67 16.59 16.58 -5.12
N ASP A 68 17.59 16.00 -5.78
CA ASP A 68 17.84 16.31 -7.18
C ASP A 68 16.74 15.78 -8.09
N LYS A 69 16.10 14.68 -7.71
CA LYS A 69 15.03 14.09 -8.52
C LYS A 69 13.81 13.78 -7.66
N THR A 70 12.62 13.94 -8.25
CA THR A 70 11.35 13.68 -7.56
C THR A 70 10.69 12.43 -8.13
N LEU A 71 9.54 12.09 -7.58
CA LEU A 71 8.80 10.90 -8.03
C LEU A 71 8.65 10.91 -9.55
N THR A 72 8.29 12.06 -10.11
CA THR A 72 8.10 12.17 -11.54
C THR A 72 9.42 11.98 -12.28
N ASP A 73 10.48 12.61 -11.77
CA ASP A 73 11.79 12.51 -12.40
C ASP A 73 12.31 11.07 -12.32
N LEU A 74 12.07 10.42 -11.19
CA LEU A 74 12.54 9.05 -11.00
C LEU A 74 12.01 8.15 -12.13
N GLY A 75 10.75 8.32 -12.47
CA GLY A 75 10.14 7.52 -13.53
C GLY A 75 8.66 7.86 -13.71
N THR A 76 8.05 7.28 -14.73
CA THR A 76 6.64 7.50 -15.00
C THR A 76 5.80 6.44 -14.30
N ALA A 77 4.49 6.61 -14.32
CA ALA A 77 3.62 5.64 -13.67
C ALA A 77 3.85 4.25 -14.24
N THR A 78 3.98 4.18 -15.56
CA THR A 78 4.22 2.90 -16.23
C THR A 78 5.64 2.41 -15.97
N ASP A 79 6.60 3.33 -16.08
CA ASP A 79 8.00 2.97 -15.86
C ASP A 79 8.21 2.47 -14.43
N VAL A 80 7.72 3.25 -13.47
CA VAL A 80 7.85 2.87 -12.07
C VAL A 80 7.11 1.56 -11.83
N GLY A 81 5.95 1.43 -12.48
CA GLY A 81 5.15 0.23 -12.34
C GLY A 81 5.93 -1.01 -12.73
N TYR A 82 6.66 -0.92 -13.86
CA TYR A 82 7.45 -2.04 -14.32
C TYR A 82 8.63 -2.31 -13.39
N ARG A 83 9.30 -1.25 -12.95
CA ARG A 83 10.45 -1.40 -12.06
C ARG A 83 10.04 -2.06 -10.75
N PHE A 84 8.87 -1.69 -10.25
CA PHE A 84 8.37 -2.25 -8.99
C PHE A 84 8.19 -3.76 -9.12
N MET A 85 7.66 -4.20 -10.26
CA MET A 85 7.44 -5.63 -10.48
C MET A 85 8.76 -6.40 -10.38
N LYS A 86 9.81 -5.83 -10.97
CA LYS A 86 11.11 -6.46 -10.93
C LYS A 86 11.68 -6.46 -9.51
N THR A 87 11.51 -5.33 -8.82
CA THR A 87 12.01 -5.20 -7.45
C THR A 87 11.41 -6.28 -6.56
N VAL A 88 10.10 -6.51 -6.70
CA VAL A 88 9.44 -7.52 -5.89
C VAL A 88 9.84 -8.92 -6.37
N ASN A 89 9.87 -9.09 -7.69
CA ASN A 89 10.25 -10.37 -8.27
C ASN A 89 11.71 -10.70 -7.99
N ASP A 90 12.54 -9.67 -7.89
CA ASP A 90 13.97 -9.88 -7.63
C ASP A 90 14.18 -10.96 -6.58
N ALA A 91 13.25 -11.05 -5.62
CA ALA A 91 13.35 -12.04 -4.55
C ALA A 91 12.24 -13.09 -4.65
N SER A 92 11.06 -12.67 -5.12
CA SER A 92 9.91 -13.59 -5.24
C SER A 92 9.87 -14.33 -6.57
N GLN A 93 10.77 -13.99 -7.49
CA GLN A 93 10.79 -14.65 -8.80
C GLN A 93 10.93 -16.16 -8.66
N GLY A 94 11.57 -16.61 -7.59
CA GLY A 94 11.78 -18.04 -7.39
C GLY A 94 10.54 -18.86 -7.75
N ASP A 95 9.44 -18.66 -7.02
CA ASP A 95 8.20 -19.38 -7.29
C ASP A 95 7.07 -18.44 -7.64
N ARG A 96 6.95 -17.36 -6.87
CA ARG A 96 5.88 -16.38 -7.09
C ARG A 96 6.22 -15.40 -8.22
N GLN A 97 5.17 -14.94 -8.90
CA GLN A 97 5.34 -13.98 -10.00
C GLN A 97 4.38 -12.82 -9.80
N ALA A 98 4.83 -11.61 -10.13
CA ALA A 98 4.00 -10.41 -9.99
C ALA A 98 3.52 -9.93 -11.35
N GLU A 99 2.24 -9.55 -11.44
CA GLU A 99 1.67 -9.06 -12.70
C GLU A 99 1.09 -7.67 -12.48
N LEU A 100 1.46 -6.74 -13.33
CA LEU A 100 0.96 -5.37 -13.23
C LEU A 100 -0.40 -5.25 -13.88
N ILE A 101 -1.44 -5.10 -13.05
CA ILE A 101 -2.79 -4.97 -13.56
C ILE A 101 -3.00 -3.57 -14.15
N ASN A 102 -2.51 -2.56 -13.46
CA ASN A 102 -2.65 -1.18 -13.93
C ASN A 102 -1.68 -0.26 -13.18
N ALA A 103 -1.48 0.94 -13.72
CA ALA A 103 -0.59 1.91 -13.10
C ALA A 103 -0.97 3.33 -13.54
N GLU A 104 -1.43 4.14 -12.59
CA GLU A 104 -1.83 5.52 -12.88
C GLU A 104 -1.36 6.47 -11.79
N ALA A 105 -1.49 7.76 -12.03
CA ALA A 105 -1.09 8.78 -11.06
C ALA A 105 -2.05 9.96 -11.08
N ARG A 106 -2.18 10.62 -9.93
CA ARG A 106 -3.09 11.78 -9.81
C ARG A 106 -2.39 12.94 -9.12
N ASP A 107 -2.77 14.15 -9.51
CA ASP A 107 -2.20 15.38 -8.94
C ASP A 107 -3.26 16.15 -8.16
N GLU A 108 -3.07 16.27 -6.85
CA GLU A 108 -4.02 16.99 -5.99
C GLU A 108 -3.29 17.84 -4.96
N ASP A 109 -3.82 19.03 -4.69
CA ASP A 109 -3.22 19.93 -3.71
C ASP A 109 -1.73 20.15 -3.99
N GLY A 110 -1.34 20.03 -5.25
CA GLY A 110 0.06 20.22 -5.62
C GLY A 110 0.89 18.96 -5.36
N GLN A 111 0.23 17.94 -4.80
CA GLN A 111 0.90 16.68 -4.50
C GLN A 111 0.58 15.65 -5.57
N VAL A 112 1.55 14.77 -5.84
CA VAL A 112 1.39 13.73 -6.84
C VAL A 112 1.28 12.36 -6.17
N TYR A 113 0.23 11.63 -6.51
CA TYR A 113 0.02 10.30 -5.93
C TYR A 113 0.08 9.24 -7.03
N TYR A 114 0.92 8.22 -6.83
CA TYR A 114 1.07 7.15 -7.81
C TYR A 114 0.36 5.89 -7.30
N THR A 115 -0.53 5.35 -8.13
CA THR A 115 -1.28 4.15 -7.75
C THR A 115 -0.79 2.94 -8.56
N LEU A 116 -0.33 1.92 -7.86
CA LEU A 116 0.16 0.70 -8.50
C LEU A 116 -0.70 -0.50 -8.10
N GLU A 117 -1.39 -1.05 -9.09
CA GLU A 117 -2.25 -2.21 -8.85
C GLU A 117 -1.63 -3.44 -9.51
N TYR A 118 -1.40 -4.48 -8.70
CA TYR A 118 -0.79 -5.71 -9.22
C TYR A 118 -1.28 -6.92 -8.42
N ARG A 119 -0.98 -8.12 -8.92
CA ARG A 119 -1.39 -9.35 -8.23
C ARG A 119 -0.23 -10.33 -8.14
N VAL A 120 -0.31 -11.23 -7.15
CA VAL A 120 0.73 -12.24 -6.93
C VAL A 120 0.24 -13.60 -7.39
N LEU A 121 1.06 -14.28 -8.20
CA LEU A 121 0.70 -15.61 -8.72
C LEU A 121 1.70 -16.67 -8.28
N VAL A 122 1.17 -17.81 -7.84
CA VAL A 122 2.02 -18.93 -7.42
C VAL A 122 2.06 -19.95 -8.56
N GLY A 123 3.00 -19.75 -9.46
CA GLY A 123 3.14 -20.64 -10.61
C GLY A 123 2.18 -20.22 -11.73
N ASP A 124 1.09 -20.99 -11.91
CA ASP A 124 0.10 -20.68 -12.95
C ASP A 124 -1.24 -20.26 -12.34
N ASN A 125 -1.28 -20.10 -11.02
CA ASN A 125 -2.53 -19.71 -10.33
C ASN A 125 -2.35 -18.42 -9.54
N VAL A 126 -3.35 -17.54 -9.64
CA VAL A 126 -3.32 -16.26 -8.92
C VAL A 126 -3.41 -16.48 -7.42
N GLU A 127 -2.42 -15.98 -6.68
CA GLU A 127 -2.41 -16.12 -5.24
C GLU A 127 -3.36 -15.12 -4.59
N ARG A 128 -3.16 -13.84 -4.90
CA ARG A 128 -4.02 -12.80 -4.34
C ARG A 128 -3.76 -11.46 -5.02
N HIS A 129 -4.63 -10.49 -4.75
CA HIS A 129 -4.48 -9.15 -5.34
C HIS A 129 -3.94 -8.18 -4.29
N ASP A 130 -2.95 -7.37 -4.70
CA ASP A 130 -2.33 -6.40 -3.79
C ASP A 130 -2.29 -5.02 -4.42
N LEU A 131 -2.62 -4.00 -3.63
CA LEU A 131 -2.62 -2.61 -4.08
C LEU A 131 -1.50 -1.84 -3.41
N ALA A 132 -0.83 -1.00 -4.19
CA ALA A 132 0.28 -0.19 -3.68
C ALA A 132 0.17 1.24 -4.18
N SER A 133 0.18 2.18 -3.25
CA SER A 133 0.09 3.61 -3.60
C SER A 133 1.35 4.32 -3.11
N VAL A 134 2.04 5.00 -4.03
CA VAL A 134 3.27 5.72 -3.68
C VAL A 134 3.06 7.23 -3.76
N THR A 135 3.44 7.92 -2.69
CA THR A 135 3.31 9.37 -2.61
C THR A 135 4.49 9.99 -1.88
N THR A 136 4.94 11.17 -2.33
CA THR A 136 6.06 11.84 -1.70
C THR A 136 5.58 12.76 -0.58
N ASN A 137 6.46 13.06 0.36
CA ASN A 137 6.13 13.93 1.48
C ASN A 137 7.36 14.70 1.96
N ARG A 138 7.53 15.91 1.45
CA ARG A 138 8.67 16.74 1.83
C ARG A 138 9.98 16.02 1.53
N GLY A 139 9.99 15.23 0.46
CA GLY A 139 11.18 14.49 0.07
C GLY A 139 11.19 13.09 0.66
N LYS A 140 10.12 12.72 1.36
CA LYS A 140 10.02 11.40 1.98
C LYS A 140 9.13 10.50 1.12
N LEU A 141 9.56 9.25 0.95
CA LEU A 141 8.81 8.27 0.15
C LEU A 141 7.89 7.44 1.05
N ILE A 142 6.57 7.53 0.79
CA ILE A 142 5.59 6.78 1.57
C ILE A 142 4.81 5.84 0.66
N THR A 143 4.78 4.55 1.02
CA THR A 143 4.06 3.56 0.21
C THR A 143 3.07 2.78 1.09
N PHE A 144 1.87 2.56 0.56
CA PHE A 144 0.82 1.84 1.29
C PHE A 144 0.55 0.50 0.60
N ASP A 145 1.16 -0.57 1.12
CA ASP A 145 0.98 -1.91 0.54
C ASP A 145 -0.10 -2.68 1.28
N LEU A 146 -1.22 -2.95 0.60
CA LEU A 146 -2.33 -3.70 1.20
C LEU A 146 -2.53 -5.03 0.48
N SER A 147 -2.83 -6.09 1.25
CA SER A 147 -3.05 -7.42 0.68
C SER A 147 -4.31 -8.03 1.28
N THR A 148 -5.17 -8.58 0.41
CA THR A 148 -6.42 -9.20 0.86
C THR A 148 -6.85 -10.29 -0.13
N ALA A 149 -7.69 -11.20 0.35
CA ALA A 149 -8.17 -12.30 -0.48
C ALA A 149 -8.77 -11.79 -1.79
N GLU A 150 -8.51 -12.52 -2.87
CA GLU A 150 -9.02 -12.16 -4.18
C GLU A 150 -10.52 -12.29 -4.24
N ASP A 151 -11.03 -13.35 -3.62
CA ASP A 151 -12.48 -13.59 -3.62
C ASP A 151 -13.23 -12.46 -2.94
N ARG A 152 -12.62 -11.85 -1.93
CA ARG A 152 -13.25 -10.75 -1.20
C ARG A 152 -12.79 -9.40 -1.73
N TRP A 153 -11.70 -9.39 -2.47
CA TRP A 153 -11.17 -8.15 -3.01
C TRP A 153 -12.26 -7.35 -3.69
N ASP A 154 -13.14 -8.03 -4.42
CA ASP A 154 -14.23 -7.36 -5.11
C ASP A 154 -15.15 -6.63 -4.13
N THR A 155 -15.44 -7.26 -3.00
CA THR A 155 -16.31 -6.67 -2.00
C THR A 155 -15.67 -5.45 -1.33
N VAL A 156 -14.37 -5.54 -1.08
CA VAL A 156 -13.62 -4.44 -0.43
C VAL A 156 -12.64 -3.79 -1.40
N LYS A 157 -12.89 -3.93 -2.70
CA LYS A 157 -12.00 -3.35 -3.70
C LYS A 157 -11.75 -1.87 -3.44
N SER A 158 -12.83 -1.12 -3.23
CA SER A 158 -12.72 0.31 -2.97
C SER A 158 -12.01 0.59 -1.65
N LEU A 159 -12.13 -0.33 -0.70
CA LEU A 159 -11.52 -0.15 0.61
C LEU A 159 -10.02 0.10 0.50
N PHE A 160 -9.35 -0.68 -0.35
CA PHE A 160 -7.90 -0.52 -0.51
C PHE A 160 -7.58 0.86 -1.07
N ASP A 161 -8.25 1.21 -2.15
CA ASP A 161 -8.05 2.49 -2.79
C ASP A 161 -8.45 3.64 -1.87
N THR A 162 -9.56 3.45 -1.17
CA THR A 162 -10.05 4.47 -0.25
C THR A 162 -9.10 4.65 0.93
N VAL A 163 -8.72 3.53 1.55
CA VAL A 163 -7.81 3.59 2.69
C VAL A 163 -6.46 4.18 2.27
N ALA A 164 -5.95 3.75 1.13
CA ALA A 164 -4.68 4.25 0.63
C ALA A 164 -4.77 5.74 0.34
N SER A 165 -5.89 6.16 -0.25
CA SER A 165 -6.10 7.57 -0.57
C SER A 165 -6.52 8.35 0.66
N SER A 166 -7.14 7.66 1.63
CA SER A 166 -7.60 8.30 2.85
C SER A 166 -6.42 8.88 3.64
N PHE A 167 -5.26 8.25 3.53
CA PHE A 167 -4.09 8.72 4.26
C PHE A 167 -3.80 10.17 3.91
N HIS A 168 -3.07 10.84 4.80
CA HIS A 168 -2.71 12.25 4.62
C HIS A 168 -1.24 12.44 5.00
N VAL A 169 -0.56 13.34 4.30
CA VAL A 169 0.85 13.62 4.58
C VAL A 169 1.05 15.09 4.90
N TYR A 170 2.02 15.38 5.75
CA TYR A 170 2.30 16.75 6.16
C TYR A 170 3.57 16.82 7.00
N GLY A 1 -23.63 0.64 -9.12
CA GLY A 1 -24.57 1.80 -9.06
C GLY A 1 -25.39 1.73 -7.79
N PRO A 2 -26.37 0.85 -7.77
CA PRO A 2 -27.26 0.68 -6.57
C PRO A 2 -26.47 0.22 -5.34
N LEU A 3 -25.30 -0.38 -5.57
CA LEU A 3 -24.47 -0.85 -4.48
C LEU A 3 -24.08 0.30 -3.57
N GLY A 4 -23.87 1.48 -4.15
CA GLY A 4 -23.49 2.66 -3.38
C GLY A 4 -22.00 2.67 -3.11
N SER A 5 -21.56 3.58 -2.23
CA SER A 5 -20.15 3.69 -1.88
C SER A 5 -19.99 4.16 -0.43
N CYS A 6 -21.05 4.01 0.34
CA CYS A 6 -21.03 4.42 1.74
C CYS A 6 -20.49 3.29 2.62
N GLY A 7 -19.42 3.58 3.37
CA GLY A 7 -18.82 2.59 4.25
C GLY A 7 -17.87 3.25 5.24
N GLY A 8 -17.25 2.43 6.09
CA GLY A 8 -16.32 2.94 7.09
C GLY A 8 -17.05 3.31 8.38
N VAL A 9 -18.36 3.06 8.40
CA VAL A 9 -19.19 3.37 9.57
C VAL A 9 -19.86 2.11 10.10
N GLY A 10 -19.84 1.95 11.42
CA GLY A 10 -20.46 0.79 12.05
C GLY A 10 -20.35 0.87 13.56
N ILE A 11 -20.76 -0.20 14.24
CA ILE A 11 -20.69 -0.23 15.70
C ILE A 11 -19.32 -0.71 16.15
N ALA A 12 -18.35 0.19 16.14
CA ALA A 12 -16.99 -0.16 16.54
C ALA A 12 -16.12 1.09 16.62
N SER A 13 -14.95 0.94 17.24
CA SER A 13 -14.01 2.05 17.40
C SER A 13 -12.81 1.84 16.48
N LEU A 14 -12.15 2.93 16.10
CA LEU A 14 -10.99 2.87 15.21
C LEU A 14 -9.81 3.61 15.81
N GLN A 15 -8.60 3.17 15.44
CA GLN A 15 -7.36 3.78 15.94
C GLN A 15 -6.72 4.61 14.83
N ARG A 16 -6.07 5.71 15.21
CA ARG A 16 -5.40 6.58 14.26
C ARG A 16 -3.90 6.62 14.55
N TYR A 17 -3.08 6.41 13.52
CA TYR A 17 -1.63 6.41 13.68
C TYR A 17 -1.01 7.58 12.92
N SER A 18 -0.08 8.28 13.57
CA SER A 18 0.59 9.43 12.94
C SER A 18 2.04 9.53 13.40
N ASP A 19 2.88 10.12 12.55
CA ASP A 19 4.31 10.29 12.86
C ASP A 19 4.80 11.63 12.32
N THR A 20 5.28 12.49 13.21
CA THR A 20 5.79 13.79 12.81
C THR A 20 7.09 13.63 12.02
N LYS A 21 7.88 12.62 12.40
CA LYS A 21 9.15 12.37 11.73
C LYS A 21 8.94 12.01 10.26
N ASP A 22 8.02 11.08 10.00
CA ASP A 22 7.73 10.65 8.64
C ASP A 22 6.73 11.60 7.97
N GLY A 23 5.99 12.33 8.78
CA GLY A 23 5.01 13.28 8.26
C GLY A 23 3.86 12.56 7.55
N TYR A 24 3.37 11.46 8.13
CA TYR A 24 2.26 10.72 7.52
C TYR A 24 1.34 10.16 8.61
N GLU A 25 0.05 10.05 8.28
CA GLU A 25 -0.93 9.53 9.24
C GLU A 25 -2.12 8.90 8.52
N PHE A 26 -2.66 7.83 9.11
CA PHE A 26 -3.81 7.15 8.52
C PHE A 26 -4.67 6.49 9.58
N LEU A 27 -5.93 6.22 9.25
CA LEU A 27 -6.88 5.58 10.17
C LEU A 27 -7.07 4.12 9.76
N TYR A 28 -7.04 3.21 10.75
CA TYR A 28 -7.20 1.77 10.45
C TYR A 28 -8.15 1.11 11.48
N PRO A 29 -8.97 0.16 11.07
CA PRO A 29 -9.89 -0.53 12.02
C PRO A 29 -9.18 -0.97 13.31
N ASN A 30 -9.92 -1.04 14.40
CA ASN A 30 -9.36 -1.44 15.69
C ASN A 30 -9.25 -2.96 15.75
N GLY A 31 -8.41 -3.45 16.66
CA GLY A 31 -8.20 -4.89 16.82
C GLY A 31 -6.98 -5.35 16.03
N TRP A 32 -6.28 -4.38 15.43
CA TRP A 32 -5.09 -4.67 14.65
C TRP A 32 -3.84 -4.59 15.52
N ILE A 33 -2.84 -5.41 15.20
CA ILE A 33 -1.59 -5.42 15.95
C ILE A 33 -0.43 -5.02 15.06
N GLY A 34 0.53 -4.30 15.63
CA GLY A 34 1.70 -3.85 14.89
C GLY A 34 2.91 -4.73 15.20
N VAL A 35 3.62 -5.15 14.17
CA VAL A 35 4.79 -6.00 14.34
C VAL A 35 6.07 -5.22 14.06
N ASP A 36 7.05 -5.34 14.94
CA ASP A 36 8.32 -4.64 14.78
C ASP A 36 9.25 -5.45 13.88
N VAL A 37 9.72 -4.81 12.82
CA VAL A 37 10.63 -5.47 11.87
C VAL A 37 11.81 -4.56 11.56
N LYS A 38 12.57 -4.21 12.58
CA LYS A 38 13.74 -3.36 12.40
C LYS A 38 14.89 -4.17 11.82
N GLY A 39 15.56 -3.60 10.83
CA GLY A 39 16.68 -4.28 10.19
C GLY A 39 16.20 -5.12 9.01
N ALA A 40 14.90 -5.03 8.73
CA ALA A 40 14.30 -5.78 7.64
C ALA A 40 14.58 -5.09 6.31
N SER A 41 13.84 -5.48 5.27
CA SER A 41 14.03 -4.89 3.95
C SER A 41 14.14 -3.37 4.05
N PRO A 42 14.80 -2.74 3.11
CA PRO A 42 14.98 -1.26 3.10
C PRO A 42 13.66 -0.53 2.89
N GLY A 43 13.39 0.45 3.74
CA GLY A 43 12.16 1.25 3.65
C GLY A 43 11.09 0.71 4.59
N VAL A 44 11.19 -0.58 4.94
CA VAL A 44 10.22 -1.19 5.84
C VAL A 44 10.34 -0.62 7.25
N ASP A 45 9.22 -0.17 7.82
CA ASP A 45 9.23 0.41 9.17
C ASP A 45 8.34 -0.40 10.12
N VAL A 46 7.05 -0.53 9.78
CA VAL A 46 6.12 -1.26 10.63
C VAL A 46 5.10 -2.04 9.79
N VAL A 47 4.76 -3.24 10.25
CA VAL A 47 3.79 -4.09 9.55
C VAL A 47 2.54 -4.27 10.40
N PHE A 48 1.37 -4.11 9.80
CA PHE A 48 0.10 -4.26 10.50
C PHE A 48 -0.66 -5.49 9.99
N ARG A 49 -1.21 -6.26 10.92
CA ARG A 49 -1.98 -7.47 10.56
C ARG A 49 -3.35 -7.45 11.24
N ASP A 50 -4.37 -7.85 10.49
CA ASP A 50 -5.73 -7.87 11.03
C ASP A 50 -6.02 -9.22 11.69
N LEU A 51 -6.30 -9.19 13.00
CA LEU A 51 -6.59 -10.42 13.73
C LEU A 51 -7.90 -11.03 13.25
N ILE A 52 -8.87 -10.19 12.93
CA ILE A 52 -10.17 -10.66 12.45
C ILE A 52 -10.01 -11.47 11.18
N GLU A 53 -9.16 -10.97 10.27
CA GLU A 53 -8.92 -11.66 9.00
C GLU A 53 -7.44 -11.98 8.82
N ARG A 54 -7.08 -13.23 9.11
CA ARG A 54 -5.69 -13.65 8.98
C ARG A 54 -5.23 -13.54 7.54
N ASP A 55 -6.14 -13.86 6.61
CA ASP A 55 -5.82 -13.78 5.19
C ASP A 55 -5.40 -12.38 4.79
N GLU A 56 -6.02 -11.38 5.44
CA GLU A 56 -5.70 -9.98 5.14
C GLU A 56 -4.43 -9.54 5.88
N ASN A 57 -3.52 -8.92 5.14
CA ASN A 57 -2.27 -8.43 5.72
C ASN A 57 -1.92 -7.07 5.13
N LEU A 58 -1.43 -6.17 5.98
CA LEU A 58 -1.06 -4.82 5.54
C LEU A 58 0.37 -4.51 5.97
N SER A 59 1.16 -3.94 5.05
CA SER A 59 2.55 -3.60 5.34
C SER A 59 2.81 -2.15 4.99
N VAL A 60 3.57 -1.45 5.84
CA VAL A 60 3.90 -0.04 5.59
C VAL A 60 5.39 0.13 5.38
N ILE A 61 5.75 0.77 4.26
CA ILE A 61 7.16 1.00 3.92
C ILE A 61 7.42 2.48 3.70
N ILE A 62 8.31 3.05 4.52
CA ILE A 62 8.66 4.47 4.41
C ILE A 62 10.12 4.64 4.03
N SER A 63 10.38 5.47 3.03
CA SER A 63 11.75 5.72 2.56
C SER A 63 11.90 7.16 2.11
N GLU A 64 13.15 7.60 1.93
CA GLU A 64 13.43 8.97 1.48
C GLU A 64 13.85 8.96 0.02
N ILE A 65 13.34 9.92 -0.74
CA ILE A 65 13.66 10.01 -2.17
C ILE A 65 14.85 10.94 -2.40
N PRO A 66 15.65 10.70 -3.41
CA PRO A 66 16.81 11.58 -3.72
C PRO A 66 16.43 13.05 -3.64
N SER A 67 17.28 13.83 -2.99
CA SER A 67 17.04 15.25 -2.86
C SER A 67 17.10 15.93 -4.23
N ASP A 68 17.84 15.32 -5.15
CA ASP A 68 18.00 15.87 -6.49
C ASP A 68 16.88 15.47 -7.44
N LYS A 69 16.16 14.38 -7.12
CA LYS A 69 15.08 13.90 -7.98
C LYS A 69 13.79 13.66 -7.20
N THR A 70 12.67 13.67 -7.92
CA THR A 70 11.35 13.45 -7.33
C THR A 70 10.66 12.27 -7.99
N LEU A 71 9.48 11.92 -7.48
CA LEU A 71 8.71 10.80 -8.01
C LEU A 71 8.52 10.94 -9.53
N THR A 72 8.17 12.14 -9.98
CA THR A 72 7.94 12.37 -11.39
C THR A 72 9.24 12.22 -12.18
N ASP A 73 10.31 12.82 -11.69
CA ASP A 73 11.60 12.74 -12.36
C ASP A 73 12.14 11.32 -12.34
N LEU A 74 11.88 10.60 -11.24
CA LEU A 74 12.35 9.23 -11.11
C LEU A 74 11.88 8.36 -12.27
N GLY A 75 10.61 8.52 -12.65
CA GLY A 75 10.07 7.74 -13.76
C GLY A 75 8.59 8.05 -13.97
N THR A 76 8.01 7.40 -14.98
CA THR A 76 6.59 7.59 -15.29
C THR A 76 5.77 6.51 -14.59
N ALA A 77 4.45 6.64 -14.66
CA ALA A 77 3.59 5.65 -14.03
C ALA A 77 3.90 4.25 -14.54
N THR A 78 4.13 4.14 -15.86
CA THR A 78 4.45 2.85 -16.46
C THR A 78 5.87 2.42 -16.09
N ASP A 79 6.81 3.35 -16.21
CA ASP A 79 8.21 3.05 -15.89
C ASP A 79 8.35 2.66 -14.43
N VAL A 80 7.80 3.48 -13.55
CA VAL A 80 7.86 3.21 -12.12
C VAL A 80 7.12 1.90 -11.83
N GLY A 81 6.02 1.69 -12.52
CA GLY A 81 5.23 0.48 -12.33
C GLY A 81 6.06 -0.76 -12.61
N TYR A 82 6.82 -0.73 -13.69
CA TYR A 82 7.66 -1.86 -14.05
C TYR A 82 8.78 -2.06 -13.02
N ARG A 83 9.40 -0.97 -12.59
CA ARG A 83 10.47 -1.05 -11.61
C ARG A 83 9.96 -1.65 -10.31
N PHE A 84 8.74 -1.28 -9.93
CA PHE A 84 8.15 -1.78 -8.70
C PHE A 84 8.00 -3.30 -8.75
N MET A 85 7.56 -3.81 -9.91
CA MET A 85 7.39 -5.25 -10.07
C MET A 85 8.72 -5.97 -9.84
N LYS A 86 9.79 -5.41 -10.41
CA LYS A 86 11.11 -5.99 -10.25
C LYS A 86 11.55 -5.95 -8.79
N THR A 87 11.22 -4.86 -8.11
CA THR A 87 11.58 -4.69 -6.71
C THR A 87 11.00 -5.82 -5.86
N VAL A 88 9.71 -6.11 -6.05
CA VAL A 88 9.06 -7.16 -5.30
C VAL A 88 9.53 -8.53 -5.78
N ASN A 89 9.56 -8.70 -7.10
CA ASN A 89 9.98 -9.96 -7.69
C ASN A 89 11.42 -10.29 -7.32
N ASP A 90 12.23 -9.26 -7.11
CA ASP A 90 13.64 -9.48 -6.76
C ASP A 90 13.80 -10.59 -5.72
N ALA A 91 12.88 -10.63 -4.76
CA ALA A 91 12.93 -11.64 -3.71
C ALA A 91 12.03 -12.84 -4.03
N SER A 92 10.85 -12.56 -4.58
CA SER A 92 9.88 -13.60 -4.90
C SER A 92 10.13 -14.23 -6.27
N GLN A 93 11.13 -13.74 -6.99
CA GLN A 93 11.43 -14.26 -8.32
C GLN A 93 11.72 -15.76 -8.28
N GLY A 94 11.68 -16.36 -7.09
CA GLY A 94 11.97 -17.79 -6.97
C GLY A 94 10.83 -18.65 -7.51
N ASP A 95 9.67 -18.57 -6.86
CA ASP A 95 8.51 -19.37 -7.28
C ASP A 95 7.34 -18.49 -7.69
N ARG A 96 7.07 -17.46 -6.89
CA ARG A 96 5.96 -16.55 -7.17
C ARG A 96 6.37 -15.44 -8.12
N GLN A 97 5.43 -15.04 -8.98
CA GLN A 97 5.68 -13.96 -9.95
C GLN A 97 4.64 -12.86 -9.78
N ALA A 98 5.05 -11.61 -9.96
CA ALA A 98 4.14 -10.47 -9.83
C ALA A 98 3.67 -10.01 -11.21
N GLU A 99 2.36 -9.81 -11.35
CA GLU A 99 1.79 -9.37 -12.62
C GLU A 99 1.20 -7.98 -12.47
N LEU A 100 1.58 -7.08 -13.36
CA LEU A 100 1.09 -5.71 -13.31
C LEU A 100 -0.29 -5.61 -13.96
N ILE A 101 -1.31 -5.38 -13.13
CA ILE A 101 -2.67 -5.24 -13.64
C ILE A 101 -2.84 -3.90 -14.34
N ASN A 102 -2.49 -2.82 -13.63
CA ASN A 102 -2.61 -1.48 -14.19
C ASN A 102 -1.75 -0.49 -13.42
N ALA A 103 -1.73 0.75 -13.91
CA ALA A 103 -0.96 1.81 -13.26
C ALA A 103 -1.51 3.17 -13.65
N GLU A 104 -1.81 4.00 -12.64
CA GLU A 104 -2.36 5.34 -12.88
C GLU A 104 -1.78 6.35 -11.90
N ALA A 105 -1.84 7.63 -12.25
CA ALA A 105 -1.33 8.69 -11.39
C ALA A 105 -2.25 9.90 -11.41
N ARG A 106 -2.32 10.61 -10.28
CA ARG A 106 -3.17 11.79 -10.16
C ARG A 106 -2.40 12.95 -9.52
N ASP A 107 -2.71 14.18 -9.95
CA ASP A 107 -2.04 15.38 -9.42
C ASP A 107 -3.06 16.31 -8.79
N GLU A 108 -2.96 16.51 -7.47
CA GLU A 108 -3.88 17.39 -6.75
C GLU A 108 -3.15 18.17 -5.67
N ASP A 109 -3.58 19.41 -5.46
CA ASP A 109 -2.99 20.27 -4.44
C ASP A 109 -1.47 20.31 -4.57
N GLY A 110 -0.97 20.26 -5.80
CA GLY A 110 0.46 20.32 -6.05
C GLY A 110 1.13 18.99 -5.68
N GLN A 111 0.33 18.03 -5.20
CA GLN A 111 0.85 16.73 -4.82
C GLN A 111 0.55 15.71 -5.91
N VAL A 112 1.47 14.75 -6.07
CA VAL A 112 1.30 13.70 -7.07
C VAL A 112 1.13 12.34 -6.39
N TYR A 113 0.09 11.61 -6.79
CA TYR A 113 -0.19 10.29 -6.22
C TYR A 113 -0.12 9.23 -7.31
N TYR A 114 0.74 8.24 -7.11
CA TYR A 114 0.89 7.15 -8.09
C TYR A 114 0.21 5.89 -7.56
N THR A 115 -0.60 5.26 -8.41
CA THR A 115 -1.31 4.04 -8.04
C THR A 115 -0.77 2.86 -8.82
N LEU A 116 -0.49 1.76 -8.12
CA LEU A 116 0.04 0.55 -8.76
C LEU A 116 -0.81 -0.66 -8.37
N GLU A 117 -1.55 -1.21 -9.34
CA GLU A 117 -2.39 -2.37 -9.09
C GLU A 117 -1.72 -3.61 -9.69
N TYR A 118 -1.47 -4.62 -8.85
CA TYR A 118 -0.83 -5.85 -9.30
C TYR A 118 -1.34 -7.05 -8.51
N ARG A 119 -1.00 -8.26 -8.95
CA ARG A 119 -1.45 -9.48 -8.25
C ARG A 119 -0.33 -10.50 -8.16
N VAL A 120 -0.47 -11.45 -7.25
CA VAL A 120 0.53 -12.50 -7.04
C VAL A 120 -0.01 -13.83 -7.56
N LEU A 121 0.82 -14.55 -8.33
CA LEU A 121 0.40 -15.84 -8.88
C LEU A 121 1.50 -16.89 -8.74
N VAL A 122 1.10 -18.09 -8.32
CA VAL A 122 2.02 -19.20 -8.17
C VAL A 122 1.89 -20.14 -9.36
N GLY A 123 2.99 -20.45 -10.01
CA GLY A 123 2.94 -21.32 -11.18
C GLY A 123 2.05 -20.67 -12.25
N ASP A 124 0.96 -21.35 -12.60
CA ASP A 124 0.03 -20.83 -13.62
C ASP A 124 -1.29 -20.41 -12.97
N ASN A 125 -1.33 -20.38 -11.63
CA ASN A 125 -2.55 -20.00 -10.91
C ASN A 125 -2.36 -18.71 -10.12
N VAL A 126 -3.41 -17.89 -10.06
CA VAL A 126 -3.37 -16.62 -9.33
C VAL A 126 -3.51 -16.87 -7.84
N GLU A 127 -2.60 -16.29 -7.05
CA GLU A 127 -2.63 -16.44 -5.60
C GLU A 127 -3.61 -15.45 -4.98
N ARG A 128 -3.41 -14.17 -5.29
CA ARG A 128 -4.28 -13.13 -4.75
C ARG A 128 -4.02 -11.78 -5.41
N HIS A 129 -4.85 -10.80 -5.10
CA HIS A 129 -4.72 -9.45 -5.65
C HIS A 129 -4.15 -8.51 -4.60
N ASP A 130 -3.30 -7.57 -5.02
CA ASP A 130 -2.69 -6.61 -4.09
C ASP A 130 -2.63 -5.23 -4.73
N LEU A 131 -2.69 -4.21 -3.88
CA LEU A 131 -2.62 -2.81 -4.32
C LEU A 131 -1.51 -2.08 -3.60
N ALA A 132 -0.73 -1.28 -4.34
CA ALA A 132 0.36 -0.51 -3.76
C ALA A 132 0.32 0.93 -4.28
N SER A 133 0.17 1.89 -3.37
CA SER A 133 0.11 3.30 -3.75
C SER A 133 1.42 3.99 -3.38
N VAL A 134 1.91 4.85 -4.27
CA VAL A 134 3.17 5.56 -4.03
C VAL A 134 2.96 7.08 -4.10
N THR A 135 3.44 7.78 -3.07
CA THR A 135 3.32 9.24 -3.02
C THR A 135 4.52 9.84 -2.29
N THR A 136 4.87 11.07 -2.64
CA THR A 136 6.00 11.76 -2.01
C THR A 136 5.53 13.04 -1.33
N ASN A 137 6.24 13.45 -0.29
CA ASN A 137 5.89 14.65 0.45
C ASN A 137 7.10 15.17 1.23
N ARG A 138 7.54 16.39 0.90
CA ARG A 138 8.67 16.99 1.58
C ARG A 138 9.92 16.12 1.41
N GLY A 139 9.97 15.37 0.31
CA GLY A 139 11.11 14.50 0.03
C GLY A 139 10.98 13.17 0.77
N LYS A 140 9.81 12.91 1.36
CA LYS A 140 9.57 11.66 2.09
C LYS A 140 8.79 10.70 1.22
N LEU A 141 9.31 9.48 1.06
CA LEU A 141 8.64 8.47 0.25
C LEU A 141 7.67 7.66 1.11
N ILE A 142 6.39 7.67 0.73
CA ILE A 142 5.36 6.92 1.46
C ILE A 142 4.71 5.88 0.56
N THR A 143 4.67 4.63 1.03
CA THR A 143 4.07 3.54 0.25
C THR A 143 3.08 2.76 1.10
N PHE A 144 1.91 2.46 0.53
CA PHE A 144 0.87 1.72 1.24
C PHE A 144 0.64 0.36 0.55
N ASP A 145 1.16 -0.72 1.15
CA ASP A 145 0.99 -2.06 0.58
C ASP A 145 -0.13 -2.80 1.30
N LEU A 146 -1.24 -3.02 0.60
CA LEU A 146 -2.39 -3.73 1.17
C LEU A 146 -2.63 -5.04 0.45
N SER A 147 -2.88 -6.10 1.20
CA SER A 147 -3.13 -7.43 0.62
C SER A 147 -4.44 -8.01 1.15
N THR A 148 -5.26 -8.54 0.25
CA THR A 148 -6.53 -9.14 0.63
C THR A 148 -6.94 -10.23 -0.37
N ALA A 149 -7.77 -11.17 0.10
CA ALA A 149 -8.21 -12.27 -0.75
C ALA A 149 -8.92 -11.76 -2.00
N GLU A 150 -8.72 -12.48 -3.11
CA GLU A 150 -9.33 -12.11 -4.39
C GLU A 150 -10.84 -12.36 -4.37
N ASP A 151 -11.26 -13.35 -3.59
CA ASP A 151 -12.66 -13.70 -3.49
C ASP A 151 -13.51 -12.54 -2.97
N ARG A 152 -12.95 -11.72 -2.08
CA ARG A 152 -13.68 -10.59 -1.51
C ARG A 152 -13.12 -9.24 -1.98
N TRP A 153 -12.02 -9.28 -2.72
CA TRP A 153 -11.40 -8.05 -3.20
C TRP A 153 -12.45 -7.15 -3.86
N ASP A 154 -13.37 -7.74 -4.60
CA ASP A 154 -14.41 -6.99 -5.27
C ASP A 154 -15.29 -6.26 -4.26
N THR A 155 -15.64 -6.95 -3.17
CA THR A 155 -16.49 -6.37 -2.14
C THR A 155 -15.81 -5.19 -1.43
N VAL A 156 -14.51 -5.34 -1.18
CA VAL A 156 -13.74 -4.29 -0.49
C VAL A 156 -12.78 -3.59 -1.45
N LYS A 157 -13.06 -3.68 -2.74
CA LYS A 157 -12.20 -3.06 -3.74
C LYS A 157 -11.92 -1.58 -3.41
N SER A 158 -12.98 -0.83 -3.15
CA SER A 158 -12.84 0.58 -2.82
C SER A 158 -12.07 0.80 -1.51
N LEU A 159 -12.20 -0.15 -0.59
CA LEU A 159 -11.54 -0.03 0.70
C LEU A 159 -10.04 0.18 0.54
N PHE A 160 -9.42 -0.57 -0.35
CA PHE A 160 -7.98 -0.44 -0.56
C PHE A 160 -7.64 0.96 -1.03
N ASP A 161 -8.36 1.42 -2.04
CA ASP A 161 -8.14 2.75 -2.58
C ASP A 161 -8.48 3.81 -1.54
N THR A 162 -9.55 3.56 -0.78
CA THR A 162 -9.98 4.51 0.24
C THR A 162 -8.94 4.64 1.36
N VAL A 163 -8.48 3.51 1.88
CA VAL A 163 -7.49 3.53 2.95
C VAL A 163 -6.20 4.21 2.49
N ALA A 164 -5.74 3.86 1.30
CA ALA A 164 -4.53 4.45 0.76
C ALA A 164 -4.73 5.95 0.52
N SER A 165 -5.90 6.30 -0.02
CA SER A 165 -6.22 7.69 -0.30
C SER A 165 -6.53 8.46 0.99
N SER A 166 -7.10 7.76 1.96
CA SER A 166 -7.46 8.38 3.23
C SER A 166 -6.23 8.91 3.96
N PHE A 167 -5.07 8.34 3.67
CA PHE A 167 -3.85 8.78 4.32
C PHE A 167 -3.62 10.27 4.09
N HIS A 168 -2.87 10.90 5.00
CA HIS A 168 -2.56 12.33 4.91
C HIS A 168 -1.09 12.55 5.20
N VAL A 169 -0.54 13.66 4.72
CA VAL A 169 0.87 13.98 4.94
C VAL A 169 1.03 15.37 5.54
N TYR A 170 2.12 15.55 6.31
CA TYR A 170 2.38 16.84 6.93
C TYR A 170 3.75 16.83 7.59
N GLY A 1 -21.40 -28.92 12.47
CA GLY A 1 -22.69 -28.61 11.78
C GLY A 1 -22.96 -27.11 11.87
N PRO A 2 -22.01 -26.30 11.49
CA PRO A 2 -22.15 -24.81 11.53
C PRO A 2 -23.24 -24.30 10.58
N LEU A 3 -23.90 -23.22 10.97
CA LEU A 3 -24.97 -22.63 10.15
C LEU A 3 -24.75 -21.12 10.01
N GLY A 4 -25.54 -20.50 9.13
CA GLY A 4 -25.42 -19.06 8.91
C GLY A 4 -26.23 -18.28 9.95
N SER A 5 -26.24 -16.96 9.83
CA SER A 5 -26.97 -16.11 10.76
C SER A 5 -27.62 -14.94 10.04
N CYS A 6 -28.69 -14.39 10.62
CA CYS A 6 -29.38 -13.27 10.02
C CYS A 6 -28.48 -12.06 9.93
N GLY A 7 -27.62 -11.88 10.93
CA GLY A 7 -26.71 -10.75 10.93
C GLY A 7 -25.82 -10.77 12.17
N GLY A 8 -25.06 -9.70 12.36
CA GLY A 8 -24.17 -9.60 13.51
C GLY A 8 -23.89 -8.14 13.87
N VAL A 9 -22.62 -7.77 13.90
CA VAL A 9 -22.23 -6.40 14.23
C VAL A 9 -21.23 -5.87 13.20
N GLY A 10 -21.34 -4.58 12.87
CA GLY A 10 -20.45 -3.98 11.89
C GLY A 10 -19.10 -3.65 12.53
N ILE A 11 -18.98 -2.41 13.04
CA ILE A 11 -17.74 -1.96 13.68
C ILE A 11 -18.02 -1.37 15.06
N ALA A 12 -16.95 -1.16 15.81
CA ALA A 12 -17.05 -0.59 17.16
C ALA A 12 -16.40 0.79 17.20
N SER A 13 -15.09 0.80 17.45
CA SER A 13 -14.33 2.06 17.52
C SER A 13 -13.17 2.04 16.53
N LEU A 14 -12.88 3.21 15.94
CA LEU A 14 -11.78 3.33 14.98
C LEU A 14 -10.55 3.94 15.64
N GLN A 15 -9.37 3.48 15.23
CA GLN A 15 -8.12 3.99 15.78
C GLN A 15 -7.39 4.84 14.76
N ARG A 16 -6.55 5.76 15.25
CA ARG A 16 -5.80 6.65 14.37
C ARG A 16 -4.30 6.58 14.70
N TYR A 17 -3.47 6.67 13.67
CA TYR A 17 -2.01 6.62 13.85
C TYR A 17 -1.36 7.78 13.12
N SER A 18 -0.35 8.38 13.74
CA SER A 18 0.36 9.51 13.14
C SER A 18 1.82 9.54 13.58
N ASP A 19 2.69 10.02 12.71
CA ASP A 19 4.12 10.10 13.01
C ASP A 19 4.69 11.43 12.53
N THR A 20 5.25 12.20 13.46
CA THR A 20 5.84 13.49 13.11
C THR A 20 7.12 13.29 12.31
N LYS A 21 7.85 12.21 12.62
CA LYS A 21 9.09 11.93 11.93
C LYS A 21 8.86 11.69 10.44
N ASP A 22 7.87 10.86 10.11
CA ASP A 22 7.55 10.56 8.72
C ASP A 22 6.54 11.56 8.17
N GLY A 23 5.82 12.22 9.07
CA GLY A 23 4.83 13.22 8.66
C GLY A 23 3.67 12.56 7.92
N TYR A 24 3.20 11.42 8.42
CA TYR A 24 2.07 10.72 7.79
C TYR A 24 1.15 10.12 8.83
N GLU A 25 -0.13 10.01 8.49
CA GLU A 25 -1.12 9.44 9.41
C GLU A 25 -2.25 8.75 8.64
N PHE A 26 -2.80 7.68 9.21
CA PHE A 26 -3.87 6.94 8.57
C PHE A 26 -4.85 6.37 9.60
N LEU A 27 -6.09 6.15 9.17
CA LEU A 27 -7.13 5.59 10.05
C LEU A 27 -7.25 4.08 9.83
N TYR A 28 -7.47 3.34 10.91
CA TYR A 28 -7.62 1.89 10.81
C TYR A 28 -8.52 1.36 11.94
N PRO A 29 -9.29 0.33 11.70
CA PRO A 29 -10.20 -0.25 12.75
C PRO A 29 -9.43 -0.96 13.86
N ASN A 30 -10.09 -1.13 15.01
CA ASN A 30 -9.48 -1.79 16.16
C ASN A 30 -9.30 -3.28 15.89
N GLY A 31 -8.41 -3.92 16.65
CA GLY A 31 -8.14 -5.34 16.50
C GLY A 31 -6.87 -5.59 15.68
N TRP A 32 -6.22 -4.50 15.26
CA TRP A 32 -4.98 -4.61 14.48
C TRP A 32 -3.78 -4.60 15.42
N ILE A 33 -2.78 -5.42 15.09
CA ILE A 33 -1.56 -5.51 15.90
C ILE A 33 -0.36 -5.03 15.10
N GLY A 34 0.40 -4.10 15.68
CA GLY A 34 1.59 -3.56 15.02
C GLY A 34 2.85 -4.24 15.53
N VAL A 35 3.75 -4.58 14.62
CA VAL A 35 5.00 -5.25 14.99
C VAL A 35 6.20 -4.51 14.39
N ASP A 36 7.29 -4.43 15.16
CA ASP A 36 8.50 -3.75 14.70
C ASP A 36 9.40 -4.72 13.95
N VAL A 37 9.70 -4.36 12.71
CA VAL A 37 10.55 -5.18 11.86
C VAL A 37 11.78 -4.40 11.39
N LYS A 38 12.25 -3.50 12.25
CA LYS A 38 13.41 -2.69 11.92
C LYS A 38 14.56 -3.56 11.43
N GLY A 39 15.22 -3.10 10.38
CA GLY A 39 16.35 -3.84 9.81
C GLY A 39 15.87 -4.79 8.71
N ALA A 40 14.58 -4.74 8.42
CA ALA A 40 13.99 -5.59 7.39
C ALA A 40 14.28 -5.03 6.00
N SER A 41 13.55 -5.51 5.01
CA SER A 41 13.75 -5.06 3.63
C SER A 41 13.84 -3.52 3.60
N PRO A 42 14.77 -2.95 2.84
CA PRO A 42 14.90 -1.46 2.76
C PRO A 42 13.55 -0.75 2.61
N GLY A 43 13.32 0.26 3.44
CA GLY A 43 12.08 1.04 3.39
C GLY A 43 11.06 0.53 4.40
N VAL A 44 11.08 -0.78 4.64
CA VAL A 44 10.14 -1.37 5.58
C VAL A 44 10.36 -0.81 6.98
N ASP A 45 9.30 -0.27 7.59
CA ASP A 45 9.40 0.31 8.94
C ASP A 45 8.48 -0.41 9.93
N VAL A 46 7.18 -0.43 9.63
CA VAL A 46 6.20 -1.07 10.51
C VAL A 46 5.21 -1.91 9.71
N VAL A 47 4.83 -3.06 10.26
CA VAL A 47 3.88 -3.97 9.62
C VAL A 47 2.64 -4.15 10.48
N PHE A 48 1.46 -4.03 9.84
CA PHE A 48 0.18 -4.19 10.56
C PHE A 48 -0.53 -5.44 10.08
N ARG A 49 -1.03 -6.23 11.03
CA ARG A 49 -1.75 -7.47 10.69
C ARG A 49 -3.13 -7.48 11.34
N ASP A 50 -4.11 -7.98 10.61
CA ASP A 50 -5.48 -8.04 11.12
C ASP A 50 -5.71 -9.33 11.89
N LEU A 51 -6.03 -9.21 13.18
CA LEU A 51 -6.27 -10.39 14.01
C LEU A 51 -7.55 -11.10 13.57
N ILE A 52 -8.57 -10.32 13.23
CA ILE A 52 -9.85 -10.89 12.80
C ILE A 52 -9.68 -11.70 11.52
N GLU A 53 -8.92 -11.16 10.57
CA GLU A 53 -8.67 -11.84 9.30
C GLU A 53 -7.20 -12.16 9.14
N ARG A 54 -6.90 -13.45 8.98
CA ARG A 54 -5.52 -13.89 8.81
C ARG A 54 -5.06 -13.70 7.36
N ASP A 55 -5.98 -13.95 6.42
CA ASP A 55 -5.67 -13.81 5.01
C ASP A 55 -5.31 -12.36 4.67
N GLU A 56 -5.90 -11.42 5.39
CA GLU A 56 -5.64 -10.00 5.15
C GLU A 56 -4.40 -9.54 5.92
N ASN A 57 -3.49 -8.86 5.22
CA ASN A 57 -2.27 -8.35 5.83
C ASN A 57 -1.92 -6.98 5.26
N LEU A 58 -1.48 -6.07 6.12
CA LEU A 58 -1.11 -4.72 5.70
C LEU A 58 0.34 -4.41 6.10
N SER A 59 1.09 -3.84 5.17
CA SER A 59 2.50 -3.49 5.43
C SER A 59 2.77 -2.04 5.07
N VAL A 60 3.55 -1.36 5.92
CA VAL A 60 3.89 0.04 5.68
C VAL A 60 5.38 0.17 5.39
N ILE A 61 5.70 0.75 4.24
CA ILE A 61 7.10 0.93 3.83
C ILE A 61 7.37 2.40 3.51
N ILE A 62 8.32 2.99 4.24
CA ILE A 62 8.68 4.41 4.03
C ILE A 62 10.16 4.51 3.67
N SER A 63 10.45 5.28 2.62
CA SER A 63 11.84 5.48 2.17
C SER A 63 12.09 6.94 1.85
N GLU A 64 13.37 7.30 1.73
CA GLU A 64 13.75 8.69 1.42
C GLU A 64 14.17 8.79 -0.04
N ILE A 65 13.69 9.83 -0.73
CA ILE A 65 14.02 10.02 -2.14
C ILE A 65 15.09 11.10 -2.31
N PRO A 66 15.91 11.01 -3.34
CA PRO A 66 16.96 12.04 -3.60
C PRO A 66 16.40 13.44 -3.43
N SER A 67 17.24 14.35 -2.94
CA SER A 67 16.83 15.73 -2.74
C SER A 67 16.87 16.50 -4.06
N ASP A 68 17.53 15.92 -5.06
CA ASP A 68 17.66 16.56 -6.37
C ASP A 68 16.60 16.06 -7.36
N LYS A 69 16.02 14.88 -7.08
CA LYS A 69 15.00 14.30 -7.97
C LYS A 69 13.71 14.01 -7.22
N THR A 70 12.61 13.94 -7.96
CA THR A 70 11.29 13.67 -7.38
C THR A 70 10.66 12.43 -8.03
N LEU A 71 9.48 12.06 -7.55
CA LEU A 71 8.78 10.89 -8.07
C LEU A 71 8.67 10.95 -9.59
N THR A 72 8.29 12.12 -10.12
CA THR A 72 8.14 12.28 -11.56
C THR A 72 9.48 12.10 -12.28
N ASP A 73 10.52 12.72 -11.73
CA ASP A 73 11.85 12.62 -12.33
C ASP A 73 12.38 11.19 -12.26
N LEU A 74 12.10 10.52 -11.15
CA LEU A 74 12.56 9.14 -10.96
C LEU A 74 12.08 8.25 -12.11
N GLY A 75 10.82 8.40 -12.49
CA GLY A 75 10.26 7.61 -13.57
C GLY A 75 8.79 7.92 -13.80
N THR A 76 8.20 7.28 -14.81
CA THR A 76 6.80 7.48 -15.12
C THR A 76 5.97 6.38 -14.47
N ALA A 77 4.65 6.52 -14.51
CA ALA A 77 3.78 5.52 -13.90
C ALA A 77 4.07 4.14 -14.50
N THR A 78 4.27 4.09 -15.81
CA THR A 78 4.56 2.84 -16.48
C THR A 78 5.98 2.37 -16.16
N ASP A 79 6.93 3.29 -16.22
CA ASP A 79 8.33 2.96 -15.93
C ASP A 79 8.47 2.47 -14.50
N VAL A 80 7.95 3.25 -13.55
CA VAL A 80 8.01 2.86 -12.16
C VAL A 80 7.26 1.56 -11.94
N GLY A 81 6.14 1.42 -12.64
CA GLY A 81 5.33 0.22 -12.53
C GLY A 81 6.13 -1.02 -12.89
N TYR A 82 6.87 -0.96 -14.00
CA TYR A 82 7.68 -2.10 -14.45
C TYR A 82 8.84 -2.33 -13.48
N ARG A 83 9.47 -1.25 -13.03
CA ARG A 83 10.60 -1.37 -12.11
C ARG A 83 10.17 -2.00 -10.80
N PHE A 84 9.00 -1.62 -10.32
CA PHE A 84 8.48 -2.15 -9.07
C PHE A 84 8.27 -3.66 -9.15
N MET A 85 7.75 -4.13 -10.29
CA MET A 85 7.52 -5.56 -10.46
C MET A 85 8.82 -6.34 -10.31
N LYS A 86 9.87 -5.85 -10.96
CA LYS A 86 11.16 -6.51 -10.87
C LYS A 86 11.68 -6.47 -9.45
N THR A 87 11.54 -5.32 -8.80
CA THR A 87 11.99 -5.16 -7.43
C THR A 87 11.27 -6.13 -6.50
N VAL A 88 9.95 -6.21 -6.64
CA VAL A 88 9.16 -7.11 -5.80
C VAL A 88 9.39 -8.56 -6.21
N ASN A 89 9.35 -8.81 -7.51
CA ASN A 89 9.54 -10.15 -8.04
C ASN A 89 10.91 -10.71 -7.68
N ASP A 90 11.94 -9.87 -7.74
CA ASP A 90 13.30 -10.31 -7.44
C ASP A 90 13.34 -11.13 -6.16
N ALA A 91 12.52 -10.77 -5.18
CA ALA A 91 12.51 -11.48 -3.90
C ALA A 91 12.06 -12.93 -4.08
N SER A 92 10.98 -13.14 -4.84
CA SER A 92 10.43 -14.49 -5.05
C SER A 92 10.36 -14.87 -6.53
N GLN A 93 11.15 -14.21 -7.37
CA GLN A 93 11.13 -14.48 -8.80
C GLN A 93 11.30 -15.96 -9.09
N GLY A 94 11.99 -16.67 -8.20
CA GLY A 94 12.23 -18.09 -8.40
C GLY A 94 10.99 -18.83 -8.88
N ASP A 95 9.93 -18.83 -8.07
CA ASP A 95 8.69 -19.52 -8.42
C ASP A 95 7.52 -18.55 -8.53
N ARG A 96 7.46 -17.58 -7.61
CA ARG A 96 6.38 -16.60 -7.59
C ARG A 96 6.75 -15.35 -8.38
N GLN A 97 5.75 -14.76 -9.02
CA GLN A 97 5.97 -13.55 -9.82
C GLN A 97 4.79 -12.60 -9.70
N ALA A 98 5.05 -11.30 -9.84
CA ALA A 98 4.00 -10.29 -9.76
C ALA A 98 3.60 -9.80 -11.15
N GLU A 99 2.30 -9.60 -11.34
CA GLU A 99 1.77 -9.12 -12.62
C GLU A 99 1.19 -7.73 -12.45
N LEU A 100 1.58 -6.82 -13.33
CA LEU A 100 1.10 -5.45 -13.26
C LEU A 100 -0.29 -5.35 -13.90
N ILE A 101 -1.30 -5.20 -13.05
CA ILE A 101 -2.68 -5.09 -13.54
C ILE A 101 -2.88 -3.74 -14.21
N ASN A 102 -2.51 -2.67 -13.52
CA ASN A 102 -2.63 -1.33 -14.06
C ASN A 102 -1.73 -0.34 -13.33
N ALA A 103 -1.69 0.89 -13.82
CA ALA A 103 -0.87 1.92 -13.21
C ALA A 103 -1.39 3.31 -13.60
N GLU A 104 -1.73 4.13 -12.62
CA GLU A 104 -2.24 5.47 -12.88
C GLU A 104 -1.71 6.46 -11.84
N ALA A 105 -1.74 7.75 -12.18
CA ALA A 105 -1.26 8.79 -11.28
C ALA A 105 -2.20 10.00 -11.31
N ARG A 106 -2.32 10.69 -10.17
CA ARG A 106 -3.19 11.86 -10.07
C ARG A 106 -2.47 13.01 -9.37
N ASP A 107 -2.71 14.23 -9.85
CA ASP A 107 -2.09 15.43 -9.27
C ASP A 107 -3.14 16.27 -8.55
N GLU A 108 -3.04 16.36 -7.23
CA GLU A 108 -3.99 17.15 -6.44
C GLU A 108 -3.27 17.95 -5.36
N ASP A 109 -3.77 19.15 -5.09
CA ASP A 109 -3.17 20.01 -4.07
C ASP A 109 -1.67 20.16 -4.27
N GLY A 110 -1.23 20.14 -5.52
CA GLY A 110 0.19 20.28 -5.82
C GLY A 110 0.95 18.99 -5.50
N GLN A 111 0.23 17.99 -5.03
CA GLN A 111 0.83 16.69 -4.69
C GLN A 111 0.51 15.67 -5.78
N VAL A 112 1.45 14.75 -5.99
CA VAL A 112 1.29 13.70 -6.99
C VAL A 112 1.18 12.35 -6.32
N TYR A 113 0.14 11.60 -6.67
CA TYR A 113 -0.08 10.27 -6.10
C TYR A 113 -0.02 9.21 -7.21
N TYR A 114 0.85 8.22 -7.04
CA TYR A 114 0.98 7.14 -8.03
C TYR A 114 0.28 5.89 -7.51
N THR A 115 -0.60 5.31 -8.33
CA THR A 115 -1.32 4.10 -7.95
C THR A 115 -0.82 2.91 -8.75
N LEU A 116 -0.35 1.88 -8.04
CA LEU A 116 0.16 0.67 -8.69
C LEU A 116 -0.67 -0.54 -8.27
N GLU A 117 -1.40 -1.09 -9.23
CA GLU A 117 -2.23 -2.27 -8.97
C GLU A 117 -1.57 -3.50 -9.60
N TYR A 118 -1.33 -4.52 -8.78
CA TYR A 118 -0.69 -5.74 -9.25
C TYR A 118 -1.18 -6.94 -8.46
N ARG A 119 -0.85 -8.15 -8.92
CA ARG A 119 -1.26 -9.38 -8.24
C ARG A 119 -0.10 -10.37 -8.16
N VAL A 120 -0.16 -11.27 -7.19
CA VAL A 120 0.89 -12.27 -7.01
C VAL A 120 0.42 -13.62 -7.55
N LEU A 121 1.21 -14.20 -8.44
CA LEU A 121 0.90 -15.50 -9.04
C LEU A 121 1.82 -16.59 -8.49
N VAL A 122 1.22 -17.63 -7.93
CA VAL A 122 1.97 -18.75 -7.38
C VAL A 122 1.60 -20.01 -8.15
N GLY A 123 2.61 -20.75 -8.60
CA GLY A 123 2.35 -21.95 -9.37
C GLY A 123 1.70 -21.60 -10.70
N ASP A 124 0.51 -22.16 -10.95
CA ASP A 124 -0.23 -21.89 -12.19
C ASP A 124 -1.55 -21.19 -11.91
N ASN A 125 -1.65 -20.53 -10.75
CA ASN A 125 -2.89 -19.82 -10.39
C ASN A 125 -2.59 -18.53 -9.64
N VAL A 126 -3.57 -17.63 -9.58
CA VAL A 126 -3.41 -16.37 -8.89
C VAL A 126 -3.59 -16.56 -7.38
N GLU A 127 -2.54 -16.21 -6.63
CA GLU A 127 -2.59 -16.34 -5.18
C GLU A 127 -3.56 -15.30 -4.59
N ARG A 128 -3.35 -14.05 -4.97
CA ARG A 128 -4.22 -12.97 -4.48
C ARG A 128 -3.89 -11.65 -5.17
N HIS A 129 -4.74 -10.64 -4.93
CA HIS A 129 -4.55 -9.32 -5.52
C HIS A 129 -4.03 -8.34 -4.46
N ASP A 130 -3.10 -7.47 -4.87
CA ASP A 130 -2.52 -6.50 -3.95
C ASP A 130 -2.50 -5.11 -4.59
N LEU A 131 -2.59 -4.09 -3.75
CA LEU A 131 -2.58 -2.69 -4.19
C LEU A 131 -1.48 -1.94 -3.47
N ALA A 132 -0.78 -1.08 -4.21
CA ALA A 132 0.31 -0.29 -3.64
C ALA A 132 0.23 1.14 -4.14
N SER A 133 0.03 2.08 -3.22
CA SER A 133 -0.05 3.50 -3.58
C SER A 133 1.25 4.19 -3.19
N VAL A 134 1.87 4.88 -4.15
CA VAL A 134 3.14 5.58 -3.89
C VAL A 134 2.95 7.09 -3.98
N THR A 135 3.41 7.80 -2.94
CA THR A 135 3.31 9.26 -2.90
C THR A 135 4.52 9.85 -2.20
N THR A 136 4.93 11.04 -2.61
CA THR A 136 6.08 11.72 -2.02
C THR A 136 5.63 12.92 -1.19
N ASN A 137 6.31 13.15 -0.08
CA ASN A 137 5.98 14.28 0.80
C ASN A 137 7.21 14.74 1.58
N ARG A 138 7.66 15.95 1.28
CA ARG A 138 8.81 16.53 1.97
C ARG A 138 10.06 15.68 1.72
N GLY A 139 10.14 15.10 0.52
CA GLY A 139 11.28 14.27 0.16
C GLY A 139 11.18 12.87 0.76
N LYS A 140 10.00 12.53 1.30
CA LYS A 140 9.78 11.21 1.90
C LYS A 140 8.86 10.37 1.03
N LEU A 141 9.26 9.13 0.77
CA LEU A 141 8.47 8.22 -0.04
C LEU A 141 7.48 7.48 0.86
N ILE A 142 6.18 7.63 0.57
CA ILE A 142 5.14 6.97 1.36
C ILE A 142 4.51 5.86 0.53
N THR A 143 4.51 4.63 1.04
CA THR A 143 3.94 3.49 0.33
C THR A 143 2.93 2.76 1.20
N PHE A 144 1.76 2.48 0.63
CA PHE A 144 0.69 1.77 1.35
C PHE A 144 0.43 0.41 0.68
N ASP A 145 0.99 -0.66 1.23
CA ASP A 145 0.82 -1.99 0.67
C ASP A 145 -0.28 -2.74 1.41
N LEU A 146 -1.41 -2.98 0.73
CA LEU A 146 -2.53 -3.69 1.33
C LEU A 146 -2.79 -5.01 0.59
N SER A 147 -3.04 -6.07 1.34
CA SER A 147 -3.31 -7.39 0.74
C SER A 147 -4.62 -7.96 1.27
N THR A 148 -5.42 -8.52 0.37
CA THR A 148 -6.70 -9.12 0.73
C THR A 148 -7.08 -10.22 -0.26
N ALA A 149 -7.91 -11.16 0.19
CA ALA A 149 -8.34 -12.27 -0.66
C ALA A 149 -8.96 -11.76 -1.96
N GLU A 150 -8.70 -12.48 -3.04
CA GLU A 150 -9.24 -12.12 -4.35
C GLU A 150 -10.74 -12.37 -4.42
N ASP A 151 -11.20 -13.34 -3.65
CA ASP A 151 -12.62 -13.70 -3.63
C ASP A 151 -13.50 -12.51 -3.23
N ARG A 152 -13.01 -11.66 -2.34
CA ARG A 152 -13.80 -10.51 -1.87
C ARG A 152 -13.17 -9.18 -2.29
N TRP A 153 -12.02 -9.25 -2.94
CA TRP A 153 -11.35 -8.02 -3.37
C TRP A 153 -12.31 -7.10 -4.12
N ASP A 154 -13.17 -7.70 -4.92
CA ASP A 154 -14.15 -6.92 -5.69
C ASP A 154 -15.07 -6.13 -4.76
N THR A 155 -15.52 -6.77 -3.69
CA THR A 155 -16.43 -6.13 -2.75
C THR A 155 -15.76 -4.98 -2.00
N VAL A 156 -14.49 -5.16 -1.64
CA VAL A 156 -13.73 -4.14 -0.91
C VAL A 156 -12.67 -3.48 -1.81
N LYS A 157 -12.86 -3.58 -3.11
CA LYS A 157 -11.90 -3.00 -4.05
C LYS A 157 -11.61 -1.54 -3.72
N SER A 158 -12.67 -0.75 -3.54
CA SER A 158 -12.54 0.66 -3.24
C SER A 158 -11.89 0.87 -1.87
N LEU A 159 -12.10 -0.09 -0.97
CA LEU A 159 -11.57 0.02 0.38
C LEU A 159 -10.05 0.24 0.36
N PHE A 160 -9.36 -0.54 -0.47
CA PHE A 160 -7.90 -0.42 -0.54
C PHE A 160 -7.51 0.97 -1.03
N ASP A 161 -8.13 1.40 -2.12
CA ASP A 161 -7.83 2.72 -2.68
C ASP A 161 -8.25 3.81 -1.70
N THR A 162 -9.37 3.60 -1.02
CA THR A 162 -9.88 4.58 -0.07
C THR A 162 -8.91 4.75 1.11
N VAL A 163 -8.47 3.63 1.68
CA VAL A 163 -7.55 3.70 2.82
C VAL A 163 -6.25 4.39 2.43
N ALA A 164 -5.71 4.02 1.27
CA ALA A 164 -4.47 4.63 0.80
C ALA A 164 -4.67 6.12 0.56
N SER A 165 -5.79 6.46 -0.08
CA SER A 165 -6.11 7.86 -0.38
C SER A 165 -6.50 8.61 0.90
N SER A 166 -7.13 7.90 1.83
CA SER A 166 -7.55 8.52 3.08
C SER A 166 -6.36 9.03 3.89
N PHE A 167 -5.19 8.43 3.67
CA PHE A 167 -4.01 8.86 4.40
C PHE A 167 -3.76 10.35 4.20
N HIS A 168 -3.04 10.95 5.14
CA HIS A 168 -2.72 12.37 5.08
C HIS A 168 -1.24 12.57 5.41
N VAL A 169 -0.65 13.64 4.90
CA VAL A 169 0.77 13.92 5.15
C VAL A 169 0.96 15.33 5.70
N TYR A 170 2.00 15.49 6.54
CA TYR A 170 2.28 16.79 7.13
C TYR A 170 3.62 16.76 7.88
N GLY A 1 -23.81 -27.27 15.77
CA GLY A 1 -24.49 -26.35 14.81
C GLY A 1 -23.45 -25.55 14.04
N PRO A 2 -23.85 -24.94 12.96
CA PRO A 2 -22.93 -24.13 12.10
C PRO A 2 -22.36 -22.92 12.85
N LEU A 3 -21.15 -22.51 12.48
CA LEU A 3 -20.51 -21.37 13.13
C LEU A 3 -20.99 -20.06 12.50
N GLY A 4 -21.10 -19.02 13.32
CA GLY A 4 -21.56 -17.73 12.84
C GLY A 4 -23.08 -17.70 12.70
N SER A 5 -23.76 -18.41 13.59
CA SER A 5 -25.22 -18.47 13.55
C SER A 5 -25.81 -17.06 13.65
N CYS A 6 -25.12 -16.20 14.38
CA CYS A 6 -25.57 -14.81 14.56
C CYS A 6 -24.39 -13.88 14.76
N GLY A 7 -23.20 -14.34 14.38
CA GLY A 7 -22.00 -13.54 14.52
C GLY A 7 -21.66 -13.32 16.00
N GLY A 8 -21.46 -12.06 16.36
CA GLY A 8 -21.13 -11.72 17.74
C GLY A 8 -21.14 -10.21 17.96
N VAL A 9 -19.95 -9.62 18.01
CA VAL A 9 -19.82 -8.17 18.22
C VAL A 9 -18.89 -7.57 17.17
N GLY A 10 -19.22 -6.36 16.72
CA GLY A 10 -18.41 -5.67 15.72
C GLY A 10 -17.20 -5.01 16.35
N ILE A 11 -16.51 -4.18 15.57
CA ILE A 11 -15.33 -3.50 16.07
C ILE A 11 -15.72 -2.33 16.97
N ALA A 12 -14.97 -2.14 18.04
CA ALA A 12 -15.25 -1.06 19.00
C ALA A 12 -15.36 0.28 18.28
N SER A 13 -14.36 1.13 18.46
CA SER A 13 -14.35 2.46 17.83
C SER A 13 -13.11 2.63 16.96
N LEU A 14 -13.24 3.37 15.88
CA LEU A 14 -12.12 3.60 14.97
C LEU A 14 -11.04 4.43 15.65
N GLN A 15 -9.79 4.18 15.26
CA GLN A 15 -8.64 4.89 15.83
C GLN A 15 -7.80 5.47 14.70
N ARG A 16 -6.90 6.39 15.04
CA ARG A 16 -6.04 7.04 14.05
C ARG A 16 -4.57 6.90 14.45
N TYR A 17 -3.71 6.73 13.45
CA TYR A 17 -2.27 6.61 13.68
C TYR A 17 -1.52 7.70 12.92
N SER A 18 -0.58 8.36 13.60
CA SER A 18 0.19 9.43 12.98
C SER A 18 1.61 9.46 13.52
N ASP A 19 2.53 9.96 12.71
CA ASP A 19 3.94 10.05 13.08
C ASP A 19 4.56 11.33 12.53
N THR A 20 4.92 12.24 13.43
CA THR A 20 5.53 13.50 13.01
C THR A 20 6.89 13.23 12.36
N LYS A 21 7.58 12.20 12.85
CA LYS A 21 8.88 11.85 12.31
C LYS A 21 8.78 11.46 10.83
N ASP A 22 7.78 10.64 10.51
CA ASP A 22 7.58 10.19 9.13
C ASP A 22 6.67 11.15 8.36
N GLY A 23 5.89 11.94 9.09
CA GLY A 23 5.00 12.90 8.47
C GLY A 23 3.87 12.22 7.72
N TYR A 24 3.31 11.14 8.29
CA TYR A 24 2.21 10.42 7.64
C TYR A 24 1.20 9.93 8.67
N GLU A 25 -0.05 9.81 8.27
CA GLU A 25 -1.10 9.34 9.18
C GLU A 25 -2.28 8.76 8.41
N PHE A 26 -2.93 7.74 8.99
CA PHE A 26 -4.07 7.10 8.34
C PHE A 26 -4.98 6.42 9.37
N LEU A 27 -6.24 6.22 8.99
CA LEU A 27 -7.21 5.56 9.87
C LEU A 27 -7.26 4.07 9.55
N TYR A 28 -7.65 3.26 10.53
CA TYR A 28 -7.71 1.81 10.32
C TYR A 28 -8.69 1.14 11.32
N PRO A 29 -9.43 0.13 10.91
CA PRO A 29 -10.37 -0.58 11.83
C PRO A 29 -9.72 -0.91 13.18
N ASN A 30 -10.56 -1.03 14.21
CA ASN A 30 -10.07 -1.36 15.55
C ASN A 30 -9.84 -2.86 15.68
N GLY A 31 -8.98 -3.25 16.63
CA GLY A 31 -8.69 -4.67 16.85
C GLY A 31 -7.47 -5.10 16.04
N TRP A 32 -6.81 -4.13 15.42
CA TRP A 32 -5.62 -4.42 14.62
C TRP A 32 -4.37 -4.35 15.49
N ILE A 33 -3.37 -5.16 15.14
CA ILE A 33 -2.11 -5.18 15.89
C ILE A 33 -0.95 -4.74 15.00
N GLY A 34 0.02 -4.06 15.59
CA GLY A 34 1.19 -3.57 14.86
C GLY A 34 2.44 -4.34 15.26
N VAL A 35 3.16 -4.86 14.28
CA VAL A 35 4.38 -5.63 14.55
C VAL A 35 5.60 -4.88 14.01
N ASP A 36 6.64 -4.80 14.84
CA ASP A 36 7.87 -4.12 14.44
C ASP A 36 8.74 -5.04 13.60
N VAL A 37 9.26 -4.52 12.50
CA VAL A 37 10.12 -5.30 11.60
C VAL A 37 11.41 -4.55 11.31
N LYS A 38 12.12 -4.17 12.36
CA LYS A 38 13.37 -3.44 12.20
C LYS A 38 14.46 -4.38 11.71
N GLY A 39 15.23 -3.90 10.73
CA GLY A 39 16.32 -4.71 10.16
C GLY A 39 15.81 -5.47 8.94
N ALA A 40 14.54 -5.25 8.61
CA ALA A 40 13.93 -5.93 7.46
C ALA A 40 14.37 -5.26 6.17
N SER A 41 13.64 -5.54 5.08
CA SER A 41 13.97 -4.97 3.78
C SER A 41 14.14 -3.46 3.91
N PRO A 42 14.84 -2.85 2.99
CA PRO A 42 15.09 -1.38 3.01
C PRO A 42 13.80 -0.58 2.80
N GLY A 43 13.55 0.38 3.70
CA GLY A 43 12.37 1.22 3.62
C GLY A 43 11.26 0.69 4.54
N VAL A 44 11.31 -0.60 4.83
CA VAL A 44 10.31 -1.21 5.69
C VAL A 44 10.37 -0.60 7.09
N ASP A 45 9.21 -0.18 7.62
CA ASP A 45 9.15 0.42 8.96
C ASP A 45 8.27 -0.38 9.91
N VAL A 46 7.00 -0.56 9.54
CA VAL A 46 6.06 -1.31 10.37
C VAL A 46 4.97 -1.97 9.53
N VAL A 47 4.44 -3.10 10.01
CA VAL A 47 3.39 -3.82 9.31
C VAL A 47 2.16 -3.98 10.21
N PHE A 48 0.98 -3.91 9.59
CA PHE A 48 -0.28 -4.05 10.34
C PHE A 48 -0.99 -5.33 9.93
N ARG A 49 -1.48 -6.08 10.93
CA ARG A 49 -2.18 -7.34 10.67
C ARG A 49 -3.56 -7.32 11.34
N ASP A 50 -4.56 -7.87 10.64
CA ASP A 50 -5.92 -7.90 11.18
C ASP A 50 -6.14 -9.18 12.00
N LEU A 51 -6.45 -9.00 13.27
CA LEU A 51 -6.69 -10.14 14.16
C LEU A 51 -7.93 -10.90 13.73
N ILE A 52 -8.97 -10.17 13.33
CA ILE A 52 -10.22 -10.80 12.90
C ILE A 52 -9.99 -11.66 11.68
N GLU A 53 -9.26 -11.13 10.69
CA GLU A 53 -8.98 -11.86 9.45
C GLU A 53 -7.48 -11.96 9.23
N ARG A 54 -6.92 -13.13 9.50
CA ARG A 54 -5.49 -13.34 9.33
C ARG A 54 -5.10 -13.12 7.88
N ASP A 55 -5.97 -13.56 6.98
CA ASP A 55 -5.74 -13.42 5.55
C ASP A 55 -5.55 -11.95 5.17
N GLU A 56 -6.30 -11.07 5.83
CA GLU A 56 -6.20 -9.65 5.54
C GLU A 56 -5.03 -9.02 6.29
N ASN A 57 -4.16 -8.35 5.54
CA ASN A 57 -2.99 -7.71 6.14
C ASN A 57 -2.43 -6.65 5.21
N LEU A 58 -1.43 -5.92 5.69
CA LEU A 58 -0.81 -4.87 4.89
C LEU A 58 0.57 -4.53 5.45
N SER A 59 1.42 -3.95 4.62
CA SER A 59 2.77 -3.57 5.03
C SER A 59 3.04 -2.11 4.70
N VAL A 60 3.69 -1.41 5.63
CA VAL A 60 4.02 0.01 5.44
C VAL A 60 5.52 0.18 5.26
N ILE A 61 5.91 0.79 4.13
CA ILE A 61 7.32 1.02 3.82
C ILE A 61 7.58 2.50 3.65
N ILE A 62 8.54 3.04 4.41
CA ILE A 62 8.89 4.45 4.34
C ILE A 62 10.37 4.64 4.02
N SER A 63 10.66 5.50 3.04
CA SER A 63 12.04 5.76 2.64
C SER A 63 12.19 7.22 2.22
N GLU A 64 13.43 7.68 2.07
CA GLU A 64 13.71 9.06 1.66
C GLU A 64 14.20 9.09 0.22
N ILE A 65 13.61 9.99 -0.58
CA ILE A 65 13.98 10.12 -1.98
C ILE A 65 15.15 11.10 -2.15
N PRO A 66 16.00 10.89 -3.13
CA PRO A 66 17.14 11.82 -3.36
C PRO A 66 16.65 13.20 -3.80
N SER A 67 17.24 14.23 -3.25
CA SER A 67 16.86 15.60 -3.58
C SER A 67 17.08 15.89 -5.06
N ASP A 68 18.03 15.17 -5.66
CA ASP A 68 18.36 15.37 -7.06
C ASP A 68 17.23 14.91 -7.99
N LYS A 69 16.46 13.91 -7.57
CA LYS A 69 15.36 13.39 -8.39
C LYS A 69 14.06 13.30 -7.60
N THR A 70 12.94 13.44 -8.32
CA THR A 70 11.62 13.38 -7.71
C THR A 70 10.86 12.15 -8.21
N LEU A 71 9.69 11.94 -7.63
CA LEU A 71 8.86 10.82 -8.03
C LEU A 71 8.59 10.90 -9.53
N THR A 72 8.34 12.11 -10.00
CA THR A 72 8.07 12.33 -11.42
C THR A 72 9.33 12.13 -12.23
N ASP A 73 10.45 12.67 -11.75
CA ASP A 73 11.72 12.53 -12.46
C ASP A 73 12.14 11.07 -12.50
N LEU A 74 11.83 10.34 -11.43
CA LEU A 74 12.20 8.93 -11.35
C LEU A 74 11.66 8.17 -12.56
N GLY A 75 10.37 8.32 -12.82
CA GLY A 75 9.74 7.64 -13.95
C GLY A 75 8.24 7.92 -13.99
N THR A 76 7.58 7.38 -15.00
CA THR A 76 6.14 7.55 -15.16
C THR A 76 5.40 6.46 -14.38
N ALA A 77 4.10 6.59 -14.26
CA ALA A 77 3.30 5.61 -13.54
C ALA A 77 3.56 4.22 -14.13
N THR A 78 3.61 4.15 -15.45
CA THR A 78 3.84 2.88 -16.12
C THR A 78 5.30 2.44 -15.95
N ASP A 79 6.22 3.39 -16.11
CA ASP A 79 7.65 3.10 -15.97
C ASP A 79 7.96 2.61 -14.57
N VAL A 80 7.54 3.40 -13.58
CA VAL A 80 7.77 3.03 -12.19
C VAL A 80 7.07 1.72 -11.88
N GLY A 81 5.88 1.55 -12.45
CA GLY A 81 5.11 0.33 -12.23
C GLY A 81 5.90 -0.90 -12.68
N TYR A 82 6.54 -0.81 -13.83
CA TYR A 82 7.33 -1.93 -14.34
C TYR A 82 8.55 -2.17 -13.46
N ARG A 83 9.21 -1.10 -13.02
CA ARG A 83 10.39 -1.24 -12.17
C ARG A 83 10.03 -1.92 -10.87
N PHE A 84 8.86 -1.58 -10.33
CA PHE A 84 8.42 -2.16 -9.07
C PHE A 84 8.25 -3.68 -9.20
N MET A 85 7.70 -4.12 -10.33
CA MET A 85 7.50 -5.55 -10.56
C MET A 85 8.82 -6.30 -10.46
N LYS A 86 9.84 -5.75 -11.11
CA LYS A 86 11.15 -6.37 -11.10
C LYS A 86 11.73 -6.36 -9.69
N THR A 87 11.57 -5.23 -9.01
CA THR A 87 12.09 -5.08 -7.65
C THR A 87 11.44 -6.10 -6.71
N VAL A 88 10.12 -6.23 -6.81
CA VAL A 88 9.40 -7.17 -5.97
C VAL A 88 9.72 -8.61 -6.36
N ASN A 89 9.66 -8.89 -7.65
CA ASN A 89 9.94 -10.22 -8.15
C ASN A 89 11.37 -10.65 -7.86
N ASP A 90 12.30 -9.72 -7.96
CA ASP A 90 13.71 -10.05 -7.71
C ASP A 90 13.87 -10.91 -6.47
N ALA A 91 13.05 -10.65 -5.46
CA ALA A 91 13.12 -11.41 -4.23
C ALA A 91 12.70 -12.86 -4.41
N SER A 92 11.56 -13.08 -5.08
CA SER A 92 11.03 -14.45 -5.29
C SER A 92 10.83 -14.79 -6.78
N GLN A 93 11.54 -14.11 -7.66
CA GLN A 93 11.39 -14.35 -9.09
C GLN A 93 11.50 -15.84 -9.43
N GLY A 94 12.24 -16.57 -8.61
CA GLY A 94 12.42 -18.00 -8.85
C GLY A 94 11.12 -18.69 -9.23
N ASP A 95 10.14 -18.67 -8.33
CA ASP A 95 8.84 -19.31 -8.58
C ASP A 95 7.69 -18.31 -8.60
N ARG A 96 7.77 -17.29 -7.76
CA ARG A 96 6.70 -16.28 -7.69
C ARG A 96 6.89 -15.21 -8.75
N GLN A 97 5.79 -14.82 -9.39
CA GLN A 97 5.81 -13.79 -10.44
C GLN A 97 4.76 -12.73 -10.14
N ALA A 98 5.11 -11.47 -10.38
CA ALA A 98 4.17 -10.37 -10.13
C ALA A 98 3.58 -9.87 -11.46
N GLU A 99 2.27 -9.66 -11.46
CA GLU A 99 1.57 -9.19 -12.66
C GLU A 99 1.00 -7.80 -12.42
N LEU A 100 1.37 -6.87 -13.29
CA LEU A 100 0.90 -5.49 -13.18
C LEU A 100 -0.48 -5.35 -13.82
N ILE A 101 -1.49 -5.14 -12.99
CA ILE A 101 -2.85 -4.98 -13.50
C ILE A 101 -3.03 -3.60 -14.13
N ASN A 102 -2.70 -2.57 -13.36
CA ASN A 102 -2.82 -1.18 -13.84
C ASN A 102 -1.87 -0.26 -13.09
N ALA A 103 -1.64 0.93 -13.65
CA ALA A 103 -0.76 1.91 -13.01
C ALA A 103 -1.09 3.32 -13.48
N GLU A 104 -1.54 4.16 -12.55
CA GLU A 104 -1.90 5.55 -12.87
C GLU A 104 -1.43 6.50 -11.78
N ALA A 105 -1.53 7.80 -12.05
CA ALA A 105 -1.12 8.82 -11.09
C ALA A 105 -2.08 10.00 -11.11
N ARG A 106 -2.21 10.68 -9.97
CA ARG A 106 -3.11 11.83 -9.87
C ARG A 106 -2.42 13.01 -9.18
N ASP A 107 -2.64 14.21 -9.70
CA ASP A 107 -2.05 15.42 -9.13
C ASP A 107 -3.10 16.27 -8.42
N GLU A 108 -2.96 16.39 -7.10
CA GLU A 108 -3.92 17.17 -6.31
C GLU A 108 -3.19 17.95 -5.22
N ASP A 109 -3.67 19.17 -4.96
CA ASP A 109 -3.09 20.01 -3.93
C ASP A 109 -1.57 20.14 -4.12
N GLY A 110 -1.13 20.21 -5.36
CA GLY A 110 0.30 20.35 -5.66
C GLY A 110 1.04 19.06 -5.34
N GLN A 111 0.30 18.05 -4.88
CA GLN A 111 0.90 16.76 -4.54
C GLN A 111 0.58 15.73 -5.62
N VAL A 112 1.51 14.81 -5.83
CA VAL A 112 1.33 13.77 -6.84
C VAL A 112 1.25 12.40 -6.17
N TYR A 113 0.21 11.65 -6.51
CA TYR A 113 0.00 10.32 -5.94
C TYR A 113 0.06 9.27 -7.04
N TYR A 114 0.91 8.26 -6.85
CA TYR A 114 1.05 7.18 -7.84
C TYR A 114 0.33 5.94 -7.33
N THR A 115 -0.56 5.39 -8.15
CA THR A 115 -1.31 4.19 -7.78
C THR A 115 -0.85 3.00 -8.59
N LEU A 116 -0.40 1.96 -7.90
CA LEU A 116 0.08 0.74 -8.55
C LEU A 116 -0.82 -0.43 -8.16
N GLU A 117 -1.39 -1.08 -9.17
CA GLU A 117 -2.26 -2.24 -8.96
C GLU A 117 -1.64 -3.46 -9.60
N TYR A 118 -1.35 -4.47 -8.78
CA TYR A 118 -0.73 -5.69 -9.29
C TYR A 118 -1.17 -6.90 -8.47
N ARG A 119 -0.89 -8.10 -8.97
CA ARG A 119 -1.26 -9.32 -8.26
C ARG A 119 -0.11 -10.32 -8.28
N VAL A 120 -0.07 -11.19 -7.27
CA VAL A 120 0.98 -12.20 -7.15
C VAL A 120 0.41 -13.58 -7.50
N LEU A 121 1.16 -14.35 -8.29
CA LEU A 121 0.71 -15.68 -8.69
C LEU A 121 1.86 -16.69 -8.62
N VAL A 122 1.54 -17.86 -8.10
CA VAL A 122 2.51 -18.94 -7.96
C VAL A 122 2.12 -20.11 -8.87
N GLY A 123 3.07 -20.63 -9.61
CA GLY A 123 2.78 -21.74 -10.52
C GLY A 123 1.88 -21.28 -11.65
N ASP A 124 0.69 -21.87 -11.76
CA ASP A 124 -0.28 -21.51 -12.80
C ASP A 124 -1.55 -20.93 -12.21
N ASN A 125 -1.50 -20.54 -10.92
CA ASN A 125 -2.68 -19.99 -10.25
C ASN A 125 -2.33 -18.66 -9.56
N VAL A 126 -3.34 -17.81 -9.39
CA VAL A 126 -3.15 -16.52 -8.74
C VAL A 126 -3.28 -16.65 -7.23
N GLU A 127 -2.27 -16.17 -6.51
CA GLU A 127 -2.30 -16.25 -5.05
C GLU A 127 -3.27 -15.22 -4.47
N ARG A 128 -3.10 -13.96 -4.88
CA ARG A 128 -3.96 -12.90 -4.38
C ARG A 128 -3.67 -11.58 -5.10
N HIS A 129 -4.48 -10.56 -4.81
CA HIS A 129 -4.32 -9.23 -5.41
C HIS A 129 -3.82 -8.24 -4.36
N ASP A 130 -2.85 -7.40 -4.75
CA ASP A 130 -2.29 -6.40 -3.84
C ASP A 130 -2.25 -5.02 -4.49
N LEU A 131 -2.53 -3.98 -3.69
CA LEU A 131 -2.53 -2.60 -4.18
C LEU A 131 -1.41 -1.82 -3.50
N ALA A 132 -0.63 -1.10 -4.32
CA ALA A 132 0.47 -0.29 -3.81
C ALA A 132 0.33 1.15 -4.29
N SER A 133 0.44 2.09 -3.37
CA SER A 133 0.32 3.51 -3.70
C SER A 133 1.57 4.25 -3.22
N VAL A 134 2.21 4.99 -4.13
CA VAL A 134 3.42 5.74 -3.79
C VAL A 134 3.19 7.25 -3.86
N THR A 135 3.55 7.93 -2.77
CA THR A 135 3.38 9.38 -2.69
C THR A 135 4.58 10.00 -1.97
N THR A 136 5.05 11.15 -2.47
CA THR A 136 6.18 11.83 -1.85
C THR A 136 5.70 13.04 -1.04
N ASN A 137 6.44 13.37 0.01
CA ASN A 137 6.07 14.51 0.86
C ASN A 137 7.32 15.16 1.46
N ARG A 138 7.67 16.33 0.94
CA ARG A 138 8.83 17.06 1.43
C ARG A 138 10.09 16.21 1.33
N GLY A 139 10.13 15.33 0.33
CA GLY A 139 11.29 14.46 0.13
C GLY A 139 11.13 13.13 0.87
N LYS A 140 9.96 12.93 1.48
CA LYS A 140 9.70 11.69 2.22
C LYS A 140 8.96 10.70 1.33
N LEU A 141 9.54 9.50 1.16
CA LEU A 141 8.92 8.48 0.32
C LEU A 141 7.97 7.63 1.17
N ILE A 142 6.68 7.65 0.82
CA ILE A 142 5.67 6.87 1.54
C ILE A 142 4.97 5.90 0.60
N THR A 143 4.96 4.62 0.98
CA THR A 143 4.32 3.57 0.17
C THR A 143 3.34 2.79 1.02
N PHE A 144 2.15 2.49 0.46
CA PHE A 144 1.12 1.75 1.18
C PHE A 144 0.85 0.41 0.48
N ASP A 145 1.45 -0.66 1.00
CA ASP A 145 1.25 -2.00 0.41
C ASP A 145 0.16 -2.75 1.15
N LEU A 146 -0.96 -2.99 0.47
CA LEU A 146 -2.09 -3.71 1.08
C LEU A 146 -2.32 -5.04 0.37
N SER A 147 -2.60 -6.09 1.14
CA SER A 147 -2.86 -7.42 0.57
C SER A 147 -4.12 -8.02 1.19
N THR A 148 -4.98 -8.57 0.35
CA THR A 148 -6.22 -9.18 0.81
C THR A 148 -6.68 -10.28 -0.16
N ALA A 149 -7.56 -11.16 0.32
CA ALA A 149 -8.06 -12.26 -0.51
C ALA A 149 -8.67 -11.74 -1.80
N GLU A 150 -8.42 -12.47 -2.89
CA GLU A 150 -8.94 -12.08 -4.20
C GLU A 150 -10.47 -12.22 -4.23
N ASP A 151 -10.97 -13.27 -3.61
CA ASP A 151 -12.41 -13.51 -3.58
C ASP A 151 -13.14 -12.39 -2.85
N ARG A 152 -12.49 -11.82 -1.84
CA ARG A 152 -13.09 -10.75 -1.04
C ARG A 152 -12.68 -9.38 -1.58
N TRP A 153 -11.59 -9.37 -2.35
CA TRP A 153 -11.09 -8.10 -2.90
C TRP A 153 -12.21 -7.31 -3.55
N ASP A 154 -13.10 -7.99 -4.26
CA ASP A 154 -14.20 -7.31 -4.93
C ASP A 154 -15.10 -6.61 -3.92
N THR A 155 -15.38 -7.27 -2.80
CA THR A 155 -16.24 -6.70 -1.77
C THR A 155 -15.60 -5.49 -1.10
N VAL A 156 -14.29 -5.58 -0.85
CA VAL A 156 -13.55 -4.49 -0.21
C VAL A 156 -12.62 -3.78 -1.20
N LYS A 157 -12.91 -3.91 -2.48
CA LYS A 157 -12.09 -3.28 -3.51
C LYS A 157 -11.84 -1.81 -3.21
N SER A 158 -12.93 -1.09 -2.92
CA SER A 158 -12.83 0.34 -2.61
C SER A 158 -12.04 0.59 -1.33
N LEU A 159 -12.11 -0.36 -0.41
CA LEU A 159 -11.43 -0.21 0.88
C LEU A 159 -9.94 0.07 0.68
N PHE A 160 -9.30 -0.67 -0.21
CA PHE A 160 -7.88 -0.49 -0.45
C PHE A 160 -7.60 0.92 -0.98
N ASP A 161 -8.35 1.31 -2.00
CA ASP A 161 -8.20 2.62 -2.59
C ASP A 161 -8.54 3.71 -1.59
N THR A 162 -9.60 3.49 -0.81
CA THR A 162 -10.03 4.46 0.17
C THR A 162 -8.99 4.59 1.29
N VAL A 163 -8.56 3.46 1.83
CA VAL A 163 -7.57 3.47 2.91
C VAL A 163 -6.26 4.08 2.42
N ALA A 164 -5.84 3.68 1.22
CA ALA A 164 -4.60 4.20 0.65
C ALA A 164 -4.72 5.70 0.40
N SER A 165 -5.89 6.12 -0.08
CA SER A 165 -6.13 7.53 -0.37
C SER A 165 -6.47 8.30 0.90
N SER A 166 -7.04 7.61 1.88
CA SER A 166 -7.41 8.26 3.14
C SER A 166 -6.19 8.80 3.87
N PHE A 167 -5.05 8.14 3.70
CA PHE A 167 -3.83 8.58 4.37
C PHE A 167 -3.54 10.05 4.04
N HIS A 168 -2.79 10.70 4.92
CA HIS A 168 -2.42 12.10 4.74
C HIS A 168 -0.97 12.31 5.14
N VAL A 169 -0.38 13.40 4.67
CA VAL A 169 1.03 13.69 4.98
C VAL A 169 1.19 15.11 5.54
N TYR A 170 2.19 15.29 6.39
CA TYR A 170 2.45 16.60 6.98
C TYR A 170 3.75 16.59 7.78
N GLY A 1 -23.23 -0.91 -11.91
CA GLY A 1 -24.65 -0.51 -11.74
C GLY A 1 -24.81 0.24 -10.41
N PRO A 2 -24.82 -0.48 -9.32
CA PRO A 2 -24.97 0.11 -7.95
C PRO A 2 -23.81 1.05 -7.62
N LEU A 3 -24.11 2.13 -6.90
CA LEU A 3 -23.09 3.09 -6.51
C LEU A 3 -22.07 2.43 -5.58
N GLY A 4 -22.55 1.51 -4.75
CA GLY A 4 -21.68 0.81 -3.81
C GLY A 4 -21.30 1.71 -2.64
N SER A 5 -21.68 1.30 -1.43
CA SER A 5 -21.37 2.07 -0.23
C SER A 5 -21.15 1.14 0.96
N CYS A 6 -20.33 1.59 1.90
CA CYS A 6 -20.04 0.78 3.09
C CYS A 6 -21.18 0.91 4.10
N GLY A 7 -21.95 -0.17 4.25
CA GLY A 7 -23.06 -0.16 5.19
C GLY A 7 -22.60 0.17 6.61
N GLY A 8 -21.38 -0.26 6.94
CA GLY A 8 -20.83 -0.01 8.27
C GLY A 8 -20.21 1.38 8.35
N VAL A 9 -19.67 1.71 9.52
CA VAL A 9 -19.05 3.01 9.72
C VAL A 9 -18.38 3.08 11.10
N GLY A 10 -18.81 2.20 12.00
CA GLY A 10 -18.25 2.16 13.34
C GLY A 10 -18.54 3.46 14.09
N ILE A 11 -19.44 3.40 15.06
CA ILE A 11 -19.80 4.58 15.84
C ILE A 11 -18.58 5.15 16.55
N ALA A 12 -17.70 4.26 17.01
CA ALA A 12 -16.49 4.68 17.71
C ALA A 12 -15.58 3.49 17.99
N SER A 13 -15.04 2.90 16.93
CA SER A 13 -14.15 1.75 17.06
C SER A 13 -12.96 1.88 16.13
N LEU A 14 -12.67 3.12 15.71
CA LEU A 14 -11.55 3.38 14.79
C LEU A 14 -10.46 4.17 15.50
N GLN A 15 -9.20 3.77 15.27
CA GLN A 15 -8.04 4.45 15.85
C GLN A 15 -7.28 5.19 14.76
N ARG A 16 -6.53 6.22 15.15
CA ARG A 16 -5.75 7.01 14.19
C ARG A 16 -4.26 6.95 14.54
N TYR A 17 -3.42 6.87 13.51
CA TYR A 17 -1.97 6.81 13.70
C TYR A 17 -1.30 7.91 12.90
N SER A 18 -0.34 8.61 13.53
CA SER A 18 0.37 9.69 12.85
C SER A 18 1.82 9.77 13.31
N ASP A 19 2.70 10.19 12.41
CA ASP A 19 4.12 10.30 12.72
C ASP A 19 4.70 11.58 12.12
N THR A 20 5.20 12.47 12.98
CA THR A 20 5.77 13.72 12.50
C THR A 20 7.10 13.45 11.81
N LYS A 21 7.80 12.42 12.27
CA LYS A 21 9.09 12.08 11.68
C LYS A 21 8.94 11.69 10.22
N ASP A 22 8.00 10.79 9.93
CA ASP A 22 7.76 10.34 8.56
C ASP A 22 6.80 11.28 7.84
N GLY A 23 6.03 12.04 8.61
CA GLY A 23 5.08 12.98 8.04
C GLY A 23 3.93 12.26 7.35
N TYR A 24 3.44 11.17 7.96
CA TYR A 24 2.31 10.43 7.38
C TYR A 24 1.38 9.92 8.47
N GLU A 25 0.10 9.80 8.13
CA GLU A 25 -0.90 9.34 9.09
C GLU A 25 -2.04 8.62 8.37
N PHE A 26 -2.59 7.58 9.01
CA PHE A 26 -3.69 6.82 8.40
C PHE A 26 -4.57 6.21 9.48
N LEU A 27 -5.80 5.87 9.11
CA LEU A 27 -6.76 5.26 10.03
C LEU A 27 -6.82 3.75 9.83
N TYR A 28 -7.13 3.03 10.91
CA TYR A 28 -7.21 1.57 10.84
C TYR A 28 -8.23 1.04 11.86
N PRO A 29 -8.93 -0.03 11.56
CA PRO A 29 -9.95 -0.62 12.49
C PRO A 29 -9.31 -1.31 13.69
N ASN A 30 -10.10 -1.52 14.74
CA ASN A 30 -9.62 -2.18 15.95
C ASN A 30 -9.44 -3.67 15.71
N GLY A 31 -8.63 -4.30 16.54
CA GLY A 31 -8.38 -5.74 16.42
C GLY A 31 -7.10 -6.00 15.64
N TRP A 32 -6.47 -4.93 15.16
CA TRP A 32 -5.23 -5.05 14.40
C TRP A 32 -4.02 -4.90 15.32
N ILE A 33 -2.96 -5.65 15.02
CA ILE A 33 -1.74 -5.59 15.83
C ILE A 33 -0.57 -5.12 14.97
N GLY A 34 0.30 -4.31 15.57
CA GLY A 34 1.47 -3.79 14.86
C GLY A 34 2.69 -4.65 15.17
N VAL A 35 3.45 -5.00 14.12
CA VAL A 35 4.65 -5.82 14.29
C VAL A 35 5.90 -5.02 13.98
N ASP A 36 6.89 -5.13 14.86
CA ASP A 36 8.15 -4.41 14.68
C ASP A 36 9.07 -5.19 13.75
N VAL A 37 9.75 -4.48 12.86
CA VAL A 37 10.67 -5.11 11.92
C VAL A 37 11.83 -4.18 11.61
N LYS A 38 12.50 -3.72 12.65
CA LYS A 38 13.64 -2.82 12.49
C LYS A 38 14.86 -3.63 12.08
N GLY A 39 15.52 -3.18 11.02
CA GLY A 39 16.71 -3.87 10.51
C GLY A 39 16.30 -4.87 9.42
N ALA A 40 14.99 -4.99 9.22
CA ALA A 40 14.46 -5.90 8.21
C ALA A 40 14.56 -5.27 6.83
N SER A 41 13.81 -5.81 5.87
CA SER A 41 13.82 -5.30 4.50
C SER A 41 13.95 -3.77 4.49
N PRO A 42 15.07 -3.23 4.05
CA PRO A 42 15.26 -1.74 4.01
C PRO A 42 14.03 -1.02 3.46
N GLY A 43 13.64 0.05 4.15
CA GLY A 43 12.49 0.85 3.74
C GLY A 43 11.27 0.51 4.60
N VAL A 44 11.15 -0.76 4.97
CA VAL A 44 10.03 -1.18 5.80
C VAL A 44 10.09 -0.50 7.16
N ASP A 45 8.95 0.03 7.62
CA ASP A 45 8.89 0.72 8.92
C ASP A 45 8.00 -0.04 9.91
N VAL A 46 6.74 -0.24 9.55
CA VAL A 46 5.80 -0.94 10.43
C VAL A 46 4.84 -1.82 9.63
N VAL A 47 4.50 -2.99 10.17
CA VAL A 47 3.58 -3.90 9.51
C VAL A 47 2.36 -4.15 10.39
N PHE A 48 1.16 -4.05 9.79
CA PHE A 48 -0.10 -4.27 10.52
C PHE A 48 -0.79 -5.52 10.00
N ARG A 49 -1.25 -6.37 10.93
CA ARG A 49 -1.95 -7.60 10.55
C ARG A 49 -3.24 -7.75 11.36
N ASP A 50 -4.30 -8.19 10.69
CA ASP A 50 -5.60 -8.37 11.35
C ASP A 50 -5.68 -9.77 11.98
N LEU A 51 -5.84 -9.80 13.30
CA LEU A 51 -5.93 -11.08 14.01
C LEU A 51 -7.14 -11.87 13.52
N ILE A 52 -8.24 -11.18 13.27
CA ILE A 52 -9.47 -11.84 12.81
C ILE A 52 -9.23 -12.53 11.47
N GLU A 53 -8.63 -11.80 10.53
CA GLU A 53 -8.36 -12.34 9.19
C GLU A 53 -6.88 -12.16 8.84
N ARG A 54 -6.13 -13.26 8.94
CA ARG A 54 -4.70 -13.22 8.63
C ARG A 54 -4.48 -13.03 7.13
N ASP A 55 -5.45 -13.45 6.33
CA ASP A 55 -5.34 -13.34 4.88
C ASP A 55 -5.10 -11.90 4.45
N GLU A 56 -5.77 -10.96 5.13
CA GLU A 56 -5.63 -9.54 4.80
C GLU A 56 -4.65 -8.88 5.77
N ASN A 57 -3.80 -8.00 5.23
CA ASN A 57 -2.82 -7.30 6.06
C ASN A 57 -2.34 -6.02 5.38
N LEU A 58 -2.01 -5.01 6.19
CA LEU A 58 -1.54 -3.72 5.69
C LEU A 58 -0.10 -3.48 6.12
N SER A 59 0.74 -3.03 5.19
CA SER A 59 2.15 -2.76 5.49
C SER A 59 2.55 -1.39 4.95
N VAL A 60 3.43 -0.71 5.69
CA VAL A 60 3.89 0.63 5.28
C VAL A 60 5.41 0.64 5.14
N ILE A 61 5.89 1.19 4.03
CA ILE A 61 7.33 1.29 3.78
C ILE A 61 7.73 2.75 3.60
N ILE A 62 8.71 3.19 4.37
CA ILE A 62 9.19 4.57 4.30
C ILE A 62 10.62 4.62 3.78
N SER A 63 10.85 5.49 2.79
CA SER A 63 12.17 5.65 2.18
C SER A 63 12.45 7.12 1.92
N GLU A 64 13.73 7.47 1.73
CA GLU A 64 14.11 8.86 1.46
C GLU A 64 14.47 9.05 -0.01
N ILE A 65 13.92 10.09 -0.64
CA ILE A 65 14.19 10.36 -2.05
C ILE A 65 15.32 11.39 -2.19
N PRO A 66 16.08 11.34 -3.26
CA PRO A 66 17.17 12.31 -3.50
C PRO A 66 16.63 13.68 -3.85
N SER A 67 17.23 14.71 -3.28
CA SER A 67 16.79 16.09 -3.53
C SER A 67 16.96 16.46 -5.00
N ASP A 68 17.93 15.83 -5.65
CA ASP A 68 18.21 16.12 -7.07
C ASP A 68 17.08 15.67 -7.98
N LYS A 69 16.37 14.60 -7.61
CA LYS A 69 15.26 14.09 -8.43
C LYS A 69 14.00 13.87 -7.61
N THR A 70 12.86 13.85 -8.30
CA THR A 70 11.56 13.65 -7.67
C THR A 70 10.85 12.44 -8.26
N LEU A 71 9.69 12.11 -7.71
CA LEU A 71 8.91 10.97 -8.17
C LEU A 71 8.69 11.03 -9.69
N THR A 72 8.34 12.20 -10.18
CA THR A 72 8.09 12.36 -11.62
C THR A 72 9.37 12.17 -12.42
N ASP A 73 10.46 12.78 -11.96
CA ASP A 73 11.74 12.66 -12.64
C ASP A 73 12.28 11.24 -12.53
N LEU A 74 12.03 10.60 -11.39
CA LEU A 74 12.51 9.24 -11.18
C LEU A 74 12.01 8.32 -12.29
N GLY A 75 10.75 8.48 -12.67
CA GLY A 75 10.17 7.65 -13.72
C GLY A 75 8.71 7.99 -13.95
N THR A 76 8.11 7.34 -14.95
CA THR A 76 6.70 7.55 -15.28
C THR A 76 5.85 6.50 -14.58
N ALA A 77 4.54 6.67 -14.63
CA ALA A 77 3.64 5.71 -13.98
C ALA A 77 3.92 4.30 -14.50
N THR A 78 4.12 4.19 -15.81
CA THR A 78 4.39 2.90 -16.42
C THR A 78 5.80 2.41 -16.08
N ASP A 79 6.77 3.31 -16.18
CA ASP A 79 8.16 2.98 -15.89
C ASP A 79 8.30 2.56 -14.44
N VAL A 80 7.79 3.38 -13.53
CA VAL A 80 7.85 3.09 -12.11
C VAL A 80 7.13 1.77 -11.84
N GLY A 81 6.02 1.57 -12.53
CA GLY A 81 5.24 0.35 -12.37
C GLY A 81 6.08 -0.89 -12.68
N TYR A 82 6.81 -0.83 -13.79
CA TYR A 82 7.65 -1.95 -14.18
C TYR A 82 8.78 -2.16 -13.18
N ARG A 83 9.38 -1.06 -12.72
CA ARG A 83 10.47 -1.15 -11.75
C ARG A 83 9.99 -1.79 -10.45
N PHE A 84 8.76 -1.45 -10.06
CA PHE A 84 8.20 -1.99 -8.82
C PHE A 84 8.06 -3.51 -8.92
N MET A 85 7.62 -3.99 -10.08
CA MET A 85 7.47 -5.43 -10.28
C MET A 85 8.80 -6.15 -10.07
N LYS A 86 9.86 -5.58 -10.64
CA LYS A 86 11.19 -6.16 -10.50
C LYS A 86 11.63 -6.13 -9.04
N THR A 87 11.33 -5.03 -8.36
CA THR A 87 11.71 -4.88 -6.96
C THR A 87 11.10 -5.98 -6.11
N VAL A 88 9.81 -6.22 -6.30
CA VAL A 88 9.12 -7.26 -5.54
C VAL A 88 9.57 -8.64 -6.01
N ASN A 89 9.62 -8.81 -7.32
CA ASN A 89 10.02 -10.09 -7.90
C ASN A 89 11.46 -10.44 -7.52
N ASP A 90 12.29 -9.43 -7.35
CA ASP A 90 13.70 -9.66 -7.00
C ASP A 90 13.83 -10.76 -5.94
N ALA A 91 12.88 -10.80 -5.01
CA ALA A 91 12.90 -11.81 -3.94
C ALA A 91 11.84 -12.88 -4.18
N SER A 92 10.86 -12.58 -5.05
CA SER A 92 9.77 -13.52 -5.33
C SER A 92 9.97 -14.27 -6.64
N GLN A 93 11.03 -13.96 -7.38
CA GLN A 93 11.29 -14.63 -8.66
C GLN A 93 11.63 -16.10 -8.45
N GLY A 94 11.39 -16.62 -7.24
CA GLY A 94 11.70 -18.02 -6.95
C GLY A 94 10.58 -18.96 -7.38
N ASP A 95 9.40 -18.84 -6.76
CA ASP A 95 8.27 -19.71 -7.09
C ASP A 95 7.07 -18.92 -7.61
N ARG A 96 6.82 -17.75 -7.03
CA ARG A 96 5.68 -16.91 -7.43
C ARG A 96 6.13 -15.77 -8.34
N GLN A 97 5.18 -15.21 -9.09
CA GLN A 97 5.47 -14.10 -10.01
C GLN A 97 4.48 -12.96 -9.80
N ALA A 98 4.94 -11.73 -10.06
CA ALA A 98 4.07 -10.56 -9.91
C ALA A 98 3.62 -10.04 -11.27
N GLU A 99 2.35 -9.66 -11.38
CA GLU A 99 1.80 -9.17 -12.63
C GLU A 99 1.21 -7.78 -12.42
N LEU A 100 1.58 -6.84 -13.28
CA LEU A 100 1.08 -5.47 -13.17
C LEU A 100 -0.28 -5.36 -13.85
N ILE A 101 -1.33 -5.20 -13.04
CA ILE A 101 -2.67 -5.08 -13.57
C ILE A 101 -2.86 -3.72 -14.26
N ASN A 102 -2.58 -2.64 -13.53
CA ASN A 102 -2.72 -1.30 -14.09
C ASN A 102 -1.84 -0.30 -13.34
N ALA A 103 -1.84 0.94 -13.82
CA ALA A 103 -1.05 1.99 -13.18
C ALA A 103 -1.63 3.36 -13.54
N GLU A 104 -1.88 4.19 -12.52
CA GLU A 104 -2.43 5.53 -12.74
C GLU A 104 -1.80 6.52 -11.76
N ALA A 105 -1.89 7.82 -12.09
CA ALA A 105 -1.34 8.87 -11.24
C ALA A 105 -2.31 10.03 -11.13
N ARG A 106 -2.34 10.66 -9.94
CA ARG A 106 -3.23 11.80 -9.70
C ARG A 106 -2.46 12.94 -9.04
N ASP A 107 -2.94 14.15 -9.28
CA ASP A 107 -2.31 15.35 -8.72
C ASP A 107 -3.33 16.18 -7.93
N GLU A 108 -3.10 16.30 -6.62
CA GLU A 108 -4.00 17.07 -5.76
C GLU A 108 -3.22 17.85 -4.70
N ASP A 109 -3.71 19.04 -4.39
CA ASP A 109 -3.06 19.89 -3.39
C ASP A 109 -1.58 20.09 -3.68
N GLY A 110 -1.22 20.03 -4.96
CA GLY A 110 0.17 20.21 -5.36
C GLY A 110 0.97 18.94 -5.15
N GLN A 111 0.31 17.91 -4.62
CA GLN A 111 0.96 16.62 -4.38
C GLN A 111 0.60 15.63 -5.48
N VAL A 112 1.55 14.76 -5.79
CA VAL A 112 1.35 13.74 -6.84
C VAL A 112 1.26 12.36 -6.21
N TYR A 113 0.23 11.62 -6.57
CA TYR A 113 0.03 10.27 -6.03
C TYR A 113 0.06 9.25 -7.16
N TYR A 114 0.96 8.26 -7.05
CA TYR A 114 1.06 7.21 -8.07
C TYR A 114 0.42 5.92 -7.56
N THR A 115 -0.55 5.42 -8.31
CA THR A 115 -1.24 4.18 -7.94
C THR A 115 -0.71 3.01 -8.77
N LEU A 116 -0.42 1.91 -8.10
CA LEU A 116 0.11 0.71 -8.78
C LEU A 116 -0.70 -0.52 -8.36
N GLU A 117 -1.51 -1.03 -9.29
CA GLU A 117 -2.32 -2.23 -9.02
C GLU A 117 -1.64 -3.45 -9.63
N TYR A 118 -1.42 -4.47 -8.80
CA TYR A 118 -0.78 -5.69 -9.26
C TYR A 118 -1.31 -6.89 -8.47
N ARG A 119 -0.99 -8.11 -8.94
CA ARG A 119 -1.45 -9.32 -8.25
C ARG A 119 -0.33 -10.34 -8.19
N VAL A 120 -0.46 -11.29 -7.26
CA VAL A 120 0.54 -12.35 -7.09
C VAL A 120 -0.02 -13.70 -7.51
N LEU A 121 0.76 -14.45 -8.28
CA LEU A 121 0.32 -15.77 -8.74
C LEU A 121 1.43 -16.80 -8.56
N VAL A 122 1.01 -18.02 -8.22
CA VAL A 122 1.94 -19.13 -8.02
C VAL A 122 1.79 -20.12 -9.17
N GLY A 123 2.91 -20.56 -9.72
CA GLY A 123 2.85 -21.48 -10.84
C GLY A 123 1.92 -20.94 -11.91
N ASP A 124 0.75 -21.56 -12.04
CA ASP A 124 -0.25 -21.12 -13.03
C ASP A 124 -1.54 -20.65 -12.35
N ASN A 125 -1.50 -20.45 -11.02
CA ASN A 125 -2.70 -20.02 -10.28
C ASN A 125 -2.49 -18.69 -9.59
N VAL A 126 -3.56 -17.89 -9.51
CA VAL A 126 -3.49 -16.59 -8.85
C VAL A 126 -3.49 -16.76 -7.34
N GLU A 127 -2.52 -16.15 -6.67
CA GLU A 127 -2.42 -16.27 -5.22
C GLU A 127 -3.34 -15.26 -4.55
N ARG A 128 -3.19 -13.99 -4.92
CA ARG A 128 -4.02 -12.94 -4.34
C ARG A 128 -3.79 -11.61 -5.06
N HIS A 129 -4.61 -10.61 -4.72
CA HIS A 129 -4.51 -9.27 -5.32
C HIS A 129 -3.97 -8.28 -4.30
N ASP A 130 -3.06 -7.41 -4.74
CA ASP A 130 -2.47 -6.41 -3.85
C ASP A 130 -2.39 -5.05 -4.54
N LEU A 131 -2.66 -3.99 -3.77
CA LEU A 131 -2.62 -2.62 -4.28
C LEU A 131 -1.53 -1.83 -3.57
N ALA A 132 -0.77 -1.05 -4.35
CA ALA A 132 0.31 -0.24 -3.77
C ALA A 132 0.29 1.17 -4.36
N SER A 133 0.38 2.17 -3.48
CA SER A 133 0.38 3.57 -3.89
C SER A 133 1.69 4.23 -3.49
N VAL A 134 2.27 5.01 -4.39
CA VAL A 134 3.54 5.70 -4.10
C VAL A 134 3.35 7.21 -4.10
N THR A 135 3.83 7.87 -3.04
CA THR A 135 3.69 9.31 -2.91
C THR A 135 4.88 9.89 -2.14
N THR A 136 5.28 11.11 -2.51
CA THR A 136 6.38 11.78 -1.84
C THR A 136 5.87 12.62 -0.66
N ASN A 137 6.76 12.87 0.30
CA ASN A 137 6.39 13.67 1.48
C ASN A 137 7.61 14.41 2.03
N ARG A 138 7.75 15.68 1.63
CA ARG A 138 8.88 16.48 2.09
C ARG A 138 10.20 15.79 1.78
N GLY A 139 10.28 15.17 0.61
CA GLY A 139 11.50 14.48 0.21
C GLY A 139 11.51 13.04 0.73
N LYS A 140 10.39 12.61 1.30
CA LYS A 140 10.27 11.25 1.83
C LYS A 140 9.31 10.43 0.99
N LEU A 141 9.69 9.19 0.72
CA LEU A 141 8.85 8.30 -0.08
C LEU A 141 7.85 7.58 0.81
N ILE A 142 6.56 7.82 0.58
CA ILE A 142 5.51 7.17 1.35
C ILE A 142 4.82 6.13 0.48
N THR A 143 4.86 4.87 0.91
CA THR A 143 4.23 3.78 0.15
C THR A 143 3.18 3.10 1.00
N PHE A 144 1.99 2.90 0.41
CA PHE A 144 0.89 2.26 1.11
C PHE A 144 0.56 0.93 0.44
N ASP A 145 0.97 -0.18 1.06
CA ASP A 145 0.72 -1.51 0.49
C ASP A 145 -0.41 -2.23 1.22
N LEU A 146 -1.46 -2.56 0.47
CA LEU A 146 -2.62 -3.26 1.02
C LEU A 146 -2.74 -4.66 0.39
N SER A 147 -3.14 -5.63 1.20
CA SER A 147 -3.30 -7.00 0.71
C SER A 147 -4.59 -7.61 1.25
N THR A 148 -5.38 -8.23 0.37
CA THR A 148 -6.64 -8.85 0.77
C THR A 148 -7.00 -10.00 -0.19
N ALA A 149 -7.84 -10.90 0.27
CA ALA A 149 -8.25 -12.05 -0.54
C ALA A 149 -8.82 -11.61 -1.88
N GLU A 150 -8.57 -12.40 -2.92
CA GLU A 150 -9.05 -12.09 -4.26
C GLU A 150 -10.56 -12.26 -4.35
N ASP A 151 -11.07 -13.27 -3.66
CA ASP A 151 -12.51 -13.54 -3.67
C ASP A 151 -13.29 -12.40 -3.06
N ARG A 152 -12.70 -11.74 -2.06
CA ARG A 152 -13.37 -10.62 -1.39
C ARG A 152 -12.92 -9.28 -1.95
N TRP A 153 -11.81 -9.27 -2.67
CA TRP A 153 -11.29 -8.03 -3.24
C TRP A 153 -12.39 -7.27 -3.95
N ASP A 154 -13.23 -7.98 -4.68
CA ASP A 154 -14.33 -7.35 -5.39
C ASP A 154 -15.31 -6.69 -4.42
N THR A 155 -15.61 -7.37 -3.32
CA THR A 155 -16.55 -6.85 -2.33
C THR A 155 -16.01 -5.61 -1.66
N VAL A 156 -14.71 -5.61 -1.36
CA VAL A 156 -14.06 -4.48 -0.69
C VAL A 156 -13.16 -3.71 -1.65
N LYS A 157 -13.42 -3.86 -2.95
CA LYS A 157 -12.62 -3.17 -3.95
C LYS A 157 -12.47 -1.68 -3.63
N SER A 158 -13.56 -1.05 -3.25
CA SER A 158 -13.54 0.38 -2.92
C SER A 158 -12.75 0.64 -1.64
N LEU A 159 -12.70 -0.34 -0.75
CA LEU A 159 -11.98 -0.19 0.52
C LEU A 159 -10.52 0.17 0.26
N PHE A 160 -9.90 -0.52 -0.67
CA PHE A 160 -8.49 -0.28 -0.97
C PHE A 160 -8.30 1.14 -1.48
N ASP A 161 -9.12 1.52 -2.45
CA ASP A 161 -9.03 2.86 -3.01
C ASP A 161 -9.34 3.91 -1.96
N THR A 162 -10.35 3.64 -1.14
CA THR A 162 -10.74 4.58 -0.08
C THR A 162 -9.66 4.65 1.00
N VAL A 163 -9.23 3.49 1.47
CA VAL A 163 -8.20 3.44 2.51
C VAL A 163 -6.86 3.91 1.95
N ALA A 164 -6.58 3.55 0.71
CA ALA A 164 -5.32 3.95 0.07
C ALA A 164 -5.26 5.46 -0.05
N SER A 165 -6.39 6.06 -0.41
CA SER A 165 -6.46 7.51 -0.55
C SER A 165 -6.63 8.18 0.81
N SER A 166 -7.04 7.38 1.80
CA SER A 166 -7.25 7.91 3.14
C SER A 166 -5.96 8.42 3.74
N PHE A 167 -4.84 7.73 3.47
CA PHE A 167 -3.57 8.17 4.01
C PHE A 167 -3.32 9.63 3.62
N HIS A 168 -2.65 10.36 4.52
CA HIS A 168 -2.33 11.77 4.29
C HIS A 168 -0.89 12.03 4.70
N VAL A 169 -0.27 13.05 4.12
CA VAL A 169 1.12 13.38 4.44
C VAL A 169 1.27 14.84 4.83
N TYR A 170 2.27 15.12 5.68
CA TYR A 170 2.51 16.48 6.12
C TYR A 170 3.82 16.56 6.91
N GLY A 1 -18.71 -1.74 -13.84
CA GLY A 1 -18.32 -0.78 -12.77
C GLY A 1 -19.57 -0.12 -12.20
N PRO A 2 -20.54 -0.92 -11.82
CA PRO A 2 -21.82 -0.40 -11.24
C PRO A 2 -21.59 0.35 -9.93
N LEU A 3 -22.42 1.37 -9.69
CA LEU A 3 -22.30 2.18 -8.47
C LEU A 3 -23.23 1.63 -7.39
N GLY A 4 -22.67 1.40 -6.20
CA GLY A 4 -23.45 0.88 -5.08
C GLY A 4 -22.75 1.17 -3.76
N SER A 5 -21.74 2.02 -3.80
CA SER A 5 -20.99 2.37 -2.60
C SER A 5 -21.88 3.11 -1.61
N CYS A 6 -21.53 3.03 -0.33
CA CYS A 6 -22.31 3.69 0.72
C CYS A 6 -21.42 4.08 1.88
N GLY A 7 -20.19 3.57 1.88
CA GLY A 7 -19.25 3.87 2.94
C GLY A 7 -19.71 3.28 4.27
N GLY A 8 -19.75 4.12 5.30
CA GLY A 8 -20.17 3.68 6.62
C GLY A 8 -19.01 3.06 7.40
N VAL A 9 -19.33 2.45 8.53
CA VAL A 9 -18.31 1.81 9.37
C VAL A 9 -18.74 0.39 9.76
N GLY A 10 -17.77 -0.44 10.10
CA GLY A 10 -18.06 -1.82 10.48
C GLY A 10 -18.39 -1.91 11.97
N ILE A 11 -18.63 -3.13 12.44
CA ILE A 11 -18.95 -3.35 13.85
C ILE A 11 -17.68 -3.28 14.69
N ALA A 12 -16.91 -2.21 14.51
CA ALA A 12 -15.66 -2.03 15.24
C ALA A 12 -15.35 -0.54 15.39
N SER A 13 -14.55 -0.20 16.40
CA SER A 13 -14.19 1.20 16.63
C SER A 13 -13.00 1.60 15.77
N LEU A 14 -13.08 2.78 15.16
CA LEU A 14 -12.01 3.28 14.30
C LEU A 14 -11.15 4.29 15.06
N GLN A 15 -9.86 4.30 14.75
CA GLN A 15 -8.92 5.23 15.40
C GLN A 15 -7.95 5.79 14.37
N ARG A 16 -7.25 6.86 14.75
CA ARG A 16 -6.29 7.51 13.84
C ARG A 16 -4.88 7.48 14.40
N TYR A 17 -3.91 7.23 13.52
CA TYR A 17 -2.50 7.18 13.90
C TYR A 17 -1.71 8.21 13.10
N SER A 18 -0.91 9.01 13.78
CA SER A 18 -0.10 10.05 13.11
C SER A 18 1.35 10.00 13.59
N ASP A 19 2.27 10.38 12.71
CA ASP A 19 3.70 10.38 13.05
C ASP A 19 4.38 11.63 12.49
N THR A 20 4.98 12.41 13.37
CA THR A 20 5.68 13.62 12.95
C THR A 20 7.00 13.27 12.28
N LYS A 21 7.58 12.14 12.70
CA LYS A 21 8.86 11.70 12.14
C LYS A 21 8.75 11.44 10.64
N ASP A 22 7.71 10.70 10.25
CA ASP A 22 7.49 10.38 8.83
C ASP A 22 6.56 11.40 8.19
N GLY A 23 5.79 12.11 9.01
CA GLY A 23 4.87 13.12 8.51
C GLY A 23 3.71 12.49 7.76
N TYR A 24 3.15 11.40 8.29
CA TYR A 24 2.02 10.72 7.64
C TYR A 24 1.01 10.25 8.70
N GLU A 25 -0.27 10.23 8.33
CA GLU A 25 -1.31 9.80 9.25
C GLU A 25 -2.44 9.10 8.50
N PHE A 26 -2.99 8.05 9.10
CA PHE A 26 -4.08 7.29 8.48
C PHE A 26 -4.95 6.60 9.53
N LEU A 27 -6.18 6.28 9.15
CA LEU A 27 -7.12 5.60 10.05
C LEU A 27 -7.18 4.12 9.73
N TYR A 28 -7.33 3.31 10.78
CA TYR A 28 -7.40 1.85 10.63
C TYR A 28 -8.30 1.26 11.71
N PRO A 29 -9.01 0.17 11.43
CA PRO A 29 -9.92 -0.47 12.43
C PRO A 29 -9.15 -1.08 13.60
N ASN A 30 -9.83 -1.23 14.74
CA ASN A 30 -9.21 -1.79 15.93
C ASN A 30 -9.01 -3.30 15.77
N GLY A 31 -8.12 -3.85 16.59
CA GLY A 31 -7.83 -5.29 16.55
C GLY A 31 -6.59 -5.57 15.72
N TRP A 32 -5.96 -4.51 15.22
CA TRP A 32 -4.75 -4.64 14.41
C TRP A 32 -3.52 -4.53 15.29
N ILE A 33 -2.48 -5.27 14.93
CA ILE A 33 -1.22 -5.25 15.69
C ILE A 33 -0.06 -4.84 14.77
N GLY A 34 0.90 -4.11 15.33
CA GLY A 34 2.06 -3.66 14.57
C GLY A 34 3.26 -4.54 14.88
N VAL A 35 3.94 -5.00 13.83
CA VAL A 35 5.11 -5.86 14.00
C VAL A 35 6.38 -5.12 13.61
N ASP A 36 7.39 -5.19 14.47
CA ASP A 36 8.66 -4.53 14.20
C ASP A 36 9.52 -5.38 13.28
N VAL A 37 10.13 -4.74 12.28
CA VAL A 37 10.97 -5.45 11.32
C VAL A 37 12.10 -4.55 10.84
N LYS A 38 12.88 -4.03 11.78
CA LYS A 38 13.98 -3.15 11.43
C LYS A 38 15.14 -3.96 10.86
N GLY A 39 15.69 -3.50 9.75
CA GLY A 39 16.79 -4.19 9.10
C GLY A 39 16.27 -5.19 8.06
N ALA A 40 14.95 -5.21 7.90
CA ALA A 40 14.31 -6.11 6.95
C ALA A 40 14.44 -5.56 5.53
N SER A 41 13.64 -6.10 4.61
CA SER A 41 13.67 -5.66 3.23
C SER A 41 13.84 -4.12 3.15
N PRO A 42 14.85 -3.62 2.47
CA PRO A 42 15.09 -2.16 2.37
C PRO A 42 13.79 -1.37 2.12
N GLY A 43 13.50 -0.44 3.04
CA GLY A 43 12.30 0.39 2.93
C GLY A 43 11.24 -0.01 3.97
N VAL A 44 11.06 -1.31 4.15
CA VAL A 44 10.07 -1.79 5.10
C VAL A 44 10.47 -1.39 6.52
N ASP A 45 9.57 -0.65 7.19
CA ASP A 45 9.82 -0.18 8.56
C ASP A 45 8.77 -0.71 9.54
N VAL A 46 7.49 -0.58 9.17
CA VAL A 46 6.39 -1.03 10.04
C VAL A 46 5.43 -1.93 9.26
N VAL A 47 5.00 -3.01 9.92
CA VAL A 47 4.06 -3.95 9.29
C VAL A 47 2.83 -4.15 10.17
N PHE A 48 1.66 -4.13 9.56
CA PHE A 48 0.39 -4.32 10.28
C PHE A 48 -0.25 -5.63 9.87
N ARG A 49 -0.70 -6.41 10.85
CA ARG A 49 -1.34 -7.71 10.59
C ARG A 49 -2.64 -7.83 11.37
N ASP A 50 -3.69 -8.25 10.68
CA ASP A 50 -5.00 -8.41 11.31
C ASP A 50 -5.18 -9.83 11.84
N LEU A 51 -5.36 -9.96 13.15
CA LEU A 51 -5.54 -11.27 13.76
C LEU A 51 -6.86 -11.89 13.30
N ILE A 52 -7.87 -11.06 13.15
CA ILE A 52 -9.20 -11.53 12.72
C ILE A 52 -9.12 -12.14 11.33
N GLU A 53 -8.39 -11.48 10.43
CA GLU A 53 -8.25 -11.96 9.05
C GLU A 53 -6.79 -12.29 8.73
N ARG A 54 -6.49 -13.59 8.67
CA ARG A 54 -5.13 -14.03 8.37
C ARG A 54 -4.81 -13.79 6.90
N ASP A 55 -5.80 -14.00 6.04
CA ASP A 55 -5.61 -13.82 4.61
C ASP A 55 -5.27 -12.37 4.28
N GLU A 56 -5.82 -11.43 5.06
CA GLU A 56 -5.56 -10.02 4.83
C GLU A 56 -4.31 -9.57 5.56
N ASN A 57 -3.42 -8.88 4.84
CA ASN A 57 -2.17 -8.40 5.42
C ASN A 57 -1.85 -7.01 4.89
N LEU A 58 -1.38 -6.12 5.75
CA LEU A 58 -1.02 -4.75 5.36
C LEU A 58 0.40 -4.45 5.78
N SER A 59 1.18 -3.85 4.87
CA SER A 59 2.57 -3.51 5.16
C SER A 59 2.82 -2.03 4.86
N VAL A 60 3.71 -1.41 5.64
CA VAL A 60 4.03 0.00 5.45
C VAL A 60 5.52 0.18 5.18
N ILE A 61 5.84 0.89 4.11
CA ILE A 61 7.23 1.12 3.72
C ILE A 61 7.54 2.61 3.77
N ILE A 62 8.46 3.01 4.64
CA ILE A 62 8.84 4.43 4.77
C ILE A 62 10.30 4.62 4.38
N SER A 63 10.53 5.51 3.42
CA SER A 63 11.89 5.81 2.94
C SER A 63 11.98 7.27 2.54
N GLU A 64 13.21 7.79 2.47
CA GLU A 64 13.44 9.18 2.08
C GLU A 64 13.95 9.26 0.65
N ILE A 65 13.36 10.14 -0.15
CA ILE A 65 13.76 10.29 -1.55
C ILE A 65 14.90 11.29 -1.67
N PRO A 66 15.78 11.13 -2.63
CA PRO A 66 16.89 12.08 -2.85
C PRO A 66 16.37 13.43 -3.30
N SER A 67 16.93 14.49 -2.75
CA SER A 67 16.52 15.84 -3.09
C SER A 67 16.78 16.15 -4.56
N ASP A 68 17.76 15.46 -5.13
CA ASP A 68 18.13 15.67 -6.52
C ASP A 68 17.04 15.19 -7.48
N LYS A 69 16.30 14.16 -7.08
CA LYS A 69 15.23 13.61 -7.93
C LYS A 69 13.93 13.46 -7.16
N THR A 70 12.81 13.47 -7.89
CA THR A 70 11.48 13.33 -7.30
C THR A 70 10.75 12.14 -7.90
N LEU A 71 9.58 11.85 -7.36
CA LEU A 71 8.78 10.73 -7.84
C LEU A 71 8.56 10.82 -9.35
N THR A 72 8.25 12.01 -9.84
CA THR A 72 8.02 12.19 -11.27
C THR A 72 9.30 11.98 -12.07
N ASP A 73 10.41 12.53 -11.59
CA ASP A 73 11.68 12.39 -12.28
C ASP A 73 12.18 10.95 -12.20
N LEU A 74 11.91 10.30 -11.08
CA LEU A 74 12.35 8.91 -10.89
C LEU A 74 11.85 8.03 -12.03
N GLY A 75 10.59 8.23 -12.42
CA GLY A 75 10.01 7.44 -13.50
C GLY A 75 8.55 7.81 -13.74
N THR A 76 7.95 7.17 -14.73
CA THR A 76 6.55 7.40 -15.06
C THR A 76 5.67 6.40 -14.32
N ALA A 77 4.36 6.59 -14.40
CA ALA A 77 3.45 5.67 -13.72
C ALA A 77 3.69 4.24 -14.19
N THR A 78 3.91 4.08 -15.50
CA THR A 78 4.17 2.75 -16.05
C THR A 78 5.56 2.27 -15.68
N ASP A 79 6.55 3.15 -15.81
CA ASP A 79 7.93 2.81 -15.47
C ASP A 79 8.04 2.44 -14.00
N VAL A 80 7.53 3.33 -13.15
CA VAL A 80 7.58 3.09 -11.71
C VAL A 80 6.84 1.81 -11.40
N GLY A 81 5.74 1.58 -12.10
CA GLY A 81 4.96 0.38 -11.91
C GLY A 81 5.80 -0.87 -12.14
N TYR A 82 6.45 -0.94 -13.30
CA TYR A 82 7.30 -2.08 -13.64
C TYR A 82 8.46 -2.22 -12.65
N ARG A 83 9.02 -1.10 -12.20
CA ARG A 83 10.14 -1.16 -11.26
C ARG A 83 9.75 -1.94 -10.02
N PHE A 84 8.52 -1.76 -9.57
CA PHE A 84 8.03 -2.45 -8.38
C PHE A 84 8.01 -3.96 -8.60
N MET A 85 7.59 -4.38 -9.79
CA MET A 85 7.52 -5.80 -10.09
C MET A 85 8.88 -6.45 -9.89
N LYS A 86 9.88 -5.87 -10.53
CA LYS A 86 11.23 -6.38 -10.41
C LYS A 86 11.73 -6.30 -8.98
N THR A 87 11.36 -5.21 -8.29
CA THR A 87 11.79 -5.03 -6.91
C THR A 87 11.28 -6.17 -6.03
N VAL A 88 10.01 -6.52 -6.17
CA VAL A 88 9.43 -7.60 -5.39
C VAL A 88 9.97 -8.95 -5.87
N ASN A 89 9.98 -9.13 -7.18
CA ASN A 89 10.47 -10.37 -7.76
C ASN A 89 11.94 -10.60 -7.43
N ASP A 90 12.70 -9.51 -7.29
CA ASP A 90 14.12 -9.61 -6.98
C ASP A 90 14.37 -10.67 -5.91
N ALA A 91 13.47 -10.75 -4.93
CA ALA A 91 13.61 -11.72 -3.84
C ALA A 91 12.58 -12.85 -3.96
N SER A 92 11.60 -12.67 -4.85
CA SER A 92 10.54 -13.67 -5.04
C SER A 92 10.50 -14.18 -6.48
N GLN A 93 11.58 -13.98 -7.23
CA GLN A 93 11.64 -14.42 -8.63
C GLN A 93 11.84 -15.92 -8.72
N GLY A 94 11.88 -16.61 -7.60
CA GLY A 94 12.09 -18.05 -7.61
C GLY A 94 10.81 -18.80 -7.96
N ASP A 95 9.78 -18.66 -7.13
CA ASP A 95 8.49 -19.34 -7.37
C ASP A 95 7.36 -18.34 -7.58
N ARG A 96 7.40 -17.25 -6.82
CA ARG A 96 6.36 -16.22 -6.91
C ARG A 96 6.58 -15.32 -8.12
N GLN A 97 5.48 -14.95 -8.78
CA GLN A 97 5.55 -14.07 -9.94
C GLN A 97 4.56 -12.92 -9.78
N ALA A 98 5.02 -11.69 -10.03
CA ALA A 98 4.17 -10.52 -9.92
C ALA A 98 3.73 -10.03 -11.29
N GLU A 99 2.44 -9.73 -11.42
CA GLU A 99 1.86 -9.26 -12.67
C GLU A 99 1.24 -7.88 -12.50
N LEU A 100 1.72 -6.92 -13.28
CA LEU A 100 1.19 -5.55 -13.19
C LEU A 100 -0.12 -5.44 -13.97
N ILE A 101 -1.21 -5.26 -13.24
CA ILE A 101 -2.51 -5.11 -13.89
C ILE A 101 -2.59 -3.75 -14.57
N ASN A 102 -2.12 -2.72 -13.89
CA ASN A 102 -2.12 -1.37 -14.44
C ASN A 102 -1.57 -0.37 -13.42
N ALA A 103 -1.41 0.88 -13.85
CA ALA A 103 -0.89 1.93 -12.98
C ALA A 103 -1.41 3.29 -13.43
N GLU A 104 -1.67 4.17 -12.47
CA GLU A 104 -2.18 5.51 -12.80
C GLU A 104 -1.62 6.54 -11.83
N ALA A 105 -1.37 7.75 -12.34
CA ALA A 105 -0.84 8.85 -11.53
C ALA A 105 -1.87 9.98 -11.43
N ARG A 106 -2.04 10.50 -10.22
CA ARG A 106 -2.99 11.59 -9.98
C ARG A 106 -2.24 12.83 -9.51
N ASP A 107 -2.86 13.99 -9.65
CA ASP A 107 -2.25 15.26 -9.24
C ASP A 107 -3.28 16.17 -8.58
N GLU A 108 -3.19 16.31 -7.25
CA GLU A 108 -4.13 17.15 -6.50
C GLU A 108 -3.40 17.95 -5.42
N ASP A 109 -3.88 19.18 -5.19
CA ASP A 109 -3.29 20.04 -4.18
C ASP A 109 -1.79 20.19 -4.37
N GLY A 110 -1.33 20.10 -5.61
CA GLY A 110 0.09 20.24 -5.91
C GLY A 110 0.85 18.96 -5.56
N GLN A 111 0.12 17.96 -5.09
CA GLN A 111 0.72 16.68 -4.72
C GLN A 111 0.45 15.65 -5.81
N VAL A 112 1.40 14.74 -6.00
CA VAL A 112 1.27 13.69 -7.00
C VAL A 112 1.15 12.33 -6.34
N TYR A 113 0.12 11.57 -6.74
CA TYR A 113 -0.10 10.24 -6.17
C TYR A 113 0.01 9.18 -7.26
N TYR A 114 0.83 8.16 -7.00
CA TYR A 114 1.02 7.07 -7.98
C TYR A 114 0.29 5.82 -7.48
N THR A 115 -0.63 5.31 -8.29
CA THR A 115 -1.39 4.12 -7.92
C THR A 115 -0.89 2.92 -8.72
N LEU A 116 -0.48 1.88 -7.99
CA LEU A 116 0.01 0.65 -8.62
C LEU A 116 -0.93 -0.50 -8.32
N GLU A 117 -1.40 -1.15 -9.37
CA GLU A 117 -2.30 -2.30 -9.23
C GLU A 117 -1.66 -3.52 -9.88
N TYR A 118 -1.42 -4.54 -9.05
CA TYR A 118 -0.80 -5.77 -9.54
C TYR A 118 -1.34 -6.98 -8.77
N ARG A 119 -1.15 -8.17 -9.33
CA ARG A 119 -1.63 -9.39 -8.67
C ARG A 119 -0.49 -10.38 -8.47
N VAL A 120 -0.60 -11.18 -7.41
CA VAL A 120 0.42 -12.17 -7.08
C VAL A 120 -0.08 -13.57 -7.42
N LEU A 121 0.78 -14.36 -8.09
CA LEU A 121 0.41 -15.72 -8.46
C LEU A 121 1.57 -16.68 -8.26
N VAL A 122 1.27 -17.83 -7.66
CA VAL A 122 2.26 -18.86 -7.40
C VAL A 122 1.92 -20.12 -8.18
N GLY A 123 2.92 -20.72 -8.82
CA GLY A 123 2.67 -21.92 -9.61
C GLY A 123 1.83 -21.59 -10.83
N ASP A 124 0.68 -22.26 -10.95
CA ASP A 124 -0.22 -22.04 -12.09
C ASP A 124 -1.53 -21.39 -11.67
N ASN A 125 -1.58 -20.83 -10.46
CA ASN A 125 -2.81 -20.18 -9.96
C ASN A 125 -2.50 -18.82 -9.34
N VAL A 126 -3.54 -17.99 -9.24
CA VAL A 126 -3.42 -16.66 -8.66
C VAL A 126 -3.60 -16.72 -7.14
N GLU A 127 -2.64 -16.15 -6.42
CA GLU A 127 -2.71 -16.15 -4.96
C GLU A 127 -3.71 -15.11 -4.46
N ARG A 128 -3.52 -13.86 -4.89
CA ARG A 128 -4.42 -12.78 -4.48
C ARG A 128 -4.07 -11.48 -5.19
N HIS A 129 -4.90 -10.46 -4.98
CA HIS A 129 -4.69 -9.14 -5.59
C HIS A 129 -4.11 -8.17 -4.56
N ASP A 130 -3.14 -7.34 -4.98
CA ASP A 130 -2.51 -6.38 -4.08
C ASP A 130 -2.42 -5.01 -4.73
N LEU A 131 -2.80 -3.98 -3.96
CA LEU A 131 -2.76 -2.59 -4.44
C LEU A 131 -1.69 -1.81 -3.69
N ALA A 132 -0.89 -1.06 -4.43
CA ALA A 132 0.17 -0.25 -3.83
C ALA A 132 0.06 1.19 -4.33
N SER A 133 0.11 2.15 -3.39
CA SER A 133 0.04 3.57 -3.76
C SER A 133 1.28 4.28 -3.28
N VAL A 134 2.01 4.92 -4.21
CA VAL A 134 3.24 5.64 -3.85
C VAL A 134 3.04 7.15 -3.94
N THR A 135 3.42 7.85 -2.87
CA THR A 135 3.30 9.30 -2.82
C THR A 135 4.48 9.90 -2.06
N THR A 136 4.92 11.09 -2.47
CA THR A 136 6.03 11.77 -1.81
C THR A 136 5.55 13.01 -1.07
N ASN A 137 6.25 13.39 -0.01
CA ASN A 137 5.88 14.56 0.77
C ASN A 137 7.05 15.09 1.57
N ARG A 138 7.42 16.34 1.30
CA ARG A 138 8.53 16.97 2.01
C ARG A 138 9.80 16.15 1.87
N GLY A 139 9.92 15.44 0.75
CA GLY A 139 11.10 14.62 0.51
C GLY A 139 10.99 13.28 1.22
N LYS A 140 9.79 12.95 1.67
CA LYS A 140 9.55 11.69 2.38
C LYS A 140 8.81 10.71 1.47
N LEU A 141 9.35 9.49 1.35
CA LEU A 141 8.73 8.48 0.49
C LEU A 141 7.73 7.66 1.31
N ILE A 142 6.46 7.69 0.90
CA ILE A 142 5.42 6.93 1.61
C ILE A 142 4.69 6.00 0.64
N THR A 143 4.59 4.72 1.01
CA THR A 143 3.89 3.74 0.17
C THR A 143 2.91 2.92 1.02
N PHE A 144 1.73 2.66 0.46
CA PHE A 144 0.71 1.88 1.18
C PHE A 144 0.46 0.54 0.48
N ASP A 145 0.99 -0.55 1.05
CA ASP A 145 0.81 -1.87 0.47
C ASP A 145 -0.30 -2.62 1.19
N LEU A 146 -1.42 -2.84 0.49
CA LEU A 146 -2.57 -3.53 1.07
C LEU A 146 -2.83 -4.83 0.31
N SER A 147 -3.06 -5.92 1.06
CA SER A 147 -3.35 -7.21 0.46
C SER A 147 -4.65 -7.79 1.01
N THR A 148 -5.48 -8.34 0.13
CA THR A 148 -6.76 -8.90 0.54
C THR A 148 -7.19 -10.00 -0.43
N ALA A 149 -8.05 -10.90 0.05
CA ALA A 149 -8.52 -12.01 -0.77
C ALA A 149 -9.22 -11.51 -2.04
N GLU A 150 -9.00 -12.24 -3.13
CA GLU A 150 -9.60 -11.88 -4.41
C GLU A 150 -11.11 -12.10 -4.40
N ASP A 151 -11.54 -13.07 -3.62
CA ASP A 151 -12.95 -13.41 -3.52
C ASP A 151 -13.79 -12.22 -3.05
N ARG A 152 -13.23 -11.39 -2.18
CA ARG A 152 -13.96 -10.23 -1.64
C ARG A 152 -13.35 -8.90 -2.11
N TRP A 153 -12.25 -8.98 -2.83
CA TRP A 153 -11.59 -7.76 -3.31
C TRP A 153 -12.60 -6.84 -4.00
N ASP A 154 -13.51 -7.42 -4.75
CA ASP A 154 -14.52 -6.63 -5.44
C ASP A 154 -15.42 -5.88 -4.45
N THR A 155 -15.80 -6.56 -3.38
CA THR A 155 -16.67 -5.96 -2.37
C THR A 155 -15.97 -4.80 -1.65
N VAL A 156 -14.68 -4.97 -1.36
CA VAL A 156 -13.91 -3.93 -0.67
C VAL A 156 -12.92 -3.25 -1.61
N LYS A 157 -13.20 -3.33 -2.91
CA LYS A 157 -12.31 -2.71 -3.89
C LYS A 157 -12.01 -1.26 -3.54
N SER A 158 -13.06 -0.50 -3.25
CA SER A 158 -12.91 0.91 -2.91
C SER A 158 -12.14 1.10 -1.60
N LEU A 159 -12.26 0.14 -0.69
CA LEU A 159 -11.60 0.23 0.61
C LEU A 159 -10.10 0.44 0.44
N PHE A 160 -9.49 -0.31 -0.48
CA PHE A 160 -8.05 -0.18 -0.69
C PHE A 160 -7.70 1.22 -1.15
N ASP A 161 -8.42 1.68 -2.17
CA ASP A 161 -8.19 3.01 -2.71
C ASP A 161 -8.52 4.08 -1.66
N THR A 162 -9.60 3.86 -0.93
CA THR A 162 -10.03 4.80 0.09
C THR A 162 -9.02 4.87 1.25
N VAL A 163 -8.59 3.72 1.74
CA VAL A 163 -7.63 3.69 2.84
C VAL A 163 -6.31 4.34 2.43
N ALA A 164 -5.82 3.99 1.25
CA ALA A 164 -4.57 4.57 0.76
C ALA A 164 -4.74 6.06 0.48
N SER A 165 -5.82 6.40 -0.21
CA SER A 165 -6.11 7.79 -0.53
C SER A 165 -6.47 8.60 0.71
N SER A 166 -7.11 7.94 1.67
CA SER A 166 -7.53 8.61 2.91
C SER A 166 -6.33 9.14 3.69
N PHE A 167 -5.18 8.50 3.53
CA PHE A 167 -3.99 8.93 4.26
C PHE A 167 -3.69 10.41 3.98
N HIS A 168 -2.92 11.02 4.88
CA HIS A 168 -2.53 12.42 4.73
C HIS A 168 -1.06 12.57 5.06
N VAL A 169 -0.43 13.64 4.56
CA VAL A 169 1.00 13.87 4.80
C VAL A 169 1.23 15.26 5.37
N TYR A 170 2.30 15.40 6.16
CA TYR A 170 2.63 16.68 6.77
C TYR A 170 3.99 16.62 7.45
N GLY A 1 -26.55 -5.18 -10.44
CA GLY A 1 -26.86 -3.74 -10.59
C GLY A 1 -26.03 -2.92 -9.60
N PRO A 2 -25.99 -1.63 -9.77
CA PRO A 2 -25.21 -0.72 -8.88
C PRO A 2 -25.74 -0.74 -7.44
N LEU A 3 -24.83 -0.56 -6.48
CA LEU A 3 -25.22 -0.56 -5.07
C LEU A 3 -25.68 0.83 -4.64
N GLY A 4 -26.68 0.87 -3.76
CA GLY A 4 -27.19 2.14 -3.27
C GLY A 4 -26.09 2.97 -2.62
N SER A 5 -26.26 3.27 -1.34
CA SER A 5 -25.27 4.06 -0.59
C SER A 5 -24.64 3.22 0.51
N CYS A 6 -23.37 3.52 0.82
CA CYS A 6 -22.65 2.79 1.85
C CYS A 6 -22.90 3.39 3.22
N GLY A 7 -23.36 2.57 4.15
CA GLY A 7 -23.65 3.02 5.51
C GLY A 7 -22.38 3.02 6.35
N GLY A 8 -22.52 3.37 7.64
CA GLY A 8 -21.37 3.39 8.53
C GLY A 8 -20.96 1.98 8.94
N VAL A 9 -19.69 1.82 9.31
CA VAL A 9 -19.16 0.52 9.73
C VAL A 9 -18.62 0.58 11.15
N GLY A 10 -18.96 -0.41 11.97
CA GLY A 10 -18.51 -0.44 13.35
C GLY A 10 -18.94 0.82 14.09
N ILE A 11 -19.83 0.65 15.07
CA ILE A 11 -20.31 1.78 15.86
C ILE A 11 -19.16 2.47 16.57
N ALA A 12 -18.19 1.68 17.01
CA ALA A 12 -17.03 2.23 17.71
C ALA A 12 -15.84 1.27 17.59
N SER A 13 -15.11 1.39 16.49
CA SER A 13 -13.96 0.52 16.25
C SER A 13 -13.04 1.13 15.18
N LEU A 14 -12.78 2.43 15.30
CA LEU A 14 -11.90 3.13 14.34
C LEU A 14 -10.91 4.03 15.09
N GLN A 15 -9.64 3.94 14.70
CA GLN A 15 -8.58 4.74 15.33
C GLN A 15 -7.73 5.40 14.24
N ARG A 16 -6.98 6.44 14.64
CA ARG A 16 -6.11 7.17 13.71
C ARG A 16 -4.66 7.11 14.17
N TYR A 17 -3.75 7.07 13.20
CA TYR A 17 -2.31 7.02 13.50
C TYR A 17 -1.57 8.09 12.70
N SER A 18 -0.66 8.79 13.38
CA SER A 18 0.12 9.85 12.73
C SER A 18 1.55 9.88 13.27
N ASP A 19 2.46 10.44 12.48
CA ASP A 19 3.87 10.52 12.89
C ASP A 19 4.50 11.80 12.33
N THR A 20 4.96 12.66 13.23
CA THR A 20 5.59 13.91 12.80
C THR A 20 6.95 13.63 12.16
N LYS A 21 7.62 12.59 12.64
CA LYS A 21 8.94 12.23 12.12
C LYS A 21 8.85 11.85 10.64
N ASP A 22 7.90 10.96 10.32
CA ASP A 22 7.73 10.52 8.94
C ASP A 22 6.79 11.45 8.18
N GLY A 23 5.98 12.20 8.92
CA GLY A 23 5.05 13.14 8.30
C GLY A 23 3.95 12.43 7.54
N TYR A 24 3.44 11.31 8.09
CA TYR A 24 2.36 10.57 7.42
C TYR A 24 1.35 10.08 8.45
N GLU A 25 0.09 9.94 8.02
CA GLU A 25 -0.97 9.47 8.92
C GLU A 25 -2.07 8.77 8.13
N PHE A 26 -2.64 7.72 8.72
CA PHE A 26 -3.72 6.98 8.07
C PHE A 26 -4.66 6.37 9.10
N LEU A 27 -5.89 6.07 8.68
CA LEU A 27 -6.90 5.48 9.56
C LEU A 27 -6.96 3.96 9.36
N TYR A 28 -7.33 3.25 10.42
CA TYR A 28 -7.44 1.80 10.36
C TYR A 28 -8.47 1.30 11.38
N PRO A 29 -9.21 0.26 11.08
CA PRO A 29 -10.24 -0.29 12.00
C PRO A 29 -9.64 -0.93 13.25
N ASN A 30 -10.43 -0.93 14.33
CA ASN A 30 -9.99 -1.51 15.60
C ASN A 30 -9.89 -3.03 15.50
N GLY A 31 -9.11 -3.62 16.42
CA GLY A 31 -8.92 -5.07 16.44
C GLY A 31 -7.64 -5.46 15.71
N TRP A 32 -6.96 -4.46 15.15
CA TRP A 32 -5.71 -4.70 14.42
C TRP A 32 -4.52 -4.48 15.35
N ILE A 33 -3.45 -5.26 15.11
CA ILE A 33 -2.23 -5.14 15.92
C ILE A 33 -1.05 -4.79 15.04
N GLY A 34 -0.08 -4.07 15.60
CA GLY A 34 1.13 -3.67 14.87
C GLY A 34 2.36 -4.33 15.46
N VAL A 35 3.28 -4.74 14.59
CA VAL A 35 4.52 -5.39 15.03
C VAL A 35 5.74 -4.72 14.42
N ASP A 36 6.82 -4.67 15.20
CA ASP A 36 8.06 -4.05 14.73
C ASP A 36 8.87 -5.06 13.92
N VAL A 37 9.39 -4.59 12.77
CA VAL A 37 10.20 -5.45 11.90
C VAL A 37 11.52 -4.78 11.57
N LYS A 38 12.27 -4.41 12.61
CA LYS A 38 13.55 -3.76 12.42
C LYS A 38 14.58 -4.76 11.89
N GLY A 39 15.33 -4.32 10.89
CA GLY A 39 16.35 -5.18 10.26
C GLY A 39 15.76 -5.92 9.07
N ALA A 40 14.49 -5.63 8.78
CA ALA A 40 13.80 -6.27 7.66
C ALA A 40 14.18 -5.61 6.35
N SER A 41 13.41 -5.87 5.29
CA SER A 41 13.70 -5.29 3.99
C SER A 41 13.94 -3.79 4.12
N PRO A 42 14.68 -3.21 3.21
CA PRO A 42 14.99 -1.75 3.24
C PRO A 42 13.74 -0.90 3.00
N GLY A 43 13.55 0.10 3.86
CA GLY A 43 12.40 1.00 3.75
C GLY A 43 11.25 0.54 4.62
N VAL A 44 11.24 -0.74 4.98
CA VAL A 44 10.17 -1.28 5.83
C VAL A 44 10.18 -0.59 7.19
N ASP A 45 9.00 -0.18 7.66
CA ASP A 45 8.90 0.50 8.96
C ASP A 45 8.02 -0.28 9.94
N VAL A 46 6.77 -0.53 9.56
CA VAL A 46 5.84 -1.26 10.44
C VAL A 46 4.89 -2.14 9.63
N VAL A 47 4.48 -3.26 10.23
CA VAL A 47 3.56 -4.19 9.58
C VAL A 47 2.32 -4.42 10.44
N PHE A 48 1.14 -4.41 9.80
CA PHE A 48 -0.12 -4.61 10.50
C PHE A 48 -0.76 -5.95 10.08
N ARG A 49 -1.39 -6.62 11.04
CA ARG A 49 -2.03 -7.91 10.75
C ARG A 49 -3.30 -8.08 11.58
N ASP A 50 -4.30 -8.73 11.00
CA ASP A 50 -5.58 -8.96 11.68
C ASP A 50 -5.66 -10.39 12.22
N LEU A 51 -5.85 -10.52 13.53
CA LEU A 51 -5.95 -11.84 14.14
C LEU A 51 -7.17 -12.58 13.59
N ILE A 52 -8.27 -11.84 13.42
CA ILE A 52 -9.50 -12.44 12.92
C ILE A 52 -9.31 -12.91 11.47
N GLU A 53 -8.58 -12.12 10.69
CA GLU A 53 -8.32 -12.46 9.29
C GLU A 53 -6.82 -12.45 9.00
N ARG A 54 -6.20 -13.62 9.08
CA ARG A 54 -4.76 -13.73 8.82
C ARG A 54 -4.45 -13.33 7.39
N ASP A 55 -5.33 -13.71 6.48
CA ASP A 55 -5.15 -13.40 5.07
C ASP A 55 -5.13 -11.91 4.83
N GLU A 56 -5.88 -11.16 5.64
CA GLU A 56 -5.93 -9.70 5.49
C GLU A 56 -4.79 -9.06 6.28
N ASN A 57 -4.00 -8.24 5.59
CA ASN A 57 -2.88 -7.57 6.23
C ASN A 57 -2.27 -6.54 5.28
N LEU A 58 -1.39 -5.69 5.81
CA LEU A 58 -0.73 -4.68 5.01
C LEU A 58 0.57 -4.25 5.65
N SER A 59 1.49 -3.70 4.84
CA SER A 59 2.78 -3.24 5.32
C SER A 59 3.07 -1.84 4.82
N VAL A 60 3.80 -1.05 5.61
CA VAL A 60 4.15 0.32 5.23
C VAL A 60 5.66 0.45 5.09
N ILE A 61 6.09 0.98 3.94
CA ILE A 61 7.50 1.15 3.65
C ILE A 61 7.83 2.63 3.49
N ILE A 62 8.78 3.12 4.27
CA ILE A 62 9.18 4.53 4.23
C ILE A 62 10.65 4.65 3.82
N SER A 63 10.90 5.49 2.81
CA SER A 63 12.25 5.71 2.31
C SER A 63 12.46 7.20 2.01
N GLU A 64 13.72 7.62 1.89
CA GLU A 64 14.04 9.02 1.60
C GLU A 64 14.45 9.19 0.14
N ILE A 65 13.90 10.22 -0.52
CA ILE A 65 14.23 10.48 -1.92
C ILE A 65 15.22 11.64 -2.05
N PRO A 66 16.06 11.64 -3.06
CA PRO A 66 17.05 12.73 -3.26
C PRO A 66 16.35 14.03 -3.66
N SER A 67 16.80 15.13 -3.08
CA SER A 67 16.23 16.45 -3.36
C SER A 67 16.40 16.81 -4.83
N ASP A 68 17.44 16.29 -5.47
CA ASP A 68 17.72 16.59 -6.86
C ASP A 68 16.65 16.02 -7.79
N LYS A 69 16.06 14.88 -7.41
CA LYS A 69 15.03 14.25 -8.24
C LYS A 69 13.78 13.94 -7.43
N THR A 70 12.63 13.93 -8.11
CA THR A 70 11.35 13.66 -7.48
C THR A 70 10.69 12.43 -8.10
N LEU A 71 9.53 12.06 -7.58
CA LEU A 71 8.81 10.89 -8.07
C LEU A 71 8.67 10.94 -9.60
N THR A 72 8.33 12.11 -10.14
CA THR A 72 8.16 12.25 -11.57
C THR A 72 9.49 12.04 -12.30
N ASP A 73 10.56 12.63 -11.75
CA ASP A 73 11.87 12.51 -12.35
C ASP A 73 12.36 11.07 -12.29
N LEU A 74 12.07 10.39 -11.19
CA LEU A 74 12.50 9.00 -11.02
C LEU A 74 11.97 8.14 -12.16
N GLY A 75 10.71 8.35 -12.52
CA GLY A 75 10.11 7.57 -13.60
C GLY A 75 8.64 7.94 -13.79
N THR A 76 8.02 7.34 -14.80
CA THR A 76 6.61 7.59 -15.09
C THR A 76 5.76 6.53 -14.40
N ALA A 77 4.44 6.71 -14.44
CA ALA A 77 3.55 5.76 -13.80
C ALA A 77 3.80 4.35 -14.35
N THR A 78 3.96 4.26 -15.66
CA THR A 78 4.21 2.97 -16.30
C THR A 78 5.62 2.47 -16.00
N ASP A 79 6.60 3.37 -16.10
CA ASP A 79 7.99 3.02 -15.84
C ASP A 79 8.15 2.56 -14.40
N VAL A 80 7.65 3.37 -13.47
CA VAL A 80 7.73 3.02 -12.06
C VAL A 80 7.00 1.71 -11.80
N GLY A 81 5.87 1.55 -12.49
CA GLY A 81 5.08 0.33 -12.35
C GLY A 81 5.91 -0.90 -12.69
N TYR A 82 6.67 -0.81 -13.78
CA TYR A 82 7.51 -1.92 -14.20
C TYR A 82 8.67 -2.13 -13.22
N ARG A 83 9.29 -1.04 -12.78
CA ARG A 83 10.40 -1.14 -11.85
C ARG A 83 9.97 -1.78 -10.54
N PHE A 84 8.76 -1.45 -10.09
CA PHE A 84 8.25 -2.01 -8.84
C PHE A 84 8.11 -3.52 -8.95
N MET A 85 7.65 -4.00 -10.10
CA MET A 85 7.50 -5.44 -10.31
C MET A 85 8.83 -6.14 -10.16
N LYS A 86 9.87 -5.57 -10.75
CA LYS A 86 11.20 -6.15 -10.68
C LYS A 86 11.70 -6.14 -9.23
N THR A 87 11.40 -5.06 -8.53
CA THR A 87 11.81 -4.93 -7.13
C THR A 87 11.22 -6.04 -6.29
N VAL A 88 9.93 -6.28 -6.44
CA VAL A 88 9.25 -7.33 -5.68
C VAL A 88 9.67 -8.70 -6.18
N ASN A 89 9.69 -8.85 -7.50
CA ASN A 89 10.07 -10.12 -8.12
C ASN A 89 11.51 -10.49 -7.78
N ASP A 90 12.36 -9.49 -7.58
CA ASP A 90 13.76 -9.74 -7.27
C ASP A 90 13.90 -10.83 -6.22
N ALA A 91 13.02 -10.82 -5.22
CA ALA A 91 13.06 -11.82 -4.15
C ALA A 91 12.01 -12.91 -4.39
N SER A 92 11.20 -12.73 -5.44
CA SER A 92 10.14 -13.69 -5.77
C SER A 92 10.32 -14.24 -7.18
N GLN A 93 11.50 -14.05 -7.76
CA GLN A 93 11.75 -14.52 -9.11
C GLN A 93 11.90 -16.05 -9.14
N GLY A 94 11.71 -16.69 -7.99
CA GLY A 94 11.84 -18.15 -7.92
C GLY A 94 10.55 -18.88 -8.29
N ASP A 95 9.51 -18.70 -7.48
CA ASP A 95 8.22 -19.37 -7.73
C ASP A 95 7.12 -18.35 -7.98
N ARG A 96 7.03 -17.35 -7.11
CA ARG A 96 5.99 -16.33 -7.23
C ARG A 96 6.24 -15.43 -8.43
N GLN A 97 5.15 -14.93 -9.01
CA GLN A 97 5.23 -14.04 -10.16
C GLN A 97 4.29 -12.85 -9.96
N ALA A 98 4.81 -11.63 -10.14
CA ALA A 98 4.01 -10.43 -9.99
C ALA A 98 3.57 -9.90 -11.35
N GLU A 99 2.27 -9.66 -11.50
CA GLU A 99 1.73 -9.15 -12.76
C GLU A 99 1.15 -7.77 -12.54
N LEU A 100 1.55 -6.82 -13.38
CA LEU A 100 1.06 -5.46 -13.25
C LEU A 100 -0.30 -5.34 -13.92
N ILE A 101 -1.34 -5.18 -13.10
CA ILE A 101 -2.69 -5.02 -13.63
C ILE A 101 -2.83 -3.67 -14.30
N ASN A 102 -2.49 -2.62 -13.56
CA ASN A 102 -2.55 -1.27 -14.10
C ASN A 102 -1.74 -0.31 -13.23
N ALA A 103 -1.51 0.89 -13.75
CA ALA A 103 -0.75 1.91 -13.01
C ALA A 103 -1.11 3.30 -13.50
N GLU A 104 -1.53 4.16 -12.58
CA GLU A 104 -1.89 5.54 -12.93
C GLU A 104 -1.44 6.51 -11.84
N ALA A 105 -1.40 7.79 -12.17
CA ALA A 105 -0.98 8.82 -11.22
C ALA A 105 -1.92 10.02 -11.28
N ARG A 106 -2.10 10.69 -10.13
CA ARG A 106 -3.00 11.86 -10.06
C ARG A 106 -2.30 13.03 -9.37
N ASP A 107 -2.57 14.22 -9.88
CA ASP A 107 -1.99 15.46 -9.34
C ASP A 107 -3.06 16.25 -8.60
N GLU A 108 -2.93 16.36 -7.28
CA GLU A 108 -3.89 17.11 -6.46
C GLU A 108 -3.17 17.89 -5.37
N ASP A 109 -3.66 19.11 -5.12
CA ASP A 109 -3.07 19.96 -4.09
C ASP A 109 -1.56 20.11 -4.28
N GLY A 110 -1.13 20.21 -5.53
CA GLY A 110 0.28 20.36 -5.83
C GLY A 110 1.04 19.08 -5.51
N GLN A 111 0.32 18.05 -5.06
CA GLN A 111 0.92 16.76 -4.73
C GLN A 111 0.59 15.74 -5.80
N VAL A 112 1.53 14.82 -6.02
CA VAL A 112 1.33 13.77 -7.02
C VAL A 112 1.29 12.40 -6.34
N TYR A 113 0.24 11.64 -6.64
CA TYR A 113 0.08 10.30 -6.05
C TYR A 113 0.13 9.25 -7.14
N TYR A 114 0.96 8.23 -6.95
CA TYR A 114 1.09 7.14 -7.91
C TYR A 114 0.36 5.90 -7.41
N THR A 115 -0.52 5.35 -8.25
CA THR A 115 -1.28 4.16 -7.88
C THR A 115 -0.82 2.96 -8.69
N LEU A 116 -0.41 1.90 -7.99
CA LEU A 116 0.06 0.68 -8.63
C LEU A 116 -0.86 -0.48 -8.27
N GLU A 117 -1.39 -1.15 -9.28
CA GLU A 117 -2.27 -2.30 -9.07
C GLU A 117 -1.64 -3.55 -9.69
N TYR A 118 -1.39 -4.56 -8.86
CA TYR A 118 -0.79 -5.80 -9.32
C TYR A 118 -1.32 -6.97 -8.51
N ARG A 119 -1.02 -8.19 -8.94
CA ARG A 119 -1.49 -9.38 -8.23
C ARG A 119 -0.39 -10.44 -8.15
N VAL A 120 -0.49 -11.31 -7.15
CA VAL A 120 0.50 -12.37 -6.94
C VAL A 120 -0.06 -13.71 -7.40
N LEU A 121 0.73 -14.47 -8.16
CA LEU A 121 0.29 -15.77 -8.65
C LEU A 121 1.42 -16.77 -8.66
N VAL A 122 1.11 -17.99 -8.20
CA VAL A 122 2.07 -19.07 -8.15
C VAL A 122 1.73 -20.09 -9.23
N GLY A 123 2.71 -20.48 -10.01
CA GLY A 123 2.47 -21.45 -11.08
C GLY A 123 1.43 -20.88 -12.06
N ASP A 124 0.31 -21.58 -12.21
CA ASP A 124 -0.76 -21.14 -13.11
C ASP A 124 -1.99 -20.67 -12.34
N ASN A 125 -1.85 -20.50 -11.02
CA ASN A 125 -2.97 -20.05 -10.18
C ASN A 125 -2.65 -18.72 -9.51
N VAL A 126 -3.69 -17.90 -9.31
CA VAL A 126 -3.54 -16.60 -8.68
C VAL A 126 -3.64 -16.72 -7.16
N GLU A 127 -2.64 -16.20 -6.45
CA GLU A 127 -2.63 -16.26 -5.00
C GLU A 127 -3.59 -15.22 -4.42
N ARG A 128 -3.41 -13.96 -4.81
CA ARG A 128 -4.26 -12.89 -4.31
C ARG A 128 -3.96 -11.56 -5.04
N HIS A 129 -4.77 -10.55 -4.74
CA HIS A 129 -4.60 -9.23 -5.35
C HIS A 129 -3.98 -8.26 -4.35
N ASP A 130 -3.07 -7.42 -4.82
CA ASP A 130 -2.40 -6.45 -3.94
C ASP A 130 -2.35 -5.06 -4.59
N LEU A 131 -2.64 -4.03 -3.79
CA LEU A 131 -2.62 -2.64 -4.29
C LEU A 131 -1.51 -1.86 -3.61
N ALA A 132 -0.72 -1.13 -4.41
CA ALA A 132 0.38 -0.33 -3.88
C ALA A 132 0.26 1.11 -4.38
N SER A 133 0.38 2.07 -3.46
CA SER A 133 0.30 3.49 -3.80
C SER A 133 1.54 4.21 -3.31
N VAL A 134 2.20 4.94 -4.22
CA VAL A 134 3.42 5.68 -3.86
C VAL A 134 3.19 7.18 -3.94
N THR A 135 3.54 7.88 -2.85
CA THR A 135 3.38 9.34 -2.79
C THR A 135 4.59 9.96 -2.09
N THR A 136 5.03 11.12 -2.58
CA THR A 136 6.19 11.80 -1.98
C THR A 136 5.72 13.00 -1.17
N ASN A 137 6.51 13.36 -0.15
CA ASN A 137 6.17 14.50 0.70
C ASN A 137 7.39 14.96 1.48
N ARG A 138 7.74 16.23 1.32
CA ARG A 138 8.87 16.81 2.02
C ARG A 138 10.16 16.03 1.75
N GLY A 139 10.23 15.40 0.57
CA GLY A 139 11.41 14.63 0.21
C GLY A 139 11.38 13.23 0.82
N LYS A 140 10.21 12.84 1.32
CA LYS A 140 10.05 11.51 1.94
C LYS A 140 9.22 10.61 1.04
N LEU A 141 9.61 9.34 0.96
CA LEU A 141 8.90 8.37 0.12
C LEU A 141 7.93 7.56 0.99
N ILE A 142 6.64 7.63 0.67
CA ILE A 142 5.62 6.89 1.41
C ILE A 142 4.91 5.91 0.49
N THR A 143 4.92 4.63 0.89
CA THR A 143 4.27 3.58 0.09
C THR A 143 3.27 2.81 0.95
N PHE A 144 2.10 2.54 0.38
CA PHE A 144 1.05 1.80 1.11
C PHE A 144 0.78 0.46 0.42
N ASP A 145 1.36 -0.61 0.96
CA ASP A 145 1.17 -1.95 0.39
C ASP A 145 0.07 -2.70 1.13
N LEU A 146 -1.06 -2.93 0.45
CA LEU A 146 -2.18 -3.66 1.05
C LEU A 146 -2.43 -4.96 0.31
N SER A 147 -2.70 -6.02 1.06
CA SER A 147 -2.97 -7.35 0.48
C SER A 147 -4.20 -7.97 1.16
N THR A 148 -5.08 -8.54 0.34
CA THR A 148 -6.30 -9.17 0.86
C THR A 148 -6.78 -10.26 -0.09
N ALA A 149 -7.63 -11.16 0.43
CA ALA A 149 -8.15 -12.27 -0.36
C ALA A 149 -8.80 -11.76 -1.65
N GLU A 150 -8.66 -12.54 -2.72
CA GLU A 150 -9.23 -12.18 -4.01
C GLU A 150 -10.74 -12.30 -3.99
N ASP A 151 -11.25 -13.30 -3.28
CA ASP A 151 -12.68 -13.52 -3.19
C ASP A 151 -13.40 -12.34 -2.53
N ARG A 152 -12.71 -11.70 -1.58
CA ARG A 152 -13.29 -10.56 -0.87
C ARG A 152 -12.82 -9.24 -1.46
N TRP A 153 -11.71 -9.28 -2.20
CA TRP A 153 -11.16 -8.07 -2.80
C TRP A 153 -12.27 -7.25 -3.46
N ASP A 154 -13.20 -7.94 -4.12
CA ASP A 154 -14.29 -7.26 -4.80
C ASP A 154 -15.17 -6.51 -3.79
N THR A 155 -15.46 -7.16 -2.66
CA THR A 155 -16.30 -6.56 -1.64
C THR A 155 -15.63 -5.35 -0.98
N VAL A 156 -14.33 -5.46 -0.76
CA VAL A 156 -13.56 -4.39 -0.13
C VAL A 156 -12.61 -3.72 -1.13
N LYS A 157 -12.91 -3.85 -2.42
CA LYS A 157 -12.08 -3.26 -3.45
C LYS A 157 -11.83 -1.78 -3.19
N SER A 158 -12.89 -1.04 -2.88
CA SER A 158 -12.77 0.39 -2.61
C SER A 158 -12.03 0.65 -1.29
N LEU A 159 -12.06 -0.32 -0.38
CA LEU A 159 -11.41 -0.16 0.91
C LEU A 159 -9.92 0.12 0.74
N PHE A 160 -9.28 -0.61 -0.17
CA PHE A 160 -7.85 -0.42 -0.39
C PHE A 160 -7.57 0.96 -0.99
N ASP A 161 -8.31 1.29 -2.05
CA ASP A 161 -8.14 2.58 -2.71
C ASP A 161 -8.49 3.71 -1.76
N THR A 162 -9.56 3.53 -0.99
CA THR A 162 -9.99 4.54 -0.04
C THR A 162 -8.98 4.71 1.10
N VAL A 163 -8.59 3.59 1.69
CA VAL A 163 -7.62 3.63 2.79
C VAL A 163 -6.30 4.22 2.33
N ALA A 164 -5.85 3.80 1.15
CA ALA A 164 -4.60 4.30 0.60
C ALA A 164 -4.70 5.80 0.34
N SER A 165 -5.85 6.24 -0.16
CA SER A 165 -6.08 7.64 -0.46
C SER A 165 -6.42 8.43 0.81
N SER A 166 -7.03 7.75 1.78
CA SER A 166 -7.42 8.41 3.02
C SER A 166 -6.22 8.94 3.78
N PHE A 167 -5.05 8.36 3.54
CA PHE A 167 -3.84 8.79 4.23
C PHE A 167 -3.52 10.25 3.88
N HIS A 168 -2.77 10.90 4.77
CA HIS A 168 -2.38 12.30 4.55
C HIS A 168 -0.93 12.49 4.97
N VAL A 169 -0.30 13.56 4.49
CA VAL A 169 1.09 13.85 4.83
C VAL A 169 1.25 15.27 5.35
N TYR A 170 2.24 15.48 6.21
CA TYR A 170 2.48 16.79 6.79
C TYR A 170 3.81 16.83 7.55
N GLY A 1 -18.42 1.34 -14.55
CA GLY A 1 -19.66 1.45 -13.73
C GLY A 1 -19.35 2.25 -12.46
N PRO A 2 -20.36 2.63 -11.73
CA PRO A 2 -20.21 3.41 -10.46
C PRO A 2 -19.44 2.62 -9.41
N LEU A 3 -18.68 3.34 -8.58
CA LEU A 3 -17.91 2.69 -7.52
C LEU A 3 -18.83 1.90 -6.60
N GLY A 4 -20.01 2.44 -6.35
CA GLY A 4 -20.98 1.77 -5.48
C GLY A 4 -20.62 1.95 -4.01
N SER A 5 -19.84 2.98 -3.71
CA SER A 5 -19.43 3.26 -2.34
C SER A 5 -20.66 3.53 -1.47
N CYS A 6 -20.57 3.14 -0.20
CA CYS A 6 -21.68 3.35 0.73
C CYS A 6 -21.16 3.29 2.17
N GLY A 7 -20.06 3.97 2.44
CA GLY A 7 -19.48 3.98 3.78
C GLY A 7 -18.99 2.59 4.15
N GLY A 8 -19.73 1.92 5.03
CA GLY A 8 -19.35 0.57 5.46
C GLY A 8 -18.32 0.63 6.58
N VAL A 9 -18.40 1.67 7.41
CA VAL A 9 -17.46 1.81 8.51
C VAL A 9 -17.55 0.62 9.45
N GLY A 10 -16.41 0.12 9.89
CA GLY A 10 -16.39 -1.04 10.79
C GLY A 10 -17.17 -0.74 12.06
N ILE A 11 -17.94 -1.73 12.53
CA ILE A 11 -18.73 -1.57 13.74
C ILE A 11 -17.88 -1.81 14.97
N ALA A 12 -17.16 -0.78 15.38
CA ALA A 12 -16.29 -0.89 16.55
C ALA A 12 -15.69 0.47 16.89
N SER A 13 -14.41 0.47 17.29
CA SER A 13 -13.71 1.70 17.65
C SER A 13 -12.54 1.94 16.71
N LEU A 14 -12.39 3.18 16.25
CA LEU A 14 -11.30 3.54 15.34
C LEU A 14 -10.31 4.47 16.03
N GLN A 15 -9.03 4.34 15.69
CA GLN A 15 -7.99 5.18 16.28
C GLN A 15 -7.11 5.77 15.18
N ARG A 16 -6.52 6.93 15.45
CA ARG A 16 -5.64 7.61 14.48
C ARG A 16 -4.20 7.56 14.93
N TYR A 17 -3.32 7.10 14.04
CA TYR A 17 -1.89 7.02 14.33
C TYR A 17 -1.14 7.98 13.42
N SER A 18 -0.44 8.94 14.02
CA SER A 18 0.32 9.94 13.26
C SER A 18 1.77 10.01 13.73
N ASP A 19 2.67 10.33 12.80
CA ASP A 19 4.10 10.44 13.12
C ASP A 19 4.70 11.65 12.43
N THR A 20 5.08 12.66 13.21
CA THR A 20 5.67 13.87 12.65
C THR A 20 7.00 13.55 11.98
N LYS A 21 7.73 12.59 12.54
CA LYS A 21 9.02 12.20 11.98
C LYS A 21 8.86 11.68 10.56
N ASP A 22 7.83 10.85 10.35
CA ASP A 22 7.57 10.28 9.03
C ASP A 22 6.64 11.19 8.22
N GLY A 23 5.90 12.05 8.91
CA GLY A 23 4.99 12.96 8.25
C GLY A 23 3.82 12.22 7.60
N TYR A 24 3.34 11.15 8.26
CA TYR A 24 2.21 10.38 7.71
C TYR A 24 1.25 9.99 8.83
N GLU A 25 -0.03 9.83 8.48
CA GLU A 25 -1.04 9.45 9.46
C GLU A 25 -2.17 8.66 8.79
N PHE A 26 -2.75 7.72 9.55
CA PHE A 26 -3.84 6.90 9.01
C PHE A 26 -4.64 6.26 10.14
N LEU A 27 -5.95 6.08 9.91
CA LEU A 27 -6.83 5.45 10.90
C LEU A 27 -6.93 3.95 10.63
N TYR A 28 -7.00 3.17 11.70
CA TYR A 28 -7.08 1.72 11.58
C TYR A 28 -7.87 1.11 12.76
N PRO A 29 -8.85 0.25 12.51
CA PRO A 29 -9.65 -0.38 13.61
C PRO A 29 -8.79 -0.84 14.79
N ASN A 30 -9.42 -0.98 15.95
CA ASN A 30 -8.72 -1.44 17.14
C ASN A 30 -8.60 -2.95 17.13
N GLY A 31 -7.64 -3.48 17.88
CA GLY A 31 -7.43 -4.92 17.97
C GLY A 31 -6.34 -5.37 16.99
N TRP A 32 -5.76 -4.42 16.27
CA TRP A 32 -4.71 -4.74 15.31
C TRP A 32 -3.37 -4.87 16.04
N ILE A 33 -2.50 -5.72 15.48
CA ILE A 33 -1.18 -5.94 16.08
C ILE A 33 -0.08 -5.42 15.15
N GLY A 34 0.96 -4.84 15.75
CA GLY A 34 2.08 -4.30 14.98
C GLY A 34 3.30 -5.20 15.12
N VAL A 35 3.94 -5.50 14.00
CA VAL A 35 5.12 -6.37 14.00
C VAL A 35 6.37 -5.55 13.70
N ASP A 36 7.42 -5.77 14.50
CA ASP A 36 8.68 -5.07 14.32
C ASP A 36 9.55 -5.79 13.32
N VAL A 37 9.97 -5.08 12.28
CA VAL A 37 10.81 -5.64 11.22
C VAL A 37 11.96 -4.70 10.90
N LYS A 38 12.74 -4.36 11.92
CA LYS A 38 13.89 -3.48 11.73
C LYS A 38 15.07 -4.26 11.19
N GLY A 39 15.67 -3.75 10.12
CA GLY A 39 16.81 -4.42 9.49
C GLY A 39 16.32 -5.35 8.39
N ALA A 40 14.99 -5.44 8.25
CA ALA A 40 14.37 -6.27 7.23
C ALA A 40 14.38 -5.57 5.88
N SER A 41 13.55 -6.05 4.96
CA SER A 41 13.47 -5.46 3.62
C SER A 41 13.63 -3.94 3.68
N PRO A 42 14.73 -3.38 3.21
CA PRO A 42 14.95 -1.90 3.25
C PRO A 42 13.72 -1.14 2.81
N GLY A 43 13.39 -0.09 3.56
CA GLY A 43 12.22 0.74 3.25
C GLY A 43 11.05 0.40 4.17
N VAL A 44 10.92 -0.88 4.50
CA VAL A 44 9.85 -1.31 5.38
C VAL A 44 10.01 -0.67 6.76
N ASP A 45 8.94 -0.03 7.24
CA ASP A 45 8.98 0.62 8.55
C ASP A 45 8.24 -0.21 9.60
N VAL A 46 6.95 -0.44 9.34
CA VAL A 46 6.12 -1.22 10.27
C VAL A 46 5.01 -1.95 9.52
N VAL A 47 4.73 -3.19 9.95
CA VAL A 47 3.67 -3.99 9.33
C VAL A 47 2.51 -4.14 10.31
N PHE A 48 1.29 -3.87 9.83
CA PHE A 48 0.10 -3.98 10.66
C PHE A 48 -0.81 -5.10 10.15
N ARG A 49 -1.29 -5.94 11.06
CA ARG A 49 -2.17 -7.06 10.69
C ARG A 49 -3.48 -7.00 11.46
N ASP A 50 -4.57 -7.33 10.78
CA ASP A 50 -5.89 -7.32 11.41
C ASP A 50 -6.18 -8.67 12.06
N LEU A 51 -6.37 -8.67 13.38
CA LEU A 51 -6.65 -9.90 14.10
C LEU A 51 -7.96 -10.51 13.62
N ILE A 52 -8.94 -9.64 13.36
CA ILE A 52 -10.25 -10.09 12.90
C ILE A 52 -10.14 -10.78 11.54
N GLU A 53 -9.34 -10.20 10.65
CA GLU A 53 -9.15 -10.75 9.30
C GLU A 53 -7.73 -11.26 9.11
N ARG A 54 -7.57 -12.57 9.10
CA ARG A 54 -6.26 -13.19 8.92
C ARG A 54 -5.80 -13.05 7.47
N ASP A 55 -6.71 -13.34 6.56
CA ASP A 55 -6.42 -13.28 5.13
C ASP A 55 -5.99 -11.88 4.73
N GLU A 56 -6.61 -10.87 5.34
CA GLU A 56 -6.27 -9.48 5.02
C GLU A 56 -5.05 -9.04 5.83
N ASN A 57 -4.07 -8.46 5.13
CA ASN A 57 -2.84 -7.99 5.77
C ASN A 57 -2.54 -6.56 5.33
N LEU A 58 -1.93 -5.77 6.22
CA LEU A 58 -1.59 -4.39 5.92
C LEU A 58 -0.10 -4.17 6.14
N SER A 59 0.57 -3.51 5.19
CA SER A 59 2.00 -3.24 5.30
C SER A 59 2.29 -1.80 4.88
N VAL A 60 3.16 -1.14 5.64
CA VAL A 60 3.54 0.25 5.35
C VAL A 60 5.05 0.35 5.15
N ILE A 61 5.46 1.00 4.06
CA ILE A 61 6.88 1.17 3.74
C ILE A 61 7.24 2.64 3.66
N ILE A 62 8.33 3.02 4.33
CA ILE A 62 8.80 4.42 4.33
C ILE A 62 10.23 4.51 3.81
N SER A 63 10.47 5.45 2.90
CA SER A 63 11.80 5.65 2.32
C SER A 63 12.06 7.13 2.09
N GLU A 64 13.33 7.50 1.89
CA GLU A 64 13.71 8.89 1.64
C GLU A 64 14.04 9.11 0.18
N ILE A 65 13.58 10.24 -0.37
CA ILE A 65 13.83 10.57 -1.79
C ILE A 65 14.94 11.62 -1.90
N PRO A 66 15.66 11.64 -2.99
CA PRO A 66 16.74 12.64 -3.21
C PRO A 66 16.15 14.01 -3.55
N SER A 67 16.78 15.03 -3.03
CA SER A 67 16.33 16.40 -3.27
C SER A 67 16.54 16.80 -4.73
N ASP A 68 17.52 16.17 -5.37
CA ASP A 68 17.83 16.47 -6.77
C ASP A 68 16.73 16.01 -7.71
N LYS A 69 16.05 14.91 -7.36
CA LYS A 69 14.99 14.36 -8.22
C LYS A 69 13.73 14.08 -7.41
N THR A 70 12.58 14.03 -8.12
CA THR A 70 11.29 13.76 -7.48
C THR A 70 10.61 12.55 -8.10
N LEU A 71 9.47 12.16 -7.54
CA LEU A 71 8.73 11.01 -8.04
C LEU A 71 8.54 11.08 -9.55
N THR A 72 8.14 12.26 -10.04
CA THR A 72 7.92 12.42 -11.47
C THR A 72 9.22 12.27 -12.24
N ASP A 73 10.28 12.90 -11.75
CA ASP A 73 11.58 12.82 -12.40
C ASP A 73 12.13 11.39 -12.37
N LEU A 74 11.87 10.69 -11.27
CA LEU A 74 12.35 9.32 -11.12
C LEU A 74 11.88 8.47 -12.29
N GLY A 75 10.59 8.56 -12.60
CA GLY A 75 10.02 7.79 -13.71
C GLY A 75 8.53 8.04 -13.84
N THR A 76 7.91 7.43 -14.84
CA THR A 76 6.48 7.56 -15.07
C THR A 76 5.74 6.45 -14.33
N ALA A 77 4.42 6.56 -14.27
CA ALA A 77 3.62 5.55 -13.58
C ALA A 77 3.92 4.18 -14.17
N THR A 78 4.04 4.12 -15.50
CA THR A 78 4.32 2.86 -16.17
C THR A 78 5.77 2.43 -15.91
N ASP A 79 6.68 3.39 -16.03
CA ASP A 79 8.10 3.10 -15.81
C ASP A 79 8.33 2.62 -14.38
N VAL A 80 7.86 3.41 -13.42
CA VAL A 80 8.00 3.06 -12.02
C VAL A 80 7.29 1.74 -11.75
N GLY A 81 6.12 1.57 -12.36
CA GLY A 81 5.34 0.36 -12.18
C GLY A 81 6.14 -0.88 -12.58
N TYR A 82 6.83 -0.80 -13.71
CA TYR A 82 7.63 -1.93 -14.17
C TYR A 82 8.81 -2.19 -13.23
N ARG A 83 9.46 -1.12 -12.77
CA ARG A 83 10.59 -1.26 -11.87
C ARG A 83 10.17 -1.92 -10.56
N PHE A 84 8.99 -1.55 -10.08
CA PHE A 84 8.48 -2.11 -8.83
C PHE A 84 8.30 -3.62 -8.95
N MET A 85 7.79 -4.07 -10.10
CA MET A 85 7.57 -5.50 -10.30
C MET A 85 8.87 -6.27 -10.14
N LYS A 86 9.94 -5.75 -10.75
CA LYS A 86 11.24 -6.40 -10.64
C LYS A 86 11.71 -6.39 -9.19
N THR A 87 11.57 -5.26 -8.54
CA THR A 87 11.98 -5.11 -7.15
C THR A 87 11.23 -6.10 -6.26
N VAL A 88 9.92 -6.20 -6.47
CA VAL A 88 9.11 -7.11 -5.67
C VAL A 88 9.45 -8.56 -6.01
N ASN A 89 9.54 -8.85 -7.30
CA ASN A 89 9.84 -10.20 -7.75
C ASN A 89 11.25 -10.62 -7.32
N ASP A 90 12.20 -9.70 -7.43
CA ASP A 90 13.58 -9.99 -7.05
C ASP A 90 13.62 -10.74 -5.72
N ALA A 91 12.54 -10.63 -4.96
CA ALA A 91 12.46 -11.30 -3.65
C ALA A 91 11.85 -12.70 -3.78
N SER A 92 10.77 -12.82 -4.56
CA SER A 92 10.07 -14.10 -4.73
C SER A 92 10.06 -14.58 -6.18
N GLN A 93 10.98 -14.06 -6.97
CA GLN A 93 11.06 -14.43 -8.39
C GLN A 93 11.24 -15.94 -8.56
N GLY A 94 11.85 -16.58 -7.57
CA GLY A 94 12.10 -18.01 -7.64
C GLY A 94 10.89 -18.78 -8.18
N ASP A 95 9.77 -18.72 -7.46
CA ASP A 95 8.55 -19.43 -7.89
C ASP A 95 7.41 -18.46 -8.17
N ARG A 96 7.24 -17.49 -7.28
CA ARG A 96 6.17 -16.51 -7.42
C ARG A 96 6.54 -15.41 -8.41
N GLN A 97 5.53 -14.94 -9.15
CA GLN A 97 5.74 -13.88 -10.14
C GLN A 97 4.67 -12.80 -9.96
N ALA A 98 5.07 -11.53 -10.15
CA ALA A 98 4.15 -10.41 -10.03
C ALA A 98 3.75 -9.90 -11.41
N GLU A 99 2.45 -9.64 -11.60
CA GLU A 99 1.95 -9.15 -12.88
C GLU A 99 1.35 -7.77 -12.70
N LEU A 100 1.76 -6.84 -13.54
CA LEU A 100 1.27 -5.47 -13.46
C LEU A 100 -0.09 -5.36 -14.14
N ILE A 101 -1.14 -5.29 -13.34
CA ILE A 101 -2.49 -5.16 -13.88
C ILE A 101 -2.69 -3.78 -14.50
N ASN A 102 -2.26 -2.76 -13.78
CA ASN A 102 -2.38 -1.38 -14.27
C ASN A 102 -1.60 -0.43 -13.37
N ALA A 103 -1.41 0.79 -13.85
CA ALA A 103 -0.68 1.81 -13.10
C ALA A 103 -1.06 3.20 -13.57
N GLU A 104 -1.47 4.05 -12.63
CA GLU A 104 -1.87 5.42 -12.95
C GLU A 104 -1.43 6.39 -11.86
N ALA A 105 -1.43 7.68 -12.18
CA ALA A 105 -1.03 8.72 -11.22
C ALA A 105 -1.97 9.92 -11.31
N ARG A 106 -2.15 10.61 -10.18
CA ARG A 106 -3.02 11.79 -10.14
C ARG A 106 -2.32 12.94 -9.44
N ASP A 107 -2.60 14.15 -9.92
CA ASP A 107 -2.02 15.38 -9.37
C ASP A 107 -3.08 16.21 -8.67
N GLU A 108 -2.94 16.35 -7.35
CA GLU A 108 -3.90 17.13 -6.56
C GLU A 108 -3.16 17.93 -5.48
N ASP A 109 -3.59 19.18 -5.29
CA ASP A 109 -2.98 20.04 -4.28
C ASP A 109 -1.46 20.08 -4.45
N GLY A 110 -1.00 20.14 -5.70
CA GLY A 110 0.43 20.18 -5.97
C GLY A 110 1.10 18.88 -5.53
N GLN A 111 0.30 17.94 -5.04
CA GLN A 111 0.81 16.65 -4.58
C GLN A 111 0.51 15.57 -5.62
N VAL A 112 1.51 14.77 -5.95
CA VAL A 112 1.34 13.70 -6.95
C VAL A 112 1.24 12.34 -6.25
N TYR A 113 0.23 11.57 -6.62
CA TYR A 113 0.02 10.24 -6.04
C TYR A 113 0.12 9.19 -7.13
N TYR A 114 0.95 8.17 -6.91
CA TYR A 114 1.12 7.09 -7.91
C TYR A 114 0.40 5.84 -7.42
N THR A 115 -0.42 5.25 -8.28
CA THR A 115 -1.17 4.05 -7.94
C THR A 115 -0.69 2.87 -8.76
N LEU A 116 -0.26 1.81 -8.07
CA LEU A 116 0.22 0.59 -8.72
C LEU A 116 -0.69 -0.57 -8.39
N GLU A 117 -1.18 -1.24 -9.43
CA GLU A 117 -2.07 -2.39 -9.25
C GLU A 117 -1.43 -3.64 -9.85
N TYR A 118 -1.25 -4.66 -9.01
CA TYR A 118 -0.64 -5.91 -9.47
C TYR A 118 -1.17 -7.08 -8.65
N ARG A 119 -0.85 -8.31 -9.07
CA ARG A 119 -1.31 -9.50 -8.36
C ARG A 119 -0.19 -10.52 -8.21
N VAL A 120 -0.31 -11.39 -7.20
CA VAL A 120 0.70 -12.42 -6.95
C VAL A 120 0.18 -13.77 -7.38
N LEU A 121 1.03 -14.54 -8.08
CA LEU A 121 0.63 -15.86 -8.55
C LEU A 121 1.77 -16.86 -8.45
N VAL A 122 1.44 -18.06 -7.97
CA VAL A 122 2.42 -19.14 -7.83
C VAL A 122 2.30 -20.05 -9.05
N GLY A 123 3.39 -20.21 -9.77
CA GLY A 123 3.35 -21.06 -10.97
C GLY A 123 2.32 -20.51 -11.95
N ASP A 124 1.23 -21.26 -12.13
CA ASP A 124 0.15 -20.84 -13.05
C ASP A 124 -1.13 -20.52 -12.28
N ASN A 125 -1.02 -20.45 -10.94
CA ASN A 125 -2.18 -20.16 -10.10
C ASN A 125 -2.05 -18.80 -9.41
N VAL A 126 -3.14 -18.05 -9.38
CA VAL A 126 -3.15 -16.72 -8.75
C VAL A 126 -3.24 -16.86 -7.23
N GLU A 127 -2.32 -16.24 -6.52
CA GLU A 127 -2.32 -16.30 -5.06
C GLU A 127 -3.30 -15.30 -4.48
N ARG A 128 -3.15 -14.04 -4.85
CA ARG A 128 -4.03 -12.98 -4.34
C ARG A 128 -3.78 -11.66 -5.06
N HIS A 129 -4.61 -10.66 -4.75
CA HIS A 129 -4.48 -9.33 -5.36
C HIS A 129 -3.88 -8.35 -4.34
N ASP A 130 -2.97 -7.50 -4.81
CA ASP A 130 -2.33 -6.52 -3.92
C ASP A 130 -2.26 -5.15 -4.61
N LEU A 131 -2.69 -4.11 -3.89
CA LEU A 131 -2.69 -2.74 -4.41
C LEU A 131 -1.64 -1.91 -3.67
N ALA A 132 -0.77 -1.25 -4.43
CA ALA A 132 0.28 -0.41 -3.85
C ALA A 132 0.15 1.02 -4.35
N SER A 133 0.25 1.99 -3.44
CA SER A 133 0.15 3.40 -3.80
C SER A 133 1.38 4.15 -3.30
N VAL A 134 2.11 4.79 -4.21
CA VAL A 134 3.32 5.53 -3.83
C VAL A 134 3.07 7.03 -3.87
N THR A 135 3.43 7.71 -2.79
CA THR A 135 3.25 9.17 -2.68
C THR A 135 4.41 9.79 -1.94
N THR A 136 4.80 11.00 -2.35
CA THR A 136 5.91 11.70 -1.70
C THR A 136 5.41 12.51 -0.51
N ASN A 137 6.31 12.80 0.43
CA ASN A 137 5.96 13.57 1.62
C ASN A 137 7.16 14.36 2.12
N ARG A 138 7.24 15.63 1.72
CA ARG A 138 8.33 16.48 2.15
C ARG A 138 9.67 15.84 1.83
N GLY A 139 9.77 15.27 0.62
CA GLY A 139 11.01 14.63 0.21
C GLY A 139 11.13 13.21 0.74
N LYS A 140 10.00 12.62 1.16
CA LYS A 140 10.00 11.26 1.69
C LYS A 140 9.07 10.35 0.90
N LEU A 141 9.53 9.13 0.62
CA LEU A 141 8.74 8.16 -0.15
C LEU A 141 7.92 7.28 0.80
N ILE A 142 6.59 7.33 0.65
CA ILE A 142 5.69 6.51 1.47
C ILE A 142 4.82 5.67 0.56
N THR A 143 4.88 4.34 0.73
CA THR A 143 4.07 3.44 -0.09
C THR A 143 3.07 2.70 0.78
N PHE A 144 1.82 2.66 0.33
CA PHE A 144 0.76 1.98 1.07
C PHE A 144 0.42 0.65 0.39
N ASP A 145 0.77 -0.47 1.03
CA ASP A 145 0.51 -1.80 0.46
C ASP A 145 -0.70 -2.46 1.12
N LEU A 146 -1.69 -2.81 0.30
CA LEU A 146 -2.91 -3.47 0.78
C LEU A 146 -3.02 -4.88 0.19
N SER A 147 -3.31 -5.86 1.05
CA SER A 147 -3.46 -7.25 0.61
C SER A 147 -4.76 -7.83 1.13
N THR A 148 -5.54 -8.46 0.25
CA THR A 148 -6.80 -9.06 0.63
C THR A 148 -7.15 -10.22 -0.32
N ALA A 149 -7.99 -11.13 0.15
CA ALA A 149 -8.39 -12.29 -0.64
C ALA A 149 -9.01 -11.85 -1.97
N GLU A 150 -8.72 -12.63 -3.02
CA GLU A 150 -9.24 -12.33 -4.35
C GLU A 150 -10.75 -12.56 -4.42
N ASP A 151 -11.22 -13.50 -3.61
CA ASP A 151 -12.65 -13.85 -3.60
C ASP A 151 -13.52 -12.65 -3.22
N ARG A 152 -13.02 -11.78 -2.34
CA ARG A 152 -13.79 -10.61 -1.90
C ARG A 152 -13.20 -9.31 -2.41
N TRP A 153 -12.04 -9.38 -3.04
CA TRP A 153 -11.38 -8.19 -3.55
C TRP A 153 -12.36 -7.33 -4.33
N ASP A 154 -13.22 -7.97 -5.12
CA ASP A 154 -14.20 -7.25 -5.91
C ASP A 154 -15.19 -6.49 -5.02
N THR A 155 -15.62 -7.14 -3.94
CA THR A 155 -16.57 -6.52 -3.02
C THR A 155 -15.97 -5.31 -2.31
N VAL A 156 -14.70 -5.43 -1.92
CA VAL A 156 -14.00 -4.35 -1.22
C VAL A 156 -12.97 -3.67 -2.13
N LYS A 157 -13.14 -3.82 -3.43
CA LYS A 157 -12.21 -3.22 -4.38
C LYS A 157 -11.95 -1.75 -4.05
N SER A 158 -13.02 -1.00 -3.83
CA SER A 158 -12.90 0.43 -3.51
C SER A 158 -12.17 0.65 -2.18
N LEU A 159 -12.34 -0.29 -1.26
CA LEU A 159 -11.72 -0.16 0.07
C LEU A 159 -10.22 0.06 -0.06
N PHE A 160 -9.56 -0.70 -0.93
CA PHE A 160 -8.12 -0.57 -1.09
C PHE A 160 -7.77 0.82 -1.61
N ASP A 161 -8.48 1.24 -2.66
CA ASP A 161 -8.23 2.55 -3.23
C ASP A 161 -8.54 3.66 -2.22
N THR A 162 -9.64 3.49 -1.48
CA THR A 162 -10.04 4.46 -0.49
C THR A 162 -9.05 4.51 0.68
N VAL A 163 -8.69 3.33 1.19
CA VAL A 163 -7.76 3.25 2.31
C VAL A 163 -6.39 3.80 1.91
N ALA A 164 -5.93 3.43 0.73
CA ALA A 164 -4.65 3.91 0.25
C ALA A 164 -4.67 5.43 0.13
N SER A 165 -5.80 5.96 -0.32
CA SER A 165 -5.96 7.40 -0.48
C SER A 165 -6.40 8.06 0.82
N SER A 166 -6.95 7.25 1.74
CA SER A 166 -7.41 7.77 3.02
C SER A 166 -6.25 8.36 3.82
N PHE A 167 -5.08 7.77 3.68
CA PHE A 167 -3.91 8.24 4.41
C PHE A 167 -3.66 9.72 4.08
N HIS A 168 -2.92 10.40 4.96
CA HIS A 168 -2.58 11.80 4.77
C HIS A 168 -1.13 12.04 5.14
N VAL A 169 -0.52 13.06 4.54
CA VAL A 169 0.89 13.37 4.82
C VAL A 169 1.06 14.84 5.19
N TYR A 170 2.08 15.12 6.00
CA TYR A 170 2.35 16.49 6.43
C TYR A 170 3.67 16.57 7.17
N GLY A 1 -14.26 12.53 -5.27
CA GLY A 1 -14.86 12.79 -3.93
C GLY A 1 -15.07 11.47 -3.19
N PRO A 2 -14.05 10.67 -3.11
CA PRO A 2 -14.12 9.34 -2.41
C PRO A 2 -14.44 9.50 -0.92
N LEU A 3 -14.14 10.67 -0.38
CA LEU A 3 -14.40 10.94 1.04
C LEU A 3 -15.90 10.80 1.33
N GLY A 4 -16.72 11.20 0.38
CA GLY A 4 -18.17 11.12 0.54
C GLY A 4 -18.66 9.68 0.42
N SER A 5 -17.83 8.74 0.87
CA SER A 5 -18.20 7.33 0.80
C SER A 5 -19.40 7.04 1.69
N CYS A 6 -20.07 5.92 1.42
CA CYS A 6 -21.25 5.53 2.19
C CYS A 6 -20.85 4.58 3.33
N GLY A 7 -21.32 4.89 4.53
CA GLY A 7 -21.00 4.06 5.69
C GLY A 7 -19.52 4.10 6.02
N GLY A 8 -18.88 2.93 6.03
CA GLY A 8 -17.45 2.83 6.33
C GLY A 8 -17.23 2.55 7.81
N VAL A 9 -18.34 2.39 8.54
CA VAL A 9 -18.27 2.11 9.98
C VAL A 9 -19.15 0.91 10.32
N GLY A 10 -18.86 0.25 11.45
CA GLY A 10 -19.63 -0.91 11.86
C GLY A 10 -18.80 -1.81 12.77
N ILE A 11 -17.58 -1.37 13.07
CA ILE A 11 -16.68 -2.14 13.93
C ILE A 11 -16.70 -1.56 15.34
N ALA A 12 -16.38 -2.41 16.32
CA ALA A 12 -16.34 -2.01 17.73
C ALA A 12 -15.97 -0.53 17.88
N SER A 13 -14.72 -0.20 17.57
CA SER A 13 -14.25 1.18 17.67
C SER A 13 -13.17 1.46 16.65
N LEU A 14 -13.05 2.72 16.23
CA LEU A 14 -12.04 3.13 15.25
C LEU A 14 -11.07 4.13 15.87
N GLN A 15 -9.80 4.02 15.47
CA GLN A 15 -8.77 4.92 15.99
C GLN A 15 -7.81 5.32 14.87
N ARG A 16 -7.09 6.41 15.07
CA ARG A 16 -6.14 6.91 14.06
C ARG A 16 -4.78 7.17 14.67
N TYR A 17 -3.73 6.98 13.86
CA TYR A 17 -2.36 7.22 14.32
C TYR A 17 -1.63 8.20 13.39
N SER A 18 -0.58 8.82 13.92
CA SER A 18 0.20 9.80 13.16
C SER A 18 1.68 9.72 13.54
N ASP A 19 2.54 10.26 12.67
CA ASP A 19 3.97 10.24 12.92
C ASP A 19 4.63 11.51 12.37
N THR A 20 5.05 12.39 13.26
CA THR A 20 5.70 13.64 12.85
C THR A 20 6.94 13.36 12.02
N LYS A 21 7.68 12.32 12.41
CA LYS A 21 8.91 11.97 11.70
C LYS A 21 8.64 11.67 10.23
N ASP A 22 7.61 10.86 9.97
CA ASP A 22 7.25 10.52 8.59
C ASP A 22 6.25 11.52 8.03
N GLY A 23 5.58 12.24 8.92
CA GLY A 23 4.61 13.24 8.51
C GLY A 23 3.41 12.60 7.82
N TYR A 24 2.94 11.47 8.34
CA TYR A 24 1.77 10.78 7.75
C TYR A 24 0.88 10.22 8.85
N GLU A 25 -0.42 10.15 8.56
CA GLU A 25 -1.40 9.66 9.53
C GLU A 25 -2.61 9.07 8.80
N PHE A 26 -3.23 8.04 9.38
CA PHE A 26 -4.41 7.45 8.74
C PHE A 26 -5.23 6.63 9.73
N LEU A 27 -6.50 6.43 9.39
CA LEU A 27 -7.42 5.67 10.26
C LEU A 27 -7.24 4.17 10.09
N TYR A 28 -7.57 3.44 11.15
CA TYR A 28 -7.47 1.99 11.11
C TYR A 28 -8.30 1.37 12.26
N PRO A 29 -8.97 0.26 12.03
CA PRO A 29 -9.81 -0.41 13.07
C PRO A 29 -8.97 -1.05 14.17
N ASN A 30 -9.59 -1.23 15.34
CA ASN A 30 -8.90 -1.84 16.47
C ASN A 30 -8.76 -3.34 16.25
N GLY A 31 -7.83 -3.96 16.97
CA GLY A 31 -7.61 -5.40 16.86
C GLY A 31 -6.39 -5.68 15.98
N TRP A 32 -5.82 -4.63 15.41
CA TRP A 32 -4.64 -4.78 14.56
C TRP A 32 -3.38 -4.79 15.42
N ILE A 33 -2.43 -5.67 15.08
CA ILE A 33 -1.18 -5.77 15.82
C ILE A 33 0.00 -5.33 14.97
N GLY A 34 0.87 -4.51 15.55
CA GLY A 34 2.05 -4.03 14.84
C GLY A 34 3.23 -4.95 15.09
N VAL A 35 3.86 -5.39 14.00
CA VAL A 35 5.01 -6.29 14.10
C VAL A 35 6.31 -5.53 13.82
N ASP A 36 7.32 -5.77 14.65
CA ASP A 36 8.60 -5.11 14.47
C ASP A 36 9.31 -5.66 13.23
N VAL A 37 10.10 -4.80 12.59
CA VAL A 37 10.83 -5.20 11.39
C VAL A 37 12.10 -4.38 11.24
N LYS A 38 12.86 -4.29 12.31
CA LYS A 38 14.10 -3.53 12.28
C LYS A 38 15.19 -4.33 11.57
N GLY A 39 15.82 -3.69 10.58
CA GLY A 39 16.87 -4.35 9.81
C GLY A 39 16.27 -5.13 8.64
N ALA A 40 14.97 -4.94 8.43
CA ALA A 40 14.26 -5.63 7.35
C ALA A 40 14.58 -4.96 6.01
N SER A 41 13.78 -5.27 5.00
CA SER A 41 13.99 -4.70 3.68
C SER A 41 14.13 -3.18 3.77
N PRO A 42 14.77 -2.57 2.82
CA PRO A 42 14.98 -1.08 2.81
C PRO A 42 13.68 -0.32 2.63
N GLY A 43 13.43 0.64 3.53
CA GLY A 43 12.23 1.46 3.48
C GLY A 43 11.15 0.91 4.41
N VAL A 44 11.25 -0.37 4.74
CA VAL A 44 10.27 -0.98 5.63
C VAL A 44 10.42 -0.44 7.04
N ASP A 45 9.31 0.02 7.63
CA ASP A 45 9.34 0.58 8.99
C ASP A 45 8.46 -0.21 9.95
N VAL A 46 7.16 -0.34 9.64
CA VAL A 46 6.24 -1.07 10.51
C VAL A 46 5.23 -1.86 9.69
N VAL A 47 4.88 -3.06 10.18
CA VAL A 47 3.91 -3.92 9.49
C VAL A 47 2.68 -4.13 10.38
N PHE A 48 1.51 -4.00 9.79
CA PHE A 48 0.25 -4.20 10.53
C PHE A 48 -0.46 -5.46 10.04
N ARG A 49 -0.89 -6.30 10.98
CA ARG A 49 -1.58 -7.55 10.64
C ARG A 49 -2.87 -7.68 11.43
N ASP A 50 -3.93 -8.15 10.77
CA ASP A 50 -5.22 -8.31 11.42
C ASP A 50 -5.33 -9.70 12.04
N LEU A 51 -5.50 -9.74 13.36
CA LEU A 51 -5.62 -11.01 14.07
C LEU A 51 -6.92 -11.71 13.67
N ILE A 52 -7.99 -10.93 13.51
CA ILE A 52 -9.29 -11.48 13.15
C ILE A 52 -9.24 -12.16 11.78
N GLU A 53 -8.58 -11.51 10.82
CA GLU A 53 -8.47 -12.06 9.46
C GLU A 53 -7.01 -12.34 9.09
N ARG A 54 -6.66 -13.62 9.03
CA ARG A 54 -5.30 -14.01 8.69
C ARG A 54 -4.97 -13.61 7.26
N ASP A 55 -5.93 -13.84 6.38
CA ASP A 55 -5.76 -13.52 4.96
C ASP A 55 -5.46 -12.04 4.76
N GLU A 56 -6.09 -11.19 5.56
CA GLU A 56 -5.88 -9.75 5.45
C GLU A 56 -4.52 -9.37 6.03
N ASN A 57 -3.76 -8.57 5.29
CA ASN A 57 -2.44 -8.13 5.74
C ASN A 57 -2.11 -6.75 5.19
N LEU A 58 -1.53 -5.90 6.02
CA LEU A 58 -1.15 -4.54 5.62
C LEU A 58 0.30 -4.28 6.00
N SER A 59 1.06 -3.69 5.06
CA SER A 59 2.47 -3.38 5.31
C SER A 59 2.74 -1.91 4.99
N VAL A 60 3.54 -1.26 5.84
CA VAL A 60 3.87 0.15 5.64
C VAL A 60 5.36 0.29 5.41
N ILE A 61 5.71 0.93 4.29
CA ILE A 61 7.12 1.14 3.93
C ILE A 61 7.38 2.63 3.72
N ILE A 62 8.32 3.17 4.49
CA ILE A 62 8.67 4.59 4.40
C ILE A 62 10.14 4.77 4.04
N SER A 63 10.41 5.68 3.11
CA SER A 63 11.79 5.94 2.69
C SER A 63 11.95 7.40 2.29
N GLU A 64 13.19 7.86 2.18
CA GLU A 64 13.48 9.24 1.80
C GLU A 64 13.93 9.30 0.35
N ILE A 65 13.38 10.25 -0.41
CA ILE A 65 13.73 10.40 -1.82
C ILE A 65 14.87 11.41 -1.97
N PRO A 66 15.71 11.24 -2.97
CA PRO A 66 16.83 12.20 -3.21
C PRO A 66 16.29 13.57 -3.62
N SER A 67 16.85 14.61 -3.05
CA SER A 67 16.42 15.96 -3.36
C SER A 67 16.66 16.31 -4.81
N ASP A 68 17.64 15.64 -5.41
CA ASP A 68 17.99 15.89 -6.80
C ASP A 68 16.88 15.41 -7.75
N LYS A 69 16.16 14.35 -7.37
CA LYS A 69 15.09 13.82 -8.21
C LYS A 69 13.80 13.62 -7.43
N THR A 70 12.67 13.76 -8.13
CA THR A 70 11.34 13.60 -7.52
C THR A 70 10.69 12.33 -8.02
N LEU A 71 9.49 12.09 -7.52
CA LEU A 71 8.73 10.93 -7.93
C LEU A 71 8.56 10.93 -9.44
N THR A 72 8.31 12.11 -9.99
CA THR A 72 8.13 12.26 -11.43
C THR A 72 9.47 12.12 -12.16
N ASP A 73 10.50 12.78 -11.63
CA ASP A 73 11.82 12.72 -12.26
C ASP A 73 12.37 11.29 -12.22
N LEU A 74 12.14 10.60 -11.11
CA LEU A 74 12.63 9.25 -10.94
C LEU A 74 12.14 8.35 -12.09
N GLY A 75 10.87 8.46 -12.43
CA GLY A 75 10.31 7.65 -13.51
C GLY A 75 8.82 7.91 -13.68
N THR A 76 8.22 7.24 -14.66
CA THR A 76 6.79 7.37 -14.93
C THR A 76 6.04 6.26 -14.21
N ALA A 77 4.72 6.35 -14.21
CA ALA A 77 3.92 5.33 -13.54
C ALA A 77 4.25 3.95 -14.11
N THR A 78 4.46 3.88 -15.42
CA THR A 78 4.79 2.63 -16.08
C THR A 78 6.21 2.19 -15.72
N ASP A 79 7.14 3.13 -15.79
CA ASP A 79 8.54 2.83 -15.47
C ASP A 79 8.70 2.45 -14.01
N VAL A 80 8.14 3.28 -13.13
CA VAL A 80 8.21 3.00 -11.70
C VAL A 80 7.53 1.67 -11.42
N GLY A 81 6.46 1.39 -12.14
CA GLY A 81 5.71 0.16 -11.96
C GLY A 81 6.58 -1.06 -12.31
N TYR A 82 6.99 -1.16 -13.57
CA TYR A 82 7.81 -2.29 -14.00
C TYR A 82 8.95 -2.55 -13.01
N ARG A 83 9.59 -1.48 -12.56
CA ARG A 83 10.68 -1.63 -11.61
C ARG A 83 10.20 -2.33 -10.34
N PHE A 84 9.03 -1.90 -9.87
CA PHE A 84 8.45 -2.48 -8.66
C PHE A 84 8.23 -3.98 -8.82
N MET A 85 7.72 -4.38 -9.99
CA MET A 85 7.46 -5.80 -10.25
C MET A 85 8.71 -6.61 -9.99
N LYS A 86 9.78 -6.22 -10.66
CA LYS A 86 11.05 -6.92 -10.52
C LYS A 86 11.56 -6.84 -9.09
N THR A 87 11.38 -5.68 -8.46
CA THR A 87 11.83 -5.49 -7.09
C THR A 87 11.18 -6.51 -6.16
N VAL A 88 9.87 -6.70 -6.30
CA VAL A 88 9.15 -7.65 -5.46
C VAL A 88 9.52 -9.08 -5.83
N ASN A 89 9.53 -9.37 -7.13
CA ASN A 89 9.86 -10.70 -7.62
C ASN A 89 11.28 -11.09 -7.21
N ASP A 90 12.18 -10.12 -7.23
CA ASP A 90 13.57 -10.38 -6.87
C ASP A 90 13.66 -11.24 -5.61
N ALA A 91 12.55 -11.32 -4.86
CA ALA A 91 12.52 -12.10 -3.62
C ALA A 91 11.66 -13.36 -3.80
N SER A 92 10.67 -13.30 -4.70
CA SER A 92 9.77 -14.42 -4.93
C SER A 92 9.81 -14.90 -6.39
N GLN A 93 10.89 -14.58 -7.08
CA GLN A 93 11.04 -14.99 -8.48
C GLN A 93 11.22 -16.50 -8.60
N GLY A 94 11.15 -17.20 -7.47
CA GLY A 94 11.35 -18.65 -7.47
C GLY A 94 10.14 -19.38 -8.07
N ASP A 95 8.99 -19.27 -7.41
CA ASP A 95 7.77 -19.94 -7.86
C ASP A 95 6.69 -18.94 -8.22
N ARG A 96 6.50 -17.93 -7.37
CA ARG A 96 5.47 -16.92 -7.61
C ARG A 96 5.98 -15.80 -8.51
N GLN A 97 5.08 -15.23 -9.30
CA GLN A 97 5.42 -14.14 -10.21
C GLN A 97 4.47 -12.97 -10.01
N ALA A 98 4.96 -11.75 -10.23
CA ALA A 98 4.13 -10.55 -10.08
C ALA A 98 3.72 -10.01 -11.46
N GLU A 99 2.44 -9.63 -11.58
CA GLU A 99 1.93 -9.09 -12.84
C GLU A 99 1.35 -7.71 -12.61
N LEU A 100 1.78 -6.74 -13.41
CA LEU A 100 1.29 -5.38 -13.28
C LEU A 100 -0.05 -5.22 -14.00
N ILE A 101 -1.12 -5.09 -13.23
CA ILE A 101 -2.45 -4.93 -13.80
C ILE A 101 -2.62 -3.54 -14.41
N ASN A 102 -2.45 -2.52 -13.58
CA ASN A 102 -2.58 -1.13 -14.05
C ASN A 102 -1.61 -0.21 -13.30
N ALA A 103 -1.40 0.98 -13.85
CA ALA A 103 -0.52 1.96 -13.25
C ALA A 103 -0.88 3.37 -13.72
N GLU A 104 -1.38 4.19 -12.81
CA GLU A 104 -1.77 5.57 -13.15
C GLU A 104 -1.36 6.54 -12.05
N ALA A 105 -1.48 7.84 -12.33
CA ALA A 105 -1.12 8.88 -11.37
C ALA A 105 -2.10 10.04 -11.44
N ARG A 106 -2.28 10.74 -10.31
CA ARG A 106 -3.19 11.88 -10.25
C ARG A 106 -2.53 13.06 -9.55
N ASP A 107 -2.77 14.28 -10.05
CA ASP A 107 -2.20 15.49 -9.48
C ASP A 107 -3.29 16.32 -8.79
N GLU A 108 -3.20 16.42 -7.46
CA GLU A 108 -4.17 17.18 -6.68
C GLU A 108 -3.49 17.97 -5.57
N ASP A 109 -3.98 19.17 -5.32
CA ASP A 109 -3.43 20.03 -4.28
C ASP A 109 -1.91 20.17 -4.43
N GLY A 110 -1.44 20.27 -5.67
CA GLY A 110 -0.02 20.44 -5.92
C GLY A 110 0.75 19.15 -5.59
N GLN A 111 0.01 18.12 -5.17
CA GLN A 111 0.62 16.84 -4.82
C GLN A 111 0.32 15.82 -5.90
N VAL A 112 1.27 14.90 -6.11
CA VAL A 112 1.11 13.84 -7.10
C VAL A 112 1.04 12.48 -6.41
N TYR A 113 0.01 11.72 -6.76
CA TYR A 113 -0.18 10.39 -6.18
C TYR A 113 -0.08 9.33 -7.28
N TYR A 114 0.77 8.33 -7.06
CA TYR A 114 0.94 7.25 -8.04
C TYR A 114 0.22 6.00 -7.55
N THR A 115 -0.65 5.45 -8.40
CA THR A 115 -1.40 4.24 -8.03
C THR A 115 -0.86 3.04 -8.81
N LEU A 116 -0.48 2.01 -8.07
CA LEU A 116 0.05 0.79 -8.69
C LEU A 116 -0.84 -0.40 -8.34
N GLU A 117 -1.34 -1.08 -9.37
CA GLU A 117 -2.21 -2.24 -9.18
C GLU A 117 -1.54 -3.47 -9.80
N TYR A 118 -1.32 -4.49 -8.99
CA TYR A 118 -0.69 -5.73 -9.47
C TYR A 118 -1.21 -6.93 -8.69
N ARG A 119 -0.89 -8.14 -9.17
CA ARG A 119 -1.33 -9.35 -8.49
C ARG A 119 -0.21 -10.38 -8.49
N VAL A 120 -0.31 -11.35 -7.57
CA VAL A 120 0.70 -12.40 -7.46
C VAL A 120 0.18 -13.71 -8.04
N LEU A 121 0.93 -14.28 -8.98
CA LEU A 121 0.55 -15.54 -9.61
C LEU A 121 1.42 -16.67 -9.07
N VAL A 122 0.78 -17.81 -8.81
CA VAL A 122 1.48 -18.99 -8.30
C VAL A 122 1.21 -20.17 -9.21
N GLY A 123 2.25 -20.93 -9.53
CA GLY A 123 2.07 -22.06 -10.40
C GLY A 123 1.29 -21.64 -11.65
N ASP A 124 0.06 -22.12 -11.76
CA ASP A 124 -0.80 -21.80 -12.90
C ASP A 124 -2.05 -21.03 -12.48
N ASN A 125 -2.05 -20.45 -11.28
CA ASN A 125 -3.24 -19.73 -10.80
C ASN A 125 -2.88 -18.44 -10.05
N VAL A 126 -3.86 -17.55 -9.95
CA VAL A 126 -3.67 -16.29 -9.26
C VAL A 126 -3.61 -16.51 -7.75
N GLU A 127 -2.52 -16.08 -7.13
CA GLU A 127 -2.36 -16.25 -5.69
C GLU A 127 -3.24 -15.24 -4.95
N ARG A 128 -3.09 -13.95 -5.28
CA ARG A 128 -3.87 -12.91 -4.65
C ARG A 128 -3.65 -11.55 -5.33
N HIS A 129 -4.47 -10.57 -4.97
CA HIS A 129 -4.36 -9.23 -5.54
C HIS A 129 -3.83 -8.25 -4.48
N ASP A 130 -2.89 -7.39 -4.88
CA ASP A 130 -2.32 -6.42 -3.96
C ASP A 130 -2.22 -5.04 -4.61
N LEU A 131 -2.59 -4.01 -3.85
CA LEU A 131 -2.54 -2.63 -4.33
C LEU A 131 -1.47 -1.85 -3.59
N ALA A 132 -0.66 -1.12 -4.34
CA ALA A 132 0.40 -0.30 -3.77
C ALA A 132 0.29 1.12 -4.28
N SER A 133 0.33 2.10 -3.38
CA SER A 133 0.24 3.51 -3.76
C SER A 133 1.51 4.23 -3.34
N VAL A 134 2.03 5.08 -4.23
CA VAL A 134 3.27 5.83 -3.93
C VAL A 134 3.03 7.33 -4.01
N THR A 135 3.41 8.04 -2.96
CA THR A 135 3.26 9.49 -2.90
C THR A 135 4.42 10.11 -2.14
N THR A 136 4.87 11.28 -2.57
CA THR A 136 5.98 11.98 -1.91
C THR A 136 5.47 13.18 -1.13
N ASN A 137 6.12 13.46 0.01
CA ASN A 137 5.71 14.58 0.86
C ASN A 137 6.92 15.21 1.55
N ARG A 138 7.27 16.43 1.15
CA ARG A 138 8.40 17.13 1.75
C ARG A 138 9.67 16.30 1.64
N GLY A 139 9.78 15.51 0.58
CA GLY A 139 10.95 14.68 0.36
C GLY A 139 10.81 13.33 1.07
N LYS A 140 9.62 13.07 1.59
CA LYS A 140 9.36 11.81 2.28
C LYS A 140 8.64 10.84 1.35
N LEU A 141 9.21 9.65 1.17
CA LEU A 141 8.59 8.65 0.30
C LEU A 141 7.60 7.83 1.12
N ILE A 142 6.31 7.94 0.76
CA ILE A 142 5.26 7.21 1.49
C ILE A 142 4.68 6.11 0.60
N THR A 143 4.64 4.88 1.12
CA THR A 143 4.10 3.75 0.35
C THR A 143 3.07 2.98 1.18
N PHE A 144 1.94 2.65 0.55
CA PHE A 144 0.87 1.91 1.21
C PHE A 144 0.66 0.56 0.52
N ASP A 145 1.19 -0.52 1.11
CA ASP A 145 1.04 -1.85 0.53
C ASP A 145 -0.03 -2.64 1.26
N LEU A 146 -1.14 -2.91 0.58
CA LEU A 146 -2.25 -3.66 1.17
C LEU A 146 -2.48 -4.96 0.41
N SER A 147 -2.71 -6.04 1.16
CA SER A 147 -2.97 -7.35 0.56
C SER A 147 -4.27 -7.93 1.10
N THR A 148 -5.10 -8.47 0.20
CA THR A 148 -6.38 -9.05 0.60
C THR A 148 -6.82 -10.13 -0.39
N ALA A 149 -7.67 -11.05 0.08
CA ALA A 149 -8.16 -12.14 -0.75
C ALA A 149 -8.78 -11.62 -2.04
N GLU A 150 -8.58 -12.37 -3.13
CA GLU A 150 -9.12 -11.97 -4.42
C GLU A 150 -10.63 -12.13 -4.47
N ASP A 151 -11.13 -13.18 -3.82
CA ASP A 151 -12.56 -13.44 -3.81
C ASP A 151 -13.34 -12.30 -3.15
N ARG A 152 -12.73 -11.67 -2.15
CA ARG A 152 -13.39 -10.58 -1.44
C ARG A 152 -12.90 -9.21 -1.92
N TRP A 153 -11.81 -9.21 -2.68
CA TRP A 153 -11.24 -7.96 -3.20
C TRP A 153 -12.31 -7.11 -3.86
N ASP A 154 -13.21 -7.76 -4.59
CA ASP A 154 -14.28 -7.04 -5.28
C ASP A 154 -15.16 -6.29 -4.28
N THR A 155 -15.47 -6.93 -3.16
CA THR A 155 -16.33 -6.32 -2.15
C THR A 155 -15.64 -5.12 -1.49
N VAL A 156 -14.34 -5.24 -1.24
CA VAL A 156 -13.57 -4.17 -0.60
C VAL A 156 -12.59 -3.52 -1.58
N LYS A 157 -12.86 -3.65 -2.88
CA LYS A 157 -11.99 -3.08 -3.89
C LYS A 157 -11.72 -1.59 -3.61
N SER A 158 -12.77 -0.85 -3.35
CA SER A 158 -12.65 0.58 -3.09
C SER A 158 -11.89 0.84 -1.78
N LEU A 159 -12.00 -0.09 -0.84
CA LEU A 159 -11.34 0.07 0.46
C LEU A 159 -9.85 0.30 0.30
N PHE A 160 -9.21 -0.49 -0.57
CA PHE A 160 -7.77 -0.35 -0.78
C PHE A 160 -7.44 1.03 -1.31
N ASP A 161 -8.14 1.43 -2.37
CA ASP A 161 -7.93 2.73 -2.97
C ASP A 161 -8.29 3.84 -1.99
N THR A 162 -9.38 3.64 -1.26
CA THR A 162 -9.83 4.64 -0.29
C THR A 162 -8.85 4.79 0.86
N VAL A 163 -8.40 3.66 1.42
CA VAL A 163 -7.47 3.70 2.54
C VAL A 163 -6.17 4.40 2.15
N ALA A 164 -5.62 4.05 1.00
CA ALA A 164 -4.37 4.65 0.54
C ALA A 164 -4.58 6.13 0.25
N SER A 165 -5.62 6.44 -0.52
CA SER A 165 -5.93 7.82 -0.88
C SER A 165 -6.38 8.62 0.35
N SER A 166 -7.08 7.93 1.25
CA SER A 166 -7.59 8.59 2.46
C SER A 166 -6.45 9.11 3.33
N PHE A 167 -5.30 8.47 3.27
CA PHE A 167 -4.17 8.90 4.09
C PHE A 167 -3.92 10.40 3.90
N HIS A 168 -3.27 11.00 4.89
CA HIS A 168 -2.95 12.43 4.85
C HIS A 168 -1.50 12.62 5.24
N VAL A 169 -0.89 13.71 4.77
CA VAL A 169 0.52 13.98 5.07
C VAL A 169 0.71 15.39 5.64
N TYR A 170 1.75 15.55 6.44
CA TYR A 170 2.04 16.84 7.05
C TYR A 170 3.40 16.83 7.74
N GLY A 1 -27.70 -16.56 25.32
CA GLY A 1 -29.10 -16.06 25.45
C GLY A 1 -29.10 -14.53 25.35
N PRO A 2 -30.25 -13.95 25.12
CA PRO A 2 -30.39 -12.48 24.99
C PRO A 2 -30.01 -11.75 26.28
N LEU A 3 -30.07 -12.47 27.39
CA LEU A 3 -29.72 -11.90 28.69
C LEU A 3 -28.24 -12.08 28.97
N GLY A 4 -27.63 -11.09 29.62
CA GLY A 4 -26.21 -11.14 29.95
C GLY A 4 -25.36 -10.68 28.77
N SER A 5 -25.98 -9.94 27.85
CA SER A 5 -25.28 -9.42 26.68
C SER A 5 -25.11 -7.91 26.78
N CYS A 6 -23.96 -7.42 26.34
CA CYS A 6 -23.68 -5.98 26.39
C CYS A 6 -24.27 -5.28 25.17
N GLY A 7 -25.35 -4.55 25.40
CA GLY A 7 -26.02 -3.81 24.31
C GLY A 7 -25.38 -2.44 24.11
N GLY A 8 -25.94 -1.66 23.19
CA GLY A 8 -25.42 -0.33 22.93
C GLY A 8 -23.91 -0.34 22.83
N VAL A 9 -23.38 -0.80 21.70
CA VAL A 9 -21.93 -0.87 21.51
C VAL A 9 -21.33 0.53 21.59
N GLY A 10 -20.22 0.64 22.31
CA GLY A 10 -19.55 1.92 22.47
C GLY A 10 -18.81 2.30 21.20
N ILE A 11 -18.42 3.57 21.09
CA ILE A 11 -17.70 4.06 19.91
C ILE A 11 -16.25 4.32 20.26
N ALA A 12 -15.37 3.43 19.81
CA ALA A 12 -13.94 3.59 20.08
C ALA A 12 -13.15 2.49 19.38
N SER A 13 -13.80 1.80 18.43
CA SER A 13 -13.13 0.71 17.71
C SER A 13 -12.27 1.27 16.59
N LEU A 14 -12.18 2.59 16.52
CA LEU A 14 -11.37 3.26 15.51
C LEU A 14 -10.23 4.02 16.17
N GLN A 15 -9.05 3.94 15.57
CA GLN A 15 -7.86 4.61 16.10
C GLN A 15 -7.14 5.37 15.00
N ARG A 16 -6.33 6.35 15.38
CA ARG A 16 -5.59 7.17 14.42
C ARG A 16 -4.09 7.06 14.66
N TYR A 17 -3.32 7.12 13.59
CA TYR A 17 -1.86 7.04 13.68
C TYR A 17 -1.23 8.19 12.90
N SER A 18 -0.20 8.80 13.48
CA SER A 18 0.49 9.92 12.82
C SER A 18 1.95 9.96 13.22
N ASP A 19 2.80 10.43 12.30
CA ASP A 19 4.23 10.53 12.56
C ASP A 19 4.82 11.79 11.95
N THR A 20 5.22 12.73 12.79
CA THR A 20 5.80 13.98 12.32
C THR A 20 7.08 13.70 11.54
N LYS A 21 7.86 12.72 11.99
CA LYS A 21 9.11 12.38 11.34
C LYS A 21 8.88 11.98 9.88
N ASP A 22 7.96 11.03 9.67
CA ASP A 22 7.66 10.59 8.30
C ASP A 22 6.67 11.52 7.62
N GLY A 23 5.93 12.27 8.44
CA GLY A 23 4.96 13.21 7.91
C GLY A 23 3.79 12.50 7.25
N TYR A 24 3.28 11.43 7.87
CA TYR A 24 2.15 10.69 7.31
C TYR A 24 1.23 10.22 8.43
N GLU A 25 -0.07 10.17 8.15
CA GLU A 25 -1.05 9.73 9.14
C GLU A 25 -2.28 9.12 8.47
N PHE A 26 -2.81 8.05 9.07
CA PHE A 26 -3.99 7.38 8.52
C PHE A 26 -4.80 6.72 9.62
N LEU A 27 -6.09 6.51 9.36
CA LEU A 27 -6.98 5.86 10.34
C LEU A 27 -7.11 4.37 10.04
N TYR A 28 -7.37 3.59 11.08
CA TYR A 28 -7.53 2.16 10.92
C TYR A 28 -8.40 1.58 12.05
N PRO A 29 -9.17 0.55 11.78
CA PRO A 29 -10.06 -0.07 12.80
C PRO A 29 -9.27 -0.76 13.90
N ASN A 30 -9.93 -1.01 15.03
CA ASN A 30 -9.29 -1.67 16.16
C ASN A 30 -9.17 -3.17 15.91
N GLY A 31 -8.26 -3.82 16.64
CA GLY A 31 -8.06 -5.26 16.49
C GLY A 31 -6.84 -5.54 15.61
N TRP A 32 -6.19 -4.48 15.14
CA TRP A 32 -5.01 -4.62 14.30
C TRP A 32 -3.76 -4.71 15.15
N ILE A 33 -2.83 -5.57 14.76
CA ILE A 33 -1.58 -5.75 15.50
C ILE A 33 -0.38 -5.36 14.64
N GLY A 34 0.64 -4.82 15.29
CA GLY A 34 1.86 -4.40 14.58
C GLY A 34 2.96 -5.44 14.78
N VAL A 35 3.67 -5.76 13.70
CA VAL A 35 4.75 -6.75 13.75
C VAL A 35 6.10 -6.07 13.51
N ASP A 36 7.09 -6.45 14.31
CA ASP A 36 8.42 -5.87 14.16
C ASP A 36 9.04 -6.29 12.82
N VAL A 37 9.73 -5.36 12.17
CA VAL A 37 10.35 -5.63 10.88
C VAL A 37 11.88 -5.57 10.99
N LYS A 38 12.39 -5.79 12.19
CA LYS A 38 13.82 -5.73 12.41
C LYS A 38 14.52 -6.79 11.56
N GLY A 39 15.40 -6.33 10.67
CA GLY A 39 16.14 -7.23 9.78
C GLY A 39 15.34 -7.51 8.51
N ALA A 40 14.23 -6.79 8.34
CA ALA A 40 13.39 -6.96 7.16
C ALA A 40 13.99 -6.26 5.95
N SER A 41 13.16 -6.07 4.92
CA SER A 41 13.62 -5.42 3.70
C SER A 41 13.98 -3.96 3.99
N PRO A 42 14.80 -3.37 3.15
CA PRO A 42 15.24 -1.96 3.32
C PRO A 42 14.09 -0.98 3.09
N GLY A 43 13.87 -0.08 4.04
CA GLY A 43 12.82 0.93 3.93
C GLY A 43 11.57 0.50 4.69
N VAL A 44 11.48 -0.79 5.02
CA VAL A 44 10.33 -1.30 5.76
C VAL A 44 10.37 -0.78 7.20
N ASP A 45 9.29 -0.11 7.61
CA ASP A 45 9.24 0.45 8.98
C ASP A 45 8.39 -0.43 9.90
N VAL A 46 7.13 -0.66 9.55
CA VAL A 46 6.24 -1.48 10.38
C VAL A 46 5.17 -2.15 9.53
N VAL A 47 4.75 -3.34 9.95
CA VAL A 47 3.71 -4.11 9.25
C VAL A 47 2.47 -4.25 10.13
N PHE A 48 1.29 -4.05 9.53
CA PHE A 48 0.03 -4.17 10.26
C PHE A 48 -0.75 -5.39 9.76
N ARG A 49 -1.31 -6.15 10.69
CA ARG A 49 -2.08 -7.35 10.36
C ARG A 49 -3.44 -7.33 11.07
N ASP A 50 -4.49 -7.72 10.35
CA ASP A 50 -5.83 -7.74 10.94
C ASP A 50 -6.05 -9.01 11.75
N LEU A 51 -6.30 -8.84 13.04
CA LEU A 51 -6.54 -9.99 13.92
C LEU A 51 -7.90 -10.62 13.61
N ILE A 52 -8.89 -9.77 13.35
CA ILE A 52 -10.24 -10.24 13.06
C ILE A 52 -10.24 -11.09 11.78
N GLU A 53 -9.47 -10.65 10.79
CA GLU A 53 -9.38 -11.37 9.51
C GLU A 53 -7.92 -11.50 9.08
N ARG A 54 -7.25 -12.52 9.60
CA ARG A 54 -5.86 -12.76 9.27
C ARG A 54 -5.67 -12.79 7.76
N ASP A 55 -6.75 -13.05 7.03
CA ASP A 55 -6.69 -13.10 5.58
C ASP A 55 -6.17 -11.78 5.01
N GLU A 56 -6.58 -10.68 5.62
CA GLU A 56 -6.14 -9.36 5.18
C GLU A 56 -4.78 -9.02 5.79
N ASN A 57 -3.94 -8.37 4.98
CA ASN A 57 -2.61 -7.99 5.44
C ASN A 57 -2.10 -6.77 4.67
N LEU A 58 -1.28 -5.96 5.33
CA LEU A 58 -0.73 -4.77 4.70
C LEU A 58 0.62 -4.42 5.33
N SER A 59 1.52 -3.88 4.50
CA SER A 59 2.86 -3.50 4.98
C SER A 59 3.11 -2.04 4.67
N VAL A 60 3.86 -1.37 5.55
CA VAL A 60 4.18 0.05 5.38
C VAL A 60 5.68 0.24 5.19
N ILE A 61 6.06 0.90 4.10
CA ILE A 61 7.46 1.16 3.80
C ILE A 61 7.71 2.66 3.65
N ILE A 62 8.70 3.17 4.38
CA ILE A 62 9.04 4.60 4.32
C ILE A 62 10.50 4.79 3.92
N SER A 63 10.73 5.68 2.97
CA SER A 63 12.09 5.96 2.49
C SER A 63 12.21 7.44 2.11
N GLU A 64 13.45 7.90 1.91
CA GLU A 64 13.70 9.29 1.54
C GLU A 64 14.08 9.38 0.07
N ILE A 65 13.52 10.36 -0.64
CA ILE A 65 13.82 10.56 -2.06
C ILE A 65 14.93 11.60 -2.24
N PRO A 66 15.75 11.47 -3.26
CA PRO A 66 16.82 12.47 -3.52
C PRO A 66 16.22 13.82 -3.91
N SER A 67 16.76 14.88 -3.33
CA SER A 67 16.28 16.22 -3.60
C SER A 67 16.45 16.59 -5.08
N ASP A 68 17.45 16.01 -5.71
CA ASP A 68 17.73 16.29 -7.12
C ASP A 68 16.63 15.74 -8.03
N LYS A 69 16.00 14.63 -7.64
CA LYS A 69 14.95 14.03 -8.45
C LYS A 69 13.72 13.72 -7.61
N THR A 70 12.54 13.89 -8.22
CA THR A 70 11.27 13.63 -7.53
C THR A 70 10.59 12.40 -8.13
N LEU A 71 9.42 12.06 -7.61
CA LEU A 71 8.68 10.90 -8.09
C LEU A 71 8.54 10.94 -9.61
N THR A 72 8.21 12.11 -10.14
CA THR A 72 8.02 12.26 -11.57
C THR A 72 9.35 12.11 -12.32
N ASP A 73 10.40 12.73 -11.80
CA ASP A 73 11.71 12.67 -12.44
C ASP A 73 12.27 11.24 -12.42
N LEU A 74 12.08 10.54 -11.31
CA LEU A 74 12.57 9.18 -11.19
C LEU A 74 12.02 8.30 -12.29
N GLY A 75 10.74 8.47 -12.60
CA GLY A 75 10.12 7.68 -13.66
C GLY A 75 8.63 8.01 -13.80
N THR A 76 7.99 7.37 -14.76
CA THR A 76 6.57 7.57 -15.01
C THR A 76 5.76 6.53 -14.25
N ALA A 77 4.43 6.66 -14.27
CA ALA A 77 3.58 5.70 -13.58
C ALA A 77 3.86 4.28 -14.07
N THR A 78 4.05 4.15 -15.38
CA THR A 78 4.33 2.85 -15.97
C THR A 78 5.74 2.40 -15.66
N ASP A 79 6.70 3.31 -15.82
CA ASP A 79 8.10 3.00 -15.56
C ASP A 79 8.31 2.66 -14.10
N VAL A 80 7.84 3.54 -13.23
CA VAL A 80 7.97 3.31 -11.79
C VAL A 80 7.27 2.01 -11.41
N GLY A 81 6.14 1.76 -12.05
CA GLY A 81 5.38 0.55 -11.79
C GLY A 81 6.20 -0.70 -12.08
N TYR A 82 6.70 -0.80 -13.31
CA TYR A 82 7.51 -1.96 -13.68
C TYR A 82 8.65 -2.18 -12.71
N ARG A 83 9.28 -1.09 -12.26
CA ARG A 83 10.37 -1.22 -11.30
C ARG A 83 9.90 -1.93 -10.04
N PHE A 84 8.65 -1.65 -9.65
CA PHE A 84 8.09 -2.27 -8.45
C PHE A 84 7.93 -3.77 -8.64
N MET A 85 7.48 -4.18 -9.83
CA MET A 85 7.29 -5.60 -10.12
C MET A 85 8.59 -6.36 -9.85
N LYS A 86 9.65 -5.91 -10.49
CA LYS A 86 10.95 -6.53 -10.33
C LYS A 86 11.43 -6.42 -8.88
N THR A 87 11.20 -5.26 -8.27
CA THR A 87 11.62 -5.05 -6.89
C THR A 87 10.98 -6.08 -5.97
N VAL A 88 9.68 -6.29 -6.11
CA VAL A 88 8.97 -7.25 -5.28
C VAL A 88 9.33 -8.68 -5.69
N ASN A 89 9.30 -8.94 -6.99
CA ASN A 89 9.62 -10.27 -7.49
C ASN A 89 11.04 -10.69 -7.13
N ASP A 90 11.98 -9.76 -7.21
CA ASP A 90 13.38 -10.09 -6.90
C ASP A 90 13.49 -10.94 -5.64
N ALA A 91 12.64 -10.66 -4.66
CA ALA A 91 12.67 -11.39 -3.41
C ALA A 91 12.22 -12.84 -3.58
N SER A 92 11.13 -13.06 -4.32
CA SER A 92 10.58 -14.42 -4.52
C SER A 92 10.46 -14.80 -5.99
N GLN A 93 11.22 -14.16 -6.84
CA GLN A 93 11.17 -14.43 -8.27
C GLN A 93 11.32 -15.93 -8.56
N GLY A 94 12.02 -16.64 -7.68
CA GLY A 94 12.24 -18.07 -7.86
C GLY A 94 10.97 -18.79 -8.33
N ASP A 95 9.91 -18.75 -7.51
CA ASP A 95 8.65 -19.43 -7.86
C ASP A 95 7.50 -18.43 -8.01
N ARG A 96 7.48 -17.42 -7.15
CA ARG A 96 6.41 -16.42 -7.17
C ARG A 96 6.76 -15.27 -8.11
N GLN A 97 5.77 -14.82 -8.87
CA GLN A 97 5.95 -13.73 -9.82
C GLN A 97 4.84 -12.70 -9.66
N ALA A 98 5.14 -11.44 -9.94
CA ALA A 98 4.14 -10.37 -9.83
C ALA A 98 3.71 -9.90 -11.22
N GLU A 99 2.40 -9.68 -11.38
CA GLU A 99 1.85 -9.23 -12.67
C GLU A 99 1.26 -7.84 -12.50
N LEU A 100 1.64 -6.94 -13.40
CA LEU A 100 1.16 -5.56 -13.35
C LEU A 100 -0.21 -5.45 -14.01
N ILE A 101 -1.23 -5.17 -13.20
CA ILE A 101 -2.59 -5.03 -13.71
C ILE A 101 -2.78 -3.64 -14.32
N ASN A 102 -2.40 -2.61 -13.56
CA ASN A 102 -2.54 -1.24 -14.04
C ASN A 102 -1.59 -0.31 -13.28
N ALA A 103 -1.39 0.89 -13.82
CA ALA A 103 -0.51 1.87 -13.19
C ALA A 103 -0.86 3.28 -13.66
N GLU A 104 -1.33 4.11 -12.73
CA GLU A 104 -1.71 5.49 -13.07
C GLU A 104 -1.34 6.44 -11.92
N ALA A 105 -1.38 7.75 -12.20
CA ALA A 105 -1.05 8.76 -11.19
C ALA A 105 -2.08 9.88 -11.21
N ARG A 106 -2.29 10.50 -10.04
CA ARG A 106 -3.26 11.59 -9.91
C ARG A 106 -2.63 12.81 -9.25
N ASP A 107 -3.00 14.00 -9.73
CA ASP A 107 -2.47 15.26 -9.20
C ASP A 107 -3.55 15.99 -8.41
N GLU A 108 -3.37 16.10 -7.09
CA GLU A 108 -4.34 16.78 -6.24
C GLU A 108 -3.63 17.64 -5.20
N ASP A 109 -4.19 18.82 -4.93
CA ASP A 109 -3.63 19.73 -3.95
C ASP A 109 -2.12 19.96 -4.19
N GLY A 110 -1.74 20.05 -5.45
CA GLY A 110 -0.34 20.28 -5.80
C GLY A 110 0.50 19.04 -5.50
N GLN A 111 -0.15 17.99 -5.00
CA GLN A 111 0.53 16.74 -4.69
C GLN A 111 0.22 15.69 -5.73
N VAL A 112 1.20 14.82 -5.99
CA VAL A 112 1.03 13.75 -6.97
C VAL A 112 1.03 12.39 -6.28
N TYR A 113 0.02 11.58 -6.60
CA TYR A 113 -0.10 10.24 -6.01
C TYR A 113 0.00 9.19 -7.10
N TYR A 114 0.84 8.19 -6.89
CA TYR A 114 1.02 7.11 -7.87
C TYR A 114 0.30 5.86 -7.41
N THR A 115 -0.60 5.34 -8.25
CA THR A 115 -1.35 4.13 -7.93
C THR A 115 -0.77 2.95 -8.70
N LEU A 116 -0.50 1.86 -8.00
CA LEU A 116 0.07 0.66 -8.62
C LEU A 116 -0.76 -0.57 -8.26
N GLU A 117 -1.52 -1.07 -9.23
CA GLU A 117 -2.34 -2.25 -9.03
C GLU A 117 -1.65 -3.46 -9.64
N TYR A 118 -1.45 -4.50 -8.83
CA TYR A 118 -0.78 -5.71 -9.29
C TYR A 118 -1.24 -6.91 -8.48
N ARG A 119 -0.83 -8.10 -8.91
CA ARG A 119 -1.19 -9.33 -8.19
C ARG A 119 -0.02 -10.30 -8.16
N VAL A 120 -0.06 -11.22 -7.21
CA VAL A 120 0.99 -12.23 -7.06
C VAL A 120 0.44 -13.60 -7.44
N LEU A 121 1.25 -14.36 -8.18
CA LEU A 121 0.82 -15.69 -8.63
C LEU A 121 1.92 -16.72 -8.43
N VAL A 122 1.55 -17.85 -7.84
CA VAL A 122 2.50 -18.93 -7.61
C VAL A 122 2.43 -19.88 -8.80
N GLY A 123 3.43 -19.80 -9.67
CA GLY A 123 3.46 -20.63 -10.86
C GLY A 123 2.43 -20.15 -11.89
N ASP A 124 1.41 -20.96 -12.15
CA ASP A 124 0.37 -20.60 -13.12
C ASP A 124 -0.95 -20.25 -12.43
N ASN A 125 -0.93 -20.17 -11.10
CA ASN A 125 -2.14 -19.84 -10.34
C ASN A 125 -2.00 -18.51 -9.60
N VAL A 126 -3.06 -17.71 -9.61
CA VAL A 126 -3.04 -16.42 -8.92
C VAL A 126 -3.24 -16.61 -7.42
N GLU A 127 -2.28 -16.13 -6.64
CA GLU A 127 -2.35 -16.26 -5.19
C GLU A 127 -3.34 -15.25 -4.61
N ARG A 128 -3.16 -13.98 -4.95
CA ARG A 128 -4.03 -12.93 -4.45
C ARG A 128 -3.74 -11.60 -5.13
N HIS A 129 -4.57 -10.59 -4.85
CA HIS A 129 -4.41 -9.26 -5.44
C HIS A 129 -3.81 -8.30 -4.42
N ASP A 130 -2.87 -7.47 -4.86
CA ASP A 130 -2.22 -6.49 -3.97
C ASP A 130 -2.16 -5.12 -4.61
N LEU A 131 -2.52 -4.09 -3.83
CA LEU A 131 -2.50 -2.70 -4.31
C LEU A 131 -1.41 -1.92 -3.61
N ALA A 132 -0.61 -1.20 -4.40
CA ALA A 132 0.48 -0.39 -3.86
C ALA A 132 0.39 1.04 -4.38
N SER A 133 0.36 2.00 -3.46
CA SER A 133 0.27 3.42 -3.82
C SER A 133 1.51 4.15 -3.31
N VAL A 134 2.12 4.96 -4.17
CA VAL A 134 3.32 5.71 -3.80
C VAL A 134 3.07 7.21 -3.89
N THR A 135 3.38 7.92 -2.80
CA THR A 135 3.20 9.37 -2.74
C THR A 135 4.39 10.01 -2.04
N THR A 136 4.82 11.17 -2.55
CA THR A 136 5.96 11.88 -1.96
C THR A 136 5.48 13.10 -1.18
N ASN A 137 6.24 13.48 -0.16
CA ASN A 137 5.88 14.63 0.66
C ASN A 137 7.07 15.15 1.45
N ARG A 138 7.44 16.40 1.18
CA ARG A 138 8.56 17.02 1.88
C ARG A 138 9.83 16.18 1.74
N GLY A 139 9.97 15.50 0.60
CA GLY A 139 11.15 14.68 0.35
C GLY A 139 11.02 13.32 1.05
N LYS A 140 9.81 13.00 1.49
CA LYS A 140 9.55 11.73 2.17
C LYS A 140 8.83 10.77 1.23
N LEU A 141 9.35 9.55 1.10
CA LEU A 141 8.73 8.55 0.23
C LEU A 141 7.76 7.69 1.05
N ILE A 142 6.48 7.71 0.69
CA ILE A 142 5.46 6.93 1.40
C ILE A 142 4.83 5.90 0.48
N THR A 143 4.81 4.65 0.92
CA THR A 143 4.23 3.55 0.14
C THR A 143 3.21 2.80 0.99
N PHE A 144 2.05 2.49 0.40
CA PHE A 144 0.99 1.76 1.12
C PHE A 144 0.73 0.42 0.44
N ASP A 145 1.32 -0.65 0.99
CA ASP A 145 1.14 -1.99 0.43
C ASP A 145 -0.04 -2.70 1.10
N LEU A 146 -1.11 -2.91 0.32
CA LEU A 146 -2.31 -3.58 0.83
C LEU A 146 -2.48 -4.96 0.19
N SER A 147 -2.83 -5.96 0.99
CA SER A 147 -3.03 -7.32 0.49
C SER A 147 -4.29 -7.92 1.09
N THR A 148 -5.16 -8.47 0.23
CA THR A 148 -6.40 -9.08 0.67
C THR A 148 -6.85 -10.17 -0.30
N ALA A 149 -7.69 -11.08 0.18
CA ALA A 149 -8.18 -12.19 -0.66
C ALA A 149 -8.76 -11.67 -1.97
N GLU A 150 -8.53 -12.43 -3.05
CA GLU A 150 -9.03 -12.03 -4.36
C GLU A 150 -10.55 -12.20 -4.44
N ASP A 151 -11.06 -13.24 -3.80
CA ASP A 151 -12.49 -13.51 -3.80
C ASP A 151 -13.26 -12.38 -3.11
N ARG A 152 -12.65 -11.78 -2.10
CA ARG A 152 -13.30 -10.69 -1.36
C ARG A 152 -12.85 -9.32 -1.87
N TRP A 153 -11.75 -9.30 -2.62
CA TRP A 153 -11.23 -8.04 -3.14
C TRP A 153 -12.35 -7.23 -3.80
N ASP A 154 -13.22 -7.92 -4.52
CA ASP A 154 -14.33 -7.24 -5.20
C ASP A 154 -15.25 -6.55 -4.19
N THR A 155 -15.52 -7.22 -3.08
CA THR A 155 -16.41 -6.66 -2.05
C THR A 155 -15.78 -5.44 -1.38
N VAL A 156 -14.47 -5.52 -1.12
CA VAL A 156 -13.74 -4.43 -0.46
C VAL A 156 -12.80 -3.72 -1.43
N LYS A 157 -13.07 -3.86 -2.73
CA LYS A 157 -12.23 -3.24 -3.74
C LYS A 157 -12.00 -1.75 -3.44
N SER A 158 -13.09 -1.04 -3.16
CA SER A 158 -13.01 0.39 -2.87
C SER A 158 -12.25 0.66 -1.57
N LEU A 159 -12.31 -0.29 -0.63
CA LEU A 159 -11.65 -0.12 0.66
C LEU A 159 -10.16 0.16 0.48
N PHE A 160 -9.52 -0.59 -0.40
CA PHE A 160 -8.09 -0.40 -0.63
C PHE A 160 -7.80 1.00 -1.15
N ASP A 161 -8.54 1.38 -2.19
CA ASP A 161 -8.37 2.69 -2.79
C ASP A 161 -8.74 3.79 -1.79
N THR A 162 -9.81 3.57 -1.04
CA THR A 162 -10.25 4.54 -0.06
C THR A 162 -9.22 4.68 1.08
N VAL A 163 -8.78 3.56 1.61
CA VAL A 163 -7.79 3.58 2.69
C VAL A 163 -6.48 4.18 2.21
N ALA A 164 -6.05 3.78 1.02
CA ALA A 164 -4.80 4.29 0.47
C ALA A 164 -4.90 5.80 0.24
N SER A 165 -6.07 6.25 -0.18
CA SER A 165 -6.31 7.67 -0.43
C SER A 165 -6.67 8.40 0.86
N SER A 166 -7.22 7.66 1.82
CA SER A 166 -7.61 8.26 3.09
C SER A 166 -6.40 8.82 3.83
N PHE A 167 -5.24 8.22 3.63
CA PHE A 167 -4.03 8.69 4.30
C PHE A 167 -3.74 10.14 3.93
N HIS A 168 -2.99 10.82 4.78
CA HIS A 168 -2.63 12.22 4.57
C HIS A 168 -1.15 12.43 4.86
N VAL A 169 -0.57 13.47 4.28
CA VAL A 169 0.85 13.76 4.49
C VAL A 169 1.05 15.21 4.95
N TYR A 170 2.11 15.43 5.74
CA TYR A 170 2.40 16.76 6.24
C TYR A 170 3.75 16.79 6.95
N GLY A 1 -23.22 -2.93 -9.16
CA GLY A 1 -23.40 -1.70 -8.34
C GLY A 1 -22.14 -0.85 -8.39
N PRO A 2 -21.64 -0.60 -9.57
CA PRO A 2 -20.41 0.23 -9.76
C PRO A 2 -20.57 1.65 -9.22
N LEU A 3 -21.81 2.10 -9.14
CA LEU A 3 -22.08 3.44 -8.63
C LEU A 3 -21.70 3.54 -7.16
N GLY A 4 -21.90 2.45 -6.42
CA GLY A 4 -21.56 2.44 -5.00
C GLY A 4 -21.83 1.05 -4.39
N SER A 5 -21.64 0.95 -3.08
CA SER A 5 -21.87 -0.31 -2.37
C SER A 5 -22.41 -0.05 -0.97
N CYS A 6 -22.98 -1.09 -0.35
CA CYS A 6 -23.53 -0.97 1.00
C CYS A 6 -22.99 -2.08 1.90
N GLY A 7 -22.68 -1.73 3.14
CA GLY A 7 -22.16 -2.72 4.08
C GLY A 7 -22.32 -2.23 5.52
N GLY A 8 -21.82 -3.01 6.47
CA GLY A 8 -21.91 -2.65 7.88
C GLY A 8 -20.89 -1.58 8.24
N VAL A 9 -21.33 -0.59 9.02
CA VAL A 9 -20.44 0.50 9.44
C VAL A 9 -20.44 0.62 10.97
N GLY A 10 -19.26 0.80 11.53
CA GLY A 10 -19.12 0.93 12.99
C GLY A 10 -19.12 -0.44 13.65
N ILE A 11 -18.77 -1.46 12.89
CA ILE A 11 -18.73 -2.82 13.43
C ILE A 11 -17.62 -2.98 14.46
N ALA A 12 -16.69 -2.02 14.47
CA ALA A 12 -15.58 -2.06 15.41
C ALA A 12 -15.07 -0.65 15.68
N SER A 13 -14.36 -0.48 16.80
CA SER A 13 -13.83 0.83 17.16
C SER A 13 -12.78 1.27 16.15
N LEU A 14 -12.82 2.54 15.77
CA LEU A 14 -11.86 3.10 14.81
C LEU A 14 -10.89 4.05 15.50
N GLN A 15 -9.64 4.03 15.05
CA GLN A 15 -8.60 4.89 15.60
C GLN A 15 -7.74 5.45 14.48
N ARG A 16 -6.98 6.50 14.79
CA ARG A 16 -6.11 7.16 13.80
C ARG A 16 -4.65 7.04 14.21
N TYR A 17 -3.80 6.67 13.25
CA TYR A 17 -2.37 6.53 13.49
C TYR A 17 -1.61 7.60 12.72
N SER A 18 -0.65 8.24 13.39
CA SER A 18 0.14 9.29 12.75
C SER A 18 1.58 9.30 13.29
N ASP A 19 2.50 9.79 12.47
CA ASP A 19 3.92 9.86 12.86
C ASP A 19 4.53 11.16 12.34
N THR A 20 4.92 12.03 13.26
CA THR A 20 5.52 13.30 12.87
C THR A 20 6.86 13.07 12.18
N LYS A 21 7.57 12.03 12.60
CA LYS A 21 8.86 11.72 12.01
C LYS A 21 8.71 11.36 10.53
N ASP A 22 7.76 10.49 10.22
CA ASP A 22 7.53 10.08 8.83
C ASP A 22 6.60 11.05 8.12
N GLY A 23 5.83 11.80 8.89
CA GLY A 23 4.91 12.78 8.31
C GLY A 23 3.77 12.10 7.56
N TYR A 24 3.24 11.01 8.10
CA TYR A 24 2.12 10.30 7.45
C TYR A 24 1.12 9.79 8.48
N GLU A 25 -0.13 9.68 8.08
CA GLU A 25 -1.17 9.19 8.98
C GLU A 25 -2.34 8.58 8.19
N PHE A 26 -2.97 7.56 8.75
CA PHE A 26 -4.10 6.90 8.10
C PHE A 26 -5.06 6.29 9.11
N LEU A 27 -6.29 6.02 8.66
CA LEU A 27 -7.31 5.43 9.52
C LEU A 27 -7.30 3.91 9.41
N TYR A 28 -7.54 3.22 10.52
CA TYR A 28 -7.54 1.77 10.52
C TYR A 28 -8.42 1.23 11.66
N PRO A 29 -9.07 0.10 11.47
CA PRO A 29 -9.95 -0.50 12.53
C PRO A 29 -9.16 -1.02 13.73
N ASN A 30 -9.83 -1.14 14.86
CA ASN A 30 -9.18 -1.64 16.08
C ASN A 30 -8.90 -3.13 15.96
N GLY A 31 -7.98 -3.62 16.79
CA GLY A 31 -7.60 -5.04 16.78
C GLY A 31 -6.36 -5.27 15.94
N TRP A 32 -5.73 -4.18 15.49
CA TRP A 32 -4.51 -4.29 14.68
C TRP A 32 -3.28 -4.18 15.57
N ILE A 33 -2.25 -4.96 15.23
CA ILE A 33 -1.00 -4.95 16.00
C ILE A 33 0.19 -4.68 15.07
N GLY A 34 1.20 -3.99 15.59
CA GLY A 34 2.38 -3.68 14.80
C GLY A 34 3.42 -4.78 14.95
N VAL A 35 4.08 -5.14 13.85
CA VAL A 35 5.09 -6.20 13.88
C VAL A 35 6.44 -5.66 13.41
N ASP A 36 7.49 -6.01 14.15
CA ASP A 36 8.83 -5.55 13.81
C ASP A 36 9.41 -6.39 12.68
N VAL A 37 10.07 -5.72 11.73
CA VAL A 37 10.68 -6.40 10.59
C VAL A 37 12.03 -5.77 10.26
N LYS A 38 12.91 -5.72 11.25
CA LYS A 38 14.23 -5.13 11.07
C LYS A 38 15.09 -6.06 10.22
N GLY A 39 15.80 -5.47 9.26
CA GLY A 39 16.66 -6.24 8.37
C GLY A 39 15.89 -6.70 7.14
N ALA A 40 14.64 -6.24 7.04
CA ALA A 40 13.78 -6.61 5.92
C ALA A 40 14.13 -5.75 4.69
N SER A 41 13.22 -5.75 3.71
CA SER A 41 13.43 -4.98 2.49
C SER A 41 13.80 -3.52 2.83
N PRO A 42 14.50 -2.86 1.95
CA PRO A 42 14.92 -1.45 2.17
C PRO A 42 13.70 -0.52 2.12
N GLY A 43 13.62 0.38 3.10
CA GLY A 43 12.51 1.33 3.17
C GLY A 43 11.41 0.82 4.10
N VAL A 44 11.37 -0.49 4.33
CA VAL A 44 10.34 -1.06 5.20
C VAL A 44 10.50 -0.50 6.61
N ASP A 45 9.45 0.13 7.12
CA ASP A 45 9.48 0.71 8.47
C ASP A 45 8.80 -0.22 9.47
N VAL A 46 7.53 -0.54 9.22
CA VAL A 46 6.78 -1.43 10.10
C VAL A 46 5.67 -2.13 9.34
N VAL A 47 5.08 -3.14 9.97
CA VAL A 47 3.98 -3.89 9.36
C VAL A 47 2.81 -3.97 10.32
N PHE A 48 1.60 -3.76 9.81
CA PHE A 48 0.38 -3.81 10.63
C PHE A 48 -0.45 -5.02 10.20
N ARG A 49 -0.83 -5.84 11.18
CA ARG A 49 -1.62 -7.05 10.89
C ARG A 49 -2.92 -7.04 11.69
N ASP A 50 -4.01 -7.41 11.01
CA ASP A 50 -5.32 -7.43 11.64
C ASP A 50 -5.59 -8.80 12.28
N LEU A 51 -5.77 -8.80 13.60
CA LEU A 51 -6.03 -10.04 14.31
C LEU A 51 -7.37 -10.63 13.87
N ILE A 52 -8.35 -9.75 13.66
CA ILE A 52 -9.67 -10.19 13.25
C ILE A 52 -9.61 -10.91 11.90
N GLU A 53 -8.83 -10.36 10.98
CA GLU A 53 -8.68 -10.95 9.65
C GLU A 53 -7.24 -11.37 9.41
N ARG A 54 -7.05 -12.66 9.14
CA ARG A 54 -5.70 -13.20 8.89
C ARG A 54 -5.38 -13.11 7.40
N ASP A 55 -6.37 -13.40 6.57
CA ASP A 55 -6.18 -13.35 5.12
C ASP A 55 -5.73 -11.96 4.69
N GLU A 56 -6.27 -10.94 5.35
CA GLU A 56 -5.93 -9.56 5.02
C GLU A 56 -4.72 -9.11 5.83
N ASN A 57 -3.73 -8.55 5.13
CA ASN A 57 -2.50 -8.06 5.77
C ASN A 57 -2.21 -6.63 5.34
N LEU A 58 -1.59 -5.85 6.22
CA LEU A 58 -1.26 -4.46 5.91
C LEU A 58 0.24 -4.23 6.15
N SER A 59 0.90 -3.56 5.19
CA SER A 59 2.33 -3.27 5.32
C SER A 59 2.61 -1.84 4.88
N VAL A 60 3.53 -1.18 5.56
CA VAL A 60 3.88 0.21 5.26
C VAL A 60 5.38 0.37 5.10
N ILE A 61 5.78 1.06 4.03
CA ILE A 61 7.21 1.29 3.74
C ILE A 61 7.50 2.79 3.65
N ILE A 62 8.44 3.26 4.47
CA ILE A 62 8.81 4.68 4.48
C ILE A 62 10.28 4.84 4.08
N SER A 63 10.55 5.77 3.17
CA SER A 63 11.91 6.03 2.71
C SER A 63 12.06 7.47 2.26
N GLU A 64 13.31 7.92 2.08
CA GLU A 64 13.58 9.29 1.63
C GLU A 64 14.01 9.30 0.16
N ILE A 65 13.47 10.24 -0.62
CA ILE A 65 13.80 10.33 -2.03
C ILE A 65 14.98 11.28 -2.26
N PRO A 66 15.78 11.04 -3.27
CA PRO A 66 16.94 11.93 -3.57
C PRO A 66 16.55 13.40 -3.48
N SER A 67 17.46 14.22 -2.99
CA SER A 67 17.21 15.65 -2.87
C SER A 67 17.23 16.31 -4.24
N ASP A 68 17.86 15.67 -5.21
CA ASP A 68 17.97 16.22 -6.56
C ASP A 68 16.87 15.70 -7.50
N LYS A 69 16.20 14.60 -7.12
CA LYS A 69 15.14 14.03 -7.97
C LYS A 69 13.87 13.78 -7.17
N THR A 70 12.73 13.74 -7.88
CA THR A 70 11.43 13.50 -7.25
C THR A 70 10.74 12.29 -7.86
N LEU A 71 9.58 11.94 -7.31
CA LEU A 71 8.81 10.79 -7.79
C LEU A 71 8.65 10.85 -9.31
N THR A 72 8.29 12.01 -9.83
CA THR A 72 8.10 12.17 -11.26
C THR A 72 9.41 12.01 -12.02
N ASP A 73 10.47 12.62 -11.51
CA ASP A 73 11.77 12.52 -12.14
C ASP A 73 12.30 11.09 -12.10
N LEU A 74 12.05 10.42 -10.99
CA LEU A 74 12.51 9.04 -10.82
C LEU A 74 12.02 8.16 -11.97
N GLY A 75 10.75 8.33 -12.33
CA GLY A 75 10.19 7.54 -13.42
C GLY A 75 8.71 7.87 -13.63
N THR A 76 8.11 7.20 -14.62
CA THR A 76 6.69 7.39 -14.91
C THR A 76 5.86 6.37 -14.17
N ALA A 77 4.55 6.53 -14.18
CA ALA A 77 3.68 5.58 -13.48
C ALA A 77 3.95 4.16 -13.98
N THR A 78 4.12 4.03 -15.29
CA THR A 78 4.39 2.72 -15.88
C THR A 78 5.81 2.26 -15.55
N ASP A 79 6.76 3.17 -15.67
CA ASP A 79 8.15 2.85 -15.39
C ASP A 79 8.33 2.44 -13.93
N VAL A 80 7.84 3.30 -13.03
CA VAL A 80 7.93 3.01 -11.61
C VAL A 80 7.19 1.72 -11.30
N GLY A 81 6.06 1.53 -11.96
CA GLY A 81 5.25 0.33 -11.77
C GLY A 81 6.07 -0.92 -12.06
N TYR A 82 6.82 -0.88 -13.15
CA TYR A 82 7.64 -2.02 -13.53
C TYR A 82 8.78 -2.26 -12.53
N ARG A 83 9.40 -1.17 -12.08
CA ARG A 83 10.51 -1.29 -11.13
C ARG A 83 10.03 -1.94 -9.83
N PHE A 84 8.81 -1.60 -9.42
CA PHE A 84 8.26 -2.15 -8.18
C PHE A 84 8.10 -3.67 -8.31
N MET A 85 7.67 -4.13 -9.48
CA MET A 85 7.48 -5.56 -9.70
C MET A 85 8.79 -6.31 -9.48
N LYS A 86 9.87 -5.77 -10.04
CA LYS A 86 11.18 -6.40 -9.90
C LYS A 86 11.61 -6.38 -8.44
N THR A 87 11.36 -5.26 -7.77
CA THR A 87 11.72 -5.11 -6.37
C THR A 87 10.99 -6.14 -5.51
N VAL A 88 9.70 -6.28 -5.75
CA VAL A 88 8.90 -7.24 -5.00
C VAL A 88 9.27 -8.68 -5.39
N ASN A 89 9.35 -8.91 -6.69
CA ASN A 89 9.68 -10.23 -7.20
C ASN A 89 11.07 -10.66 -6.74
N ASP A 90 11.99 -9.71 -6.61
CA ASP A 90 13.34 -10.04 -6.19
C ASP A 90 13.35 -10.95 -4.97
N ALA A 91 12.41 -10.70 -4.06
CA ALA A 91 12.33 -11.49 -2.83
C ALA A 91 11.92 -12.94 -3.10
N SER A 92 10.87 -13.14 -3.92
CA SER A 92 10.38 -14.49 -4.20
C SER A 92 10.38 -14.83 -5.69
N GLN A 93 11.19 -14.14 -6.48
CA GLN A 93 11.24 -14.39 -7.92
C GLN A 93 11.43 -15.87 -8.22
N GLY A 94 11.84 -16.64 -7.21
CA GLY A 94 12.07 -18.07 -7.39
C GLY A 94 10.84 -18.77 -7.95
N ASP A 95 9.72 -18.74 -7.20
CA ASP A 95 8.47 -19.39 -7.64
C ASP A 95 7.35 -18.38 -7.84
N ARG A 96 7.31 -17.36 -7.00
CA ARG A 96 6.26 -16.34 -7.08
C ARG A 96 6.61 -15.27 -8.11
N GLN A 97 5.61 -14.87 -8.89
CA GLN A 97 5.79 -13.84 -9.92
C GLN A 97 4.72 -12.76 -9.77
N ALA A 98 5.11 -11.50 -9.94
CA ALA A 98 4.17 -10.38 -9.84
C ALA A 98 3.80 -9.88 -11.23
N GLU A 99 2.51 -9.61 -11.45
CA GLU A 99 2.03 -9.11 -12.74
C GLU A 99 1.44 -7.71 -12.56
N LEU A 100 1.91 -6.78 -13.39
CA LEU A 100 1.42 -5.40 -13.30
C LEU A 100 0.11 -5.28 -14.07
N ILE A 101 -1.00 -5.16 -13.35
CA ILE A 101 -2.31 -5.03 -13.97
C ILE A 101 -2.43 -3.66 -14.64
N ASN A 102 -1.98 -2.63 -13.93
CA ASN A 102 -2.04 -1.27 -14.45
C ASN A 102 -1.47 -0.27 -13.44
N ALA A 103 -1.34 0.97 -13.88
CA ALA A 103 -0.80 2.03 -13.03
C ALA A 103 -1.28 3.40 -13.49
N GLU A 104 -1.63 4.27 -12.55
CA GLU A 104 -2.09 5.61 -12.87
C GLU A 104 -1.61 6.62 -11.83
N ALA A 105 -1.67 7.91 -12.18
CA ALA A 105 -1.24 8.97 -11.26
C ALA A 105 -2.23 10.13 -11.26
N ARG A 106 -2.38 10.78 -10.10
CA ARG A 106 -3.31 11.90 -9.97
C ARG A 106 -2.64 13.07 -9.25
N ASP A 107 -2.90 14.28 -9.73
CA ASP A 107 -2.33 15.49 -9.12
C ASP A 107 -3.41 16.30 -8.40
N GLU A 108 -3.30 16.38 -7.07
CA GLU A 108 -4.27 17.13 -6.27
C GLU A 108 -3.57 17.93 -5.17
N ASP A 109 -4.10 19.11 -4.88
CA ASP A 109 -3.54 19.97 -3.84
C ASP A 109 -2.04 20.18 -4.04
N GLY A 110 -1.61 20.18 -5.30
CA GLY A 110 -0.20 20.39 -5.60
C GLY A 110 0.62 19.13 -5.31
N GLN A 111 -0.07 18.08 -4.87
CA GLN A 111 0.57 16.81 -4.56
C GLN A 111 0.29 15.79 -5.65
N VAL A 112 1.23 14.89 -5.87
CA VAL A 112 1.09 13.84 -6.88
C VAL A 112 1.03 12.47 -6.21
N TYR A 113 0.00 11.70 -6.56
CA TYR A 113 -0.18 10.36 -6.01
C TYR A 113 -0.11 9.32 -7.12
N TYR A 114 0.75 8.32 -6.94
CA TYR A 114 0.90 7.27 -7.95
C TYR A 114 0.20 6.00 -7.46
N THR A 115 -0.70 5.47 -8.29
CA THR A 115 -1.44 4.26 -7.94
C THR A 115 -0.90 3.07 -8.73
N LEU A 116 -0.53 2.03 -8.00
CA LEU A 116 0.00 0.81 -8.61
C LEU A 116 -0.94 -0.36 -8.34
N GLU A 117 -1.34 -1.05 -9.42
CA GLU A 117 -2.23 -2.20 -9.30
C GLU A 117 -1.53 -3.43 -9.86
N TYR A 118 -1.41 -4.46 -9.03
CA TYR A 118 -0.75 -5.70 -9.46
C TYR A 118 -1.29 -6.88 -8.67
N ARG A 119 -0.90 -8.10 -9.08
CA ARG A 119 -1.34 -9.31 -8.39
C ARG A 119 -0.19 -10.30 -8.29
N VAL A 120 -0.30 -11.22 -7.33
CA VAL A 120 0.74 -12.24 -7.12
C VAL A 120 0.21 -13.61 -7.53
N LEU A 121 1.02 -14.37 -8.25
CA LEU A 121 0.62 -15.70 -8.71
C LEU A 121 1.74 -16.70 -8.52
N VAL A 122 1.38 -17.89 -8.03
CA VAL A 122 2.34 -18.97 -7.80
C VAL A 122 2.02 -20.12 -8.74
N GLY A 123 3.05 -20.68 -9.37
CA GLY A 123 2.85 -21.77 -10.29
C GLY A 123 2.07 -21.30 -11.52
N ASP A 124 0.91 -21.91 -11.76
CA ASP A 124 0.07 -21.55 -12.90
C ASP A 124 -1.26 -20.95 -12.46
N ASN A 125 -1.36 -20.57 -11.17
CA ASN A 125 -2.60 -19.99 -10.63
C ASN A 125 -2.32 -18.67 -9.90
N VAL A 126 -3.35 -17.83 -9.83
CA VAL A 126 -3.22 -16.54 -9.15
C VAL A 126 -3.50 -16.70 -7.65
N GLU A 127 -2.57 -16.23 -6.82
CA GLU A 127 -2.72 -16.34 -5.38
C GLU A 127 -3.72 -15.30 -4.87
N ARG A 128 -3.51 -14.04 -5.25
CA ARG A 128 -4.40 -12.97 -4.81
C ARG A 128 -4.06 -11.65 -5.52
N HIS A 129 -4.89 -10.63 -5.28
CA HIS A 129 -4.70 -9.31 -5.88
C HIS A 129 -4.21 -8.32 -4.82
N ASP A 130 -3.27 -7.46 -5.19
CA ASP A 130 -2.72 -6.48 -4.26
C ASP A 130 -2.63 -5.09 -4.90
N LEU A 131 -3.03 -4.06 -4.12
CA LEU A 131 -2.97 -2.67 -4.59
C LEU A 131 -1.93 -1.90 -3.78
N ALA A 132 -1.16 -1.06 -4.45
CA ALA A 132 -0.14 -0.25 -3.78
C ALA A 132 -0.14 1.17 -4.32
N SER A 133 0.17 2.13 -3.45
CA SER A 133 0.20 3.55 -3.84
C SER A 133 1.49 4.21 -3.38
N VAL A 134 2.09 5.04 -4.23
CA VAL A 134 3.33 5.75 -3.90
C VAL A 134 3.11 7.26 -3.94
N THR A 135 3.47 7.92 -2.85
CA THR A 135 3.32 9.38 -2.74
C THR A 135 4.51 9.99 -2.00
N THR A 136 4.87 11.22 -2.36
CA THR A 136 6.00 11.92 -1.71
C THR A 136 5.49 13.13 -0.94
N ASN A 137 6.23 13.51 0.11
CA ASN A 137 5.85 14.65 0.94
C ASN A 137 7.08 15.32 1.56
N ARG A 138 7.43 16.50 1.05
CA ARG A 138 8.58 17.24 1.58
C ARG A 138 9.85 16.40 1.44
N GLY A 139 9.92 15.59 0.40
CA GLY A 139 11.10 14.76 0.17
C GLY A 139 11.00 13.42 0.91
N LYS A 140 9.85 13.18 1.53
CA LYS A 140 9.63 11.93 2.26
C LYS A 140 8.89 10.93 1.38
N LEU A 141 9.48 9.76 1.18
CA LEU A 141 8.85 8.74 0.35
C LEU A 141 7.87 7.92 1.19
N ILE A 142 6.60 7.96 0.82
CA ILE A 142 5.57 7.20 1.53
C ILE A 142 4.85 6.27 0.57
N THR A 143 4.91 4.97 0.86
CA THR A 143 4.28 3.97 0.02
C THR A 143 3.31 3.13 0.85
N PHE A 144 2.11 2.92 0.32
CA PHE A 144 1.08 2.14 1.02
C PHE A 144 0.92 0.77 0.34
N ASP A 145 1.04 -0.30 1.12
CA ASP A 145 0.90 -1.65 0.58
C ASP A 145 -0.36 -2.32 1.12
N LEU A 146 -1.31 -2.60 0.24
CA LEU A 146 -2.57 -3.25 0.64
C LEU A 146 -2.66 -4.66 0.08
N SER A 147 -2.98 -5.62 0.95
CA SER A 147 -3.10 -7.02 0.53
C SER A 147 -4.37 -7.64 1.09
N THR A 148 -5.16 -8.27 0.22
CA THR A 148 -6.40 -8.92 0.63
C THR A 148 -6.74 -10.07 -0.31
N ALA A 149 -7.47 -11.06 0.21
CA ALA A 149 -7.85 -12.23 -0.58
C ALA A 149 -8.72 -11.85 -1.77
N GLU A 150 -8.58 -12.61 -2.86
CA GLU A 150 -9.35 -12.37 -4.07
C GLU A 150 -10.83 -12.71 -3.88
N ASP A 151 -11.09 -13.60 -2.92
CA ASP A 151 -12.45 -14.05 -2.65
C ASP A 151 -13.39 -12.87 -2.36
N ARG A 152 -12.88 -11.82 -1.72
CA ARG A 152 -13.71 -10.65 -1.38
C ARG A 152 -13.12 -9.36 -1.93
N TRP A 153 -11.99 -9.44 -2.60
CA TRP A 153 -11.36 -8.25 -3.16
C TRP A 153 -12.37 -7.39 -3.90
N ASP A 154 -13.28 -8.04 -4.63
CA ASP A 154 -14.30 -7.31 -5.38
C ASP A 154 -15.22 -6.54 -4.45
N THR A 155 -15.60 -7.16 -3.34
CA THR A 155 -16.50 -6.52 -2.37
C THR A 155 -15.84 -5.31 -1.72
N VAL A 156 -14.55 -5.43 -1.40
CA VAL A 156 -13.81 -4.34 -0.75
C VAL A 156 -12.88 -3.64 -1.73
N LYS A 157 -13.16 -3.78 -3.02
CA LYS A 157 -12.33 -3.16 -4.05
C LYS A 157 -12.08 -1.69 -3.75
N SER A 158 -13.15 -0.96 -3.44
CA SER A 158 -13.05 0.46 -3.15
C SER A 158 -12.24 0.72 -1.86
N LEU A 159 -12.33 -0.20 -0.91
CA LEU A 159 -11.62 -0.05 0.36
C LEU A 159 -10.14 0.20 0.14
N PHE A 160 -9.54 -0.56 -0.78
CA PHE A 160 -8.11 -0.41 -1.03
C PHE A 160 -7.82 0.99 -1.54
N ASP A 161 -8.57 1.42 -2.53
CA ASP A 161 -8.40 2.74 -3.10
C ASP A 161 -8.70 3.82 -2.06
N THR A 162 -9.75 3.59 -1.28
CA THR A 162 -10.15 4.55 -0.25
C THR A 162 -9.11 4.63 0.87
N VAL A 163 -8.67 3.48 1.36
CA VAL A 163 -7.68 3.44 2.44
C VAL A 163 -6.37 4.07 1.97
N ALA A 164 -5.94 3.72 0.76
CA ALA A 164 -4.70 4.26 0.23
C ALA A 164 -4.81 5.78 0.06
N SER A 165 -5.98 6.22 -0.40
CA SER A 165 -6.21 7.65 -0.61
C SER A 165 -6.55 8.35 0.70
N SER A 166 -7.14 7.61 1.64
CA SER A 166 -7.52 8.17 2.93
C SER A 166 -6.31 8.68 3.70
N PHE A 167 -5.15 8.07 3.49
CA PHE A 167 -3.95 8.50 4.20
C PHE A 167 -3.67 9.98 3.91
N HIS A 168 -2.91 10.60 4.81
CA HIS A 168 -2.56 12.02 4.65
C HIS A 168 -1.10 12.22 5.05
N VAL A 169 -0.50 13.32 4.58
CA VAL A 169 0.89 13.61 4.88
C VAL A 169 1.05 15.01 5.46
N TYR A 170 2.06 15.18 6.33
CA TYR A 170 2.31 16.48 6.94
C TYR A 170 3.60 16.46 7.74
N GLY A 1 -19.65 3.45 -12.10
CA GLY A 1 -19.38 3.82 -10.68
C GLY A 1 -20.64 3.62 -9.85
N PRO A 2 -21.24 2.46 -9.94
CA PRO A 2 -22.48 2.14 -9.17
C PRO A 2 -22.24 2.18 -7.66
N LEU A 3 -20.98 2.00 -7.26
CA LEU A 3 -20.62 2.02 -5.85
C LEU A 3 -20.23 3.43 -5.41
N GLY A 4 -20.08 3.63 -4.11
CA GLY A 4 -19.71 4.93 -3.57
C GLY A 4 -19.21 4.82 -2.14
N SER A 5 -18.98 5.96 -1.50
CA SER A 5 -18.51 5.97 -0.12
C SER A 5 -19.46 5.21 0.78
N CYS A 6 -20.74 5.19 0.38
CA CYS A 6 -21.75 4.49 1.16
C CYS A 6 -21.30 3.09 1.51
N GLY A 7 -20.43 2.54 0.69
CA GLY A 7 -19.93 1.19 0.93
C GLY A 7 -18.79 1.20 1.94
N GLY A 8 -18.24 0.02 2.23
CA GLY A 8 -17.15 -0.09 3.20
C GLY A 8 -17.70 -0.07 4.62
N VAL A 9 -18.97 -0.43 4.77
CA VAL A 9 -19.60 -0.45 6.09
C VAL A 9 -18.97 -1.50 6.98
N GLY A 10 -18.74 -1.14 8.25
CA GLY A 10 -18.14 -2.06 9.21
C GLY A 10 -18.48 -1.63 10.63
N ILE A 11 -18.66 -2.61 11.51
CA ILE A 11 -19.00 -2.32 12.91
C ILE A 11 -17.76 -2.43 13.78
N ALA A 12 -17.07 -1.30 13.95
CA ALA A 12 -15.86 -1.27 14.77
C ALA A 12 -15.36 0.16 14.93
N SER A 13 -14.77 0.46 16.08
CA SER A 13 -14.25 1.80 16.33
C SER A 13 -13.10 2.11 15.39
N LEU A 14 -13.05 3.37 14.93
CA LEU A 14 -12.00 3.82 14.01
C LEU A 14 -11.13 4.88 14.68
N GLN A 15 -9.83 4.84 14.42
CA GLN A 15 -8.89 5.80 14.99
C GLN A 15 -7.84 6.20 13.97
N ARG A 16 -7.14 7.30 14.23
CA ARG A 16 -6.10 7.81 13.32
C ARG A 16 -4.74 7.75 13.98
N TYR A 17 -3.72 7.37 13.21
CA TYR A 17 -2.35 7.28 13.71
C TYR A 17 -1.47 8.27 12.95
N SER A 18 -0.70 9.07 13.69
CA SER A 18 0.19 10.06 13.08
C SER A 18 1.64 9.82 13.45
N ASP A 19 2.55 10.12 12.52
CA ASP A 19 3.98 9.94 12.75
C ASP A 19 4.76 11.11 12.14
N THR A 20 5.22 12.01 13.00
CA THR A 20 5.99 13.17 12.53
C THR A 20 7.35 12.72 12.00
N LYS A 21 7.73 11.49 12.32
CA LYS A 21 9.02 10.96 11.89
C LYS A 21 9.15 11.00 10.37
N ASP A 22 8.08 10.62 9.67
CA ASP A 22 8.09 10.60 8.20
C ASP A 22 7.07 11.59 7.64
N GLY A 23 6.19 12.09 8.49
CA GLY A 23 5.19 13.06 8.05
C GLY A 23 4.03 12.38 7.33
N TYR A 24 3.47 11.34 7.93
CA TYR A 24 2.33 10.62 7.33
C TYR A 24 1.41 10.04 8.39
N GLU A 25 0.12 9.98 8.06
CA GLU A 25 -0.89 9.45 8.98
C GLU A 25 -1.96 8.68 8.22
N PHE A 26 -2.57 7.70 8.89
CA PHE A 26 -3.62 6.90 8.27
C PHE A 26 -4.61 6.38 9.31
N LEU A 27 -5.82 6.04 8.86
CA LEU A 27 -6.86 5.51 9.75
C LEU A 27 -6.99 4.01 9.57
N TYR A 28 -7.25 3.32 10.69
CA TYR A 28 -7.40 1.87 10.67
C TYR A 28 -8.37 1.43 11.77
N PRO A 29 -9.12 0.37 11.58
CA PRO A 29 -10.09 -0.12 12.60
C PRO A 29 -9.39 -0.74 13.81
N ASN A 30 -10.05 -0.72 14.96
CA ASN A 30 -9.48 -1.28 16.17
C ASN A 30 -9.38 -2.79 16.08
N GLY A 31 -8.53 -3.38 16.93
CA GLY A 31 -8.36 -4.83 16.94
C GLY A 31 -7.14 -5.25 16.12
N TRP A 32 -6.41 -4.26 15.61
CA TRP A 32 -5.21 -4.53 14.82
C TRP A 32 -3.97 -4.55 15.71
N ILE A 33 -3.00 -5.39 15.35
CA ILE A 33 -1.75 -5.50 16.10
C ILE A 33 -0.57 -5.11 15.23
N GLY A 34 0.38 -4.39 15.82
CA GLY A 34 1.57 -3.95 15.08
C GLY A 34 2.71 -4.95 15.27
N VAL A 35 3.44 -5.21 14.19
CA VAL A 35 4.57 -6.16 14.22
C VAL A 35 5.89 -5.43 14.01
N ASP A 36 6.88 -5.75 14.83
CA ASP A 36 8.19 -5.13 14.72
C ASP A 36 8.94 -5.68 13.51
N VAL A 37 9.61 -4.79 12.78
CA VAL A 37 10.37 -5.19 11.59
C VAL A 37 11.76 -4.57 11.60
N LYS A 38 12.44 -4.65 12.74
CA LYS A 38 13.78 -4.10 12.85
C LYS A 38 14.78 -5.01 12.17
N GLY A 39 15.54 -4.46 11.23
CA GLY A 39 16.53 -5.24 10.49
C GLY A 39 15.87 -6.03 9.37
N ALA A 40 14.62 -5.70 9.08
CA ALA A 40 13.86 -6.38 8.03
C ALA A 40 14.30 -5.88 6.66
N SER A 41 13.49 -6.18 5.65
CA SER A 41 13.80 -5.75 4.29
C SER A 41 14.05 -4.24 4.25
N PRO A 42 14.84 -3.77 3.30
CA PRO A 42 15.15 -2.32 3.18
C PRO A 42 13.93 -1.50 2.78
N GLY A 43 13.68 -0.44 3.55
CA GLY A 43 12.54 0.45 3.27
C GLY A 43 11.35 0.11 4.14
N VAL A 44 11.28 -1.14 4.59
CA VAL A 44 10.17 -1.57 5.44
C VAL A 44 10.26 -0.89 6.80
N ASP A 45 9.14 -0.32 7.25
CA ASP A 45 9.12 0.39 8.54
C ASP A 45 8.29 -0.36 9.59
N VAL A 46 7.01 -0.60 9.28
CA VAL A 46 6.13 -1.30 10.23
C VAL A 46 5.08 -2.13 9.49
N VAL A 47 4.73 -3.28 10.07
CA VAL A 47 3.73 -4.17 9.48
C VAL A 47 2.58 -4.41 10.45
N PHE A 48 1.35 -4.32 9.95
CA PHE A 48 0.15 -4.53 10.76
C PHE A 48 -0.56 -5.81 10.34
N ARG A 49 -1.08 -6.55 11.32
CA ARG A 49 -1.78 -7.81 11.04
C ARG A 49 -3.15 -7.82 11.73
N ASP A 50 -4.20 -8.13 10.98
CA ASP A 50 -5.55 -8.16 11.54
C ASP A 50 -5.90 -9.57 12.01
N LEU A 51 -6.17 -9.69 13.31
CA LEU A 51 -6.52 -11.00 13.88
C LEU A 51 -7.86 -11.48 13.30
N ILE A 52 -8.78 -10.54 13.10
CA ILE A 52 -10.09 -10.87 12.56
C ILE A 52 -9.96 -11.43 11.14
N GLU A 53 -9.05 -10.86 10.37
CA GLU A 53 -8.82 -11.30 8.98
C GLU A 53 -7.34 -11.59 8.75
N ARG A 54 -6.94 -12.82 9.01
CA ARG A 54 -5.55 -13.23 8.83
C ARG A 54 -5.15 -13.07 7.36
N ASP A 55 -6.09 -13.35 6.46
CA ASP A 55 -5.82 -13.24 5.03
C ASP A 55 -5.48 -11.80 4.64
N GLU A 56 -6.08 -10.85 5.34
CA GLU A 56 -5.83 -9.43 5.07
C GLU A 56 -4.70 -8.90 5.95
N ASN A 57 -3.77 -8.18 5.33
CA ASN A 57 -2.63 -7.62 6.05
C ASN A 57 -2.20 -6.29 5.43
N LEU A 58 -1.87 -5.31 6.29
CA LEU A 58 -1.44 -3.99 5.82
C LEU A 58 0.02 -3.76 6.20
N SER A 59 0.81 -3.27 5.25
CA SER A 59 2.23 -3.01 5.48
C SER A 59 2.61 -1.62 4.95
N VAL A 60 3.58 -0.99 5.60
CA VAL A 60 4.05 0.33 5.17
C VAL A 60 5.56 0.32 4.97
N ILE A 61 5.99 0.82 3.81
CA ILE A 61 7.40 0.89 3.47
C ILE A 61 7.80 2.33 3.21
N ILE A 62 8.81 2.81 3.95
CA ILE A 62 9.27 4.19 3.81
C ILE A 62 10.69 4.21 3.24
N SER A 63 10.93 5.12 2.29
CA SER A 63 12.24 5.26 1.66
C SER A 63 12.57 6.73 1.45
N GLU A 64 13.87 7.02 1.26
CA GLU A 64 14.31 8.40 1.04
C GLU A 64 14.65 8.63 -0.43
N ILE A 65 14.17 9.75 -0.98
CA ILE A 65 14.43 10.08 -2.39
C ILE A 65 15.45 11.21 -2.51
N PRO A 66 16.22 11.23 -3.58
CA PRO A 66 17.22 12.30 -3.80
C PRO A 66 16.55 13.66 -4.06
N SER A 67 17.09 14.69 -3.46
CA SER A 67 16.54 16.04 -3.62
C SER A 67 16.63 16.50 -5.08
N ASP A 68 17.61 15.97 -5.80
CA ASP A 68 17.80 16.35 -7.20
C ASP A 68 16.66 15.87 -8.09
N LYS A 69 16.05 14.74 -7.73
CA LYS A 69 14.95 14.19 -8.53
C LYS A 69 13.73 13.88 -7.66
N THR A 70 12.55 13.94 -8.28
CA THR A 70 11.29 13.67 -7.58
C THR A 70 10.60 12.46 -8.20
N LEU A 71 9.44 12.11 -7.66
CA LEU A 71 8.68 10.96 -8.16
C LEU A 71 8.51 11.03 -9.68
N THR A 72 8.14 12.21 -10.17
CA THR A 72 7.93 12.38 -11.61
C THR A 72 9.23 12.21 -12.38
N ASP A 73 10.30 12.83 -11.88
CA ASP A 73 11.60 12.74 -12.54
C ASP A 73 12.12 11.30 -12.51
N LEU A 74 11.90 10.62 -11.40
CA LEU A 74 12.36 9.25 -11.24
C LEU A 74 11.82 8.37 -12.37
N GLY A 75 10.55 8.54 -12.69
CA GLY A 75 9.94 7.75 -13.76
C GLY A 75 8.45 8.06 -13.90
N THR A 76 7.81 7.43 -14.88
CA THR A 76 6.39 7.63 -15.12
C THR A 76 5.59 6.56 -14.38
N ALA A 77 4.26 6.71 -14.38
CA ALA A 77 3.43 5.73 -13.69
C ALA A 77 3.70 4.33 -14.21
N THR A 78 3.83 4.21 -15.52
CA THR A 78 4.10 2.92 -16.14
C THR A 78 5.53 2.46 -15.86
N ASP A 79 6.48 3.38 -15.99
CA ASP A 79 7.88 3.07 -15.75
C ASP A 79 8.09 2.66 -14.30
N VAL A 80 7.61 3.50 -13.38
CA VAL A 80 7.74 3.19 -11.97
C VAL A 80 7.03 1.89 -11.65
N GLY A 81 5.87 1.70 -12.28
CA GLY A 81 5.08 0.49 -12.07
C GLY A 81 5.91 -0.75 -12.42
N TYR A 82 6.61 -0.71 -13.55
CA TYR A 82 7.42 -1.84 -13.97
C TYR A 82 8.60 -2.05 -13.01
N ARG A 83 9.24 -0.96 -12.59
CA ARG A 83 10.37 -1.06 -11.68
C ARG A 83 9.94 -1.69 -10.36
N PHE A 84 8.76 -1.33 -9.90
CA PHE A 84 8.24 -1.85 -8.64
C PHE A 84 8.06 -3.37 -8.72
N MET A 85 7.57 -3.85 -9.86
CA MET A 85 7.36 -5.30 -10.03
C MET A 85 8.68 -6.04 -9.83
N LYS A 86 9.75 -5.51 -10.42
CA LYS A 86 11.06 -6.14 -10.28
C LYS A 86 11.51 -6.10 -8.83
N THR A 87 11.35 -4.94 -8.21
CA THR A 87 11.76 -4.78 -6.81
C THR A 87 11.00 -5.75 -5.91
N VAL A 88 9.70 -5.87 -6.11
CA VAL A 88 8.89 -6.78 -5.31
C VAL A 88 9.25 -8.22 -5.60
N ASN A 89 9.33 -8.53 -6.89
CA ASN A 89 9.66 -9.89 -7.31
C ASN A 89 11.06 -10.28 -6.86
N ASP A 90 11.99 -9.33 -6.87
CA ASP A 90 13.36 -9.60 -6.47
C ASP A 90 13.40 -10.47 -5.21
N ALA A 91 12.46 -10.21 -4.30
CA ALA A 91 12.41 -10.96 -3.05
C ALA A 91 12.00 -12.41 -3.26
N SER A 92 10.96 -12.65 -4.07
CA SER A 92 10.46 -14.02 -4.32
C SER A 92 10.44 -14.39 -5.81
N GLN A 93 11.26 -13.72 -6.62
CA GLN A 93 11.30 -13.98 -8.05
C GLN A 93 11.49 -15.47 -8.34
N GLY A 94 12.15 -16.17 -7.43
CA GLY A 94 12.40 -17.60 -7.61
C GLY A 94 11.19 -18.33 -8.19
N ASP A 95 10.07 -18.32 -7.46
CA ASP A 95 8.85 -19.00 -7.90
C ASP A 95 7.70 -18.03 -8.11
N ARG A 96 7.59 -17.03 -7.24
CA ARG A 96 6.51 -16.06 -7.33
C ARG A 96 6.77 -15.03 -8.42
N GLN A 97 5.69 -14.58 -9.06
CA GLN A 97 5.78 -13.57 -10.12
C GLN A 97 4.70 -12.51 -9.92
N ALA A 98 5.08 -11.24 -10.03
CA ALA A 98 4.12 -10.15 -9.86
C ALA A 98 3.69 -9.62 -11.23
N GLU A 99 2.39 -9.41 -11.41
CA GLU A 99 1.85 -8.91 -12.67
C GLU A 99 1.22 -7.54 -12.46
N LEU A 100 1.62 -6.58 -13.29
CA LEU A 100 1.08 -5.24 -13.18
C LEU A 100 -0.29 -5.17 -13.87
N ILE A 101 -1.33 -5.08 -13.06
CA ILE A 101 -2.68 -4.99 -13.61
C ILE A 101 -2.90 -3.61 -14.24
N ASN A 102 -2.34 -2.59 -13.59
CA ASN A 102 -2.47 -1.23 -14.09
C ASN A 102 -1.78 -0.25 -13.14
N ALA A 103 -1.57 0.98 -13.62
CA ALA A 103 -0.93 2.02 -12.81
C ALA A 103 -1.38 3.40 -13.27
N GLU A 104 -1.75 4.25 -12.31
CA GLU A 104 -2.20 5.62 -12.61
C GLU A 104 -1.72 6.58 -11.54
N ALA A 105 -1.80 7.88 -11.84
CA ALA A 105 -1.37 8.93 -10.90
C ALA A 105 -2.36 10.08 -10.90
N ARG A 106 -2.50 10.74 -9.74
CA ARG A 106 -3.42 11.87 -9.60
C ARG A 106 -2.73 13.07 -8.96
N ASP A 107 -3.06 14.27 -9.44
CA ASP A 107 -2.48 15.50 -8.92
C ASP A 107 -3.51 16.31 -8.14
N GLU A 108 -3.35 16.37 -6.81
CA GLU A 108 -4.27 17.13 -5.96
C GLU A 108 -3.51 17.93 -4.92
N ASP A 109 -4.02 19.13 -4.62
CA ASP A 109 -3.38 19.99 -3.63
C ASP A 109 -1.89 20.16 -3.93
N GLY A 110 -1.56 20.20 -5.21
CA GLY A 110 -0.16 20.37 -5.62
C GLY A 110 0.65 19.11 -5.29
N GLN A 111 -0.03 18.10 -4.76
CA GLN A 111 0.63 16.84 -4.40
C GLN A 111 0.26 15.75 -5.40
N VAL A 112 1.25 14.96 -5.82
CA VAL A 112 1.02 13.89 -6.79
C VAL A 112 1.08 12.53 -6.10
N TYR A 113 0.06 11.71 -6.34
CA TYR A 113 -0.02 10.37 -5.76
C TYR A 113 -0.02 9.33 -6.87
N TYR A 114 0.84 8.31 -6.74
CA TYR A 114 0.93 7.25 -7.75
C TYR A 114 0.23 6.00 -7.22
N THR A 115 -0.65 5.43 -8.04
CA THR A 115 -1.37 4.22 -7.65
C THR A 115 -0.90 3.03 -8.48
N LEU A 116 -0.46 1.97 -7.79
CA LEU A 116 0.03 0.76 -8.46
C LEU A 116 -0.88 -0.42 -8.12
N GLU A 117 -1.39 -1.07 -9.16
CA GLU A 117 -2.26 -2.23 -8.99
C GLU A 117 -1.60 -3.46 -9.60
N TYR A 118 -1.41 -4.49 -8.78
CA TYR A 118 -0.78 -5.73 -9.24
C TYR A 118 -1.29 -6.92 -8.44
N ARG A 119 -0.90 -8.13 -8.86
CA ARG A 119 -1.33 -9.34 -8.16
C ARG A 119 -0.19 -10.35 -8.09
N VAL A 120 -0.30 -11.27 -7.13
CA VAL A 120 0.73 -12.31 -6.94
C VAL A 120 0.23 -13.64 -7.49
N LEU A 121 1.08 -14.32 -8.27
CA LEU A 121 0.70 -15.60 -8.85
C LEU A 121 1.86 -16.59 -8.84
N VAL A 122 1.55 -17.82 -8.45
CA VAL A 122 2.55 -18.88 -8.39
C VAL A 122 2.25 -19.91 -9.47
N GLY A 123 3.27 -20.27 -10.24
CA GLY A 123 3.07 -21.24 -11.31
C GLY A 123 2.10 -20.69 -12.36
N ASP A 124 1.00 -21.41 -12.58
CA ASP A 124 0.00 -20.99 -13.57
C ASP A 124 -1.29 -20.49 -12.91
N ASN A 125 -1.26 -20.28 -11.59
CA ASN A 125 -2.45 -19.82 -10.86
C ASN A 125 -2.17 -18.53 -10.09
N VAL A 126 -3.22 -17.75 -9.88
CA VAL A 126 -3.10 -16.48 -9.15
C VAL A 126 -3.29 -16.70 -7.65
N GLU A 127 -2.33 -16.22 -6.87
CA GLU A 127 -2.40 -16.36 -5.42
C GLU A 127 -3.40 -15.36 -4.83
N ARG A 128 -3.21 -14.09 -5.15
CA ARG A 128 -4.10 -13.05 -4.63
C ARG A 128 -3.84 -11.71 -5.30
N HIS A 129 -4.69 -10.73 -4.99
CA HIS A 129 -4.58 -9.38 -5.56
C HIS A 129 -4.08 -8.41 -4.49
N ASP A 130 -3.15 -7.52 -4.87
CA ASP A 130 -2.61 -6.54 -3.93
C ASP A 130 -2.54 -5.16 -4.56
N LEU A 131 -2.92 -4.13 -3.79
CA LEU A 131 -2.88 -2.74 -4.25
C LEU A 131 -1.80 -1.98 -3.50
N ALA A 132 -1.01 -1.20 -4.24
CA ALA A 132 0.06 -0.41 -3.63
C ALA A 132 0.07 1.01 -4.20
N SER A 133 0.33 1.99 -3.34
CA SER A 133 0.37 3.39 -3.75
C SER A 133 1.71 4.02 -3.36
N VAL A 134 2.24 4.87 -4.24
CA VAL A 134 3.52 5.54 -3.99
C VAL A 134 3.35 7.06 -4.00
N THR A 135 3.90 7.72 -2.98
CA THR A 135 3.79 9.18 -2.87
C THR A 135 5.05 9.76 -2.23
N THR A 136 5.35 11.02 -2.55
CA THR A 136 6.53 11.70 -1.99
C THR A 136 6.11 12.89 -1.14
N ASN A 137 6.87 13.14 -0.07
CA ASN A 137 6.57 14.25 0.82
C ASN A 137 7.80 14.63 1.65
N ARG A 138 8.21 15.89 1.53
CA ARG A 138 9.37 16.37 2.28
C ARG A 138 10.62 15.57 1.91
N GLY A 139 10.67 15.09 0.66
CA GLY A 139 11.81 14.31 0.20
C GLY A 139 11.75 12.88 0.72
N LYS A 140 10.59 12.51 1.28
CA LYS A 140 10.41 11.17 1.83
C LYS A 140 9.44 10.38 0.95
N LEU A 141 9.79 9.12 0.67
CA LEU A 141 8.94 8.26 -0.16
C LEU A 141 7.96 7.51 0.75
N ILE A 142 6.67 7.80 0.60
CA ILE A 142 5.64 7.12 1.41
C ILE A 142 4.94 6.09 0.54
N THR A 143 5.01 4.83 0.96
CA THR A 143 4.37 3.74 0.20
C THR A 143 3.35 3.03 1.06
N PHE A 144 2.15 2.88 0.51
CA PHE A 144 1.06 2.20 1.21
C PHE A 144 0.76 0.89 0.49
N ASP A 145 0.94 -0.24 1.17
CA ASP A 145 0.71 -1.57 0.57
C ASP A 145 -0.36 -2.35 1.33
N LEU A 146 -1.41 -2.75 0.61
CA LEU A 146 -2.51 -3.51 1.20
C LEU A 146 -2.66 -4.86 0.50
N SER A 147 -2.93 -5.90 1.29
CA SER A 147 -3.10 -7.24 0.73
C SER A 147 -4.38 -7.88 1.26
N THR A 148 -5.15 -8.51 0.37
CA THR A 148 -6.40 -9.16 0.76
C THR A 148 -6.73 -10.31 -0.19
N ALA A 149 -7.48 -11.29 0.30
CA ALA A 149 -7.85 -12.45 -0.51
C ALA A 149 -8.63 -12.04 -1.76
N GLU A 150 -8.42 -12.77 -2.84
CA GLU A 150 -9.09 -12.50 -4.10
C GLU A 150 -10.58 -12.83 -4.03
N ASP A 151 -10.93 -13.74 -3.14
CA ASP A 151 -12.32 -14.17 -2.99
C ASP A 151 -13.25 -13.02 -2.60
N ARG A 152 -12.74 -12.06 -1.82
CA ARG A 152 -13.56 -10.93 -1.38
C ARG A 152 -13.00 -9.60 -1.86
N TRP A 153 -11.89 -9.64 -2.57
CA TRP A 153 -11.28 -8.41 -3.07
C TRP A 153 -12.31 -7.54 -3.75
N ASP A 154 -13.20 -8.16 -4.52
CA ASP A 154 -14.25 -7.41 -5.21
C ASP A 154 -15.19 -6.73 -4.21
N THR A 155 -15.55 -7.45 -3.14
CA THR A 155 -16.45 -6.91 -2.13
C THR A 155 -15.85 -5.69 -1.43
N VAL A 156 -14.54 -5.76 -1.16
CA VAL A 156 -13.84 -4.66 -0.48
C VAL A 156 -12.97 -3.88 -1.46
N LYS A 157 -13.29 -3.99 -2.74
CA LYS A 157 -12.51 -3.28 -3.75
C LYS A 157 -12.35 -1.80 -3.39
N SER A 158 -13.44 -1.19 -2.96
CA SER A 158 -13.44 0.22 -2.57
C SER A 158 -12.53 0.47 -1.38
N LEU A 159 -12.42 -0.52 -0.50
CA LEU A 159 -11.61 -0.39 0.72
C LEU A 159 -10.15 -0.09 0.40
N PHE A 160 -9.58 -0.81 -0.55
CA PHE A 160 -8.18 -0.62 -0.90
C PHE A 160 -7.94 0.80 -1.38
N ASP A 161 -8.76 1.24 -2.34
CA ASP A 161 -8.61 2.59 -2.87
C ASP A 161 -9.00 3.63 -1.83
N THR A 162 -10.10 3.38 -1.13
CA THR A 162 -10.56 4.31 -0.10
C THR A 162 -9.53 4.45 1.01
N VAL A 163 -9.04 3.32 1.50
CA VAL A 163 -8.03 3.34 2.57
C VAL A 163 -6.69 3.82 2.02
N ALA A 164 -6.37 3.41 0.80
CA ALA A 164 -5.10 3.81 0.19
C ALA A 164 -5.06 5.32 0.01
N SER A 165 -6.20 5.89 -0.37
CA SER A 165 -6.28 7.33 -0.58
C SER A 165 -6.47 8.04 0.76
N SER A 166 -6.89 7.28 1.77
CA SER A 166 -7.11 7.84 3.10
C SER A 166 -5.83 8.38 3.70
N PHE A 167 -4.71 7.68 3.50
CA PHE A 167 -3.44 8.14 4.06
C PHE A 167 -3.16 9.57 3.62
N HIS A 168 -2.47 10.33 4.47
CA HIS A 168 -2.12 11.71 4.16
C HIS A 168 -0.66 11.95 4.51
N VAL A 169 -0.06 12.98 3.91
CA VAL A 169 1.36 13.30 4.15
C VAL A 169 1.52 14.75 4.59
N TYR A 170 2.55 15.01 5.39
CA TYR A 170 2.78 16.38 5.87
C TYR A 170 4.12 16.46 6.59
N GLY A 1 -11.83 12.04 -9.64
CA GLY A 1 -13.04 11.42 -10.26
C GLY A 1 -14.03 11.02 -9.16
N PRO A 2 -15.24 10.75 -9.53
CA PRO A 2 -16.31 10.35 -8.56
C PRO A 2 -15.98 9.03 -7.87
N LEU A 3 -16.32 8.95 -6.58
CA LEU A 3 -16.05 7.73 -5.83
C LEU A 3 -16.85 6.56 -6.41
N GLY A 4 -18.07 6.85 -6.84
CA GLY A 4 -18.94 5.83 -7.42
C GLY A 4 -19.79 5.16 -6.35
N SER A 5 -19.51 5.47 -5.09
CA SER A 5 -20.25 4.90 -3.98
C SER A 5 -20.16 5.79 -2.74
N CYS A 6 -20.98 5.50 -1.75
CA CYS A 6 -20.99 6.28 -0.52
C CYS A 6 -19.89 5.80 0.43
N GLY A 7 -19.59 6.59 1.45
CA GLY A 7 -18.55 6.22 2.40
C GLY A 7 -19.04 5.16 3.37
N GLY A 8 -18.13 4.60 4.16
CA GLY A 8 -18.48 3.56 5.12
C GLY A 8 -18.90 4.17 6.45
N VAL A 9 -19.14 3.31 7.44
CA VAL A 9 -19.56 3.76 8.77
C VAL A 9 -18.67 3.13 9.84
N GLY A 10 -18.61 3.76 11.00
CA GLY A 10 -17.78 3.25 12.10
C GLY A 10 -18.56 2.24 12.92
N ILE A 11 -18.38 0.96 12.61
CA ILE A 11 -19.05 -0.11 13.33
C ILE A 11 -18.38 -0.35 14.67
N ALA A 12 -17.16 0.16 14.81
CA ALA A 12 -16.40 0.00 16.04
C ALA A 12 -15.42 1.15 16.21
N SER A 13 -14.90 1.33 17.42
CA SER A 13 -13.95 2.40 17.67
C SER A 13 -12.75 2.29 16.73
N LEU A 14 -12.28 3.45 16.26
CA LEU A 14 -11.14 3.49 15.34
C LEU A 14 -9.96 4.21 16.00
N GLN A 15 -8.76 3.71 15.77
CA GLN A 15 -7.55 4.31 16.32
C GLN A 15 -6.82 5.11 15.25
N ARG A 16 -6.14 6.18 15.66
CA ARG A 16 -5.41 7.03 14.72
C ARG A 16 -3.93 7.07 15.07
N TYR A 17 -3.10 6.96 14.03
CA TYR A 17 -1.64 6.97 14.19
C TYR A 17 -1.04 8.05 13.30
N SER A 18 -0.09 8.82 13.85
CA SER A 18 0.55 9.88 13.08
C SER A 18 2.02 10.02 13.50
N ASP A 19 2.83 10.56 12.59
CA ASP A 19 4.26 10.75 12.88
C ASP A 19 4.79 11.98 12.17
N THR A 20 5.28 12.95 12.94
CA THR A 20 5.82 14.17 12.37
C THR A 20 7.14 13.87 11.65
N LYS A 21 7.88 12.91 12.17
CA LYS A 21 9.15 12.53 11.57
C LYS A 21 8.96 12.02 10.15
N ASP A 22 8.04 11.08 9.98
CA ASP A 22 7.76 10.52 8.65
C ASP A 22 6.74 11.37 7.92
N GLY A 23 5.98 12.15 8.67
CA GLY A 23 4.97 13.02 8.07
C GLY A 23 3.85 12.22 7.43
N TYR A 24 3.38 11.16 8.11
CA TYR A 24 2.28 10.34 7.57
C TYR A 24 1.34 9.91 8.69
N GLU A 25 0.06 9.76 8.36
CA GLU A 25 -0.95 9.36 9.35
C GLU A 25 -2.06 8.54 8.70
N PHE A 26 -2.74 7.72 9.50
CA PHE A 26 -3.81 6.89 8.98
C PHE A 26 -4.54 6.16 10.11
N LEU A 27 -5.86 6.02 9.96
CA LEU A 27 -6.67 5.32 10.97
C LEU A 27 -6.80 3.85 10.59
N TYR A 28 -6.76 2.98 11.58
CA TYR A 28 -6.86 1.54 11.35
C TYR A 28 -7.85 0.88 12.34
N PRO A 29 -8.65 -0.07 11.91
CA PRO A 29 -9.62 -0.75 12.84
C PRO A 29 -8.99 -1.12 14.18
N ASN A 30 -9.83 -1.18 15.22
CA ASN A 30 -9.36 -1.53 16.55
C ASN A 30 -9.23 -3.05 16.68
N GLY A 31 -8.42 -3.49 17.64
CA GLY A 31 -8.23 -4.92 17.86
C GLY A 31 -7.10 -5.46 16.97
N TRP A 32 -6.38 -4.55 16.32
CA TRP A 32 -5.28 -4.93 15.44
C TRP A 32 -3.96 -4.88 16.20
N ILE A 33 -3.03 -5.74 15.80
CA ILE A 33 -1.70 -5.80 16.44
C ILE A 33 -0.62 -5.40 15.45
N GLY A 34 0.36 -4.64 15.94
CA GLY A 34 1.47 -4.19 15.09
C GLY A 34 2.65 -5.13 15.24
N VAL A 35 3.25 -5.52 14.11
CA VAL A 35 4.40 -6.43 14.13
C VAL A 35 5.68 -5.68 13.75
N ASP A 36 6.71 -5.89 14.54
CA ASP A 36 8.01 -5.25 14.29
C ASP A 36 8.81 -6.05 13.26
N VAL A 37 9.44 -5.33 12.33
CA VAL A 37 10.24 -5.97 11.30
C VAL A 37 11.54 -5.20 11.07
N LYS A 38 12.28 -4.96 12.14
CA LYS A 38 13.53 -4.23 12.05
C LYS A 38 14.61 -5.10 11.42
N GLY A 39 15.33 -4.52 10.47
CA GLY A 39 16.39 -5.23 9.77
C GLY A 39 15.81 -5.98 8.57
N ALA A 40 14.52 -5.78 8.32
CA ALA A 40 13.85 -6.44 7.21
C ALA A 40 14.14 -5.70 5.90
N SER A 41 13.35 -6.00 4.86
CA SER A 41 13.53 -5.37 3.57
C SER A 41 13.78 -3.87 3.72
N PRO A 42 14.50 -3.26 2.80
CA PRO A 42 14.80 -1.81 2.86
C PRO A 42 13.55 -0.96 2.62
N GLY A 43 13.35 0.04 3.48
CA GLY A 43 12.20 0.93 3.37
C GLY A 43 11.07 0.47 4.28
N VAL A 44 11.01 -0.83 4.57
CA VAL A 44 9.97 -1.36 5.44
C VAL A 44 10.05 -0.71 6.81
N ASP A 45 8.91 -0.27 7.35
CA ASP A 45 8.87 0.38 8.66
C ASP A 45 8.07 -0.44 9.68
N VAL A 46 6.80 -0.69 9.37
CA VAL A 46 5.94 -1.45 10.29
C VAL A 46 4.88 -2.25 9.52
N VAL A 47 4.52 -3.40 10.07
CA VAL A 47 3.50 -4.26 9.45
C VAL A 47 2.32 -4.44 10.40
N PHE A 48 1.11 -4.31 9.86
CA PHE A 48 -0.12 -4.45 10.66
C PHE A 48 -0.88 -5.70 10.25
N ARG A 49 -1.40 -6.43 11.24
CA ARG A 49 -2.16 -7.66 10.98
C ARG A 49 -3.50 -7.62 11.71
N ASP A 50 -4.56 -7.99 10.99
CA ASP A 50 -5.90 -8.00 11.57
C ASP A 50 -6.18 -9.35 12.22
N LEU A 51 -6.43 -9.34 13.53
CA LEU A 51 -6.71 -10.58 14.25
C LEU A 51 -7.95 -11.26 13.68
N ILE A 52 -8.95 -10.47 13.31
CA ILE A 52 -10.17 -11.03 12.76
C ILE A 52 -9.92 -11.68 11.41
N GLU A 53 -9.12 -11.02 10.57
CA GLU A 53 -8.80 -11.55 9.24
C GLU A 53 -7.29 -11.73 9.07
N ARG A 54 -6.89 -12.95 8.74
CA ARG A 54 -5.48 -13.26 8.55
C ARG A 54 -5.05 -12.96 7.11
N ASP A 55 -5.93 -13.27 6.16
CA ASP A 55 -5.64 -13.04 4.75
C ASP A 55 -5.39 -11.57 4.48
N GLU A 56 -6.13 -10.70 5.17
CA GLU A 56 -5.98 -9.26 5.00
C GLU A 56 -4.85 -8.73 5.88
N ASN A 57 -3.98 -7.92 5.29
CA ASN A 57 -2.86 -7.35 6.03
C ASN A 57 -2.37 -6.06 5.38
N LEU A 58 -2.07 -5.07 6.21
CA LEU A 58 -1.58 -3.77 5.74
C LEU A 58 -0.13 -3.57 6.15
N SER A 59 0.69 -3.13 5.20
CA SER A 59 2.11 -2.87 5.46
C SER A 59 2.50 -1.48 4.99
N VAL A 60 3.43 -0.85 5.70
CA VAL A 60 3.89 0.50 5.35
C VAL A 60 5.40 0.53 5.13
N ILE A 61 5.81 1.13 4.02
CA ILE A 61 7.23 1.24 3.68
C ILE A 61 7.62 2.71 3.59
N ILE A 62 8.64 3.09 4.36
CA ILE A 62 9.11 4.48 4.37
C ILE A 62 10.57 4.57 3.92
N SER A 63 10.83 5.43 2.94
CA SER A 63 12.18 5.62 2.42
C SER A 63 12.35 7.06 1.96
N GLU A 64 13.61 7.46 1.71
CA GLU A 64 13.91 8.82 1.26
C GLU A 64 14.24 8.81 -0.22
N ILE A 65 13.70 9.78 -0.96
CA ILE A 65 13.96 9.88 -2.40
C ILE A 65 15.15 10.78 -2.67
N PRO A 66 15.90 10.55 -3.74
CA PRO A 66 17.06 11.40 -4.08
C PRO A 66 16.75 12.87 -3.96
N SER A 67 17.66 13.62 -3.37
CA SER A 67 17.50 15.05 -3.21
C SER A 67 17.48 15.74 -4.57
N ASP A 68 18.14 15.12 -5.55
CA ASP A 68 18.24 15.70 -6.90
C ASP A 68 17.09 15.27 -7.81
N LYS A 69 16.35 14.22 -7.43
CA LYS A 69 15.22 13.74 -8.26
C LYS A 69 13.97 13.53 -7.42
N THR A 70 12.81 13.58 -8.09
CA THR A 70 11.53 13.39 -7.43
C THR A 70 10.76 12.23 -8.07
N LEU A 71 9.60 11.92 -7.51
CA LEU A 71 8.78 10.83 -8.01
C LEU A 71 8.53 10.95 -9.51
N THR A 72 8.22 12.17 -9.97
CA THR A 72 7.96 12.38 -11.38
C THR A 72 9.22 12.16 -12.21
N ASP A 73 10.34 12.69 -11.74
CA ASP A 73 11.61 12.53 -12.45
C ASP A 73 12.06 11.07 -12.43
N LEU A 74 11.76 10.38 -11.33
CA LEU A 74 12.15 8.98 -11.20
C LEU A 74 11.62 8.17 -12.38
N GLY A 75 10.34 8.33 -12.67
CA GLY A 75 9.72 7.62 -13.78
C GLY A 75 8.23 7.90 -13.86
N THR A 76 7.59 7.30 -14.86
CA THR A 76 6.15 7.47 -15.06
C THR A 76 5.39 6.39 -14.31
N ALA A 77 4.07 6.50 -14.26
CA ALA A 77 3.28 5.50 -13.55
C ALA A 77 3.56 4.11 -14.13
N THR A 78 3.66 4.04 -15.45
CA THR A 78 3.94 2.77 -16.11
C THR A 78 5.39 2.35 -15.89
N ASP A 79 6.31 3.29 -16.05
CA ASP A 79 7.73 3.01 -15.87
C ASP A 79 8.00 2.56 -14.44
N VAL A 80 7.53 3.35 -13.48
CA VAL A 80 7.71 3.01 -12.08
C VAL A 80 7.01 1.69 -11.77
N GLY A 81 5.84 1.51 -12.38
CA GLY A 81 5.08 0.28 -12.18
C GLY A 81 5.89 -0.94 -12.58
N TYR A 82 6.58 -0.85 -13.71
CA TYR A 82 7.39 -1.97 -14.19
C TYR A 82 8.59 -2.20 -13.27
N ARG A 83 9.23 -1.11 -12.84
CA ARG A 83 10.40 -1.22 -11.97
C ARG A 83 10.00 -1.86 -10.65
N PHE A 84 8.83 -1.51 -10.15
CA PHE A 84 8.36 -2.05 -8.88
C PHE A 84 8.20 -3.57 -8.97
N MET A 85 7.68 -4.05 -10.10
CA MET A 85 7.50 -5.50 -10.28
C MET A 85 8.84 -6.22 -10.14
N LYS A 86 9.87 -5.67 -10.78
CA LYS A 86 11.18 -6.28 -10.72
C LYS A 86 11.72 -6.23 -9.29
N THR A 87 11.58 -5.07 -8.66
CA THR A 87 12.05 -4.89 -7.29
C THR A 87 11.38 -5.88 -6.34
N VAL A 88 10.05 -6.01 -6.47
CA VAL A 88 9.32 -6.92 -5.62
C VAL A 88 9.67 -8.37 -5.96
N ASN A 89 9.68 -8.67 -7.25
CA ASN A 89 9.99 -10.02 -7.70
C ASN A 89 11.43 -10.39 -7.35
N ASP A 90 12.35 -9.44 -7.44
CA ASP A 90 13.75 -9.70 -7.14
C ASP A 90 13.89 -10.54 -5.86
N ALA A 91 13.05 -10.24 -4.89
CA ALA A 91 13.11 -10.96 -3.62
C ALA A 91 12.73 -12.44 -3.77
N SER A 92 11.62 -12.71 -4.47
CA SER A 92 11.13 -14.09 -4.64
C SER A 92 10.99 -14.49 -6.12
N GLN A 93 11.70 -13.82 -7.00
CA GLN A 93 11.60 -14.10 -8.43
C GLN A 93 11.71 -15.60 -8.71
N GLY A 94 12.41 -16.32 -7.86
CA GLY A 94 12.60 -17.76 -8.05
C GLY A 94 11.30 -18.46 -8.46
N ASP A 95 10.28 -18.39 -7.58
CA ASP A 95 8.99 -19.05 -7.87
C ASP A 95 7.86 -18.03 -7.96
N ARG A 96 7.92 -16.98 -7.14
CA ARG A 96 6.88 -15.96 -7.12
C ARG A 96 7.04 -14.99 -8.30
N GLN A 97 5.91 -14.62 -8.90
CA GLN A 97 5.91 -13.68 -10.03
C GLN A 97 4.85 -12.61 -9.81
N ALA A 98 5.20 -11.36 -10.10
CA ALA A 98 4.27 -10.24 -9.94
C ALA A 98 3.83 -9.71 -11.30
N GLU A 99 2.54 -9.37 -11.41
CA GLU A 99 1.97 -8.85 -12.65
C GLU A 99 1.30 -7.50 -12.43
N LEU A 100 1.74 -6.49 -13.17
CA LEU A 100 1.18 -5.16 -13.04
C LEU A 100 -0.13 -5.07 -13.82
N ILE A 101 -1.24 -4.96 -13.09
CA ILE A 101 -2.54 -4.86 -13.72
C ILE A 101 -2.77 -3.47 -14.29
N ASN A 102 -2.64 -2.45 -13.44
CA ASN A 102 -2.84 -1.07 -13.85
C ASN A 102 -1.88 -0.13 -13.11
N ALA A 103 -1.73 1.08 -13.65
CA ALA A 103 -0.86 2.08 -13.03
C ALA A 103 -1.27 3.48 -13.48
N GLU A 104 -1.71 4.29 -12.52
CA GLU A 104 -2.14 5.67 -12.82
C GLU A 104 -1.65 6.63 -11.75
N ALA A 105 -1.65 7.92 -12.06
CA ALA A 105 -1.21 8.96 -11.11
C ALA A 105 -2.14 10.16 -11.13
N ARG A 106 -2.24 10.83 -9.99
CA ARG A 106 -3.11 12.01 -9.85
C ARG A 106 -2.33 13.16 -9.23
N ASP A 107 -2.84 14.38 -9.42
CA ASP A 107 -2.18 15.58 -8.89
C ASP A 107 -3.21 16.50 -8.23
N GLU A 108 -3.10 16.66 -6.91
CA GLU A 108 -4.02 17.52 -6.16
C GLU A 108 -3.25 18.33 -5.11
N ASP A 109 -3.66 19.58 -4.92
CA ASP A 109 -3.02 20.46 -3.95
C ASP A 109 -1.51 20.46 -4.13
N GLY A 110 -1.07 20.41 -5.39
CA GLY A 110 0.36 20.42 -5.68
C GLY A 110 1.02 19.11 -5.26
N GLN A 111 0.21 18.18 -4.77
CA GLN A 111 0.70 16.87 -4.34
C GLN A 111 0.42 15.82 -5.41
N VAL A 112 1.42 14.99 -5.71
CA VAL A 112 1.27 13.94 -6.72
C VAL A 112 1.16 12.57 -6.07
N TYR A 113 0.14 11.81 -6.47
CA TYR A 113 -0.10 10.47 -5.92
C TYR A 113 -0.02 9.44 -7.04
N TYR A 114 0.79 8.40 -6.85
CA TYR A 114 0.94 7.33 -7.84
C TYR A 114 0.22 6.08 -7.34
N THR A 115 -0.63 5.49 -8.20
CA THR A 115 -1.37 4.29 -7.84
C THR A 115 -0.89 3.11 -8.67
N LEU A 116 -0.45 2.05 -7.98
CA LEU A 116 0.04 0.83 -8.64
C LEU A 116 -0.86 -0.34 -8.28
N GLU A 117 -1.38 -1.01 -9.30
CA GLU A 117 -2.24 -2.18 -9.10
C GLU A 117 -1.58 -3.40 -9.72
N TYR A 118 -1.37 -4.44 -8.91
CA TYR A 118 -0.72 -5.66 -9.38
C TYR A 118 -1.21 -6.87 -8.59
N ARG A 119 -0.96 -8.06 -9.13
CA ARG A 119 -1.35 -9.30 -8.47
C ARG A 119 -0.15 -10.23 -8.33
N VAL A 120 -0.22 -11.15 -7.36
CA VAL A 120 0.87 -12.10 -7.12
C VAL A 120 0.52 -13.48 -7.62
N LEU A 121 1.44 -14.07 -8.39
CA LEU A 121 1.25 -15.41 -8.95
C LEU A 121 2.21 -16.41 -8.31
N VAL A 122 1.64 -17.49 -7.76
CA VAL A 122 2.44 -18.55 -7.17
C VAL A 122 2.08 -19.86 -7.85
N GLY A 123 3.09 -20.59 -8.28
CA GLY A 123 2.85 -21.85 -8.97
C GLY A 123 2.17 -21.58 -10.32
N ASP A 124 0.98 -22.16 -10.52
CA ASP A 124 0.24 -21.97 -11.77
C ASP A 124 -1.09 -21.24 -11.54
N ASN A 125 -1.20 -20.49 -10.44
CA ASN A 125 -2.45 -19.77 -10.16
C ASN A 125 -2.18 -18.47 -9.41
N VAL A 126 -3.17 -17.56 -9.43
CA VAL A 126 -3.04 -16.28 -8.75
C VAL A 126 -3.10 -16.47 -7.25
N GLU A 127 -2.09 -15.98 -6.54
CA GLU A 127 -2.06 -16.09 -5.08
C GLU A 127 -3.07 -15.14 -4.46
N ARG A 128 -2.97 -13.87 -4.84
CA ARG A 128 -3.87 -12.86 -4.32
C ARG A 128 -3.67 -11.53 -5.03
N HIS A 129 -4.58 -10.58 -4.79
CA HIS A 129 -4.50 -9.26 -5.40
C HIS A 129 -4.01 -8.24 -4.39
N ASP A 130 -3.14 -7.34 -4.83
CA ASP A 130 -2.59 -6.30 -3.94
C ASP A 130 -2.60 -4.95 -4.63
N LEU A 131 -2.79 -3.90 -3.83
CA LEU A 131 -2.79 -2.53 -4.34
C LEU A 131 -1.74 -1.71 -3.61
N ALA A 132 -0.85 -1.08 -4.38
CA ALA A 132 0.21 -0.25 -3.78
C ALA A 132 0.15 1.15 -4.36
N SER A 133 0.25 2.15 -3.49
CA SER A 133 0.22 3.55 -3.90
C SER A 133 1.49 4.24 -3.43
N VAL A 134 2.12 5.01 -4.31
CA VAL A 134 3.36 5.71 -3.97
C VAL A 134 3.15 7.22 -3.98
N THR A 135 3.57 7.87 -2.90
CA THR A 135 3.44 9.31 -2.77
C THR A 135 4.65 9.90 -2.04
N THR A 136 5.09 11.08 -2.47
CA THR A 136 6.24 11.74 -1.85
C THR A 136 5.78 12.94 -1.04
N ASN A 137 6.52 13.25 0.03
CA ASN A 137 6.18 14.39 0.89
C ASN A 137 7.43 15.02 1.46
N ARG A 138 7.79 16.19 0.95
CA ARG A 138 8.97 16.90 1.44
C ARG A 138 10.23 16.04 1.29
N GLY A 139 10.24 15.19 0.26
CA GLY A 139 11.39 14.32 0.02
C GLY A 139 11.25 12.99 0.75
N LYS A 140 10.11 12.78 1.40
CA LYS A 140 9.85 11.54 2.14
C LYS A 140 9.08 10.57 1.26
N LEU A 141 9.62 9.37 1.07
CA LEU A 141 8.96 8.37 0.24
C LEU A 141 8.02 7.51 1.09
N ILE A 142 6.72 7.61 0.84
CA ILE A 142 5.73 6.84 1.58
C ILE A 142 4.91 5.98 0.63
N THR A 143 4.83 4.68 0.92
CA THR A 143 4.07 3.76 0.08
C THR A 143 3.02 3.03 0.92
N PHE A 144 1.80 2.92 0.39
CA PHE A 144 0.72 2.26 1.10
C PHE A 144 0.42 0.91 0.45
N ASP A 145 0.83 -0.18 1.12
CA ASP A 145 0.61 -1.52 0.59
C ASP A 145 -0.60 -2.19 1.24
N LEU A 146 -1.58 -2.54 0.41
CA LEU A 146 -2.80 -3.20 0.89
C LEU A 146 -2.93 -4.59 0.28
N SER A 147 -3.28 -5.59 1.11
CA SER A 147 -3.43 -6.96 0.64
C SER A 147 -4.72 -7.58 1.16
N THR A 148 -5.45 -8.25 0.27
CA THR A 148 -6.71 -8.89 0.63
C THR A 148 -6.99 -10.08 -0.29
N ALA A 149 -7.83 -11.00 0.17
CA ALA A 149 -8.16 -12.19 -0.62
C ALA A 149 -8.78 -11.82 -1.97
N GLU A 150 -8.46 -12.60 -2.98
CA GLU A 150 -8.98 -12.37 -4.33
C GLU A 150 -10.46 -12.78 -4.43
N ASP A 151 -10.89 -13.59 -3.46
CA ASP A 151 -12.27 -14.07 -3.45
C ASP A 151 -13.25 -13.01 -2.95
N ARG A 152 -12.71 -11.91 -2.42
CA ARG A 152 -13.56 -10.82 -1.90
C ARG A 152 -13.04 -9.47 -2.39
N TRP A 153 -11.89 -9.48 -3.05
CA TRP A 153 -11.31 -8.25 -3.56
C TRP A 153 -12.35 -7.44 -4.34
N ASP A 154 -13.19 -8.15 -5.10
CA ASP A 154 -14.22 -7.48 -5.89
C ASP A 154 -15.23 -6.77 -4.99
N THR A 155 -15.62 -7.43 -3.90
CA THR A 155 -16.59 -6.87 -2.96
C THR A 155 -16.04 -5.62 -2.28
N VAL A 156 -14.76 -5.67 -1.90
CA VAL A 156 -14.11 -4.54 -1.21
C VAL A 156 -13.17 -3.81 -2.16
N LYS A 157 -13.39 -3.98 -3.45
CA LYS A 157 -12.54 -3.32 -4.45
C LYS A 157 -12.36 -1.84 -4.13
N SER A 158 -13.47 -1.16 -3.84
CA SER A 158 -13.41 0.26 -3.53
C SER A 158 -12.68 0.54 -2.22
N LEU A 159 -12.72 -0.42 -1.29
CA LEU A 159 -12.06 -0.25 -0.01
C LEU A 159 -10.57 0.08 -0.21
N PHE A 160 -9.94 -0.64 -1.12
CA PHE A 160 -8.52 -0.41 -1.37
C PHE A 160 -8.28 1.00 -1.88
N ASP A 161 -9.05 1.39 -2.88
CA ASP A 161 -8.91 2.73 -3.45
C ASP A 161 -9.25 3.79 -2.41
N THR A 162 -10.30 3.54 -1.62
CA THR A 162 -10.71 4.48 -0.61
C THR A 162 -9.68 4.59 0.52
N VAL A 163 -9.29 3.45 1.07
CA VAL A 163 -8.31 3.44 2.14
C VAL A 163 -6.93 3.84 1.62
N ALA A 164 -6.64 3.48 0.38
CA ALA A 164 -5.34 3.81 -0.20
C ALA A 164 -5.20 5.33 -0.30
N SER A 165 -6.28 6.00 -0.67
CA SER A 165 -6.26 7.45 -0.80
C SER A 165 -6.54 8.11 0.55
N SER A 166 -7.06 7.34 1.50
CA SER A 166 -7.38 7.87 2.82
C SER A 166 -6.11 8.33 3.55
N PHE A 167 -5.00 7.64 3.35
CA PHE A 167 -3.76 8.03 4.03
C PHE A 167 -3.49 9.52 3.75
N HIS A 168 -2.84 10.18 4.69
CA HIS A 168 -2.51 11.60 4.54
C HIS A 168 -1.04 11.83 4.87
N VAL A 169 -0.43 12.83 4.23
CA VAL A 169 0.99 13.13 4.46
C VAL A 169 1.16 14.60 4.83
N TYR A 170 2.23 14.87 5.60
CA TYR A 170 2.51 16.24 6.02
C TYR A 170 3.85 16.32 6.72
N GLY A 1 -27.57 -11.35 -3.78
CA GLY A 1 -28.20 -10.05 -3.43
C GLY A 1 -27.36 -8.90 -3.98
N PRO A 2 -27.89 -7.71 -3.99
CA PRO A 2 -27.17 -6.51 -4.51
C PRO A 2 -25.93 -6.19 -3.67
N LEU A 3 -24.89 -5.67 -4.32
CA LEU A 3 -23.65 -5.32 -3.64
C LEU A 3 -23.71 -3.88 -3.14
N GLY A 4 -23.18 -3.66 -1.92
CA GLY A 4 -23.18 -2.32 -1.35
C GLY A 4 -22.52 -2.33 0.03
N SER A 5 -21.45 -1.55 0.18
CA SER A 5 -20.75 -1.48 1.45
C SER A 5 -21.62 -0.84 2.52
N CYS A 6 -21.34 -1.14 3.78
CA CYS A 6 -22.10 -0.59 4.90
C CYS A 6 -21.16 0.01 5.94
N GLY A 7 -21.49 1.21 6.40
CA GLY A 7 -20.66 1.89 7.39
C GLY A 7 -20.46 1.02 8.62
N GLY A 8 -21.49 0.25 8.98
CA GLY A 8 -21.40 -0.62 10.13
C GLY A 8 -21.47 0.18 11.43
N VAL A 9 -20.71 -0.25 12.43
CA VAL A 9 -20.67 0.43 13.73
C VAL A 9 -19.23 0.65 14.18
N GLY A 10 -18.97 1.81 14.78
CA GLY A 10 -17.64 2.14 15.25
C GLY A 10 -17.68 3.39 16.13
N ILE A 11 -18.61 3.42 17.08
CA ILE A 11 -18.75 4.57 17.96
C ILE A 11 -17.55 4.68 18.91
N ALA A 12 -16.79 3.59 19.03
CA ALA A 12 -15.62 3.59 19.92
C ALA A 12 -14.73 2.39 19.65
N SER A 13 -14.29 2.25 18.39
CA SER A 13 -13.42 1.13 18.02
C SER A 13 -12.48 1.54 16.89
N LEU A 14 -12.44 2.84 16.60
CA LEU A 14 -11.59 3.37 15.54
C LEU A 14 -10.51 4.28 16.12
N GLN A 15 -9.29 4.15 15.60
CA GLN A 15 -8.16 4.96 16.07
C GLN A 15 -7.37 5.51 14.89
N ARG A 16 -6.62 6.58 15.14
CA ARG A 16 -5.82 7.22 14.09
C ARG A 16 -4.34 7.18 14.45
N TYR A 17 -3.51 6.88 13.45
CA TYR A 17 -2.06 6.81 13.64
C TYR A 17 -1.35 7.85 12.77
N SER A 18 -0.37 8.54 13.34
CA SER A 18 0.38 9.56 12.61
C SER A 18 1.84 9.57 13.04
N ASP A 19 2.71 10.08 12.17
CA ASP A 19 4.14 10.13 12.47
C ASP A 19 4.79 11.35 11.81
N THR A 20 5.15 12.34 12.63
CA THR A 20 5.77 13.54 12.11
C THR A 20 7.08 13.21 11.39
N LYS A 21 7.81 12.23 11.92
CA LYS A 21 9.08 11.83 11.32
C LYS A 21 8.90 11.39 9.88
N ASP A 22 7.95 10.48 9.65
CA ASP A 22 7.70 9.98 8.29
C ASP A 22 6.73 10.91 7.55
N GLY A 23 5.98 11.70 8.32
CA GLY A 23 5.04 12.63 7.73
C GLY A 23 3.86 11.90 7.08
N TYR A 24 3.35 10.85 7.74
CA TYR A 24 2.22 10.10 7.18
C TYR A 24 1.25 9.69 8.29
N GLU A 25 0.00 9.46 7.91
CA GLU A 25 -1.02 9.05 8.89
C GLU A 25 -2.15 8.31 8.19
N PHE A 26 -2.75 7.36 8.89
CA PHE A 26 -3.86 6.59 8.33
C PHE A 26 -4.78 6.08 9.44
N LEU A 27 -6.04 5.81 9.08
CA LEU A 27 -7.01 5.31 10.05
C LEU A 27 -7.06 3.79 10.00
N TYR A 28 -7.56 3.19 11.08
CA TYR A 28 -7.67 1.75 11.16
C TYR A 28 -8.48 1.32 12.39
N PRO A 29 -9.26 0.27 12.29
CA PRO A 29 -10.09 -0.22 13.44
C PRO A 29 -9.23 -0.77 14.57
N ASN A 30 -9.80 -0.82 15.78
CA ASN A 30 -9.09 -1.33 16.93
C ASN A 30 -8.92 -2.85 16.85
N GLY A 31 -7.97 -3.39 17.60
CA GLY A 31 -7.72 -4.83 17.60
C GLY A 31 -6.56 -5.19 16.68
N TRP A 32 -5.93 -4.17 16.09
CA TRP A 32 -4.81 -4.40 15.18
C TRP A 32 -3.50 -4.44 15.97
N ILE A 33 -2.57 -5.28 15.52
CA ILE A 33 -1.27 -5.40 16.19
C ILE A 33 -0.15 -4.94 15.26
N GLY A 34 0.81 -4.20 15.82
CA GLY A 34 1.94 -3.70 15.05
C GLY A 34 3.17 -4.57 15.28
N VAL A 35 3.71 -5.13 14.19
CA VAL A 35 4.90 -5.99 14.28
C VAL A 35 6.11 -5.30 13.67
N ASP A 36 7.23 -5.36 14.36
CA ASP A 36 8.47 -4.75 13.87
C ASP A 36 9.17 -5.69 12.90
N VAL A 37 9.91 -5.11 11.96
CA VAL A 37 10.64 -5.90 10.98
C VAL A 37 11.91 -5.16 10.55
N LYS A 38 12.67 -4.70 11.53
CA LYS A 38 13.91 -3.98 11.25
C LYS A 38 14.94 -4.92 10.66
N GLY A 39 15.60 -4.48 9.61
CA GLY A 39 16.61 -5.29 8.93
C GLY A 39 15.97 -6.16 7.86
N ALA A 40 14.65 -6.06 7.74
CA ALA A 40 13.91 -6.83 6.75
C ALA A 40 14.02 -6.19 5.37
N SER A 41 13.13 -6.59 4.46
CA SER A 41 13.13 -6.05 3.11
C SER A 41 13.41 -4.54 3.13
N PRO A 42 14.50 -4.07 2.55
CA PRO A 42 14.83 -2.62 2.53
C PRO A 42 13.61 -1.76 2.20
N GLY A 43 13.40 -0.71 3.00
CA GLY A 43 12.28 0.21 2.80
C GLY A 43 11.17 -0.08 3.81
N VAL A 44 10.92 -1.37 4.05
CA VAL A 44 9.88 -1.77 5.00
C VAL A 44 10.20 -1.19 6.38
N ASP A 45 9.17 -0.63 7.03
CA ASP A 45 9.34 -0.04 8.36
C ASP A 45 8.49 -0.75 9.40
N VAL A 46 7.18 -0.78 9.17
CA VAL A 46 6.26 -1.43 10.12
C VAL A 46 5.07 -2.05 9.40
N VAL A 47 4.62 -3.20 9.89
CA VAL A 47 3.48 -3.88 9.30
C VAL A 47 2.39 -4.09 10.35
N PHE A 48 1.15 -3.86 9.94
CA PHE A 48 0.00 -4.02 10.83
C PHE A 48 -0.86 -5.19 10.37
N ARG A 49 -1.29 -6.04 11.31
CA ARG A 49 -2.12 -7.21 10.97
C ARG A 49 -3.44 -7.17 11.74
N ASP A 50 -4.51 -7.62 11.07
CA ASP A 50 -5.83 -7.64 11.69
C ASP A 50 -6.11 -9.00 12.33
N LEU A 51 -6.33 -9.01 13.63
CA LEU A 51 -6.61 -10.25 14.33
C LEU A 51 -7.94 -10.84 13.87
N ILE A 52 -8.93 -9.97 13.65
CA ILE A 52 -10.24 -10.40 13.21
C ILE A 52 -10.17 -11.03 11.82
N GLU A 53 -9.40 -10.41 10.94
CA GLU A 53 -9.25 -10.91 9.56
C GLU A 53 -7.78 -11.16 9.23
N ARG A 54 -7.33 -12.39 9.40
CA ARG A 54 -5.95 -12.75 9.10
C ARG A 54 -5.67 -12.58 7.62
N ASP A 55 -6.67 -12.88 6.79
CA ASP A 55 -6.52 -12.75 5.35
C ASP A 55 -6.14 -11.34 4.95
N GLU A 56 -6.70 -10.35 5.66
CA GLU A 56 -6.39 -8.95 5.37
C GLU A 56 -5.19 -8.48 6.16
N ASN A 57 -4.22 -7.89 5.47
CA ASN A 57 -3.01 -7.38 6.12
C ASN A 57 -2.60 -6.05 5.49
N LEU A 58 -2.17 -5.12 6.34
CA LEU A 58 -1.72 -3.80 5.86
C LEU A 58 -0.20 -3.72 5.99
N SER A 59 0.46 -3.25 4.93
CA SER A 59 1.92 -3.13 4.93
C SER A 59 2.31 -1.68 4.70
N VAL A 60 3.32 -1.22 5.44
CA VAL A 60 3.79 0.16 5.33
C VAL A 60 5.28 0.20 5.04
N ILE A 61 5.65 0.87 3.94
CA ILE A 61 7.05 0.99 3.54
C ILE A 61 7.42 2.47 3.37
N ILE A 62 8.37 2.93 4.18
CA ILE A 62 8.82 4.33 4.12
C ILE A 62 10.26 4.42 3.67
N SER A 63 10.54 5.37 2.77
CA SER A 63 11.88 5.57 2.25
C SER A 63 12.12 7.05 1.97
N GLU A 64 13.38 7.44 1.78
CA GLU A 64 13.73 8.85 1.52
C GLU A 64 14.13 9.03 0.05
N ILE A 65 13.72 10.16 -0.53
CA ILE A 65 14.05 10.46 -1.94
C ILE A 65 15.10 11.57 -2.02
N PRO A 66 15.93 11.56 -3.04
CA PRO A 66 16.96 12.63 -3.22
C PRO A 66 16.32 13.97 -3.57
N SER A 67 16.86 15.03 -3.00
CA SER A 67 16.34 16.36 -3.25
C SER A 67 16.56 16.78 -4.70
N ASP A 68 17.56 16.18 -5.34
CA ASP A 68 17.88 16.50 -6.72
C ASP A 68 16.78 16.02 -7.67
N LYS A 69 16.11 14.92 -7.32
CA LYS A 69 15.04 14.36 -8.16
C LYS A 69 13.77 14.09 -7.36
N THR A 70 12.64 14.04 -8.06
CA THR A 70 11.35 13.78 -7.43
C THR A 70 10.68 12.56 -8.05
N LEU A 71 9.52 12.20 -7.53
CA LEU A 71 8.79 11.03 -8.03
C LEU A 71 8.65 11.08 -9.55
N THR A 72 8.29 12.24 -10.08
CA THR A 72 8.11 12.39 -11.51
C THR A 72 9.43 12.19 -12.25
N ASP A 73 10.49 12.80 -11.75
CA ASP A 73 11.80 12.69 -12.37
C ASP A 73 12.34 11.26 -12.23
N LEU A 74 12.06 10.63 -11.10
CA LEU A 74 12.53 9.28 -10.83
C LEU A 74 12.07 8.32 -11.94
N GLY A 75 10.81 8.47 -12.35
CA GLY A 75 10.27 7.61 -13.41
C GLY A 75 8.81 7.92 -13.67
N THR A 76 8.25 7.27 -14.69
CA THR A 76 6.84 7.45 -15.04
C THR A 76 5.99 6.42 -14.32
N ALA A 77 4.68 6.60 -14.34
CA ALA A 77 3.78 5.66 -13.69
C ALA A 77 4.05 4.24 -14.19
N THR A 78 4.22 4.12 -15.51
CA THR A 78 4.49 2.83 -16.12
C THR A 78 5.89 2.35 -15.79
N ASP A 79 6.86 3.26 -15.88
CA ASP A 79 8.25 2.92 -15.59
C ASP A 79 8.40 2.47 -14.15
N VAL A 80 7.91 3.29 -13.23
CA VAL A 80 7.99 2.96 -11.81
C VAL A 80 7.23 1.65 -11.55
N GLY A 81 6.11 1.50 -12.23
CA GLY A 81 5.30 0.30 -12.08
C GLY A 81 6.11 -0.96 -12.40
N TYR A 82 6.81 -0.92 -13.53
CA TYR A 82 7.62 -2.06 -13.94
C TYR A 82 8.77 -2.31 -12.95
N ARG A 83 9.42 -1.23 -12.51
CA ARG A 83 10.52 -1.35 -11.57
C ARG A 83 10.04 -1.93 -10.25
N PHE A 84 8.84 -1.54 -9.83
CA PHE A 84 8.29 -2.03 -8.58
C PHE A 84 8.08 -3.54 -8.63
N MET A 85 7.60 -4.05 -9.77
CA MET A 85 7.38 -5.48 -9.92
C MET A 85 8.69 -6.24 -9.74
N LYS A 86 9.76 -5.73 -10.34
CA LYS A 86 11.06 -6.37 -10.24
C LYS A 86 11.55 -6.32 -8.79
N THR A 87 11.34 -5.17 -8.15
CA THR A 87 11.76 -4.99 -6.77
C THR A 87 11.09 -6.02 -5.86
N VAL A 88 9.79 -6.19 -6.03
CA VAL A 88 9.04 -7.15 -5.22
C VAL A 88 9.41 -8.57 -5.61
N ASN A 89 9.42 -8.82 -6.92
CA ASN A 89 9.74 -10.15 -7.44
C ASN A 89 11.16 -10.56 -7.04
N ASP A 90 12.07 -9.60 -7.01
CA ASP A 90 13.46 -9.91 -6.67
C ASP A 90 13.54 -10.81 -5.44
N ALA A 91 12.64 -10.61 -4.49
CA ALA A 91 12.65 -11.41 -3.27
C ALA A 91 12.28 -12.86 -3.54
N SER A 92 11.23 -13.10 -4.33
CA SER A 92 10.78 -14.48 -4.62
C SER A 92 10.74 -14.78 -6.12
N GLN A 93 11.51 -14.04 -6.91
CA GLN A 93 11.53 -14.23 -8.35
C GLN A 93 11.78 -15.69 -8.70
N GLY A 94 12.18 -16.49 -7.70
CA GLY A 94 12.47 -17.90 -7.94
C GLY A 94 11.24 -18.64 -8.48
N ASP A 95 10.16 -18.67 -7.70
CA ASP A 95 8.93 -19.37 -8.12
C ASP A 95 7.76 -18.39 -8.24
N ARG A 96 7.67 -17.45 -7.31
CA ARG A 96 6.59 -16.47 -7.32
C ARG A 96 6.93 -15.27 -8.19
N GLN A 97 5.94 -14.81 -8.96
CA GLN A 97 6.12 -13.65 -9.84
C GLN A 97 4.97 -12.66 -9.67
N ALA A 98 5.25 -11.38 -9.90
CA ALA A 98 4.22 -10.35 -9.77
C ALA A 98 3.74 -9.92 -11.15
N GLU A 99 2.44 -9.70 -11.28
CA GLU A 99 1.85 -9.28 -12.56
C GLU A 99 1.31 -7.87 -12.44
N LEU A 100 1.67 -7.03 -13.40
CA LEU A 100 1.21 -5.64 -13.39
C LEU A 100 -0.18 -5.53 -14.02
N ILE A 101 -1.14 -5.09 -13.22
CA ILE A 101 -2.51 -4.93 -13.70
C ILE A 101 -2.68 -3.57 -14.37
N ASN A 102 -2.43 -2.51 -13.61
CA ASN A 102 -2.56 -1.15 -14.14
C ASN A 102 -1.75 -0.16 -13.31
N ALA A 103 -1.67 1.07 -13.80
CA ALA A 103 -0.93 2.12 -13.11
C ALA A 103 -1.44 3.50 -13.52
N GLU A 104 -1.64 4.37 -12.53
CA GLU A 104 -2.14 5.73 -12.79
C GLU A 104 -1.49 6.73 -11.85
N ALA A 105 -1.54 8.01 -12.22
CA ALA A 105 -0.95 9.07 -11.41
C ALA A 105 -1.87 10.29 -11.38
N ARG A 106 -1.92 10.96 -10.22
CA ARG A 106 -2.76 12.16 -10.07
C ARG A 106 -1.99 13.26 -9.34
N ASP A 107 -2.27 14.51 -9.71
CA ASP A 107 -1.60 15.65 -9.07
C ASP A 107 -2.63 16.57 -8.42
N GLU A 108 -2.59 16.64 -7.08
CA GLU A 108 -3.52 17.47 -6.33
C GLU A 108 -2.78 18.23 -5.21
N ASP A 109 -3.14 19.49 -5.02
CA ASP A 109 -2.52 20.31 -3.99
C ASP A 109 -1.00 20.25 -4.10
N GLY A 110 -0.50 20.29 -5.34
CA GLY A 110 0.94 20.24 -5.56
C GLY A 110 1.53 18.89 -5.15
N GLN A 111 0.65 17.99 -4.72
CA GLN A 111 1.06 16.64 -4.30
C GLN A 111 0.77 15.63 -5.40
N VAL A 112 1.74 14.77 -5.69
CA VAL A 112 1.58 13.75 -6.73
C VAL A 112 1.37 12.37 -6.10
N TYR A 113 0.34 11.67 -6.54
CA TYR A 113 0.03 10.33 -6.03
C TYR A 113 0.09 9.33 -7.17
N TYR A 114 0.92 8.30 -7.01
CA TYR A 114 1.07 7.25 -8.02
C TYR A 114 0.35 5.98 -7.57
N THR A 115 -0.65 5.57 -8.35
CA THR A 115 -1.40 4.36 -8.03
C THR A 115 -0.79 3.17 -8.77
N LEU A 116 -0.58 2.07 -8.04
CA LEU A 116 0.01 0.87 -8.64
C LEU A 116 -0.80 -0.37 -8.25
N GLU A 117 -1.54 -0.91 -9.23
CA GLU A 117 -2.35 -2.10 -8.98
C GLU A 117 -1.66 -3.31 -9.60
N TYR A 118 -1.43 -4.35 -8.79
CA TYR A 118 -0.77 -5.55 -9.27
C TYR A 118 -1.20 -6.76 -8.44
N ARG A 119 -0.81 -7.96 -8.88
CA ARG A 119 -1.17 -9.17 -8.16
C ARG A 119 0.00 -10.15 -8.19
N VAL A 120 -0.04 -11.12 -7.27
CA VAL A 120 1.02 -12.13 -7.18
C VAL A 120 0.47 -13.50 -7.56
N LEU A 121 1.27 -14.27 -8.29
CA LEU A 121 0.84 -15.60 -8.73
C LEU A 121 2.02 -16.57 -8.75
N VAL A 122 1.71 -17.85 -8.52
CA VAL A 122 2.72 -18.89 -8.51
C VAL A 122 2.46 -19.86 -9.66
N GLY A 123 3.52 -20.22 -10.38
CA GLY A 123 3.36 -21.12 -11.51
C GLY A 123 2.21 -20.65 -12.40
N ASP A 124 1.10 -21.37 -12.35
CA ASP A 124 -0.08 -21.03 -13.15
C ASP A 124 -1.28 -20.69 -12.26
N ASN A 125 -1.04 -20.48 -10.96
CA ASN A 125 -2.12 -20.15 -10.02
C ASN A 125 -1.91 -18.77 -9.40
N VAL A 126 -3.01 -18.05 -9.20
CA VAL A 126 -2.93 -16.72 -8.60
C VAL A 126 -3.01 -16.83 -7.07
N GLU A 127 -2.03 -16.25 -6.39
CA GLU A 127 -2.00 -16.30 -4.94
C GLU A 127 -2.98 -15.28 -4.34
N ARG A 128 -2.84 -14.02 -4.75
CA ARG A 128 -3.72 -12.97 -4.26
C ARG A 128 -3.47 -11.65 -4.98
N HIS A 129 -4.33 -10.66 -4.71
CA HIS A 129 -4.23 -9.34 -5.33
C HIS A 129 -3.76 -8.31 -4.31
N ASP A 130 -2.90 -7.38 -4.75
CA ASP A 130 -2.37 -6.35 -3.85
C ASP A 130 -2.40 -4.98 -4.53
N LEU A 131 -2.68 -3.94 -3.73
CA LEU A 131 -2.71 -2.56 -4.23
C LEU A 131 -1.64 -1.74 -3.54
N ALA A 132 -0.90 -0.95 -4.31
CA ALA A 132 0.17 -0.12 -3.76
C ALA A 132 0.11 1.29 -4.32
N SER A 133 0.12 2.27 -3.41
CA SER A 133 0.08 3.68 -3.80
C SER A 133 1.38 4.34 -3.38
N VAL A 134 2.04 5.02 -4.31
CA VAL A 134 3.31 5.70 -4.01
C VAL A 134 3.16 7.22 -4.10
N THR A 135 3.65 7.91 -3.08
CA THR A 135 3.57 9.37 -3.05
C THR A 135 4.79 9.96 -2.34
N THR A 136 5.03 11.25 -2.56
CA THR A 136 6.16 11.94 -1.93
C THR A 136 5.66 13.13 -1.12
N ASN A 137 6.42 13.49 -0.09
CA ASN A 137 6.04 14.62 0.76
C ASN A 137 7.22 15.06 1.63
N ARG A 138 7.59 16.33 1.52
CA ARG A 138 8.69 16.86 2.29
C ARG A 138 9.99 16.11 2.01
N GLY A 139 10.07 15.51 0.83
CA GLY A 139 11.27 14.77 0.43
C GLY A 139 11.25 13.34 0.96
N LYS A 140 10.12 12.93 1.51
CA LYS A 140 9.99 11.57 2.06
C LYS A 140 9.12 10.71 1.14
N LEU A 141 9.51 9.44 0.99
CA LEU A 141 8.75 8.51 0.16
C LEU A 141 7.79 7.70 1.03
N ILE A 142 6.50 7.85 0.76
CA ILE A 142 5.48 7.12 1.53
C ILE A 142 4.71 6.20 0.60
N THR A 143 4.73 4.90 0.91
CA THR A 143 4.03 3.90 0.11
C THR A 143 3.04 3.14 0.97
N PHE A 144 1.81 3.05 0.47
CA PHE A 144 0.74 2.34 1.18
C PHE A 144 0.40 1.06 0.41
N ASP A 145 0.74 -0.10 0.99
CA ASP A 145 0.48 -1.38 0.35
C ASP A 145 -0.52 -2.21 1.16
N LEU A 146 -1.61 -2.62 0.50
CA LEU A 146 -2.65 -3.41 1.15
C LEU A 146 -2.76 -4.79 0.51
N SER A 147 -3.08 -5.80 1.32
CA SER A 147 -3.23 -7.17 0.83
C SER A 147 -4.53 -7.79 1.34
N THR A 148 -5.28 -8.39 0.43
CA THR A 148 -6.55 -9.03 0.79
C THR A 148 -6.87 -10.17 -0.18
N ALA A 149 -7.67 -11.13 0.29
CA ALA A 149 -8.05 -12.28 -0.54
C ALA A 149 -8.63 -11.84 -1.88
N GLU A 150 -8.34 -12.61 -2.92
CA GLU A 150 -8.83 -12.31 -4.26
C GLU A 150 -10.33 -12.56 -4.37
N ASP A 151 -10.79 -13.57 -3.66
CA ASP A 151 -12.21 -13.93 -3.68
C ASP A 151 -13.09 -12.79 -3.15
N ARG A 152 -12.58 -12.04 -2.18
CA ARG A 152 -13.34 -10.94 -1.59
C ARG A 152 -12.87 -9.58 -2.12
N TRP A 153 -11.73 -9.57 -2.79
CA TRP A 153 -11.20 -8.32 -3.32
C TRP A 153 -12.29 -7.55 -4.06
N ASP A 154 -13.10 -8.27 -4.81
CA ASP A 154 -14.19 -7.65 -5.56
C ASP A 154 -15.20 -7.00 -4.61
N THR A 155 -15.53 -7.71 -3.53
CA THR A 155 -16.50 -7.21 -2.56
C THR A 155 -15.98 -5.96 -1.86
N VAL A 156 -14.69 -5.97 -1.50
CA VAL A 156 -14.08 -4.83 -0.80
C VAL A 156 -13.17 -4.04 -1.74
N LYS A 157 -13.39 -4.18 -3.04
CA LYS A 157 -12.57 -3.47 -4.02
C LYS A 157 -12.45 -1.99 -3.68
N SER A 158 -13.58 -1.37 -3.33
CA SER A 158 -13.60 0.05 -2.99
C SER A 158 -12.85 0.31 -1.68
N LEU A 159 -12.83 -0.68 -0.80
CA LEU A 159 -12.16 -0.51 0.49
C LEU A 159 -10.70 -0.12 0.29
N PHE A 160 -10.02 -0.79 -0.63
CA PHE A 160 -8.61 -0.49 -0.89
C PHE A 160 -8.47 0.93 -1.38
N ASP A 161 -9.28 1.31 -2.36
CA ASP A 161 -9.23 2.65 -2.91
C ASP A 161 -9.57 3.68 -1.83
N THR A 162 -10.59 3.38 -1.03
CA THR A 162 -11.01 4.29 0.03
C THR A 162 -9.95 4.38 1.12
N VAL A 163 -9.47 3.22 1.57
CA VAL A 163 -8.44 3.19 2.61
C VAL A 163 -7.11 3.68 2.05
N ALA A 164 -6.82 3.33 0.81
CA ALA A 164 -5.57 3.75 0.19
C ALA A 164 -5.51 5.26 0.09
N SER A 165 -6.65 5.87 -0.23
CA SER A 165 -6.72 7.33 -0.34
C SER A 165 -6.95 7.96 1.03
N SER A 166 -7.36 7.13 1.99
CA SER A 166 -7.62 7.62 3.34
C SER A 166 -6.36 8.17 3.99
N PHE A 167 -5.22 7.53 3.74
CA PHE A 167 -3.97 8.01 4.33
C PHE A 167 -3.70 9.44 3.89
N HIS A 168 -2.93 10.18 4.69
CA HIS A 168 -2.58 11.56 4.38
C HIS A 168 -1.11 11.79 4.70
N VAL A 169 -0.53 12.85 4.14
CA VAL A 169 0.88 13.16 4.37
C VAL A 169 1.07 14.60 4.82
N TYR A 170 2.12 14.83 5.60
CA TYR A 170 2.40 16.17 6.09
C TYR A 170 3.77 16.22 6.77
N GLY A 1 -32.66 -3.31 -1.56
CA GLY A 1 -31.65 -3.74 -0.55
C GLY A 1 -30.31 -4.01 -1.24
N PRO A 2 -29.65 -2.98 -1.70
CA PRO A 2 -28.34 -3.11 -2.40
C PRO A 2 -27.33 -3.92 -1.57
N LEU A 3 -26.50 -4.68 -2.27
CA LEU A 3 -25.49 -5.50 -1.60
C LEU A 3 -24.60 -4.63 -0.72
N GLY A 4 -24.29 -3.44 -1.20
CA GLY A 4 -23.45 -2.52 -0.45
C GLY A 4 -24.27 -1.73 0.57
N SER A 5 -23.62 -0.82 1.28
CA SER A 5 -24.30 0.00 2.29
C SER A 5 -23.85 1.45 2.19
N CYS A 6 -24.70 2.36 2.67
CA CYS A 6 -24.39 3.79 2.64
C CYS A 6 -23.60 4.21 3.88
N GLY A 7 -23.33 3.24 4.75
CA GLY A 7 -22.60 3.51 5.98
C GLY A 7 -23.52 4.08 7.04
N GLY A 8 -23.63 5.41 7.09
CA GLY A 8 -24.48 6.06 8.07
C GLY A 8 -23.75 6.25 9.40
N VAL A 9 -24.52 6.44 10.47
CA VAL A 9 -23.95 6.63 11.81
C VAL A 9 -24.16 5.39 12.67
N GLY A 10 -23.12 4.98 13.39
CA GLY A 10 -23.18 3.81 14.24
C GLY A 10 -22.46 4.06 15.56
N ILE A 11 -21.47 3.22 15.86
CA ILE A 11 -20.69 3.35 17.10
C ILE A 11 -19.21 3.54 16.79
N ALA A 12 -18.48 4.13 17.73
CA ALA A 12 -17.05 4.37 17.54
C ALA A 12 -16.28 3.06 17.62
N SER A 13 -15.27 2.91 16.77
CA SER A 13 -14.45 1.71 16.76
C SER A 13 -13.25 1.89 15.84
N LEU A 14 -13.09 3.11 15.34
CA LEU A 14 -11.98 3.42 14.44
C LEU A 14 -10.94 4.28 15.16
N GLN A 15 -9.67 4.00 14.91
CA GLN A 15 -8.57 4.75 15.54
C GLN A 15 -7.75 5.48 14.48
N ARG A 16 -7.10 6.57 14.90
CA ARG A 16 -6.27 7.36 13.99
C ARG A 16 -4.81 7.31 14.42
N TYR A 17 -3.92 7.18 13.45
CA TYR A 17 -2.48 7.13 13.72
C TYR A 17 -1.76 8.18 12.89
N SER A 18 -0.89 8.96 13.54
CA SER A 18 -0.13 10.01 12.85
C SER A 18 1.29 10.08 13.39
N ASP A 19 2.22 10.52 12.53
CA ASP A 19 3.62 10.65 12.92
C ASP A 19 4.24 11.89 12.27
N THR A 20 4.70 12.82 13.11
CA THR A 20 5.32 14.04 12.59
C THR A 20 6.69 13.73 11.99
N LYS A 21 7.37 12.74 12.57
CA LYS A 21 8.69 12.35 12.08
C LYS A 21 8.63 11.85 10.64
N ASP A 22 7.67 10.96 10.36
CA ASP A 22 7.51 10.41 9.02
C ASP A 22 6.59 11.28 8.18
N GLY A 23 5.79 12.09 8.84
CA GLY A 23 4.88 12.99 8.14
C GLY A 23 3.78 12.21 7.42
N TYR A 24 3.22 11.19 8.08
CA TYR A 24 2.15 10.41 7.46
C TYR A 24 1.12 9.99 8.51
N GLU A 25 -0.14 9.86 8.08
CA GLU A 25 -1.21 9.48 9.00
C GLU A 25 -2.32 8.74 8.26
N PHE A 26 -2.92 7.74 8.91
CA PHE A 26 -3.99 6.97 8.29
C PHE A 26 -4.94 6.40 9.36
N LEU A 27 -6.17 6.08 8.93
CA LEU A 27 -7.16 5.52 9.85
C LEU A 27 -7.21 4.00 9.69
N TYR A 28 -7.55 3.32 10.78
CA TYR A 28 -7.63 1.87 10.77
C TYR A 28 -8.53 1.37 11.91
N PRO A 29 -9.27 0.29 11.71
CA PRO A 29 -10.17 -0.26 12.76
C PRO A 29 -9.40 -0.82 13.96
N ASN A 30 -10.07 -0.87 15.11
CA ASN A 30 -9.44 -1.39 16.32
C ASN A 30 -9.26 -2.90 16.23
N GLY A 31 -8.37 -3.42 17.07
CA GLY A 31 -8.09 -4.86 17.10
C GLY A 31 -6.85 -5.20 16.28
N TRP A 32 -6.22 -4.18 15.71
CA TRP A 32 -5.01 -4.38 14.90
C TRP A 32 -3.76 -4.27 15.77
N ILE A 33 -2.75 -5.09 15.44
CA ILE A 33 -1.49 -5.08 16.18
C ILE A 33 -0.34 -4.74 15.26
N GLY A 34 0.65 -4.02 15.77
CA GLY A 34 1.82 -3.63 14.98
C GLY A 34 2.98 -4.58 15.23
N VAL A 35 3.73 -4.91 14.18
CA VAL A 35 4.87 -5.81 14.31
C VAL A 35 6.11 -5.20 13.66
N ASP A 36 7.27 -5.45 14.27
CA ASP A 36 8.53 -4.93 13.75
C ASP A 36 9.16 -5.94 12.79
N VAL A 37 9.82 -5.42 11.75
CA VAL A 37 10.46 -6.28 10.75
C VAL A 37 11.73 -5.63 10.23
N LYS A 38 12.60 -5.21 11.14
CA LYS A 38 13.85 -4.57 10.76
C LYS A 38 14.76 -5.58 10.07
N GLY A 39 15.38 -5.15 8.97
CA GLY A 39 16.27 -6.01 8.20
C GLY A 39 15.50 -6.73 7.10
N ALA A 40 14.20 -6.45 7.02
CA ALA A 40 13.34 -7.07 6.01
C ALA A 40 13.50 -6.36 4.67
N SER A 41 12.57 -6.61 3.75
CA SER A 41 12.61 -6.00 2.42
C SER A 41 13.04 -4.52 2.54
N PRO A 42 14.09 -4.09 1.85
CA PRO A 42 14.55 -2.67 1.92
C PRO A 42 13.38 -1.68 1.86
N GLY A 43 13.41 -0.70 2.78
CA GLY A 43 12.37 0.33 2.84
C GLY A 43 11.32 -0.02 3.89
N VAL A 44 11.05 -1.30 4.05
CA VAL A 44 10.05 -1.73 5.04
C VAL A 44 10.49 -1.33 6.44
N ASP A 45 9.64 -0.56 7.13
CA ASP A 45 9.94 -0.09 8.48
C ASP A 45 8.89 -0.58 9.48
N VAL A 46 7.61 -0.37 9.16
CA VAL A 46 6.52 -0.77 10.06
C VAL A 46 5.47 -1.57 9.30
N VAL A 47 4.96 -2.62 9.94
CA VAL A 47 3.93 -3.47 9.34
C VAL A 47 2.74 -3.62 10.28
N PHE A 48 1.55 -3.56 9.71
CA PHE A 48 0.31 -3.69 10.48
C PHE A 48 -0.39 -5.00 10.12
N ARG A 49 -0.86 -5.72 11.13
CA ARG A 49 -1.53 -7.01 10.92
C ARG A 49 -2.93 -6.97 11.51
N ASP A 50 -3.90 -7.47 10.75
CA ASP A 50 -5.29 -7.48 11.21
C ASP A 50 -5.57 -8.73 12.04
N LEU A 51 -5.93 -8.53 13.31
CA LEU A 51 -6.23 -9.65 14.19
C LEU A 51 -7.49 -10.39 13.74
N ILE A 52 -8.48 -9.61 13.30
CA ILE A 52 -9.73 -10.20 12.86
C ILE A 52 -9.53 -11.13 11.67
N GLU A 53 -8.78 -10.65 10.67
CA GLU A 53 -8.50 -11.45 9.46
C GLU A 53 -7.01 -11.65 9.29
N ARG A 54 -6.58 -12.90 9.32
CA ARG A 54 -5.17 -13.23 9.15
C ARG A 54 -4.75 -13.06 7.70
N ASP A 55 -5.65 -13.41 6.78
CA ASP A 55 -5.37 -13.30 5.36
C ASP A 55 -5.11 -11.85 4.96
N GLU A 56 -5.81 -10.92 5.61
CA GLU A 56 -5.65 -9.50 5.31
C GLU A 56 -4.49 -8.93 6.13
N ASN A 57 -3.63 -8.17 5.46
CA ASN A 57 -2.48 -7.56 6.13
C ASN A 57 -2.02 -6.30 5.39
N LEU A 58 -1.67 -5.28 6.16
CA LEU A 58 -1.22 -4.00 5.60
C LEU A 58 0.25 -3.77 5.97
N SER A 59 1.05 -3.35 4.99
CA SER A 59 2.48 -3.09 5.22
C SER A 59 2.80 -1.64 4.90
N VAL A 60 3.72 -1.05 5.66
CA VAL A 60 4.11 0.34 5.44
C VAL A 60 5.60 0.45 5.16
N ILE A 61 5.94 1.11 4.06
CA ILE A 61 7.34 1.29 3.66
C ILE A 61 7.71 2.76 3.72
N ILE A 62 8.75 3.09 4.51
CA ILE A 62 9.19 4.48 4.64
C ILE A 62 10.65 4.62 4.24
N SER A 63 10.92 5.56 3.34
CA SER A 63 12.29 5.81 2.88
C SER A 63 12.42 7.26 2.41
N GLU A 64 13.66 7.71 2.26
CA GLU A 64 13.92 9.09 1.82
C GLU A 64 14.35 9.09 0.36
N ILE A 65 13.80 10.03 -0.41
CA ILE A 65 14.13 10.13 -1.83
C ILE A 65 15.28 11.11 -2.04
N PRO A 66 16.11 10.90 -3.04
CA PRO A 66 17.25 11.82 -3.31
C PRO A 66 16.73 13.20 -3.73
N SER A 67 17.34 14.23 -3.19
CA SER A 67 16.94 15.60 -3.50
C SER A 67 17.11 15.89 -4.98
N ASP A 68 18.06 15.22 -5.61
CA ASP A 68 18.33 15.44 -7.04
C ASP A 68 17.18 14.95 -7.91
N LYS A 69 16.48 13.90 -7.47
CA LYS A 69 15.37 13.36 -8.25
C LYS A 69 14.12 13.19 -7.38
N THR A 70 12.95 13.41 -7.99
CA THR A 70 11.67 13.27 -7.30
C THR A 70 10.87 12.10 -7.88
N LEU A 71 9.70 11.87 -7.32
CA LEU A 71 8.85 10.77 -7.78
C LEU A 71 8.63 10.85 -9.28
N THR A 72 8.37 12.06 -9.78
CA THR A 72 8.13 12.25 -11.22
C THR A 72 9.41 12.02 -12.03
N ASP A 73 10.51 12.59 -11.56
CA ASP A 73 11.78 12.45 -12.27
C ASP A 73 12.30 11.01 -12.19
N LEU A 74 12.04 10.35 -11.06
CA LEU A 74 12.49 8.99 -10.87
C LEU A 74 11.98 8.09 -12.00
N GLY A 75 10.70 8.25 -12.35
CA GLY A 75 10.12 7.46 -13.41
C GLY A 75 8.64 7.76 -13.58
N THR A 76 8.02 7.12 -14.56
CA THR A 76 6.60 7.30 -14.83
C THR A 76 5.80 6.24 -14.07
N ALA A 77 4.49 6.39 -14.04
CA ALA A 77 3.66 5.43 -13.33
C ALA A 77 3.92 4.02 -13.86
N THR A 78 4.06 3.92 -15.18
CA THR A 78 4.33 2.63 -15.82
C THR A 78 5.76 2.17 -15.53
N ASP A 79 6.71 3.09 -15.66
CA ASP A 79 8.12 2.78 -15.43
C ASP A 79 8.33 2.35 -13.98
N VAL A 80 7.83 3.17 -13.05
CA VAL A 80 7.97 2.86 -11.64
C VAL A 80 7.23 1.56 -11.33
N GLY A 81 6.08 1.39 -11.97
CA GLY A 81 5.27 0.20 -11.76
C GLY A 81 6.04 -1.06 -12.13
N TYR A 82 6.70 -1.05 -13.29
CA TYR A 82 7.46 -2.22 -13.72
C TYR A 82 8.60 -2.50 -12.76
N ARG A 83 9.33 -1.47 -12.36
CA ARG A 83 10.44 -1.64 -11.43
C ARG A 83 9.95 -2.17 -10.09
N PHE A 84 8.86 -1.60 -9.61
CA PHE A 84 8.29 -1.99 -8.33
C PHE A 84 7.98 -3.50 -8.32
N MET A 85 7.44 -4.01 -9.43
CA MET A 85 7.13 -5.43 -9.50
C MET A 85 8.39 -6.27 -9.34
N LYS A 86 9.46 -5.84 -10.01
CA LYS A 86 10.73 -6.54 -9.94
C LYS A 86 11.29 -6.48 -8.52
N THR A 87 11.12 -5.33 -7.88
CA THR A 87 11.61 -5.14 -6.52
C THR A 87 11.02 -6.19 -5.58
N VAL A 88 9.71 -6.40 -5.70
CA VAL A 88 9.05 -7.39 -4.86
C VAL A 88 9.44 -8.80 -5.28
N ASN A 89 9.40 -9.04 -6.59
CA ASN A 89 9.74 -10.34 -7.14
C ASN A 89 11.19 -10.71 -6.84
N ASP A 90 12.06 -9.71 -6.80
CA ASP A 90 13.48 -9.95 -6.55
C ASP A 90 13.68 -10.95 -5.42
N ALA A 91 12.84 -10.88 -4.40
CA ALA A 91 12.96 -11.77 -3.26
C ALA A 91 12.65 -13.22 -3.63
N SER A 92 11.54 -13.44 -4.35
CA SER A 92 11.12 -14.80 -4.73
C SER A 92 10.96 -14.96 -6.25
N GLN A 93 11.64 -14.12 -7.02
CA GLN A 93 11.54 -14.17 -8.48
C GLN A 93 11.65 -15.59 -9.00
N GLY A 94 12.36 -16.45 -8.28
CA GLY A 94 12.54 -17.83 -8.71
C GLY A 94 11.24 -18.44 -9.22
N ASP A 95 10.22 -18.52 -8.35
CA ASP A 95 8.93 -19.11 -8.74
C ASP A 95 7.79 -18.09 -8.67
N ARG A 96 7.86 -17.20 -7.68
CA ARG A 96 6.83 -16.18 -7.49
C ARG A 96 7.09 -14.98 -8.39
N GLN A 97 6.02 -14.41 -8.93
CA GLN A 97 6.12 -13.23 -9.80
C GLN A 97 4.88 -12.37 -9.64
N ALA A 98 5.05 -11.06 -9.81
CA ALA A 98 3.92 -10.13 -9.70
C ALA A 98 3.56 -9.58 -11.08
N GLU A 99 2.25 -9.47 -11.33
CA GLU A 99 1.76 -8.96 -12.62
C GLU A 99 1.19 -7.57 -12.42
N LEU A 100 1.62 -6.65 -13.25
CA LEU A 100 1.13 -5.27 -13.15
C LEU A 100 -0.21 -5.14 -13.84
N ILE A 101 -1.26 -4.98 -13.05
CA ILE A 101 -2.61 -4.84 -13.60
C ILE A 101 -2.75 -3.48 -14.27
N ASN A 102 -2.49 -2.42 -13.52
CA ASN A 102 -2.57 -1.07 -14.05
C ASN A 102 -1.71 -0.10 -13.25
N ALA A 103 -1.55 1.11 -13.77
CA ALA A 103 -0.74 2.12 -13.11
C ALA A 103 -1.16 3.52 -13.55
N GLU A 104 -1.60 4.34 -12.59
CA GLU A 104 -2.05 5.70 -12.89
C GLU A 104 -1.60 6.66 -11.79
N ALA A 105 -1.63 7.95 -12.11
CA ALA A 105 -1.23 8.99 -11.15
C ALA A 105 -2.17 10.18 -11.22
N ARG A 106 -2.36 10.86 -10.09
CA ARG A 106 -3.24 12.03 -10.03
C ARG A 106 -2.55 13.20 -9.33
N ASP A 107 -2.83 14.40 -9.80
CA ASP A 107 -2.24 15.61 -9.24
C ASP A 107 -3.31 16.44 -8.53
N GLU A 108 -3.18 16.57 -7.21
CA GLU A 108 -4.15 17.35 -6.42
C GLU A 108 -3.43 18.14 -5.34
N ASP A 109 -3.90 19.37 -5.10
CA ASP A 109 -3.30 20.23 -4.08
C ASP A 109 -1.78 20.30 -4.25
N GLY A 110 -1.33 20.31 -5.49
CA GLY A 110 0.10 20.39 -5.77
C GLY A 110 0.80 19.10 -5.34
N GLN A 111 0.02 18.14 -4.85
CA GLN A 111 0.56 16.85 -4.41
C GLN A 111 0.26 15.78 -5.45
N VAL A 112 1.26 14.98 -5.79
CA VAL A 112 1.11 13.92 -6.79
C VAL A 112 1.04 12.55 -6.12
N TYR A 113 0.04 11.76 -6.49
CA TYR A 113 -0.14 10.42 -5.93
C TYR A 113 -0.06 9.39 -7.04
N TYR A 114 0.76 8.35 -6.86
CA TYR A 114 0.90 7.30 -7.87
C TYR A 114 0.18 6.03 -7.39
N THR A 115 -0.69 5.50 -8.24
CA THR A 115 -1.44 4.29 -7.92
C THR A 115 -0.87 3.12 -8.69
N LEU A 116 -0.58 2.02 -7.99
CA LEU A 116 -0.01 0.83 -8.62
C LEU A 116 -0.82 -0.41 -8.25
N GLU A 117 -1.59 -0.93 -9.20
CA GLU A 117 -2.40 -2.13 -8.95
C GLU A 117 -1.71 -3.34 -9.56
N TYR A 118 -1.51 -4.38 -8.75
CA TYR A 118 -0.86 -5.60 -9.22
C TYR A 118 -1.36 -6.80 -8.45
N ARG A 119 -0.99 -8.01 -8.91
CA ARG A 119 -1.41 -9.24 -8.24
C ARG A 119 -0.24 -10.22 -8.15
N VAL A 120 -0.32 -11.12 -7.18
CA VAL A 120 0.73 -12.12 -6.97
C VAL A 120 0.28 -13.49 -7.49
N LEU A 121 1.17 -14.17 -8.21
CA LEU A 121 0.84 -15.49 -8.75
C LEU A 121 2.06 -16.41 -8.75
N VAL A 122 1.84 -17.64 -8.30
CA VAL A 122 2.89 -18.65 -8.26
C VAL A 122 2.59 -19.73 -9.29
N GLY A 123 3.59 -20.10 -10.07
CA GLY A 123 3.37 -21.11 -11.10
C GLY A 123 2.37 -20.62 -12.13
N ASP A 124 1.27 -21.37 -12.30
CA ASP A 124 0.23 -20.99 -13.25
C ASP A 124 -1.05 -20.57 -12.54
N ASN A 125 -0.97 -20.36 -11.21
CA ASN A 125 -2.15 -19.98 -10.41
C ASN A 125 -1.92 -18.63 -9.73
N VAL A 126 -3.01 -17.89 -9.53
CA VAL A 126 -2.94 -16.58 -8.87
C VAL A 126 -3.06 -16.74 -7.35
N GLU A 127 -2.08 -16.20 -6.63
CA GLU A 127 -2.09 -16.28 -5.18
C GLU A 127 -3.12 -15.33 -4.60
N ARG A 128 -3.02 -14.05 -4.97
CA ARG A 128 -3.96 -13.05 -4.48
C ARG A 128 -3.74 -11.71 -5.16
N HIS A 129 -4.63 -10.75 -4.88
CA HIS A 129 -4.55 -9.41 -5.45
C HIS A 129 -4.06 -8.41 -4.41
N ASP A 130 -3.25 -7.44 -4.84
CA ASP A 130 -2.72 -6.44 -3.93
C ASP A 130 -2.69 -5.06 -4.58
N LEU A 131 -2.80 -4.03 -3.75
CA LEU A 131 -2.78 -2.64 -4.23
C LEU A 131 -1.69 -1.86 -3.51
N ALA A 132 -0.93 -1.07 -4.27
CA ALA A 132 0.14 -0.27 -3.70
C ALA A 132 0.11 1.15 -4.26
N SER A 133 0.21 2.13 -3.36
CA SER A 133 0.19 3.54 -3.76
C SER A 133 1.49 4.20 -3.32
N VAL A 134 2.08 5.03 -4.19
CA VAL A 134 3.33 5.72 -3.88
C VAL A 134 3.13 7.23 -3.89
N THR A 135 3.59 7.89 -2.84
CA THR A 135 3.48 9.34 -2.72
C THR A 135 4.66 9.92 -1.96
N THR A 136 5.10 11.11 -2.36
CA THR A 136 6.23 11.78 -1.71
C THR A 136 5.75 13.00 -0.93
N ASN A 137 6.46 13.33 0.14
CA ASN A 137 6.08 14.49 0.96
C ASN A 137 7.31 15.10 1.65
N ARG A 138 7.73 16.26 1.16
CA ARG A 138 8.88 16.94 1.74
C ARG A 138 10.14 16.07 1.62
N GLY A 139 10.25 15.34 0.52
CA GLY A 139 11.40 14.48 0.29
C GLY A 139 11.28 13.16 1.02
N LYS A 140 10.11 12.90 1.61
CA LYS A 140 9.88 11.65 2.33
C LYS A 140 9.14 10.66 1.44
N LEU A 141 9.69 9.46 1.31
CA LEU A 141 9.06 8.44 0.47
C LEU A 141 8.08 7.61 1.29
N ILE A 142 6.79 7.74 0.97
CA ILE A 142 5.75 6.98 1.68
C ILE A 142 4.96 6.14 0.71
N THR A 143 4.90 4.83 0.97
CA THR A 143 4.14 3.91 0.11
C THR A 143 3.13 3.14 0.96
N PHE A 144 1.91 3.05 0.47
CA PHE A 144 0.84 2.35 1.17
C PHE A 144 0.54 1.02 0.48
N ASP A 145 0.88 -0.10 1.12
CA ASP A 145 0.64 -1.42 0.53
C ASP A 145 -0.44 -2.18 1.30
N LEU A 146 -1.51 -2.54 0.59
CA LEU A 146 -2.62 -3.29 1.19
C LEU A 146 -2.74 -4.66 0.53
N SER A 147 -3.07 -5.68 1.33
CA SER A 147 -3.22 -7.03 0.80
C SER A 147 -4.51 -7.67 1.32
N THR A 148 -5.25 -8.31 0.42
CA THR A 148 -6.51 -8.97 0.79
C THR A 148 -6.79 -10.13 -0.16
N ALA A 149 -7.60 -11.09 0.29
CA ALA A 149 -7.93 -12.25 -0.52
C ALA A 149 -8.66 -11.84 -1.80
N GLU A 150 -8.37 -12.57 -2.88
CA GLU A 150 -8.98 -12.31 -4.18
C GLU A 150 -10.46 -12.67 -4.18
N ASP A 151 -10.81 -13.62 -3.34
CA ASP A 151 -12.19 -14.09 -3.25
C ASP A 151 -13.17 -12.97 -2.89
N ARG A 152 -12.72 -12.02 -2.07
CA ARG A 152 -13.59 -10.91 -1.64
C ARG A 152 -13.06 -9.56 -2.09
N TRP A 153 -11.91 -9.55 -2.76
CA TRP A 153 -11.32 -8.30 -3.23
C TRP A 153 -12.37 -7.47 -3.96
N ASP A 154 -13.21 -8.12 -4.74
CA ASP A 154 -14.25 -7.41 -5.47
C ASP A 154 -15.24 -6.74 -4.52
N THR A 155 -15.61 -7.45 -3.45
CA THR A 155 -16.55 -6.91 -2.48
C THR A 155 -15.98 -5.69 -1.75
N VAL A 156 -14.70 -5.75 -1.41
CA VAL A 156 -14.04 -4.65 -0.71
C VAL A 156 -13.13 -3.87 -1.65
N LYS A 157 -13.39 -3.98 -2.94
CA LYS A 157 -12.58 -3.29 -3.93
C LYS A 157 -12.42 -1.81 -3.56
N SER A 158 -13.54 -1.18 -3.19
CA SER A 158 -13.52 0.23 -2.83
C SER A 158 -12.76 0.47 -1.53
N LEU A 159 -12.72 -0.55 -0.66
CA LEU A 159 -12.02 -0.40 0.62
C LEU A 159 -10.56 -0.02 0.39
N PHE A 160 -9.92 -0.69 -0.56
CA PHE A 160 -8.52 -0.41 -0.85
C PHE A 160 -8.36 1.02 -1.35
N ASP A 161 -9.17 1.40 -2.33
CA ASP A 161 -9.12 2.73 -2.88
C ASP A 161 -9.45 3.77 -1.81
N THR A 162 -10.47 3.49 -1.00
CA THR A 162 -10.87 4.39 0.06
C THR A 162 -9.80 4.50 1.14
N VAL A 163 -9.34 3.34 1.62
CA VAL A 163 -8.31 3.33 2.65
C VAL A 163 -6.97 3.80 2.09
N ALA A 164 -6.68 3.43 0.83
CA ALA A 164 -5.44 3.84 0.21
C ALA A 164 -5.40 5.35 0.06
N SER A 165 -6.54 5.93 -0.29
CA SER A 165 -6.64 7.37 -0.45
C SER A 165 -6.78 8.06 0.91
N SER A 166 -7.20 7.28 1.91
CA SER A 166 -7.40 7.81 3.25
C SER A 166 -6.10 8.34 3.85
N PHE A 167 -4.97 7.67 3.56
CA PHE A 167 -3.70 8.12 4.11
C PHE A 167 -3.45 9.58 3.72
N HIS A 168 -2.75 10.30 4.60
CA HIS A 168 -2.42 11.71 4.36
C HIS A 168 -0.98 11.97 4.75
N VAL A 169 -0.37 12.99 4.15
CA VAL A 169 1.02 13.33 4.44
C VAL A 169 1.16 14.79 4.86
N TYR A 170 2.17 15.07 5.69
CA TYR A 170 2.40 16.42 6.17
C TYR A 170 3.71 16.49 6.96
#